data_9BNG
#
_entry.id   9BNG
#
_cell.length_a   1.00
_cell.length_b   1.00
_cell.length_c   1.00
_cell.angle_alpha   90.00
_cell.angle_beta   90.00
_cell.angle_gamma   90.00
#
_symmetry.space_group_name_H-M   'P 1'
#
loop_
_entity.id
_entity.type
_entity.pdbx_description
1 polymer 'Collagen alpha-1(XVIII) chain,Processed angiotensin-converting enzyme 2'
2 polymer 'Spike glycoprotein'
3 branched 2-acetamido-2-deoxy-beta-D-glucopyranose-(1-4)-2-acetamido-2-deoxy-beta-D-glucopyranose
4 non-polymer 2-acetamido-2-deoxy-beta-D-glucopyranose
#
loop_
_entity_poly.entity_id
_entity_poly.type
_entity_poly.pdbx_seq_one_letter_code
_entity_poly.pdbx_strand_id
1 'polypeptide(L)'
;MGWSLILLFLVAVATRVLSHHHHHHGSSGVRLWATRQAMLGQVHEVPEGWLIFVAEQEELYVRVQNGFRKVQLEARTPLP
RGGGSGGGSGGGSGGGGSGSTIEEQAKTFLDKFNHEAEDLFYQSSLASWNYNTNITEENVQNMNNAGDKWSAFLKEQSTL
AQMYPLQEIQNLTVKLQLQALQQNGSSVLSEDKSKRLNTILNTMSTIYSTGKVCNPDNPQECLLLEPGLNEIMANSLDYN
ERLWAWESWRSEVGKQLRPLYEEYVVLKNEMARANHYEDYGDYWRGDYEVNGVDGYDYSRGQLIEDVEHTFEEIKPLYEH
LHAYVRAKLMNAYPSYISPIGCLPAHLLGDMWGRFWTNLYSLTVPFGQKPNIDVTDAMVDQAWDAQRIFKEAEKFFVSVG
LPNMTQGFWENSMLTDPGNVQKAVCHPTAWDLGKGDFRILMCTKVTMDDFLTAHHEMGHIQYDMAYAAQPFLLRNGANEG
FHEAVGEIMSLSAATPKHLKSIGLLSPDFQEDNETEINFLLKQALTIVGTLPFTYMLEKWRWMVFKGEIPKDQWMKKWWE
MKREIVGVVEPVPHDETYCDPASLFHVSNDYSFIRYYTRTLYQFQFQEALCQAAKHEGPLHKCDISNSTEAGQKLFNMLR
LGKSEPWTLALENVVGAKNMNVRPLLNYFEPLFTWLKDQNKNSFVGWSTDWSPYAD
;
A,C,E
2 'polypeptide(L)'
;MFVFLVLLPLVSSQCVNLTTRTQLPPAYTNSFTRGVYYPDKVFRSSVLHSTQDLFLPFFSNVTWFHAIHVSGTNGTKRFD
NPVLPFNDGVYFASTEKSNIIRGWIFGTTLDSKTQSLLIVNNATNVVIKVCEFQFCNDPFLGVYYHKNNKSWMESEFRVY
SSANNCTFEYVSQPFLMDLEGKQGNFKNLREFVFKNIDGYFKIYSKHTPINLVRDLPQGFSALEPLVDLPIGINITRFQT
LLALHRSYLTPGDSSSGWTAGAAAYYVGYLQPRTFLLKYNENGTITDAVDCALDPLSETKCTLKSFTVEKGIYQTSNFRV
QPTESIVRFPNITNLCPFGEVFNATRFASVYAWNRKRISNCVADYSVLYNSASFSTFKCYGVSPTKLNDLCFTNVYADSF
VIRGDEVRQIAPGQTGKIADYNYKLPDDFTGCVIAWNSNNLDSKVGGNYNYLYRLFRKSNLKPFERDISTEIYQAGSTPC
NGVEGFNCYFPLQSYGFQPTNGVGYQPYRVVVLSFELLHAPATVCGPKKSTNLVKNKCVNFNFNGLTGTGVLTESNKKFL
PFQQFGRDIADTTDAVRDPQTLEILDITPCSFGGVSVITPGTNTSNQVAVLYQDVNCTEVPVAIHADQLTPTWRVYSTGS
NVFQTRAGCLIGAEHVNNSYECDIPIGAGICASYQTQTNSPGSASSVASQSIIAYTMSLGAENSVAYSNNSIAIPTNFTI
SVTTEILPVSMTKTSVDCTMYICGDSTECSNLLLQYGSFCTQLNRALTGIAVEQDKNTQEVFAQVKQIYKTPPIKDFGGF
NFSQILPDPSKPSKRSPIEDLLFNKVTLADAGFIKQYGDCLGDIAARDLICAQKFNGLTVLPPLLTDEMIAQYTSALLAG
TITSGWTFGAGPALQIPFPMQMAYRFNGIGVTQNVLYENQKLIANQFNSAIGKIQDSLSSTPSALGKLQDVVNQNAQALN
TLVKQLSSNFGAISSVLNDILSRLDPPEAEVQIDRLITGRLQSLQTYVTQQLIRAAEIRASANLAATKMSECVLGQSKRV
DFCGKGYHLMSFPQSAPHGVVFLHVTYVPAQEKNFTTAPAICHDGKAHFPREGVFVSNGTHWFVTQRNFYEPQIITTDNT
FVSGNCDVVIGIVNNTVYDPLQPELDSFKEELDKYFKNHTSPDVDLGDISGINASVVNIQKEIDRLNEVAKNLNESLIDL
QELGKYEQGSGYIPEAPRDGQAYVRKDGEWVLLSTFLGRSLEVLFQGPGHHHHHHHHSAWSHPQFEKGGGSGGGGSGGSA
WSHPQFEK
;
B,D,F
#
loop_
_chem_comp.id
_chem_comp.type
_chem_comp.name
_chem_comp.formula
NAG D-saccharide, beta linking 2-acetamido-2-deoxy-beta-D-glucopyranose 'C8 H15 N O6'
#
# COMPACT_ATOMS: atom_id res chain seq x y z
N SER A 100 -39.51 -28.23 25.33
CA SER A 100 -39.15 -28.32 26.74
C SER A 100 -40.32 -27.91 27.62
N THR A 101 -40.68 -26.64 27.57
CA THR A 101 -41.78 -26.13 28.37
C THR A 101 -43.12 -26.66 27.84
N ILE A 102 -44.14 -26.58 28.70
CA ILE A 102 -45.46 -27.05 28.32
C ILE A 102 -46.03 -26.22 27.18
N GLU A 103 -45.66 -24.95 27.10
CA GLU A 103 -46.11 -24.10 25.99
C GLU A 103 -45.61 -24.62 24.66
N GLU A 104 -44.35 -25.07 24.61
CA GLU A 104 -43.80 -25.64 23.38
C GLU A 104 -44.53 -26.92 23.00
N GLN A 105 -44.84 -27.76 23.98
CA GLN A 105 -45.59 -28.99 23.71
C GLN A 105 -46.98 -28.66 23.17
N ALA A 106 -47.63 -27.65 23.76
CA ALA A 106 -48.94 -27.23 23.28
C ALA A 106 -48.87 -26.71 21.85
N LYS A 107 -47.83 -25.92 21.54
CA LYS A 107 -47.67 -25.42 20.19
C LYS A 107 -47.43 -26.54 19.19
N THR A 108 -46.60 -27.53 19.56
CA THR A 108 -46.38 -28.67 18.68
C THR A 108 -47.66 -29.48 18.46
N PHE A 109 -48.41 -29.70 19.54
CA PHE A 109 -49.68 -30.41 19.41
C PHE A 109 -50.66 -29.66 18.54
N LEU A 110 -50.73 -28.33 18.68
CA LEU A 110 -51.60 -27.53 17.84
C LEU A 110 -51.18 -27.58 16.38
N ASP A 111 -49.87 -27.56 16.12
CA ASP A 111 -49.38 -27.66 14.76
C ASP A 111 -49.76 -28.99 14.13
N LYS A 112 -49.58 -30.09 14.88
CA LYS A 112 -49.95 -31.40 14.37
C LYS A 112 -51.46 -31.49 14.16
N PHE A 113 -52.24 -30.95 15.09
CA PHE A 113 -53.69 -30.95 14.95
C PHE A 113 -54.12 -30.16 13.72
N ASN A 114 -53.50 -29.02 13.46
CA ASN A 114 -53.83 -28.24 12.27
C ASN A 114 -53.46 -29.01 11.01
N HIS A 115 -52.29 -29.66 11.01
CA HIS A 115 -51.87 -30.43 9.84
C HIS A 115 -52.86 -31.54 9.52
N GLU A 116 -53.32 -32.26 10.54
CA GLU A 116 -54.30 -33.32 10.30
C GLU A 116 -55.66 -32.75 9.94
N ALA A 117 -56.07 -31.67 10.62
CA ALA A 117 -57.41 -31.12 10.46
C ALA A 117 -57.60 -30.47 9.10
N GLU A 118 -56.54 -29.90 8.52
CA GLU A 118 -56.66 -29.34 7.18
C GLU A 118 -57.14 -30.41 6.20
N ASP A 119 -56.46 -31.55 6.16
CA ASP A 119 -56.85 -32.62 5.26
C ASP A 119 -58.20 -33.22 5.63
N LEU A 120 -58.44 -33.44 6.94
CA LEU A 120 -59.70 -34.05 7.35
C LEU A 120 -60.90 -33.17 7.00
N PHE A 121 -60.79 -31.87 7.29
CA PHE A 121 -61.85 -30.94 6.94
C PHE A 121 -61.98 -30.75 5.44
N TYR A 122 -60.87 -30.85 4.70
CA TYR A 122 -60.94 -30.81 3.24
C TYR A 122 -61.78 -31.98 2.73
N GLN A 123 -61.53 -33.18 3.24
CA GLN A 123 -62.31 -34.35 2.82
C GLN A 123 -63.77 -34.21 3.23
N SER A 124 -64.02 -33.74 4.46
CA SER A 124 -65.39 -33.59 4.93
C SER A 124 -66.15 -32.56 4.10
N SER A 125 -65.50 -31.43 3.78
CA SER A 125 -66.14 -30.40 2.98
C SER A 125 -66.37 -30.88 1.54
N LEU A 126 -65.44 -31.67 1.00
CA LEU A 126 -65.65 -32.26 -0.32
C LEU A 126 -66.87 -33.18 -0.31
N ALA A 127 -66.99 -34.03 0.71
CA ALA A 127 -68.14 -34.92 0.79
C ALA A 127 -69.44 -34.14 0.94
N SER A 128 -69.42 -33.08 1.77
CA SER A 128 -70.62 -32.26 1.95
C SER A 128 -71.00 -31.54 0.67
N TRP A 129 -70.00 -31.04 -0.07
CA TRP A 129 -70.27 -30.39 -1.35
C TRP A 129 -70.85 -31.37 -2.35
N ASN A 130 -70.32 -32.59 -2.39
CA ASN A 130 -70.86 -33.61 -3.29
C ASN A 130 -72.31 -33.93 -2.93
N TYR A 131 -72.60 -34.03 -1.63
CA TYR A 131 -73.97 -34.30 -1.20
C TYR A 131 -74.90 -33.16 -1.56
N ASN A 132 -74.47 -31.91 -1.34
CA ASN A 132 -75.34 -30.77 -1.60
C ASN A 132 -75.47 -30.45 -3.08
N THR A 133 -74.53 -30.89 -3.91
CA THR A 133 -74.67 -30.80 -5.36
C THR A 133 -75.43 -31.98 -5.95
N ASN A 134 -75.54 -33.07 -5.21
CA ASN A 134 -76.24 -34.27 -5.68
C ASN A 134 -76.71 -35.03 -4.45
N ILE A 135 -78.01 -34.97 -4.17
CA ILE A 135 -78.56 -35.63 -2.99
C ILE A 135 -78.84 -37.09 -3.37
N THR A 136 -77.95 -37.98 -2.94
CA THR A 136 -78.10 -39.42 -3.18
C THR A 136 -77.80 -40.16 -1.90
N GLU A 137 -78.18 -41.45 -1.88
CA GLU A 137 -77.95 -42.27 -0.70
C GLU A 137 -76.46 -42.42 -0.40
N GLU A 138 -75.65 -42.60 -1.43
CA GLU A 138 -74.20 -42.67 -1.23
C GLU A 138 -73.68 -41.34 -0.71
N ASN A 139 -74.26 -40.23 -1.17
CA ASN A 139 -73.87 -38.93 -0.64
C ASN A 139 -74.20 -38.80 0.83
N VAL A 140 -75.37 -39.29 1.24
CA VAL A 140 -75.71 -39.29 2.66
C VAL A 140 -74.75 -40.17 3.45
N GLN A 141 -74.36 -41.31 2.87
CA GLN A 141 -73.42 -42.21 3.56
C GLN A 141 -72.07 -41.55 3.75
N ASN A 142 -71.54 -40.88 2.72
CA ASN A 142 -70.26 -40.22 2.87
C ASN A 142 -70.36 -39.00 3.79
N MET A 143 -71.51 -38.32 3.79
CA MET A 143 -71.76 -37.26 4.75
C MET A 143 -71.66 -37.80 6.18
N ASN A 144 -72.32 -38.92 6.44
CA ASN A 144 -72.27 -39.51 7.77
C ASN A 144 -70.86 -39.93 8.15
N ASN A 145 -70.14 -40.56 7.20
CA ASN A 145 -68.79 -41.02 7.49
C ASN A 145 -67.87 -39.83 7.80
N ALA A 146 -67.93 -38.79 6.97
CA ALA A 146 -67.09 -37.62 7.19
C ALA A 146 -67.44 -36.93 8.51
N GLY A 147 -68.73 -36.81 8.81
CA GLY A 147 -69.14 -36.19 10.06
C GLY A 147 -68.66 -36.97 11.28
N ASP A 148 -68.82 -38.29 11.25
CA ASP A 148 -68.37 -39.11 12.37
C ASP A 148 -66.85 -39.02 12.54
N LYS A 149 -66.11 -39.11 11.42
CA LYS A 149 -64.66 -39.02 11.50
C LYS A 149 -64.22 -37.67 12.05
N TRP A 150 -64.83 -36.58 11.56
CA TRP A 150 -64.47 -35.25 12.02
C TRP A 150 -64.80 -35.05 13.49
N SER A 151 -65.97 -35.53 13.92
CA SER A 151 -66.35 -35.39 15.32
C SER A 151 -65.42 -36.18 16.23
N ALA A 152 -65.09 -37.41 15.84
CA ALA A 152 -64.16 -38.22 16.63
C ALA A 152 -62.79 -37.57 16.70
N PHE A 153 -62.29 -37.06 15.58
CA PHE A 153 -61.00 -36.39 15.58
C PHE A 153 -61.01 -35.15 16.46
N LEU A 154 -62.07 -34.34 16.37
CA LEU A 154 -62.15 -33.14 17.20
C LEU A 154 -62.21 -33.50 18.67
N LYS A 155 -62.98 -34.53 19.03
CA LYS A 155 -63.08 -34.93 20.43
C LYS A 155 -61.74 -35.45 20.95
N GLU A 156 -61.05 -36.26 20.15
CA GLU A 156 -59.76 -36.78 20.59
C GLU A 156 -58.74 -35.66 20.75
N GLN A 157 -58.69 -34.73 19.82
CA GLN A 157 -57.76 -33.61 19.93
C GLN A 157 -58.11 -32.71 21.11
N SER A 158 -59.40 -32.51 21.36
CA SER A 158 -59.82 -31.73 22.53
C SER A 158 -59.38 -32.40 23.82
N THR A 159 -59.55 -33.72 23.91
CA THR A 159 -59.11 -34.43 25.11
C THR A 159 -57.61 -34.36 25.28
N LEU A 160 -56.86 -34.51 24.18
CA LEU A 160 -55.40 -34.46 24.28
C LEU A 160 -54.90 -33.03 24.54
N ALA A 161 -55.72 -32.03 24.25
CA ALA A 161 -55.35 -30.65 24.51
C ALA A 161 -55.76 -30.18 25.90
N GLN A 162 -56.79 -30.79 26.49
CA GLN A 162 -57.28 -30.34 27.79
C GLN A 162 -56.23 -30.51 28.88
N MET A 163 -55.33 -31.48 28.72
CA MET A 163 -54.25 -31.67 29.68
C MET A 163 -53.22 -30.55 29.64
N TYR A 164 -53.19 -29.77 28.58
CA TYR A 164 -52.30 -28.61 28.53
C TYR A 164 -52.87 -27.49 29.39
N PRO A 165 -52.16 -27.04 30.42
CA PRO A 165 -52.69 -25.95 31.26
C PRO A 165 -52.58 -24.61 30.55
N LEU A 166 -53.69 -23.87 30.52
CA LEU A 166 -53.75 -22.58 29.85
C LEU A 166 -53.18 -21.44 30.70
N GLN A 167 -53.00 -21.65 32.00
CA GLN A 167 -52.51 -20.57 32.86
C GLN A 167 -51.05 -20.25 32.59
N GLU A 168 -50.24 -21.27 32.25
CA GLU A 168 -48.82 -21.09 32.00
C GLU A 168 -48.51 -20.69 30.57
N ILE A 169 -49.51 -20.58 29.70
CA ILE A 169 -49.29 -20.22 28.31
C ILE A 169 -49.45 -18.72 28.17
N GLN A 170 -48.36 -18.04 27.82
CA GLN A 170 -48.38 -16.59 27.64
C GLN A 170 -48.70 -16.18 26.21
N ASN A 171 -48.69 -17.10 25.26
CA ASN A 171 -49.02 -16.78 23.88
C ASN A 171 -50.53 -16.59 23.73
N LEU A 172 -50.93 -15.44 23.20
CA LEU A 172 -52.35 -15.17 23.02
C LEU A 172 -52.97 -16.09 21.99
N THR A 173 -52.31 -16.24 20.84
CA THR A 173 -52.86 -17.09 19.77
C THR A 173 -52.96 -18.54 20.21
N VAL A 174 -51.92 -19.05 20.86
CA VAL A 174 -51.92 -20.45 21.30
C VAL A 174 -53.02 -20.68 22.34
N LYS A 175 -53.15 -19.76 23.29
CA LYS A 175 -54.19 -19.89 24.31
C LYS A 175 -55.58 -19.84 23.68
N LEU A 176 -55.79 -18.93 22.73
CA LEU A 176 -57.08 -18.85 22.06
C LEU A 176 -57.38 -20.14 21.28
N GLN A 177 -56.38 -20.66 20.58
CA GLN A 177 -56.58 -21.90 19.82
C GLN A 177 -56.91 -23.06 20.75
N LEU A 178 -56.21 -23.17 21.89
CA LEU A 178 -56.48 -24.26 22.81
C LEU A 178 -57.86 -24.12 23.44
N GLN A 179 -58.23 -22.91 23.87
CA GLN A 179 -59.55 -22.73 24.48
C GLN A 179 -60.67 -22.94 23.47
N ALA A 180 -60.42 -22.66 22.18
CA ALA A 180 -61.36 -23.01 21.14
C ALA A 180 -61.31 -24.49 20.78
N LEU A 181 -60.26 -25.20 21.21
CA LEU A 181 -60.12 -26.63 21.00
C LEU A 181 -60.50 -27.45 22.23
N GLN A 182 -60.04 -27.04 23.42
CA GLN A 182 -60.31 -27.77 24.65
C GLN A 182 -61.76 -27.66 25.11
N GLN A 183 -62.63 -27.01 24.33
CA GLN A 183 -64.03 -26.85 24.71
C GLN A 183 -64.73 -28.21 24.58
N ASN A 184 -64.89 -28.90 25.71
CA ASN A 184 -65.56 -30.19 25.71
C ASN A 184 -67.03 -30.06 25.31
N GLY A 185 -67.71 -29.04 25.83
CA GLY A 185 -69.11 -28.85 25.48
C GLY A 185 -69.99 -29.89 26.16
N SER A 186 -70.93 -30.45 25.38
CA SER A 186 -71.90 -31.38 25.93
C SER A 186 -71.26 -32.64 26.50
N SER A 187 -70.01 -32.93 26.12
CA SER A 187 -69.30 -34.08 26.67
C SER A 187 -68.90 -33.89 28.12
N VAL A 188 -69.07 -32.68 28.69
CA VAL A 188 -68.70 -32.46 30.08
C VAL A 188 -69.54 -33.32 31.02
N LEU A 189 -70.76 -33.66 30.61
CA LEU A 189 -71.65 -34.48 31.42
C LEU A 189 -71.36 -35.95 31.14
N SER A 190 -72.19 -36.84 31.71
CA SER A 190 -72.05 -38.26 31.45
C SER A 190 -72.53 -38.58 30.05
N GLU A 191 -72.21 -39.80 29.59
CA GLU A 191 -72.63 -40.23 28.26
C GLU A 191 -74.14 -40.32 28.16
N ASP A 192 -74.80 -40.76 29.23
CA ASP A 192 -76.26 -40.86 29.20
C ASP A 192 -76.91 -39.49 29.04
N LYS A 193 -76.44 -38.50 29.80
CA LYS A 193 -77.03 -37.16 29.72
C LYS A 193 -76.75 -36.51 28.36
N SER A 194 -75.54 -36.70 27.83
CA SER A 194 -75.24 -36.17 26.50
C SER A 194 -76.10 -36.83 25.42
N LYS A 195 -76.30 -38.15 25.54
CA LYS A 195 -77.16 -38.85 24.60
C LYS A 195 -78.60 -38.36 24.70
N ARG A 196 -79.09 -38.13 25.92
CA ARG A 196 -80.42 -37.57 26.10
C ARG A 196 -80.53 -36.19 25.46
N LEU A 197 -79.52 -35.34 25.66
CA LEU A 197 -79.55 -34.02 25.05
C LEU A 197 -79.58 -34.11 23.53
N ASN A 198 -78.75 -34.98 22.96
CA ASN A 198 -78.71 -35.12 21.50
C ASN A 198 -80.04 -35.66 20.97
N THR A 199 -80.63 -36.62 21.67
CA THR A 199 -81.93 -37.15 21.26
C THR A 199 -83.00 -36.08 21.30
N ILE A 200 -82.99 -35.24 22.35
CA ILE A 200 -83.97 -34.17 22.46
C ILE A 200 -83.76 -33.15 21.34
N LEU A 201 -82.51 -32.80 21.05
CA LEU A 201 -82.22 -31.89 19.95
C LEU A 201 -82.76 -32.43 18.63
N ASN A 202 -82.47 -33.71 18.35
CA ASN A 202 -82.95 -34.31 17.11
C ASN A 202 -84.47 -34.35 17.06
N THR A 203 -85.11 -34.71 18.18
CA THR A 203 -86.56 -34.79 18.21
C THR A 203 -87.20 -33.42 17.96
N MET A 204 -86.69 -32.38 18.61
CA MET A 204 -87.29 -31.06 18.44
C MET A 204 -87.00 -30.51 17.04
N SER A 205 -85.81 -30.79 16.49
CA SER A 205 -85.53 -30.39 15.12
C SER A 205 -86.46 -31.10 14.14
N THR A 206 -86.72 -32.39 14.37
CA THR A 206 -87.66 -33.11 13.50
C THR A 206 -89.06 -32.55 13.62
N ILE A 207 -89.51 -32.24 14.85
CA ILE A 207 -90.85 -31.71 15.05
C ILE A 207 -90.99 -30.37 14.34
N TYR A 208 -89.97 -29.51 14.44
CA TYR A 208 -90.02 -28.24 13.72
C TYR A 208 -90.01 -28.46 12.21
N SER A 209 -89.17 -29.39 11.73
CA SER A 209 -89.07 -29.61 10.29
C SER A 209 -90.28 -30.36 9.74
N THR A 210 -90.75 -31.37 10.48
CA THR A 210 -91.87 -32.20 10.03
C THR A 210 -93.20 -31.76 10.60
N GLY A 211 -93.25 -30.59 11.23
CA GLY A 211 -94.50 -30.06 11.75
C GLY A 211 -95.52 -29.83 10.66
N LYS A 212 -96.60 -30.61 10.67
CA LYS A 212 -97.64 -30.54 9.66
C LYS A 212 -98.97 -30.22 10.34
N VAL A 213 -99.67 -29.21 9.84
CA VAL A 213 -100.94 -28.76 10.39
C VAL A 213 -102.04 -29.12 9.40
N CYS A 214 -103.13 -29.69 9.92
CA CYS A 214 -104.23 -30.16 9.11
C CYS A 214 -105.46 -29.30 9.38
N ASN A 215 -106.08 -28.79 8.32
CA ASN A 215 -107.26 -27.96 8.47
C ASN A 215 -108.44 -28.80 8.98
N PRO A 216 -109.32 -28.20 9.78
CA PRO A 216 -110.50 -28.95 10.27
C PRO A 216 -111.44 -29.39 9.16
N ASP A 217 -111.41 -28.73 8.00
CA ASP A 217 -112.28 -29.14 6.89
C ASP A 217 -111.92 -30.54 6.40
N ASN A 218 -110.63 -30.84 6.29
CA ASN A 218 -110.18 -32.15 5.85
C ASN A 218 -108.99 -32.61 6.69
N PRO A 219 -109.16 -33.66 7.50
CA PRO A 219 -108.01 -34.14 8.30
C PRO A 219 -106.86 -34.64 7.44
N GLN A 220 -107.14 -35.17 6.26
CA GLN A 220 -106.06 -35.67 5.40
C GLN A 220 -105.28 -34.52 4.76
N GLU A 221 -105.95 -33.40 4.47
CA GLU A 221 -105.30 -32.26 3.84
C GLU A 221 -104.47 -31.53 4.91
N CYS A 222 -103.15 -31.68 4.82
CA CYS A 222 -102.23 -31.07 5.78
C CYS A 222 -101.11 -30.37 5.03
N LEU A 223 -100.57 -29.32 5.66
CA LEU A 223 -99.50 -28.52 5.09
C LEU A 223 -98.38 -28.36 6.10
N LEU A 224 -97.15 -28.34 5.60
CA LEU A 224 -95.99 -28.12 6.45
C LEU A 224 -95.75 -26.62 6.64
N LEU A 225 -94.76 -26.29 7.47
CA LEU A 225 -94.38 -24.89 7.64
C LEU A 225 -93.84 -24.30 6.35
N GLU A 226 -93.04 -25.07 5.62
CA GLU A 226 -92.48 -24.66 4.35
C GLU A 226 -92.92 -25.63 3.26
N PRO A 227 -93.45 -25.14 2.13
CA PRO A 227 -93.73 -23.74 1.81
C PRO A 227 -95.16 -23.33 2.16
N GLY A 228 -95.97 -24.24 2.70
CA GLY A 228 -97.37 -23.98 2.95
C GLY A 228 -97.63 -22.84 3.93
N LEU A 229 -97.23 -23.04 5.19
CA LEU A 229 -97.48 -22.01 6.20
C LEU A 229 -96.73 -20.73 5.89
N ASN A 230 -95.52 -20.83 5.33
CA ASN A 230 -94.77 -19.63 4.97
C ASN A 230 -95.49 -18.84 3.88
N GLU A 231 -96.04 -19.53 2.89
CA GLU A 231 -96.83 -18.84 1.86
C GLU A 231 -98.08 -18.23 2.46
N ILE A 232 -98.74 -18.93 3.37
CA ILE A 232 -99.95 -18.41 4.01
C ILE A 232 -99.64 -17.15 4.81
N MET A 233 -98.56 -17.18 5.58
CA MET A 233 -98.20 -16.03 6.41
C MET A 233 -97.61 -14.88 5.60
N ALA A 234 -97.05 -15.17 4.42
CA ALA A 234 -96.41 -14.15 3.61
C ALA A 234 -97.30 -13.60 2.50
N ASN A 235 -98.13 -14.44 1.89
CA ASN A 235 -98.96 -14.03 0.75
C ASN A 235 -100.44 -13.97 1.06
N SER A 236 -100.98 -14.97 1.74
CA SER A 236 -102.40 -14.98 2.06
C SER A 236 -102.72 -13.89 3.08
N LEU A 237 -103.60 -12.97 2.70
CA LEU A 237 -103.98 -11.85 3.55
C LEU A 237 -105.24 -12.10 4.34
N ASP A 238 -105.84 -13.29 4.22
CA ASP A 238 -107.06 -13.60 4.95
C ASP A 238 -106.75 -13.75 6.44
N TYR A 239 -107.51 -13.01 7.26
CA TYR A 239 -107.29 -13.08 8.71
C TYR A 239 -107.58 -14.47 9.25
N ASN A 240 -108.66 -15.10 8.79
CA ASN A 240 -109.04 -16.41 9.31
C ASN A 240 -108.01 -17.46 8.98
N GLU A 241 -107.51 -17.48 7.74
CA GLU A 241 -106.53 -18.49 7.35
C GLU A 241 -105.22 -18.31 8.10
N ARG A 242 -104.75 -17.07 8.22
CA ARG A 242 -103.51 -16.81 8.95
C ARG A 242 -103.66 -17.18 10.42
N LEU A 243 -104.80 -16.84 11.03
CA LEU A 243 -105.03 -17.20 12.43
C LEU A 243 -105.08 -18.71 12.59
N TRP A 244 -105.74 -19.41 11.68
CA TRP A 244 -105.81 -20.87 11.76
C TRP A 244 -104.42 -21.49 11.65
N ALA A 245 -103.62 -21.03 10.70
CA ALA A 245 -102.27 -21.56 10.54
C ALA A 245 -101.42 -21.28 11.77
N TRP A 246 -101.52 -20.05 12.30
CA TRP A 246 -100.76 -19.67 13.49
C TRP A 246 -101.12 -20.55 14.68
N GLU A 247 -102.42 -20.68 14.97
CA GLU A 247 -102.85 -21.49 16.10
C GLU A 247 -102.46 -22.96 15.90
N SER A 248 -102.67 -23.49 14.70
CA SER A 248 -102.39 -24.89 14.45
C SER A 248 -100.91 -25.20 14.60
N TRP A 249 -100.03 -24.35 14.05
CA TRP A 249 -98.60 -24.59 14.19
C TRP A 249 -98.15 -24.45 15.63
N ARG A 250 -98.60 -23.40 16.32
CA ARG A 250 -98.18 -23.23 17.70
C ARG A 250 -98.78 -24.26 18.64
N SER A 251 -99.84 -24.96 18.23
CA SER A 251 -100.43 -26.01 19.04
C SER A 251 -99.80 -27.38 18.78
N GLU A 252 -99.88 -27.84 17.53
CA GLU A 252 -99.40 -29.19 17.21
C GLU A 252 -97.88 -29.30 17.32
N VAL A 253 -97.16 -28.18 17.28
CA VAL A 253 -95.72 -28.18 17.47
C VAL A 253 -95.34 -27.71 18.87
N GLY A 254 -96.00 -26.65 19.36
CA GLY A 254 -95.67 -26.12 20.67
C GLY A 254 -95.94 -27.11 21.80
N LYS A 255 -97.10 -27.79 21.74
CA LYS A 255 -97.42 -28.77 22.78
C LYS A 255 -96.43 -29.91 22.80
N GLN A 256 -96.03 -30.39 21.62
CA GLN A 256 -95.02 -31.44 21.56
C GLN A 256 -93.66 -30.95 22.03
N LEU A 257 -93.29 -29.73 21.67
CA LEU A 257 -91.96 -29.23 21.97
C LEU A 257 -91.80 -28.83 23.43
N ARG A 258 -92.88 -28.43 24.10
CA ARG A 258 -92.75 -27.84 25.43
C ARG A 258 -92.04 -28.76 26.43
N PRO A 259 -92.42 -30.04 26.59
CA PRO A 259 -91.62 -30.89 27.48
C PRO A 259 -90.21 -31.14 26.94
N LEU A 260 -90.10 -31.37 25.62
CA LEU A 260 -88.79 -31.56 25.03
C LEU A 260 -87.93 -30.30 25.16
N TYR A 261 -88.52 -29.13 24.92
CA TYR A 261 -87.75 -27.89 25.06
C TYR A 261 -87.36 -27.65 26.50
N GLU A 262 -88.25 -27.95 27.45
CA GLU A 262 -87.91 -27.79 28.86
C GLU A 262 -86.75 -28.69 29.26
N GLU A 263 -86.79 -29.96 28.83
CA GLU A 263 -85.70 -30.88 29.15
C GLU A 263 -84.40 -30.45 28.48
N TYR A 264 -84.49 -29.97 27.24
CA TYR A 264 -83.30 -29.46 26.55
C TYR A 264 -82.72 -28.27 27.31
N VAL A 265 -83.58 -27.36 27.77
CA VAL A 265 -83.11 -26.19 28.51
C VAL A 265 -82.42 -26.60 29.79
N VAL A 266 -83.03 -27.54 30.54
CA VAL A 266 -82.44 -27.91 31.82
C VAL A 266 -81.13 -28.68 31.61
N LEU A 267 -81.05 -29.50 30.57
CA LEU A 267 -79.80 -30.20 30.28
C LEU A 267 -78.71 -29.21 29.87
N LYS A 268 -79.06 -28.22 29.04
CA LYS A 268 -78.09 -27.21 28.65
C LYS A 268 -77.61 -26.41 29.85
N ASN A 269 -78.54 -26.07 30.76
CA ASN A 269 -78.15 -25.31 31.95
C ASN A 269 -77.22 -26.13 32.84
N GLU A 270 -77.54 -27.42 33.04
CA GLU A 270 -76.69 -28.23 33.91
C GLU A 270 -75.33 -28.49 33.30
N MET A 271 -75.24 -28.63 31.97
CA MET A 271 -73.93 -28.84 31.36
C MET A 271 -73.13 -27.54 31.33
N ALA A 272 -73.81 -26.39 31.18
CA ALA A 272 -73.12 -25.11 31.28
C ALA A 272 -72.58 -24.90 32.69
N ARG A 273 -73.36 -25.29 33.70
CA ARG A 273 -72.85 -25.28 35.07
C ARG A 273 -71.66 -26.21 35.22
N ALA A 274 -71.72 -27.38 34.59
CA ALA A 274 -70.55 -28.26 34.51
C ALA A 274 -69.43 -27.66 33.68
N ASN A 275 -69.76 -26.71 32.79
CA ASN A 275 -68.76 -26.00 32.00
C ASN A 275 -68.41 -24.65 32.59
N HIS A 276 -68.68 -24.44 33.88
CA HIS A 276 -68.38 -23.25 34.67
C HIS A 276 -69.29 -22.07 34.32
N TYR A 277 -70.09 -22.16 33.27
CA TYR A 277 -71.02 -21.09 32.90
C TYR A 277 -72.24 -21.12 33.80
N GLU A 278 -72.76 -19.93 34.12
CA GLU A 278 -73.95 -19.84 34.94
C GLU A 278 -75.16 -20.47 34.25
N ASP A 279 -75.28 -20.27 32.94
CA ASP A 279 -76.36 -20.85 32.16
C ASP A 279 -75.88 -21.04 30.74
N TYR A 280 -76.65 -21.81 29.96
CA TYR A 280 -76.31 -22.02 28.56
C TYR A 280 -76.38 -20.72 27.76
N GLY A 281 -77.19 -19.77 28.23
CA GLY A 281 -77.15 -18.44 27.63
C GLY A 281 -75.79 -17.79 27.78
N ASP A 282 -75.19 -17.94 28.97
CA ASP A 282 -73.82 -17.48 29.16
C ASP A 282 -72.84 -18.27 28.29
N TYR A 283 -73.11 -19.56 28.11
CA TYR A 283 -72.26 -20.37 27.24
C TYR A 283 -72.26 -19.84 25.82
N TRP A 284 -73.43 -19.45 25.31
CA TRP A 284 -73.52 -18.87 23.98
C TRP A 284 -72.94 -17.46 23.92
N ARG A 285 -73.11 -16.67 24.98
CA ARG A 285 -72.51 -15.34 25.04
C ARG A 285 -71.00 -15.40 25.12
N GLY A 286 -70.43 -16.53 25.54
CA GLY A 286 -68.98 -16.67 25.59
C GLY A 286 -68.29 -16.57 24.25
N ASP A 287 -69.04 -16.63 23.15
CA ASP A 287 -68.43 -16.45 21.83
C ASP A 287 -67.83 -15.06 21.69
N TYR A 288 -68.54 -14.04 22.18
CA TYR A 288 -68.05 -12.66 22.14
C TYR A 288 -67.11 -12.35 23.29
N GLU A 289 -66.89 -13.29 24.21
CA GLU A 289 -66.03 -13.03 25.36
C GLU A 289 -64.58 -12.86 24.91
N VAL A 290 -63.93 -11.82 25.43
CA VAL A 290 -62.54 -11.52 25.13
C VAL A 290 -61.79 -11.33 26.44
N ASN A 291 -60.64 -11.99 26.59
CA ASN A 291 -59.81 -11.86 27.78
C ASN A 291 -58.35 -11.89 27.36
N GLY A 292 -57.51 -11.33 28.22
CA GLY A 292 -56.07 -11.32 28.02
C GLY A 292 -55.54 -10.18 27.17
N VAL A 293 -56.41 -9.31 26.65
CA VAL A 293 -56.00 -8.18 25.82
C VAL A 293 -56.39 -6.91 26.54
N ASP A 294 -55.40 -6.07 26.84
CA ASP A 294 -55.67 -4.83 27.55
C ASP A 294 -56.38 -3.84 26.64
N GLY A 295 -57.45 -3.23 27.15
CA GLY A 295 -58.24 -2.30 26.39
C GLY A 295 -59.21 -2.92 25.41
N TYR A 296 -59.31 -4.26 25.37
CA TYR A 296 -60.21 -4.92 24.45
C TYR A 296 -60.96 -6.08 25.09
N ASP A 297 -60.84 -6.27 26.40
CA ASP A 297 -61.55 -7.35 27.07
C ASP A 297 -63.06 -7.14 26.98
N TYR A 298 -63.78 -8.19 26.65
CA TYR A 298 -65.23 -8.15 26.50
C TYR A 298 -65.84 -9.27 27.34
N SER A 299 -66.85 -8.91 28.13
CA SER A 299 -67.51 -9.87 29.01
C SER A 299 -68.83 -10.33 28.39
N ARG A 300 -69.30 -11.49 28.84
CA ARG A 300 -70.52 -12.06 28.30
C ARG A 300 -71.73 -11.20 28.63
N GLY A 301 -71.78 -10.63 29.84
CA GLY A 301 -72.85 -9.70 30.19
C GLY A 301 -72.76 -8.38 29.47
N GLN A 302 -71.56 -8.01 29.01
CA GLN A 302 -71.43 -6.81 28.19
C GLN A 302 -72.21 -6.95 26.89
N LEU A 303 -72.33 -8.17 26.37
CA LEU A 303 -73.17 -8.39 25.19
C LEU A 303 -74.63 -8.04 25.49
N ILE A 304 -75.14 -8.48 26.64
CA ILE A 304 -76.51 -8.15 27.03
C ILE A 304 -76.66 -6.64 27.18
N GLU A 305 -75.69 -6.01 27.84
CA GLU A 305 -75.77 -4.56 28.06
C GLU A 305 -75.78 -3.80 26.74
N ASP A 306 -74.90 -4.18 25.82
CA ASP A 306 -74.83 -3.50 24.53
C ASP A 306 -76.10 -3.72 23.71
N VAL A 307 -76.63 -4.95 23.71
CA VAL A 307 -77.85 -5.23 22.96
C VAL A 307 -79.01 -4.43 23.53
N GLU A 308 -79.13 -4.37 24.86
CA GLU A 308 -80.20 -3.60 25.47
C GLU A 308 -80.06 -2.11 25.17
N HIS A 309 -78.84 -1.58 25.23
CA HIS A 309 -78.64 -0.17 24.94
C HIS A 309 -78.97 0.16 23.49
N THR A 310 -78.53 -0.70 22.57
CA THR A 310 -78.84 -0.48 21.16
C THR A 310 -80.34 -0.57 20.91
N PHE A 311 -81.02 -1.52 21.55
CA PHE A 311 -82.46 -1.63 21.37
C PHE A 311 -83.18 -0.40 21.93
N GLU A 312 -82.76 0.10 23.10
CA GLU A 312 -83.41 1.27 23.65
C GLU A 312 -83.11 2.52 22.82
N GLU A 313 -81.97 2.55 22.13
CA GLU A 313 -81.71 3.64 21.19
C GLU A 313 -82.60 3.53 19.96
N ILE A 314 -82.81 2.31 19.46
CA ILE A 314 -83.68 2.12 18.30
C ILE A 314 -85.15 2.29 18.67
N LYS A 315 -85.47 2.25 19.96
CA LYS A 315 -86.86 2.29 20.42
C LYS A 315 -87.70 3.39 19.79
N PRO A 316 -87.24 4.65 19.69
CA PRO A 316 -88.08 5.64 18.98
C PRO A 316 -88.33 5.29 17.53
N LEU A 317 -87.28 4.91 16.79
CA LEU A 317 -87.45 4.55 15.38
C LEU A 317 -88.36 3.34 15.22
N TYR A 318 -88.15 2.31 16.05
CA TYR A 318 -88.99 1.13 15.96
C TYR A 318 -90.44 1.44 16.34
N GLU A 319 -90.65 2.30 17.33
CA GLU A 319 -92.00 2.69 17.71
C GLU A 319 -92.70 3.42 16.57
N HIS A 320 -91.98 4.34 15.91
CA HIS A 320 -92.59 5.04 14.77
C HIS A 320 -92.88 4.09 13.61
N LEU A 321 -91.95 3.17 13.32
CA LEU A 321 -92.19 2.21 12.24
C LEU A 321 -93.38 1.31 12.57
N HIS A 322 -93.46 0.85 13.81
CA HIS A 322 -94.59 0.01 14.22
C HIS A 322 -95.89 0.78 14.16
N ALA A 323 -95.87 2.06 14.54
CA ALA A 323 -97.08 2.89 14.45
C ALA A 323 -97.53 3.04 13.00
N TYR A 324 -96.58 3.29 12.09
CA TYR A 324 -96.95 3.43 10.68
C TYR A 324 -97.48 2.10 10.12
N VAL A 325 -96.83 0.99 10.48
CA VAL A 325 -97.30 -0.32 10.00
C VAL A 325 -98.70 -0.61 10.54
N ARG A 326 -98.95 -0.29 11.81
CA ARG A 326 -100.26 -0.48 12.39
C ARG A 326 -101.31 0.40 11.72
N ALA A 327 -100.95 1.64 11.40
CA ALA A 327 -101.87 2.52 10.70
C ALA A 327 -102.22 1.97 9.31
N LYS A 328 -101.21 1.48 8.59
CA LYS A 328 -101.46 0.89 7.28
C LYS A 328 -102.32 -0.37 7.38
N LEU A 329 -102.05 -1.19 8.39
CA LEU A 329 -102.86 -2.40 8.59
C LEU A 329 -104.30 -2.05 8.95
N MET A 330 -104.51 -0.99 9.74
CA MET A 330 -105.87 -0.50 9.98
C MET A 330 -106.52 -0.02 8.69
N ASN A 331 -105.75 0.65 7.83
CA ASN A 331 -106.25 0.98 6.51
C ASN A 331 -106.60 -0.28 5.72
N ALA A 332 -105.96 -1.40 6.06
CA ALA A 332 -106.27 -2.69 5.44
C ALA A 332 -107.25 -3.53 6.26
N TYR A 333 -107.09 -3.58 7.58
CA TYR A 333 -107.96 -4.36 8.46
C TYR A 333 -108.45 -3.45 9.59
N PRO A 334 -109.40 -2.56 9.30
CA PRO A 334 -109.87 -1.64 10.35
C PRO A 334 -110.53 -2.31 11.53
N SER A 335 -111.22 -3.43 11.32
CA SER A 335 -112.03 -4.06 12.35
C SER A 335 -111.31 -5.16 13.12
N TYR A 336 -110.02 -5.39 12.83
CA TYR A 336 -109.27 -6.45 13.50
C TYR A 336 -108.06 -5.96 14.27
N ILE A 337 -107.63 -4.72 14.08
CA ILE A 337 -106.43 -4.19 14.74
C ILE A 337 -106.79 -2.87 15.41
N SER A 338 -106.52 -2.78 16.71
CA SER A 338 -106.79 -1.55 17.46
C SER A 338 -105.73 -0.50 17.16
N PRO A 339 -106.12 0.76 17.05
CA PRO A 339 -105.12 1.83 16.85
C PRO A 339 -104.13 1.95 18.00
N ILE A 340 -104.56 1.69 19.23
CA ILE A 340 -103.70 1.78 20.39
C ILE A 340 -103.10 0.41 20.74
N GLY A 341 -103.86 -0.66 20.53
CA GLY A 341 -103.41 -1.98 20.93
C GLY A 341 -102.29 -2.50 20.05
N CYS A 342 -101.68 -3.58 20.54
CA CYS A 342 -100.56 -4.20 19.84
C CYS A 342 -101.05 -4.89 18.56
N LEU A 343 -100.11 -5.08 17.63
CA LEU A 343 -100.43 -5.76 16.39
C LEU A 343 -100.64 -7.25 16.61
N PRO A 344 -101.45 -7.90 15.79
CA PRO A 344 -101.59 -9.35 15.88
C PRO A 344 -100.30 -10.06 15.52
N ALA A 345 -100.09 -11.22 16.14
CA ALA A 345 -98.87 -11.99 15.88
C ALA A 345 -98.85 -12.53 14.46
N HIS A 346 -100.00 -12.91 13.92
CA HIS A 346 -100.08 -13.50 12.59
C HIS A 346 -100.33 -12.48 11.49
N LEU A 347 -100.42 -11.20 11.82
CA LEU A 347 -100.64 -10.14 10.84
C LEU A 347 -99.40 -9.26 10.68
N LEU A 348 -98.22 -9.86 10.73
CA LEU A 348 -96.96 -9.14 10.59
C LEU A 348 -96.19 -9.55 9.34
N GLY A 349 -96.86 -10.17 8.37
CA GLY A 349 -96.19 -10.70 7.21
C GLY A 349 -95.57 -12.07 7.42
N ASP A 350 -95.53 -12.55 8.67
CA ASP A 350 -95.04 -13.88 8.97
C ASP A 350 -95.69 -14.33 10.27
N MET A 351 -95.62 -15.64 10.52
CA MET A 351 -96.28 -16.21 11.70
C MET A 351 -95.63 -15.72 12.99
N TRP A 352 -94.31 -15.81 13.08
CA TRP A 352 -93.62 -15.42 14.31
C TRP A 352 -93.52 -13.91 14.49
N GLY A 353 -93.87 -13.14 13.46
CA GLY A 353 -93.69 -11.70 13.53
C GLY A 353 -92.27 -11.24 13.32
N ARG A 354 -91.37 -12.12 12.92
CA ARG A 354 -89.96 -11.77 12.79
C ARG A 354 -89.74 -10.76 11.67
N PHE A 355 -90.26 -11.03 10.48
CA PHE A 355 -90.03 -10.20 9.30
C PHE A 355 -91.32 -9.52 8.90
N TRP A 356 -91.28 -8.19 8.78
CA TRP A 356 -92.41 -7.40 8.33
C TRP A 356 -92.31 -7.01 6.86
N THR A 357 -91.39 -7.63 6.12
CA THR A 357 -91.23 -7.31 4.71
C THR A 357 -92.47 -7.68 3.91
N ASN A 358 -93.12 -8.79 4.26
CA ASN A 358 -94.33 -9.20 3.56
C ASN A 358 -95.49 -8.24 3.79
N LEU A 359 -95.42 -7.40 4.81
CA LEU A 359 -96.39 -6.34 5.02
C LEU A 359 -96.10 -5.10 4.18
N TYR A 360 -94.99 -5.10 3.44
CA TYR A 360 -94.62 -3.93 2.65
C TYR A 360 -95.72 -3.57 1.65
N SER A 361 -96.27 -4.58 0.98
CA SER A 361 -97.39 -4.34 0.06
C SER A 361 -98.56 -3.68 0.77
N LEU A 362 -98.79 -4.05 2.04
CA LEU A 362 -99.82 -3.41 2.84
C LEU A 362 -99.33 -2.17 3.56
N THR A 363 -98.02 -1.91 3.59
CA THR A 363 -97.46 -0.76 4.29
C THR A 363 -96.57 0.08 3.38
N VAL A 364 -96.75 0.00 2.07
CA VAL A 364 -95.90 0.76 1.15
C VAL A 364 -96.21 2.25 1.28
N PRO A 365 -95.20 3.10 1.46
CA PRO A 365 -95.47 4.55 1.54
C PRO A 365 -96.15 5.11 0.31
N PHE A 366 -95.79 4.62 -0.87
CA PHE A 366 -96.37 5.09 -2.13
C PHE A 366 -96.49 3.88 -3.06
N GLY A 367 -97.71 3.32 -3.15
CA GLY A 367 -97.92 2.16 -3.98
C GLY A 367 -97.80 2.41 -5.47
N GLN A 368 -98.00 3.66 -5.90
CA GLN A 368 -97.86 4.00 -7.31
C GLN A 368 -96.41 4.14 -7.74
N LYS A 369 -95.48 4.29 -6.80
CA LYS A 369 -94.07 4.42 -7.14
C LYS A 369 -93.48 3.05 -7.45
N PRO A 370 -92.92 2.84 -8.63
CA PRO A 370 -92.31 1.54 -8.94
C PRO A 370 -91.07 1.29 -8.10
N ASN A 371 -90.81 0.01 -7.85
CA ASN A 371 -89.65 -0.41 -7.07
C ASN A 371 -88.42 -0.49 -7.97
N ILE A 372 -87.24 -0.31 -7.37
CA ILE A 372 -85.99 -0.35 -8.11
C ILE A 372 -85.67 -1.81 -8.44
N ASP A 373 -85.70 -2.15 -9.72
CA ASP A 373 -85.39 -3.50 -10.17
C ASP A 373 -84.86 -3.42 -11.60
N VAL A 374 -83.75 -4.10 -11.85
CA VAL A 374 -83.11 -4.09 -13.16
C VAL A 374 -83.18 -5.49 -13.77
N THR A 375 -84.13 -6.29 -13.30
CA THR A 375 -84.29 -7.64 -13.82
C THR A 375 -84.65 -7.63 -15.31
N ASP A 376 -85.50 -6.70 -15.72
CA ASP A 376 -85.83 -6.56 -17.14
C ASP A 376 -84.59 -6.22 -17.96
N ALA A 377 -83.72 -5.37 -17.41
CA ALA A 377 -82.47 -5.06 -18.11
C ALA A 377 -81.58 -6.28 -18.22
N MET A 378 -81.52 -7.10 -17.15
CA MET A 378 -80.73 -8.32 -17.20
C MET A 378 -81.28 -9.28 -18.24
N VAL A 379 -82.61 -9.37 -18.36
CA VAL A 379 -83.20 -10.21 -19.41
C VAL A 379 -82.85 -9.66 -20.78
N ASP A 380 -82.93 -8.33 -20.95
CA ASP A 380 -82.57 -7.72 -22.23
C ASP A 380 -81.09 -7.90 -22.53
N GLN A 381 -80.23 -7.77 -21.52
CA GLN A 381 -78.80 -7.93 -21.69
C GLN A 381 -78.37 -9.39 -21.63
N ALA A 382 -79.31 -10.33 -21.49
CA ALA A 382 -79.03 -11.76 -21.45
C ALA A 382 -78.06 -12.12 -20.32
N TRP A 383 -78.20 -11.42 -19.19
CA TRP A 383 -77.41 -11.77 -18.01
C TRP A 383 -77.87 -13.11 -17.45
N ASP A 384 -76.92 -13.81 -16.82
CA ASP A 384 -77.19 -15.08 -16.15
C ASP A 384 -76.30 -15.16 -14.92
N ALA A 385 -76.22 -16.36 -14.34
CA ALA A 385 -75.43 -16.55 -13.14
C ALA A 385 -73.95 -16.25 -13.38
N GLN A 386 -73.41 -16.75 -14.49
CA GLN A 386 -72.01 -16.51 -14.80
C GLN A 386 -71.73 -15.02 -15.04
N ARG A 387 -72.66 -14.34 -15.72
CA ARG A 387 -72.49 -12.90 -15.95
C ARG A 387 -72.53 -12.12 -14.63
N ILE A 388 -73.45 -12.48 -13.73
CA ILE A 388 -73.51 -11.83 -12.43
C ILE A 388 -72.22 -12.06 -11.65
N PHE A 389 -71.72 -13.30 -11.67
CA PHE A 389 -70.48 -13.62 -10.97
C PHE A 389 -69.31 -12.83 -11.55
N LYS A 390 -69.21 -12.75 -12.88
CA LYS A 390 -68.12 -12.00 -13.50
C LYS A 390 -68.20 -10.51 -13.19
N GLU A 391 -69.41 -9.93 -13.25
CA GLU A 391 -69.55 -8.51 -12.93
C GLU A 391 -69.21 -8.22 -11.49
N ALA A 392 -69.62 -9.10 -10.57
CA ALA A 392 -69.31 -8.87 -9.15
C ALA A 392 -67.82 -9.09 -8.88
N GLU A 393 -67.18 -10.02 -9.61
CA GLU A 393 -65.74 -10.16 -9.49
C GLU A 393 -65.02 -8.92 -10.00
N LYS A 394 -65.53 -8.33 -11.08
CA LYS A 394 -64.98 -7.06 -11.56
C LYS A 394 -65.16 -5.96 -10.52
N PHE A 395 -66.31 -5.94 -9.86
CA PHE A 395 -66.52 -4.98 -8.77
C PHE A 395 -65.54 -5.19 -7.63
N PHE A 396 -65.31 -6.45 -7.25
CA PHE A 396 -64.34 -6.74 -6.19
C PHE A 396 -62.94 -6.33 -6.58
N VAL A 397 -62.57 -6.52 -7.85
CA VAL A 397 -61.27 -6.04 -8.33
C VAL A 397 -61.22 -4.52 -8.27
N SER A 398 -62.34 -3.86 -8.57
CA SER A 398 -62.37 -2.39 -8.54
C SER A 398 -62.17 -1.85 -7.14
N VAL A 399 -62.72 -2.51 -6.12
CA VAL A 399 -62.59 -2.03 -4.75
C VAL A 399 -61.25 -2.41 -4.12
N GLY A 400 -60.36 -3.06 -4.88
CA GLY A 400 -59.03 -3.37 -4.41
C GLY A 400 -58.80 -4.81 -4.00
N LEU A 401 -59.86 -5.58 -3.80
CA LEU A 401 -59.69 -6.97 -3.42
C LEU A 401 -59.10 -7.78 -4.58
N PRO A 402 -58.25 -8.77 -4.30
CA PRO A 402 -57.59 -9.50 -5.38
C PRO A 402 -58.57 -10.39 -6.15
N ASN A 403 -58.11 -10.82 -7.33
CA ASN A 403 -58.93 -11.66 -8.17
C ASN A 403 -59.15 -13.04 -7.55
N MET A 404 -60.27 -13.66 -7.92
CA MET A 404 -60.68 -14.95 -7.40
C MET A 404 -60.02 -16.08 -8.19
N THR A 405 -59.65 -17.14 -7.49
CA THR A 405 -59.00 -18.28 -8.11
C THR A 405 -59.94 -18.99 -9.09
N GLN A 406 -59.34 -19.58 -10.12
CA GLN A 406 -60.12 -20.29 -11.13
C GLN A 406 -60.67 -21.62 -10.62
N GLY A 407 -60.10 -22.15 -9.53
CA GLY A 407 -60.63 -23.36 -8.95
C GLY A 407 -62.07 -23.20 -8.48
N PHE A 408 -62.44 -22.00 -8.05
CA PHE A 408 -63.84 -21.71 -7.75
C PHE A 408 -64.72 -21.97 -8.96
N TRP A 409 -64.34 -21.42 -10.12
CA TRP A 409 -65.14 -21.63 -11.33
C TRP A 409 -65.13 -23.10 -11.75
N GLU A 410 -64.00 -23.78 -11.58
CA GLU A 410 -63.92 -25.19 -11.94
C GLU A 410 -64.79 -26.05 -11.04
N ASN A 411 -65.02 -25.62 -9.79
CA ASN A 411 -65.72 -26.43 -8.81
C ASN A 411 -67.13 -25.95 -8.52
N SER A 412 -67.31 -24.64 -8.31
CA SER A 412 -68.61 -24.13 -7.89
C SER A 412 -69.64 -24.25 -8.99
N MET A 413 -70.87 -24.59 -8.61
CA MET A 413 -72.00 -24.59 -9.51
C MET A 413 -72.82 -23.32 -9.29
N LEU A 414 -73.32 -22.76 -10.38
CA LEU A 414 -74.04 -21.48 -10.34
C LEU A 414 -75.53 -21.62 -10.59
N THR A 415 -75.93 -22.31 -11.65
CA THR A 415 -77.34 -22.51 -11.97
C THR A 415 -77.80 -23.85 -11.39
N ASP A 416 -79.02 -24.24 -11.73
CA ASP A 416 -79.53 -25.53 -11.30
C ASP A 416 -78.83 -26.64 -12.08
N PRO A 417 -78.15 -27.57 -11.42
CA PRO A 417 -77.42 -28.64 -12.13
C PRO A 417 -78.35 -29.69 -12.72
N GLY A 418 -79.20 -29.27 -13.65
CA GLY A 418 -80.13 -30.17 -14.30
C GLY A 418 -81.22 -30.65 -13.34
N ASN A 419 -81.84 -31.76 -13.72
CA ASN A 419 -82.90 -32.37 -12.93
C ASN A 419 -82.65 -33.82 -12.58
N VAL A 420 -81.66 -34.47 -13.19
CA VAL A 420 -81.37 -35.87 -12.86
C VAL A 420 -80.86 -35.97 -11.43
N GLN A 421 -80.08 -35.00 -10.98
CA GLN A 421 -79.54 -34.97 -9.63
C GLN A 421 -80.20 -33.85 -8.84
N LYS A 422 -80.47 -34.11 -7.56
CA LYS A 422 -81.09 -33.14 -6.69
C LYS A 422 -80.01 -32.40 -5.90
N ALA A 423 -80.01 -31.08 -6.00
CA ALA A 423 -79.02 -30.24 -5.33
C ALA A 423 -79.73 -29.18 -4.51
N VAL A 424 -79.18 -28.89 -3.33
CA VAL A 424 -79.72 -27.85 -2.47
C VAL A 424 -79.47 -26.51 -3.14
N CYS A 425 -80.54 -25.77 -3.43
CA CYS A 425 -80.42 -24.46 -4.07
C CYS A 425 -80.22 -23.33 -3.07
N HIS A 426 -80.15 -23.63 -1.78
CA HIS A 426 -79.89 -22.59 -0.80
C HIS A 426 -78.47 -22.05 -0.97
N PRO A 427 -78.31 -20.73 -1.02
CA PRO A 427 -76.97 -20.14 -1.23
C PRO A 427 -76.06 -20.39 -0.04
N THR A 428 -74.94 -21.06 -0.28
CA THR A 428 -73.97 -21.35 0.76
C THR A 428 -72.56 -21.05 0.24
N ALA A 429 -71.69 -20.62 1.14
CA ALA A 429 -70.30 -20.35 0.85
C ALA A 429 -69.43 -21.39 1.52
N TRP A 430 -68.53 -22.01 0.75
CA TRP A 430 -67.73 -23.14 1.21
C TRP A 430 -66.27 -22.76 1.18
N ASP A 431 -65.61 -22.90 2.33
CA ASP A 431 -64.16 -22.72 2.46
C ASP A 431 -63.60 -24.09 2.82
N LEU A 432 -63.32 -24.90 1.80
CA LEU A 432 -62.98 -26.30 2.01
C LEU A 432 -61.54 -26.52 2.42
N GLY A 433 -60.70 -25.49 2.37
CA GLY A 433 -59.30 -25.62 2.73
C GLY A 433 -58.43 -25.99 1.55
N LYS A 434 -57.12 -25.86 1.77
CA LYS A 434 -56.11 -26.14 0.73
C LYS A 434 -56.37 -25.33 -0.53
N GLY A 435 -56.80 -24.07 -0.34
CA GLY A 435 -57.07 -23.20 -1.46
C GLY A 435 -58.33 -23.52 -2.22
N ASP A 436 -59.31 -24.15 -1.58
CA ASP A 436 -60.57 -24.51 -2.23
C ASP A 436 -61.69 -23.63 -1.67
N PHE A 437 -62.31 -22.87 -2.55
CA PHE A 437 -63.42 -21.97 -2.18
C PHE A 437 -64.52 -22.11 -3.23
N ARG A 438 -65.75 -22.25 -2.77
CA ARG A 438 -66.87 -22.56 -3.66
C ARG A 438 -68.14 -21.86 -3.19
N ILE A 439 -69.10 -21.76 -4.10
CA ILE A 439 -70.43 -21.25 -3.81
C ILE A 439 -71.45 -22.24 -4.34
N LEU A 440 -72.41 -22.61 -3.50
CA LEU A 440 -73.41 -23.62 -3.82
C LEU A 440 -74.80 -22.98 -3.79
N MET A 441 -75.43 -22.88 -4.95
CA MET A 441 -76.81 -22.41 -5.07
C MET A 441 -77.27 -22.64 -6.51
N CYS A 442 -78.50 -22.20 -6.79
CA CYS A 442 -79.08 -22.25 -8.13
C CYS A 442 -79.45 -20.80 -8.48
N THR A 443 -78.52 -20.09 -9.11
CA THR A 443 -78.71 -18.67 -9.37
C THR A 443 -79.48 -18.47 -10.67
N LYS A 444 -80.57 -17.70 -10.60
CA LYS A 444 -81.39 -17.36 -11.75
C LYS A 444 -81.14 -15.90 -12.11
N VAL A 445 -81.90 -15.41 -13.10
CA VAL A 445 -81.76 -14.05 -13.59
C VAL A 445 -82.80 -13.20 -12.85
N THR A 446 -82.41 -12.68 -11.70
CA THR A 446 -83.28 -11.80 -10.92
C THR A 446 -82.42 -10.97 -9.98
N MET A 447 -83.01 -9.88 -9.50
CA MET A 447 -82.29 -8.98 -8.60
C MET A 447 -81.97 -9.67 -7.28
N ASP A 448 -82.90 -10.48 -6.77
CA ASP A 448 -82.67 -11.18 -5.52
C ASP A 448 -81.47 -12.13 -5.63
N ASP A 449 -81.39 -12.88 -6.72
CA ASP A 449 -80.23 -13.75 -6.91
C ASP A 449 -78.96 -12.96 -7.13
N PHE A 450 -79.05 -11.79 -7.78
CA PHE A 450 -77.90 -10.91 -7.93
C PHE A 450 -77.33 -10.52 -6.57
N LEU A 451 -78.19 -10.00 -5.70
CA LEU A 451 -77.75 -9.58 -4.37
C LEU A 451 -77.28 -10.76 -3.54
N THR A 452 -77.96 -11.90 -3.63
CA THR A 452 -77.57 -13.05 -2.84
C THR A 452 -76.23 -13.63 -3.32
N ALA A 453 -75.99 -13.62 -4.63
CA ALA A 453 -74.71 -14.05 -5.16
C ALA A 453 -73.59 -13.13 -4.68
N HIS A 454 -73.84 -11.82 -4.70
CA HIS A 454 -72.83 -10.89 -4.19
C HIS A 454 -72.58 -11.12 -2.70
N HIS A 455 -73.64 -11.38 -1.93
CA HIS A 455 -73.49 -11.70 -0.52
C HIS A 455 -72.66 -12.96 -0.30
N GLU A 456 -72.93 -14.00 -1.09
CA GLU A 456 -72.20 -15.25 -0.94
C GLU A 456 -70.73 -15.10 -1.30
N MET A 457 -70.44 -14.35 -2.37
CA MET A 457 -69.02 -14.16 -2.70
C MET A 457 -68.34 -13.18 -1.76
N GLY A 458 -69.09 -12.30 -1.10
CA GLY A 458 -68.51 -11.55 0.01
C GLY A 458 -68.14 -12.46 1.16
N HIS A 459 -69.00 -13.43 1.47
CA HIS A 459 -68.64 -14.47 2.42
C HIS A 459 -67.37 -15.19 1.98
N ILE A 460 -67.28 -15.52 0.70
CA ILE A 460 -66.13 -16.26 0.17
C ILE A 460 -64.86 -15.44 0.30
N GLN A 461 -64.94 -14.15 -0.03
CA GLN A 461 -63.77 -13.26 0.11
C GLN A 461 -63.35 -13.14 1.56
N TYR A 462 -64.31 -13.00 2.47
CA TYR A 462 -63.98 -12.94 3.89
C TYR A 462 -63.30 -14.23 4.35
N ASP A 463 -63.81 -15.38 3.92
CA ASP A 463 -63.20 -16.65 4.29
C ASP A 463 -61.79 -16.77 3.72
N MET A 464 -61.60 -16.36 2.47
CA MET A 464 -60.28 -16.38 1.85
C MET A 464 -59.30 -15.46 2.53
N ALA A 465 -59.77 -14.34 3.09
CA ALA A 465 -58.87 -13.36 3.66
C ALA A 465 -58.10 -13.92 4.86
N TYR A 466 -58.78 -14.67 5.74
CA TYR A 466 -58.12 -15.27 6.89
C TYR A 466 -57.70 -16.71 6.63
N ALA A 467 -57.52 -17.09 5.37
CA ALA A 467 -57.08 -18.45 5.07
C ALA A 467 -55.66 -18.71 5.56
N ALA A 468 -54.81 -17.67 5.57
CA ALA A 468 -53.44 -17.83 6.05
C ALA A 468 -53.38 -18.14 7.54
N GLN A 469 -54.46 -17.88 8.28
CA GLN A 469 -54.49 -18.19 9.70
C GLN A 469 -54.51 -19.71 9.89
N PRO A 470 -54.06 -20.19 11.05
CA PRO A 470 -54.13 -21.63 11.34
C PRO A 470 -55.58 -22.10 11.36
N PHE A 471 -55.74 -23.43 11.38
CA PHE A 471 -57.05 -24.02 11.19
C PHE A 471 -58.04 -23.55 12.25
N LEU A 472 -57.60 -23.47 13.50
CA LEU A 472 -58.47 -22.97 14.56
C LEU A 472 -58.87 -21.52 14.34
N LEU A 473 -58.07 -20.76 13.60
CA LEU A 473 -58.35 -19.35 13.31
C LEU A 473 -58.89 -19.15 11.90
N ARG A 474 -59.24 -20.22 11.19
CA ARG A 474 -59.83 -20.11 9.85
C ARG A 474 -61.34 -19.95 9.96
N ASN A 475 -61.74 -18.84 10.60
CA ASN A 475 -63.14 -18.53 10.78
C ASN A 475 -63.26 -17.05 11.08
N GLY A 476 -64.49 -16.54 11.03
CA GLY A 476 -64.74 -15.15 11.32
C GLY A 476 -64.51 -14.81 12.78
N ALA A 477 -64.50 -13.51 13.06
CA ALA A 477 -64.27 -13.04 14.43
C ALA A 477 -65.34 -13.57 15.37
N ASN A 478 -66.60 -13.54 14.95
CA ASN A 478 -67.69 -14.14 15.70
C ASN A 478 -68.75 -14.59 14.70
N GLU A 479 -69.95 -14.89 15.21
CA GLU A 479 -71.04 -15.36 14.35
C GLU A 479 -71.68 -14.24 13.54
N GLY A 480 -71.31 -12.98 13.78
CA GLY A 480 -71.94 -11.87 13.10
C GLY A 480 -71.04 -11.05 12.21
N PHE A 481 -69.79 -11.49 12.03
CA PHE A 481 -68.85 -10.73 11.21
C PHE A 481 -68.96 -11.10 9.73
N HIS A 482 -68.91 -12.40 9.42
CA HIS A 482 -69.01 -12.83 8.03
C HIS A 482 -70.35 -12.41 7.43
N GLU A 483 -71.44 -12.58 8.17
CA GLU A 483 -72.74 -12.14 7.68
C GLU A 483 -72.78 -10.62 7.50
N ALA A 484 -72.10 -9.87 8.37
CA ALA A 484 -72.03 -8.42 8.19
C ALA A 484 -71.30 -8.06 6.90
N VAL A 485 -70.19 -8.74 6.61
CA VAL A 485 -69.46 -8.49 5.37
C VAL A 485 -70.33 -8.81 4.17
N GLY A 486 -71.03 -9.95 4.21
CA GLY A 486 -71.92 -10.29 3.12
C GLY A 486 -73.03 -9.28 2.93
N GLU A 487 -73.60 -8.79 4.04
CA GLU A 487 -74.69 -7.82 3.96
C GLU A 487 -74.21 -6.49 3.41
N ILE A 488 -73.04 -6.02 3.83
CA ILE A 488 -72.54 -4.75 3.30
C ILE A 488 -72.18 -4.89 1.83
N MET A 489 -71.66 -6.06 1.44
CA MET A 489 -71.40 -6.29 0.02
C MET A 489 -72.69 -6.28 -0.79
N SER A 490 -73.74 -6.91 -0.27
CA SER A 490 -75.02 -6.92 -0.98
C SER A 490 -75.61 -5.52 -1.06
N LEU A 491 -75.52 -4.74 0.02
CA LEU A 491 -76.03 -3.38 0.01
C LEU A 491 -75.27 -2.51 -0.98
N SER A 492 -73.94 -2.67 -1.05
CA SER A 492 -73.16 -1.95 -2.05
C SER A 492 -73.56 -2.37 -3.46
N ALA A 493 -73.88 -3.66 -3.63
CA ALA A 493 -74.35 -4.14 -4.93
C ALA A 493 -75.72 -3.58 -5.28
N ALA A 494 -76.55 -3.30 -4.28
CA ALA A 494 -77.90 -2.82 -4.50
C ALA A 494 -77.98 -1.32 -4.72
N THR A 495 -76.86 -0.61 -4.64
CA THR A 495 -76.88 0.83 -4.85
C THR A 495 -77.24 1.15 -6.30
N PRO A 496 -78.06 2.17 -6.53
CA PRO A 496 -78.37 2.57 -7.92
C PRO A 496 -77.15 2.97 -8.71
N LYS A 497 -76.14 3.55 -8.07
CA LYS A 497 -74.93 3.96 -8.77
C LYS A 497 -74.21 2.76 -9.38
N HIS A 498 -74.09 1.67 -8.63
CA HIS A 498 -73.45 0.47 -9.15
C HIS A 498 -74.22 -0.11 -10.32
N LEU A 499 -75.56 -0.12 -10.23
CA LEU A 499 -76.38 -0.62 -11.32
C LEU A 499 -76.22 0.24 -12.57
N LYS A 500 -76.16 1.56 -12.40
CA LYS A 500 -75.95 2.45 -13.53
C LYS A 500 -74.57 2.24 -14.15
N SER A 501 -73.55 2.03 -13.31
CA SER A 501 -72.20 1.86 -13.83
C SER A 501 -72.08 0.61 -14.70
N ILE A 502 -72.71 -0.49 -14.26
CA ILE A 502 -72.63 -1.75 -15.02
C ILE A 502 -73.68 -1.83 -16.12
N GLY A 503 -74.48 -0.78 -16.31
CA GLY A 503 -75.47 -0.75 -17.36
C GLY A 503 -76.82 -1.35 -17.02
N LEU A 504 -76.96 -1.94 -15.83
CA LEU A 504 -78.26 -2.50 -15.45
C LEU A 504 -79.31 -1.40 -15.28
N LEU A 505 -78.96 -0.31 -14.62
CA LEU A 505 -79.89 0.80 -14.42
C LEU A 505 -79.67 1.84 -15.51
N SER A 506 -80.74 2.17 -16.23
CA SER A 506 -80.63 3.12 -17.32
C SER A 506 -80.28 4.51 -16.78
N PRO A 507 -79.51 5.30 -17.54
CA PRO A 507 -79.21 6.67 -17.10
C PRO A 507 -80.45 7.53 -16.95
N ASP A 508 -81.50 7.25 -17.71
CA ASP A 508 -82.75 8.01 -17.61
C ASP A 508 -83.49 7.76 -16.30
N PHE A 509 -83.09 6.76 -15.53
CA PHE A 509 -83.72 6.51 -14.24
C PHE A 509 -83.53 7.72 -13.31
N GLN A 510 -84.62 8.13 -12.66
CA GLN A 510 -84.61 9.28 -11.78
C GLN A 510 -84.82 8.85 -10.34
N GLU A 511 -84.12 9.51 -9.43
CA GLU A 511 -84.22 9.24 -8.00
C GLU A 511 -84.96 10.39 -7.34
N ASP A 512 -86.06 10.07 -6.66
CA ASP A 512 -86.90 11.08 -6.01
C ASP A 512 -87.05 10.74 -4.53
N ASN A 513 -87.67 11.65 -3.80
CA ASN A 513 -87.85 11.45 -2.37
C ASN A 513 -88.76 10.27 -2.07
N GLU A 514 -89.82 10.09 -2.86
CA GLU A 514 -90.75 9.00 -2.61
C GLU A 514 -90.09 7.64 -2.80
N THR A 515 -89.28 7.49 -3.85
CA THR A 515 -88.60 6.22 -4.06
C THR A 515 -87.60 5.93 -2.94
N GLU A 516 -86.87 6.95 -2.50
CA GLU A 516 -85.93 6.76 -1.40
C GLU A 516 -86.66 6.40 -0.11
N ILE A 517 -87.80 7.03 0.15
CA ILE A 517 -88.57 6.71 1.35
C ILE A 517 -89.09 5.28 1.29
N ASN A 518 -89.58 4.85 0.12
CA ASN A 518 -90.05 3.47 -0.03
C ASN A 518 -88.91 2.48 0.18
N PHE A 519 -87.74 2.77 -0.40
CA PHE A 519 -86.59 1.89 -0.23
C PHE A 519 -86.17 1.81 1.24
N LEU A 520 -86.15 2.96 1.92
CA LEU A 520 -85.78 2.98 3.33
C LEU A 520 -86.77 2.20 4.18
N LEU A 521 -88.07 2.36 3.89
CA LEU A 521 -89.09 1.63 4.66
C LEU A 521 -89.00 0.13 4.42
N LYS A 522 -88.75 -0.28 3.17
CA LYS A 522 -88.59 -1.71 2.90
C LYS A 522 -87.36 -2.26 3.59
N GLN A 523 -86.25 -1.52 3.56
CA GLN A 523 -85.04 -1.95 4.27
C GLN A 523 -85.29 -2.03 5.77
N ALA A 524 -86.07 -1.09 6.31
CA ALA A 524 -86.42 -1.13 7.73
C ALA A 524 -87.21 -2.38 8.06
N LEU A 525 -88.29 -2.63 7.31
CA LEU A 525 -89.09 -3.83 7.56
C LEU A 525 -88.27 -5.10 7.40
N THR A 526 -87.26 -5.08 6.53
CA THR A 526 -86.41 -6.25 6.35
C THR A 526 -85.43 -6.44 7.50
N ILE A 527 -84.83 -5.36 8.00
CA ILE A 527 -83.71 -5.46 8.92
C ILE A 527 -84.13 -5.15 10.34
N VAL A 528 -84.63 -3.93 10.58
CA VAL A 528 -84.96 -3.50 11.93
C VAL A 528 -86.31 -4.01 12.40
N GLY A 529 -87.06 -4.67 11.53
CA GLY A 529 -88.30 -5.29 11.96
C GLY A 529 -88.06 -6.44 12.92
N THR A 530 -87.04 -7.26 12.65
CA THR A 530 -86.71 -8.40 13.50
C THR A 530 -85.81 -8.04 14.67
N LEU A 531 -85.20 -6.86 14.67
CA LEU A 531 -84.30 -6.50 15.75
C LEU A 531 -85.00 -6.47 17.11
N PRO A 532 -86.18 -5.85 17.27
CA PRO A 532 -86.91 -6.05 18.53
C PRO A 532 -87.28 -7.50 18.77
N PHE A 533 -87.68 -8.22 17.71
CA PHE A 533 -88.01 -9.63 17.86
C PHE A 533 -86.78 -10.44 18.27
N THR A 534 -85.63 -10.17 17.64
CA THR A 534 -84.41 -10.84 18.01
C THR A 534 -84.04 -10.54 19.46
N TYR A 535 -84.17 -9.28 19.87
CA TYR A 535 -83.83 -8.88 21.23
C TYR A 535 -84.72 -9.59 22.25
N MET A 536 -86.04 -9.58 22.02
CA MET A 536 -86.94 -10.21 22.98
C MET A 536 -86.75 -11.71 23.03
N LEU A 537 -86.56 -12.36 21.87
CA LEU A 537 -86.36 -13.80 21.87
C LEU A 537 -85.06 -14.16 22.58
N GLU A 538 -83.99 -13.41 22.31
CA GLU A 538 -82.71 -13.70 22.95
C GLU A 538 -82.77 -13.46 24.45
N LYS A 539 -83.44 -12.38 24.89
CA LYS A 539 -83.57 -12.12 26.32
C LYS A 539 -84.41 -13.19 27.00
N TRP A 540 -85.49 -13.62 26.35
CA TRP A 540 -86.32 -14.68 26.91
C TRP A 540 -85.53 -15.97 27.04
N ARG A 541 -84.75 -16.31 26.00
CA ARG A 541 -83.91 -17.50 26.07
C ARG A 541 -82.86 -17.38 27.16
N TRP A 542 -82.27 -16.19 27.31
CA TRP A 542 -81.26 -15.97 28.33
C TRP A 542 -81.83 -16.19 29.72
N MET A 543 -82.96 -15.58 30.03
CA MET A 543 -83.53 -15.76 31.36
C MET A 543 -84.23 -17.10 31.54
N VAL A 544 -84.56 -17.80 30.45
CA VAL A 544 -85.03 -19.17 30.56
C VAL A 544 -83.88 -20.09 30.96
N PHE A 545 -82.72 -19.90 30.32
CA PHE A 545 -81.54 -20.67 30.71
C PHE A 545 -81.09 -20.31 32.13
N LYS A 546 -81.17 -19.04 32.50
CA LYS A 546 -80.88 -18.64 33.86
C LYS A 546 -81.92 -19.14 34.85
N GLY A 547 -83.08 -19.59 34.37
CA GLY A 547 -84.13 -20.05 35.24
C GLY A 547 -84.95 -18.97 35.90
N GLU A 548 -84.85 -17.73 35.43
CA GLU A 548 -85.59 -16.63 36.05
C GLU A 548 -87.09 -16.82 35.91
N ILE A 549 -87.55 -17.29 34.75
CA ILE A 549 -88.98 -17.43 34.47
C ILE A 549 -89.43 -18.79 35.00
N PRO A 550 -90.38 -18.86 35.92
CA PRO A 550 -90.97 -20.15 36.28
C PRO A 550 -91.71 -20.76 35.11
N LYS A 551 -91.77 -22.09 35.08
CA LYS A 551 -92.40 -22.79 33.97
C LYS A 551 -93.85 -22.38 33.80
N ASP A 552 -94.60 -22.31 34.91
CA ASP A 552 -96.01 -21.91 34.84
C ASP A 552 -96.19 -20.49 34.34
N GLN A 553 -95.11 -19.69 34.32
CA GLN A 553 -95.15 -18.35 33.75
C GLN A 553 -94.57 -18.29 32.35
N TRP A 554 -93.77 -19.30 31.94
CA TRP A 554 -92.95 -19.22 30.74
C TRP A 554 -93.68 -18.62 29.54
N MET A 555 -94.71 -19.31 29.06
CA MET A 555 -95.45 -18.82 27.90
C MET A 555 -96.07 -17.46 28.21
N LYS A 556 -96.73 -17.35 29.36
CA LYS A 556 -97.34 -16.08 29.75
C LYS A 556 -96.30 -14.97 29.87
N LYS A 557 -95.04 -15.32 30.15
CA LYS A 557 -94.01 -14.30 30.16
C LYS A 557 -93.68 -13.85 28.75
N TRP A 558 -93.55 -14.80 27.81
CA TRP A 558 -93.11 -14.46 26.46
C TRP A 558 -94.08 -13.48 25.80
N TRP A 559 -95.37 -13.81 25.80
CA TRP A 559 -96.35 -12.93 25.20
C TRP A 559 -96.44 -11.59 25.93
N GLU A 560 -95.94 -11.51 27.16
CA GLU A 560 -95.83 -10.22 27.81
C GLU A 560 -94.86 -9.31 27.05
N MET A 561 -93.65 -9.80 26.78
CA MET A 561 -92.65 -8.96 26.13
C MET A 561 -93.03 -8.68 24.68
N LYS A 562 -93.72 -9.62 24.03
CA LYS A 562 -94.28 -9.36 22.71
C LYS A 562 -95.17 -8.12 22.74
N ARG A 563 -95.94 -7.96 23.82
CA ARG A 563 -96.77 -6.77 23.95
C ARG A 563 -95.94 -5.54 24.27
N GLU A 564 -94.81 -5.70 24.95
CA GLU A 564 -94.01 -4.57 25.40
C GLU A 564 -92.79 -4.32 24.50
N ILE A 565 -91.94 -5.34 24.35
CA ILE A 565 -90.73 -5.16 23.54
C ILE A 565 -91.09 -5.04 22.07
N VAL A 566 -91.96 -5.91 21.57
CA VAL A 566 -92.32 -5.88 20.16
C VAL A 566 -93.57 -5.04 19.90
N GLY A 567 -94.40 -4.85 20.90
CA GLY A 567 -95.70 -4.22 20.66
C GLY A 567 -96.60 -5.08 19.80
N VAL A 568 -96.59 -6.38 20.01
CA VAL A 568 -97.34 -7.33 19.21
C VAL A 568 -98.05 -8.29 20.15
N VAL A 569 -99.36 -8.44 19.97
CA VAL A 569 -100.17 -9.26 20.85
C VAL A 569 -100.63 -10.51 20.09
N GLU A 570 -100.56 -11.65 20.76
CA GLU A 570 -101.02 -12.89 20.15
C GLU A 570 -102.52 -12.84 19.91
N PRO A 571 -103.00 -13.32 18.76
CA PRO A 571 -104.45 -13.29 18.50
C PRO A 571 -105.27 -14.09 19.48
N VAL A 572 -104.76 -15.23 19.95
CA VAL A 572 -105.49 -16.06 20.91
C VAL A 572 -104.55 -16.41 22.07
N PRO A 573 -105.07 -16.59 23.29
CA PRO A 573 -104.18 -16.89 24.42
C PRO A 573 -103.57 -18.27 24.31
N HIS A 574 -102.34 -18.39 24.81
CA HIS A 574 -101.60 -19.64 24.84
C HIS A 574 -101.16 -19.92 26.26
N ASP A 575 -101.49 -21.11 26.77
CA ASP A 575 -101.09 -21.51 28.10
C ASP A 575 -99.68 -22.10 28.03
N GLU A 576 -99.21 -22.66 29.16
CA GLU A 576 -97.83 -23.14 29.23
C GLU A 576 -97.60 -24.42 28.43
N THR A 577 -98.67 -25.11 28.02
CA THR A 577 -98.51 -26.24 27.11
C THR A 577 -97.92 -25.81 25.77
N TYR A 578 -98.19 -24.58 25.35
CA TYR A 578 -97.59 -24.06 24.13
C TYR A 578 -96.10 -23.81 24.31
N CYS A 579 -95.34 -23.99 23.24
CA CYS A 579 -93.92 -23.69 23.20
C CYS A 579 -93.62 -22.75 22.03
N ASP A 580 -94.41 -21.67 21.97
CA ASP A 580 -94.30 -20.73 20.86
C ASP A 580 -92.89 -20.21 20.61
N PRO A 581 -92.07 -19.89 21.62
CA PRO A 581 -90.68 -19.52 21.32
C PRO A 581 -89.94 -20.59 20.53
N ALA A 582 -90.17 -21.87 20.84
CA ALA A 582 -89.54 -22.95 20.11
C ALA A 582 -90.12 -23.14 18.72
N SER A 583 -91.22 -22.45 18.39
CA SER A 583 -91.79 -22.54 17.05
C SER A 583 -90.88 -21.96 15.99
N LEU A 584 -89.84 -21.22 16.37
CA LEU A 584 -88.86 -20.72 15.43
C LEU A 584 -87.77 -21.77 15.19
N PHE A 585 -87.01 -21.57 14.11
CA PHE A 585 -86.00 -22.55 13.71
C PHE A 585 -84.87 -22.62 14.73
N HIS A 586 -84.30 -21.48 15.11
CA HIS A 586 -83.11 -21.47 15.95
C HIS A 586 -83.40 -21.99 17.34
N VAL A 587 -84.56 -21.64 17.90
CA VAL A 587 -84.93 -22.13 19.23
C VAL A 587 -85.16 -23.63 19.21
N SER A 588 -85.71 -24.15 18.12
CA SER A 588 -85.97 -25.58 17.97
C SER A 588 -84.78 -26.34 17.40
N ASN A 589 -83.64 -25.69 17.18
CA ASN A 589 -82.46 -26.36 16.67
C ASN A 589 -81.20 -26.00 17.45
N ASP A 590 -81.33 -25.34 18.61
CA ASP A 590 -80.19 -24.96 19.46
C ASP A 590 -79.19 -24.11 18.68
N TYR A 591 -79.66 -22.93 18.28
CA TYR A 591 -78.82 -21.93 17.62
C TYR A 591 -78.99 -20.60 18.31
N SER A 592 -77.89 -19.89 18.49
CA SER A 592 -77.94 -18.54 19.06
C SER A 592 -78.70 -17.62 18.12
N PHE A 593 -79.65 -16.85 18.65
CA PHE A 593 -80.45 -15.95 17.84
C PHE A 593 -79.97 -14.51 17.88
N ILE A 594 -79.14 -14.16 18.87
CA ILE A 594 -78.55 -12.82 18.92
C ILE A 594 -77.56 -12.59 17.79
N ARG A 595 -77.20 -13.65 17.05
CA ARG A 595 -76.27 -13.49 15.94
C ARG A 595 -76.81 -12.53 14.90
N TYR A 596 -78.12 -12.53 14.67
CA TYR A 596 -78.70 -11.62 13.69
C TYR A 596 -78.63 -10.17 14.15
N TYR A 597 -78.92 -9.91 15.42
CA TYR A 597 -78.79 -8.55 15.94
C TYR A 597 -77.35 -8.07 15.89
N THR A 598 -76.42 -8.93 16.31
CA THR A 598 -75.01 -8.55 16.30
C THR A 598 -74.51 -8.33 14.87
N ARG A 599 -74.94 -9.16 13.93
CA ARG A 599 -74.50 -8.99 12.54
C ARG A 599 -75.14 -7.75 11.92
N THR A 600 -76.36 -7.40 12.32
CA THR A 600 -76.96 -6.15 11.86
C THR A 600 -76.16 -4.95 12.35
N LEU A 601 -75.81 -4.96 13.64
CA LEU A 601 -75.00 -3.88 14.19
C LEU A 601 -73.64 -3.82 13.49
N TYR A 602 -73.00 -4.97 13.30
CA TYR A 602 -71.71 -5.01 12.64
C TYR A 602 -71.80 -4.49 11.21
N GLN A 603 -72.83 -4.90 10.47
CA GLN A 603 -72.94 -4.50 9.07
C GLN A 603 -73.24 -3.01 8.96
N PHE A 604 -74.07 -2.47 9.86
CA PHE A 604 -74.31 -1.03 9.83
C PHE A 604 -73.03 -0.25 10.14
N GLN A 605 -72.29 -0.68 11.16
CA GLN A 605 -71.03 -0.01 11.48
C GLN A 605 -70.03 -0.11 10.33
N PHE A 606 -69.92 -1.29 9.72
CA PHE A 606 -69.01 -1.47 8.60
C PHE A 606 -69.40 -0.60 7.42
N GLN A 607 -70.70 -0.54 7.11
CA GLN A 607 -71.16 0.28 6.00
C GLN A 607 -70.87 1.76 6.27
N GLU A 608 -71.14 2.23 7.48
CA GLU A 608 -70.84 3.63 7.79
C GLU A 608 -69.35 3.92 7.69
N ALA A 609 -68.53 3.01 8.22
CA ALA A 609 -67.08 3.20 8.16
C ALA A 609 -66.58 3.22 6.71
N LEU A 610 -67.09 2.31 5.87
CA LEU A 610 -66.69 2.29 4.48
C LEU A 610 -67.12 3.56 3.76
N CYS A 611 -68.36 4.00 3.98
CA CYS A 611 -68.85 5.20 3.31
C CYS A 611 -68.05 6.42 3.74
N GLN A 612 -67.65 6.48 5.01
CA GLN A 612 -66.74 7.53 5.44
C GLN A 612 -65.39 7.41 4.75
N ALA A 613 -64.92 6.16 4.56
CA ALA A 613 -63.64 5.92 3.91
C ALA A 613 -63.74 5.87 2.38
N ALA A 614 -64.95 5.79 1.83
CA ALA A 614 -65.15 5.79 0.39
C ALA A 614 -65.59 7.15 -0.14
N LYS A 615 -65.30 8.22 0.61
CA LYS A 615 -65.62 9.61 0.28
C LYS A 615 -66.99 9.77 -0.39
N HIS A 616 -68.00 9.10 0.16
CA HIS A 616 -69.35 9.22 -0.35
C HIS A 616 -69.97 10.54 0.10
N GLU A 617 -70.75 11.15 -0.80
CA GLU A 617 -71.48 12.38 -0.50
C GLU A 617 -72.96 12.11 -0.73
N GLY A 618 -73.77 12.37 0.29
CA GLY A 618 -75.19 12.18 0.21
C GLY A 618 -75.72 11.23 1.27
N PRO A 619 -76.92 10.70 1.04
CA PRO A 619 -77.51 9.77 2.01
C PRO A 619 -76.71 8.48 2.13
N LEU A 620 -76.80 7.87 3.32
CA LEU A 620 -76.05 6.64 3.57
C LEU A 620 -76.55 5.49 2.71
N HIS A 621 -77.87 5.42 2.48
CA HIS A 621 -78.41 4.33 1.67
C HIS A 621 -78.04 4.47 0.19
N LYS A 622 -77.62 5.65 -0.23
CA LYS A 622 -77.16 5.87 -1.60
C LYS A 622 -75.65 5.71 -1.74
N CYS A 623 -74.97 5.33 -0.66
CA CYS A 623 -73.52 5.21 -0.66
C CYS A 623 -73.10 3.92 -1.35
N ASP A 624 -72.20 4.06 -2.33
CA ASP A 624 -71.65 2.93 -3.06
C ASP A 624 -70.13 2.94 -2.90
N ILE A 625 -69.55 1.76 -2.66
CA ILE A 625 -68.12 1.62 -2.50
C ILE A 625 -67.44 1.21 -3.80
N SER A 626 -68.12 1.38 -4.94
CA SER A 626 -67.54 1.04 -6.22
C SER A 626 -66.37 1.97 -6.54
N ASN A 627 -65.31 1.41 -7.12
CA ASN A 627 -64.12 2.16 -7.50
C ASN A 627 -63.53 2.90 -6.32
N SER A 628 -63.55 2.26 -5.15
CA SER A 628 -63.01 2.83 -3.91
C SER A 628 -62.02 1.84 -3.32
N THR A 629 -60.73 2.02 -3.65
CA THR A 629 -59.72 1.10 -3.14
C THR A 629 -59.44 1.33 -1.66
N GLU A 630 -59.66 2.56 -1.17
CA GLU A 630 -59.42 2.83 0.24
C GLU A 630 -60.38 2.04 1.12
N ALA A 631 -61.67 2.04 0.77
CA ALA A 631 -62.65 1.28 1.53
C ALA A 631 -62.36 -0.21 1.48
N GLY A 632 -61.99 -0.72 0.31
CA GLY A 632 -61.66 -2.13 0.20
C GLY A 632 -60.44 -2.52 1.02
N GLN A 633 -59.40 -1.68 1.02
CA GLN A 633 -58.23 -1.94 1.83
C GLN A 633 -58.56 -1.90 3.32
N LYS A 634 -59.36 -0.91 3.74
CA LYS A 634 -59.74 -0.82 5.14
C LYS A 634 -60.57 -2.02 5.57
N LEU A 635 -61.46 -2.50 4.70
CA LEU A 635 -62.23 -3.70 4.99
C LEU A 635 -61.32 -4.91 5.09
N PHE A 636 -60.41 -5.08 4.13
CA PHE A 636 -59.52 -6.24 4.11
C PHE A 636 -58.56 -6.24 5.29
N ASN A 637 -58.22 -5.07 5.85
CA ASN A 637 -57.41 -5.05 7.06
C ASN A 637 -58.08 -5.78 8.20
N MET A 638 -59.41 -5.90 8.16
CA MET A 638 -60.17 -6.67 9.14
C MET A 638 -60.54 -8.06 8.65
N LEU A 639 -60.80 -8.23 7.35
CA LEU A 639 -61.21 -9.53 6.83
C LEU A 639 -60.13 -10.58 7.07
N ARG A 640 -58.87 -10.23 6.87
CA ARG A 640 -57.78 -11.19 7.02
C ARG A 640 -57.58 -11.59 8.48
N LEU A 641 -57.97 -10.72 9.42
CA LEU A 641 -57.78 -11.05 10.83
C LEU A 641 -58.62 -12.25 11.24
N GLY A 642 -59.87 -12.30 10.81
CA GLY A 642 -60.74 -13.39 11.22
C GLY A 642 -60.91 -13.41 12.72
N LYS A 643 -60.73 -14.60 13.31
CA LYS A 643 -60.78 -14.76 14.76
C LYS A 643 -59.39 -14.82 15.38
N SER A 644 -58.34 -14.54 14.60
CA SER A 644 -56.99 -14.50 15.15
C SER A 644 -56.81 -13.35 16.13
N GLU A 645 -57.65 -12.33 16.04
CA GLU A 645 -57.61 -11.16 16.93
C GLU A 645 -59.00 -10.97 17.52
N PRO A 646 -59.07 -10.32 18.68
CA PRO A 646 -60.39 -10.06 19.29
C PRO A 646 -61.28 -9.24 18.36
N TRP A 647 -62.57 -9.59 18.35
CA TRP A 647 -63.51 -8.91 17.47
C TRP A 647 -63.67 -7.44 17.83
N THR A 648 -63.44 -7.08 19.10
CA THR A 648 -63.45 -5.68 19.49
C THR A 648 -62.34 -4.91 18.79
N LEU A 649 -61.16 -5.52 18.67
CA LEU A 649 -60.07 -4.88 17.94
C LEU A 649 -60.43 -4.67 16.48
N ALA A 650 -61.07 -5.67 15.86
CA ALA A 650 -61.50 -5.53 14.47
C ALA A 650 -62.54 -4.43 14.31
N LEU A 651 -63.48 -4.35 15.25
CA LEU A 651 -64.50 -3.31 15.20
C LEU A 651 -63.87 -1.93 15.35
N GLU A 652 -62.88 -1.80 16.23
CA GLU A 652 -62.15 -0.54 16.36
C GLU A 652 -61.40 -0.20 15.08
N ASN A 653 -60.78 -1.21 14.45
CA ASN A 653 -60.04 -0.98 13.23
C ASN A 653 -60.96 -0.53 12.09
N VAL A 654 -62.19 -1.04 12.06
CA VAL A 654 -63.09 -0.70 10.96
C VAL A 654 -63.81 0.61 11.24
N VAL A 655 -64.61 0.65 12.31
CA VAL A 655 -65.51 1.79 12.55
C VAL A 655 -64.94 2.77 13.57
N GLY A 656 -63.84 2.45 14.23
CA GLY A 656 -63.28 3.31 15.25
C GLY A 656 -63.86 3.13 16.64
N ALA A 657 -64.77 2.19 16.82
CA ALA A 657 -65.39 1.94 18.12
C ALA A 657 -65.19 0.47 18.50
N LYS A 658 -64.88 0.25 19.78
CA LYS A 658 -64.70 -1.09 20.31
C LYS A 658 -65.99 -1.69 20.86
N ASN A 659 -67.11 -0.97 20.75
CA ASN A 659 -68.37 -1.37 21.36
C ASN A 659 -69.49 -1.24 20.35
N MET A 660 -70.58 -1.98 20.60
CA MET A 660 -71.75 -1.92 19.75
C MET A 660 -72.39 -0.54 19.81
N ASN A 661 -72.91 -0.10 18.67
CA ASN A 661 -73.64 1.15 18.59
C ASN A 661 -74.49 1.15 17.33
N VAL A 662 -75.66 1.79 17.41
CA VAL A 662 -76.59 1.87 16.30
C VAL A 662 -76.62 3.27 15.70
N ARG A 663 -75.60 4.08 15.96
CA ARG A 663 -75.46 5.36 15.26
C ARG A 663 -75.43 5.19 13.74
N PRO A 664 -74.72 4.22 13.16
CA PRO A 664 -74.85 4.00 11.71
C PRO A 664 -76.28 3.69 11.29
N LEU A 665 -77.03 2.94 12.10
CA LEU A 665 -78.43 2.67 11.78
C LEU A 665 -79.25 3.95 11.79
N LEU A 666 -79.00 4.83 12.78
CA LEU A 666 -79.69 6.10 12.83
C LEU A 666 -79.35 6.96 11.62
N ASN A 667 -78.07 6.98 11.21
CA ASN A 667 -77.70 7.72 10.01
C ASN A 667 -78.38 7.15 8.77
N TYR A 668 -78.47 5.82 8.69
CA TYR A 668 -79.10 5.19 7.54
C TYR A 668 -80.58 5.52 7.45
N PHE A 669 -81.28 5.50 8.60
CA PHE A 669 -82.73 5.66 8.60
C PHE A 669 -83.19 7.07 9.00
N GLU A 670 -82.27 8.03 9.09
CA GLU A 670 -82.67 9.38 9.48
C GLU A 670 -83.71 10.00 8.53
N PRO A 671 -83.55 9.96 7.20
CA PRO A 671 -84.67 10.40 6.36
C PRO A 671 -85.94 9.60 6.60
N LEU A 672 -85.80 8.28 6.77
CA LEU A 672 -86.96 7.45 7.06
C LEU A 672 -87.51 7.75 8.45
N PHE A 673 -86.63 8.01 9.41
CA PHE A 673 -87.10 8.36 10.76
C PHE A 673 -87.91 9.65 10.72
N THR A 674 -87.43 10.67 10.02
CA THR A 674 -88.17 11.92 9.91
C THR A 674 -89.49 11.72 9.17
N TRP A 675 -89.48 10.91 8.10
CA TRP A 675 -90.72 10.65 7.37
C TRP A 675 -91.73 9.92 8.24
N LEU A 676 -91.29 8.93 9.00
CA LEU A 676 -92.19 8.20 9.89
C LEU A 676 -92.73 9.10 10.99
N LYS A 677 -91.89 9.96 11.56
CA LYS A 677 -92.36 10.90 12.57
C LYS A 677 -93.39 11.87 12.00
N ASP A 678 -93.16 12.35 10.77
CA ASP A 678 -94.13 13.24 10.14
C ASP A 678 -95.44 12.51 9.85
N GLN A 679 -95.37 11.26 9.41
CA GLN A 679 -96.58 10.52 9.09
C GLN A 679 -97.37 10.14 10.35
N ASN A 680 -96.69 9.86 11.45
CA ASN A 680 -97.33 9.44 12.69
C ASN A 680 -97.85 10.61 13.52
N LYS A 681 -97.99 11.80 12.93
CA LYS A 681 -98.58 12.91 13.66
C LYS A 681 -100.04 12.66 14.00
N ASN A 682 -100.73 11.82 13.24
CA ASN A 682 -102.10 11.44 13.51
C ASN A 682 -102.25 10.02 14.04
N SER A 683 -101.33 9.13 13.70
CA SER A 683 -101.36 7.74 14.18
C SER A 683 -100.64 7.63 15.51
N PHE A 684 -101.25 6.92 16.45
CA PHE A 684 -100.65 6.75 17.77
C PHE A 684 -99.34 6.00 17.67
N VAL A 685 -98.33 6.51 18.37
CA VAL A 685 -96.99 5.92 18.39
C VAL A 685 -96.84 5.11 19.66
N GLY A 686 -96.44 3.84 19.51
CA GLY A 686 -96.28 2.94 20.63
C GLY A 686 -97.19 1.73 20.49
N TRP A 687 -97.66 1.25 21.64
CA TRP A 687 -98.52 0.06 21.68
C TRP A 687 -99.20 0.00 23.03
N SER A 688 -100.26 -0.81 23.10
CA SER A 688 -100.99 -1.05 24.34
C SER A 688 -100.92 -2.53 24.66
N THR A 689 -100.21 -2.86 25.75
CA THR A 689 -100.06 -4.26 26.13
C THR A 689 -101.38 -4.88 26.58
N ASP A 690 -102.29 -4.07 27.12
CA ASP A 690 -103.53 -4.59 27.65
C ASP A 690 -104.43 -5.15 26.54
N TRP A 691 -104.50 -4.46 25.41
CA TRP A 691 -105.41 -4.88 24.35
C TRP A 691 -104.95 -6.20 23.72
N SER A 692 -105.92 -7.06 23.43
CA SER A 692 -105.68 -8.33 22.76
C SER A 692 -106.82 -8.62 21.82
N PRO A 693 -106.55 -9.29 20.69
CA PRO A 693 -107.64 -9.63 19.75
C PRO A 693 -108.68 -10.56 20.36
N TYR A 694 -108.29 -11.40 21.32
CA TYR A 694 -109.22 -12.34 21.93
C TYR A 694 -110.05 -11.73 23.04
N ALA A 695 -109.82 -10.47 23.40
CA ALA A 695 -110.60 -9.77 24.41
C ALA A 695 -111.44 -8.70 23.74
N ASP A 696 -112.73 -8.69 24.03
CA ASP A 696 -113.65 -7.72 23.46
C ASP A 696 -113.94 -6.59 24.43
N ALA B 27 -27.48 28.28 -46.49
CA ALA B 27 -26.50 28.93 -47.33
C ALA B 27 -25.08 28.53 -46.91
N TYR B 28 -24.19 28.41 -47.90
CA TYR B 28 -22.81 28.03 -47.66
C TYR B 28 -21.90 28.79 -48.60
N THR B 29 -20.65 28.95 -48.20
CA THR B 29 -19.67 29.62 -49.04
C THR B 29 -18.27 29.13 -48.69
N ASN B 30 -17.33 29.39 -49.59
CA ASN B 30 -15.95 29.00 -49.33
C ASN B 30 -15.36 29.84 -48.20
N SER B 31 -14.60 29.18 -47.32
CA SER B 31 -13.90 29.86 -46.26
C SER B 31 -12.48 30.27 -46.65
N PHE B 32 -11.97 29.75 -47.75
CA PHE B 32 -10.64 30.13 -48.27
C PHE B 32 -9.56 29.85 -47.24
N THR B 33 -8.94 30.92 -46.72
CA THR B 33 -7.85 30.78 -45.77
C THR B 33 -7.99 31.76 -44.60
N ARG B 34 -9.18 31.92 -44.07
CA ARG B 34 -9.39 32.78 -42.91
C ARG B 34 -9.24 31.97 -41.63
N GLY B 35 -9.60 32.58 -40.51
CA GLY B 35 -9.55 31.88 -39.23
C GLY B 35 -8.16 31.46 -38.80
N VAL B 36 -7.18 32.36 -38.91
CA VAL B 36 -5.82 32.10 -38.49
C VAL B 36 -5.48 33.07 -37.36
N TYR B 37 -5.05 32.51 -36.23
CA TYR B 37 -4.79 33.30 -35.03
C TYR B 37 -3.54 32.78 -34.35
N TYR B 38 -2.84 33.69 -33.67
CA TYR B 38 -1.62 33.34 -32.98
C TYR B 38 -1.91 32.28 -31.91
N PRO B 39 -1.21 31.14 -31.93
CA PRO B 39 -1.49 30.10 -30.93
C PRO B 39 -1.24 30.55 -29.51
N ASP B 40 -0.28 31.44 -29.28
CA ASP B 40 0.07 31.87 -27.94
C ASP B 40 0.74 33.24 -28.03
N LYS B 41 1.35 33.66 -26.92
CA LYS B 41 2.07 34.92 -26.87
C LYS B 41 3.55 34.77 -27.16
N VAL B 42 3.94 33.70 -27.85
CA VAL B 42 5.33 33.45 -28.15
C VAL B 42 5.77 34.33 -29.31
N PHE B 43 6.95 34.93 -29.19
CA PHE B 43 7.55 35.68 -30.27
C PHE B 43 8.57 34.82 -30.99
N ARG B 44 8.57 34.88 -32.32
CA ARG B 44 9.54 34.19 -33.15
C ARG B 44 10.00 35.16 -34.23
N SER B 45 10.86 34.68 -35.14
CA SER B 45 11.45 35.57 -36.14
C SER B 45 11.70 34.77 -37.41
N SER B 46 10.76 34.86 -38.36
CA SER B 46 10.89 34.22 -39.67
C SER B 46 11.23 32.74 -39.52
N VAL B 47 10.58 32.08 -38.57
CA VAL B 47 10.79 30.67 -38.29
C VAL B 47 9.48 29.94 -38.54
N LEU B 48 9.50 28.98 -39.47
CA LEU B 48 8.36 28.11 -39.64
C LEU B 48 8.12 27.33 -38.36
N HIS B 49 6.86 27.28 -37.93
CA HIS B 49 6.53 26.62 -36.68
C HIS B 49 5.32 25.74 -36.88
N SER B 50 5.38 24.51 -36.36
CA SER B 50 4.29 23.56 -36.45
C SER B 50 3.58 23.49 -35.10
N THR B 51 2.26 23.53 -35.13
CA THR B 51 1.47 23.46 -33.90
C THR B 51 0.14 22.77 -34.17
N GLN B 52 -0.30 21.96 -33.21
CA GLN B 52 -1.57 21.24 -33.29
C GLN B 52 -2.55 21.90 -32.33
N ASP B 53 -3.67 22.39 -32.86
CA ASP B 53 -4.64 23.09 -32.04
C ASP B 53 -5.95 23.19 -32.81
N LEU B 54 -6.93 23.88 -32.24
CA LEU B 54 -8.19 24.11 -32.92
C LEU B 54 -8.03 25.22 -33.95
N PHE B 55 -8.52 24.99 -35.16
CA PHE B 55 -8.39 25.97 -36.22
C PHE B 55 -9.58 25.86 -37.17
N LEU B 56 -9.64 26.80 -38.10
CA LEU B 56 -10.61 26.74 -39.17
C LEU B 56 -10.03 25.94 -40.32
N PRO B 57 -10.59 24.78 -40.66
CA PRO B 57 -10.06 24.01 -41.79
C PRO B 57 -10.11 24.83 -43.07
N PHE B 58 -9.05 24.69 -43.87
CA PHE B 58 -8.92 25.51 -45.07
C PHE B 58 -10.03 25.20 -46.07
N PHE B 59 -10.60 26.25 -46.64
CA PHE B 59 -11.55 26.15 -47.73
C PHE B 59 -12.79 25.33 -47.37
N SER B 60 -13.07 25.18 -46.08
CA SER B 60 -14.32 24.56 -45.67
C SER B 60 -15.49 25.46 -46.02
N ASN B 61 -16.69 24.88 -46.03
CA ASN B 61 -17.89 25.64 -46.36
C ASN B 61 -18.44 26.27 -45.09
N VAL B 62 -18.22 27.57 -44.96
CA VAL B 62 -18.75 28.35 -43.84
C VAL B 62 -20.19 28.72 -44.14
N THR B 63 -21.05 28.58 -43.13
CA THR B 63 -22.45 28.92 -43.26
C THR B 63 -22.62 30.43 -43.41
N TRP B 64 -23.64 30.81 -44.18
CA TRP B 64 -23.92 32.22 -44.44
C TRP B 64 -25.26 32.58 -43.83
N PHE B 65 -25.37 33.83 -43.38
CA PHE B 65 -26.60 34.33 -42.79
C PHE B 65 -26.84 35.75 -43.30
N HIS B 66 -28.01 36.29 -42.98
CA HIS B 66 -28.39 37.64 -43.37
C HIS B 66 -29.28 38.23 -42.29
N ALA B 67 -29.48 39.54 -42.35
CA ALA B 67 -30.28 40.28 -41.38
C ALA B 67 -31.32 41.13 -42.10
N ILE B 68 -32.01 40.54 -43.06
CA ILE B 68 -33.02 41.23 -43.84
C ILE B 68 -34.30 40.41 -43.84
N HIS B 69 -35.43 41.11 -43.76
CA HIS B 69 -36.76 40.50 -43.79
C HIS B 69 -36.94 39.48 -42.67
N ASP B 80 -33.77 37.30 -37.96
CA ASP B 80 -32.98 36.32 -38.70
C ASP B 80 -31.67 36.03 -37.99
N ASN B 81 -31.76 35.76 -36.69
CA ASN B 81 -30.60 35.43 -35.86
C ASN B 81 -30.90 34.16 -35.06
N PRO B 82 -30.84 33.01 -35.70
CA PRO B 82 -31.12 31.75 -34.99
C PRO B 82 -30.03 31.42 -33.98
N VAL B 83 -30.35 30.48 -33.10
CA VAL B 83 -29.38 29.98 -32.13
C VAL B 83 -28.53 28.92 -32.79
N LEU B 84 -27.21 29.04 -32.65
CA LEU B 84 -26.31 28.06 -33.23
C LEU B 84 -25.50 27.37 -32.13
N PRO B 85 -25.17 26.09 -32.31
CA PRO B 85 -24.37 25.39 -31.31
C PRO B 85 -22.94 25.93 -31.28
N PHE B 86 -22.36 25.99 -30.08
CA PHE B 86 -21.01 26.50 -29.94
C PHE B 86 -19.96 25.47 -30.35
N ASN B 87 -20.21 24.20 -30.07
CA ASN B 87 -19.26 23.10 -30.33
C ASN B 87 -17.94 23.44 -29.64
N ASP B 88 -16.81 23.16 -30.27
CA ASP B 88 -15.49 23.49 -29.72
C ASP B 88 -15.01 24.76 -30.42
N GLY B 89 -15.46 25.90 -29.92
CA GLY B 89 -15.06 27.17 -30.49
C GLY B 89 -15.80 27.49 -31.78
N VAL B 90 -15.96 28.79 -32.06
CA VAL B 90 -16.63 29.27 -33.26
C VAL B 90 -15.81 30.40 -33.85
N TYR B 91 -15.62 30.36 -35.16
CA TYR B 91 -15.07 31.49 -35.90
C TYR B 91 -16.21 32.29 -36.48
N PHE B 92 -16.20 33.60 -36.24
CA PHE B 92 -17.24 34.50 -36.68
C PHE B 92 -16.64 35.57 -37.58
N ALA B 93 -17.39 35.96 -38.60
CA ALA B 93 -16.96 37.01 -39.50
C ALA B 93 -18.14 37.92 -39.80
N SER B 94 -17.89 39.23 -39.83
CA SER B 94 -18.93 40.20 -40.09
C SER B 94 -18.45 41.23 -41.09
N THR B 95 -19.29 41.54 -42.07
CA THR B 95 -19.07 42.62 -43.00
C THR B 95 -19.96 43.78 -42.57
N GLU B 96 -19.36 44.81 -41.97
CA GLU B 96 -20.10 45.88 -41.35
C GLU B 96 -19.69 47.22 -41.94
N LYS B 97 -20.67 48.13 -41.99
CA LYS B 97 -20.43 49.52 -42.35
C LYS B 97 -21.16 50.50 -41.45
N SER B 98 -22.11 50.04 -40.62
CA SER B 98 -22.85 50.93 -39.74
C SER B 98 -23.04 50.36 -38.34
N ASN B 99 -22.31 49.29 -37.99
CA ASN B 99 -22.34 48.69 -36.66
C ASN B 99 -23.76 48.26 -36.27
N ILE B 100 -24.27 47.29 -37.01
CA ILE B 100 -25.59 46.72 -36.72
C ILE B 100 -25.48 45.54 -35.76
N ILE B 101 -24.52 44.65 -35.99
CA ILE B 101 -24.28 43.55 -35.07
C ILE B 101 -23.53 44.09 -33.86
N ARG B 102 -24.14 44.00 -32.69
CA ARG B 102 -23.56 44.62 -31.50
C ARG B 102 -23.62 43.75 -30.26
N GLY B 103 -24.04 42.49 -30.36
CA GLY B 103 -24.18 41.67 -29.18
C GLY B 103 -23.87 40.21 -29.46
N TRP B 104 -23.31 39.55 -28.45
CA TRP B 104 -23.00 38.13 -28.47
C TRP B 104 -23.53 37.49 -27.20
N ILE B 105 -24.24 36.37 -27.36
CA ILE B 105 -24.75 35.59 -26.24
C ILE B 105 -24.17 34.19 -26.33
N PHE B 106 -23.58 33.72 -25.24
CA PHE B 106 -22.95 32.40 -25.18
C PHE B 106 -23.42 31.67 -23.93
N GLY B 107 -23.65 30.37 -24.07
CA GLY B 107 -24.05 29.56 -22.94
C GLY B 107 -24.62 28.24 -23.38
N THR B 108 -25.42 27.65 -22.50
CA THR B 108 -26.08 26.37 -22.73
C THR B 108 -27.59 26.43 -22.58
N THR B 109 -28.09 27.22 -21.64
CA THR B 109 -29.53 27.32 -21.40
C THR B 109 -30.14 28.58 -22.00
N LEU B 110 -29.52 29.73 -21.75
CA LEU B 110 -29.95 31.01 -22.35
C LEU B 110 -31.37 31.36 -21.94
N ASP B 111 -31.66 31.25 -20.65
CA ASP B 111 -32.98 31.56 -20.13
C ASP B 111 -32.92 32.30 -18.79
N SER B 112 -31.80 32.96 -18.50
CA SER B 112 -31.57 33.66 -17.23
C SER B 112 -31.53 32.68 -16.07
N LYS B 113 -31.61 31.38 -16.35
CA LYS B 113 -31.50 30.39 -15.28
C LYS B 113 -30.07 30.27 -14.79
N THR B 114 -29.11 30.21 -15.70
CA THR B 114 -27.70 30.10 -15.37
C THR B 114 -26.95 31.31 -15.90
N GLN B 115 -25.72 31.47 -15.42
CA GLN B 115 -24.88 32.55 -15.92
C GLN B 115 -24.49 32.31 -17.37
N SER B 116 -24.52 33.36 -18.16
CA SER B 116 -24.21 33.29 -19.57
C SER B 116 -23.33 34.47 -19.95
N LEU B 117 -22.62 34.32 -21.06
CA LEU B 117 -21.70 35.36 -21.53
C LEU B 117 -22.45 36.34 -22.43
N LEU B 118 -22.54 37.58 -21.99
CA LEU B 118 -23.18 38.64 -22.76
C LEU B 118 -22.14 39.67 -23.12
N ILE B 119 -22.02 39.96 -24.40
CA ILE B 119 -21.08 40.95 -24.90
C ILE B 119 -21.88 41.99 -25.68
N VAL B 120 -21.73 43.26 -25.30
CA VAL B 120 -22.48 44.34 -25.92
C VAL B 120 -21.51 45.47 -26.26
N ASN B 121 -21.54 45.90 -27.51
CA ASN B 121 -20.77 47.06 -27.95
C ASN B 121 -21.74 48.23 -28.08
N ASN B 122 -21.76 49.08 -27.06
CA ASN B 122 -22.64 50.24 -27.04
C ASN B 122 -21.81 51.50 -27.27
N ALA B 123 -22.15 52.25 -28.31
CA ALA B 123 -21.39 53.42 -28.75
C ALA B 123 -19.93 53.07 -28.95
N THR B 124 -19.05 53.65 -28.13
CA THR B 124 -17.62 53.42 -28.21
C THR B 124 -17.11 52.58 -27.03
N ASN B 125 -17.98 51.79 -26.42
CA ASN B 125 -17.64 51.01 -25.25
C ASN B 125 -18.01 49.55 -25.46
N VAL B 126 -17.20 48.65 -24.93
CA VAL B 126 -17.44 47.22 -24.99
C VAL B 126 -17.65 46.73 -23.56
N VAL B 127 -18.79 46.09 -23.32
CA VAL B 127 -19.18 45.64 -21.99
C VAL B 127 -19.39 44.13 -22.04
N ILE B 128 -18.73 43.42 -21.14
CA ILE B 128 -18.84 41.97 -21.03
C ILE B 128 -19.37 41.64 -19.65
N LYS B 129 -20.43 40.83 -19.60
CA LYS B 129 -21.05 40.44 -18.35
C LYS B 129 -21.33 38.95 -18.36
N VAL B 130 -21.48 38.39 -17.17
CA VAL B 130 -21.79 36.98 -17.01
C VAL B 130 -23.08 36.85 -16.21
N CYS B 131 -23.82 37.95 -16.10
CA CYS B 131 -25.03 37.98 -15.30
C CYS B 131 -26.11 37.08 -15.89
N GLU B 132 -27.15 36.84 -15.10
CA GLU B 132 -28.32 36.11 -15.56
C GLU B 132 -29.40 37.11 -15.97
N PHE B 133 -29.10 37.86 -17.02
CA PHE B 133 -30.03 38.85 -17.54
C PHE B 133 -31.29 38.16 -18.07
N GLN B 134 -32.41 38.84 -17.91
CA GLN B 134 -33.68 38.31 -18.39
C GLN B 134 -33.67 38.34 -19.91
N PHE B 135 -33.32 37.21 -20.51
CA PHE B 135 -33.17 37.12 -21.96
C PHE B 135 -34.54 37.11 -22.63
N CYS B 136 -34.68 37.92 -23.68
CA CYS B 136 -35.92 37.98 -24.43
C CYS B 136 -36.00 36.80 -25.40
N ASN B 137 -37.14 36.72 -26.11
CA ASN B 137 -37.29 35.69 -27.14
C ASN B 137 -36.24 35.87 -28.22
N ASP B 138 -36.13 37.08 -28.76
CA ASP B 138 -35.09 37.44 -29.72
C ASP B 138 -34.49 38.76 -29.26
N PRO B 139 -33.65 38.72 -28.23
CA PRO B 139 -33.16 39.97 -27.62
C PRO B 139 -32.37 40.82 -28.59
N PHE B 140 -32.52 42.13 -28.45
CA PHE B 140 -31.78 43.11 -29.23
C PHE B 140 -31.78 44.42 -28.46
N LEU B 141 -31.35 45.50 -29.10
CA LEU B 141 -31.27 46.81 -28.48
C LEU B 141 -32.04 47.82 -29.31
N GLY B 142 -32.78 48.69 -28.63
CA GLY B 142 -33.53 49.74 -29.29
C GLY B 142 -32.66 50.96 -29.52
N VAL B 143 -32.78 51.54 -30.71
CA VAL B 143 -32.00 52.71 -31.09
C VAL B 143 -32.41 53.92 -30.25
N ASN B 165 -26.79 35.99 -11.22
CA ASN B 165 -25.43 35.91 -10.69
C ASN B 165 -24.44 36.61 -11.62
N CYS B 166 -23.83 37.68 -11.11
CA CYS B 166 -22.79 38.42 -11.85
C CYS B 166 -21.45 38.11 -11.19
N THR B 167 -20.76 37.10 -11.72
CA THR B 167 -19.44 36.73 -11.23
C THR B 167 -18.31 37.39 -12.00
N PHE B 168 -18.62 38.27 -12.95
CA PHE B 168 -17.60 38.97 -13.72
C PHE B 168 -18.23 40.14 -14.45
N GLU B 169 -17.43 41.17 -14.67
CA GLU B 169 -17.86 42.33 -15.46
C GLU B 169 -16.63 43.05 -15.97
N TYR B 170 -16.62 43.37 -17.26
CA TYR B 170 -15.55 44.14 -17.86
C TYR B 170 -16.13 45.25 -18.72
N VAL B 171 -15.44 46.39 -18.75
CA VAL B 171 -15.84 47.55 -19.51
C VAL B 171 -14.63 48.05 -20.31
N SER B 172 -14.85 48.33 -21.59
CA SER B 172 -13.80 48.91 -22.43
C SER B 172 -13.86 50.43 -22.39
N PHE B 186 -19.14 45.63 -48.14
CA PHE B 186 -18.94 46.47 -46.96
C PHE B 186 -17.53 47.01 -46.90
N LYS B 187 -17.22 47.71 -45.82
CA LYS B 187 -15.90 48.30 -45.63
C LYS B 187 -15.13 47.70 -44.46
N ASN B 188 -15.81 47.33 -43.38
CA ASN B 188 -15.14 46.79 -42.20
C ASN B 188 -15.38 45.29 -42.14
N LEU B 189 -14.34 44.50 -42.39
CA LEU B 189 -14.41 43.08 -42.12
C LEU B 189 -13.87 42.83 -40.72
N ARG B 190 -14.75 42.40 -39.82
CA ARG B 190 -14.38 42.11 -38.44
C ARG B 190 -14.45 40.60 -38.25
N GLU B 191 -13.30 39.99 -38.01
CA GLU B 191 -13.20 38.55 -37.77
C GLU B 191 -12.88 38.32 -36.30
N PHE B 192 -13.49 37.27 -35.75
CA PHE B 192 -13.28 36.92 -34.35
C PHE B 192 -13.24 35.40 -34.24
N VAL B 193 -12.52 34.93 -33.23
CA VAL B 193 -12.46 33.52 -32.90
C VAL B 193 -12.72 33.37 -31.41
N PHE B 194 -13.66 32.52 -31.05
CA PHE B 194 -14.02 32.28 -29.66
C PHE B 194 -13.76 30.82 -29.34
N LYS B 195 -13.07 30.56 -28.23
CA LYS B 195 -12.90 29.18 -27.82
C LYS B 195 -12.72 29.12 -26.31
N ASN B 196 -12.95 27.93 -25.76
CA ASN B 196 -12.85 27.72 -24.31
C ASN B 196 -11.99 26.51 -24.04
N ILE B 197 -10.96 26.70 -23.20
CA ILE B 197 -10.11 25.61 -22.76
C ILE B 197 -9.77 25.81 -21.29
N ASP B 198 -9.99 24.76 -20.49
CA ASP B 198 -9.65 24.77 -19.06
C ASP B 198 -10.33 25.93 -18.34
N GLY B 199 -11.59 26.18 -18.68
CA GLY B 199 -12.31 27.25 -18.05
C GLY B 199 -11.92 28.63 -18.49
N TYR B 200 -11.07 28.74 -19.51
CA TYR B 200 -10.61 30.02 -20.03
C TYR B 200 -11.28 30.27 -21.38
N PHE B 201 -11.98 31.39 -21.48
CA PHE B 201 -12.57 31.85 -22.73
C PHE B 201 -11.58 32.79 -23.40
N LYS B 202 -11.14 32.43 -24.60
CA LYS B 202 -10.20 33.22 -25.37
C LYS B 202 -10.90 33.75 -26.61
N ILE B 203 -10.75 35.05 -26.85
CA ILE B 203 -11.38 35.75 -27.94
C ILE B 203 -10.30 36.51 -28.70
N TYR B 204 -10.16 36.19 -29.98
CA TYR B 204 -9.17 36.79 -30.86
C TYR B 204 -9.90 37.62 -31.91
N SER B 205 -9.38 38.81 -32.19
CA SER B 205 -10.09 39.76 -33.04
C SER B 205 -9.18 40.28 -34.15
N LYS B 206 -9.83 40.80 -35.19
CA LYS B 206 -9.11 41.46 -36.27
C LYS B 206 -10.08 42.32 -37.07
N HIS B 207 -9.77 43.61 -37.18
CA HIS B 207 -10.55 44.55 -37.99
C HIS B 207 -9.75 44.91 -39.22
N THR B 208 -10.37 44.79 -40.40
CA THR B 208 -9.69 45.06 -41.65
C THR B 208 -10.57 45.92 -42.55
N PRO B 209 -9.95 46.74 -43.40
CA PRO B 209 -10.72 47.45 -44.44
C PRO B 209 -10.87 46.60 -45.68
N ILE B 210 -12.09 46.57 -46.22
CA ILE B 210 -12.40 45.77 -47.39
C ILE B 210 -13.22 46.59 -48.37
N ASN B 211 -13.18 46.17 -49.64
CA ASN B 211 -14.03 46.71 -50.70
C ASN B 211 -14.64 45.51 -51.42
N LEU B 212 -15.73 44.98 -50.85
CA LEU B 212 -16.37 43.78 -51.36
C LEU B 212 -17.67 43.57 -50.60
N VAL B 213 -18.66 42.99 -51.28
CA VAL B 213 -19.96 42.76 -50.67
C VAL B 213 -20.50 41.36 -50.91
N ARG B 214 -19.96 40.57 -51.84
CA ARG B 214 -20.57 39.31 -52.18
C ARG B 214 -20.42 38.28 -51.06
N ASP B 215 -19.22 38.14 -50.52
CA ASP B 215 -18.91 37.11 -49.53
C ASP B 215 -17.56 37.44 -48.90
N LEU B 216 -17.03 36.50 -48.14
CA LEU B 216 -15.78 36.71 -47.43
C LEU B 216 -14.61 36.84 -48.40
N PRO B 217 -13.85 37.92 -48.35
CA PRO B 217 -12.69 38.06 -49.23
C PRO B 217 -11.61 37.05 -48.86
N GLN B 218 -10.85 36.65 -49.87
CA GLN B 218 -9.73 35.75 -49.67
C GLN B 218 -8.48 36.56 -49.32
N GLY B 219 -7.33 35.88 -49.29
CA GLY B 219 -6.07 36.48 -48.90
C GLY B 219 -5.51 35.81 -47.66
N PHE B 220 -5.03 36.62 -46.72
CA PHE B 220 -4.51 36.10 -45.47
C PHE B 220 -4.53 37.19 -44.43
N SER B 221 -4.86 36.81 -43.19
CA SER B 221 -4.90 37.75 -42.08
C SER B 221 -4.86 36.97 -40.77
N ALA B 222 -4.18 37.53 -39.78
CA ALA B 222 -4.07 36.91 -38.48
C ALA B 222 -5.11 37.50 -37.52
N LEU B 223 -5.21 36.90 -36.33
CA LEU B 223 -6.10 37.40 -35.28
C LEU B 223 -5.35 37.32 -33.96
N GLU B 224 -4.72 38.44 -33.58
CA GLU B 224 -4.03 38.49 -32.31
C GLU B 224 -5.03 38.34 -31.17
N PRO B 225 -4.60 37.80 -30.03
CA PRO B 225 -5.51 37.68 -28.90
C PRO B 225 -6.02 39.04 -28.47
N LEU B 226 -7.31 39.09 -28.15
CA LEU B 226 -7.94 40.31 -27.68
C LEU B 226 -8.33 40.21 -26.21
N VAL B 227 -9.05 39.16 -25.83
CA VAL B 227 -9.52 39.02 -24.45
C VAL B 227 -9.31 37.58 -24.00
N ASP B 228 -8.91 37.41 -22.75
CA ASP B 228 -8.86 36.09 -22.13
C ASP B 228 -9.48 36.18 -20.75
N LEU B 229 -10.47 35.34 -20.47
CA LEU B 229 -11.22 35.41 -19.23
C LEU B 229 -11.28 34.05 -18.56
N PRO B 230 -10.89 33.94 -17.30
CA PRO B 230 -11.02 32.68 -16.56
C PRO B 230 -12.46 32.45 -16.07
N ILE B 231 -13.42 32.60 -16.98
CA ILE B 231 -14.82 32.53 -16.60
C ILE B 231 -15.20 31.14 -16.10
N GLY B 232 -14.77 30.09 -16.82
CA GLY B 232 -15.09 28.75 -16.41
C GLY B 232 -16.49 28.27 -16.74
N ILE B 233 -17.26 29.05 -17.48
CA ILE B 233 -18.62 28.67 -17.84
C ILE B 233 -18.58 27.68 -19.00
N ASN B 234 -19.19 26.52 -18.82
CA ASN B 234 -19.36 25.58 -19.91
C ASN B 234 -20.37 26.14 -20.91
N ILE B 235 -20.03 26.12 -22.19
CA ILE B 235 -20.84 26.74 -23.24
C ILE B 235 -21.07 25.71 -24.34
N THR B 236 -22.31 25.59 -24.78
CA THR B 236 -22.68 24.70 -25.86
C THR B 236 -23.39 25.40 -27.02
N ARG B 237 -24.03 26.54 -26.78
CA ARG B 237 -24.76 27.26 -27.80
C ARG B 237 -24.40 28.74 -27.75
N PHE B 238 -24.77 29.44 -28.82
CA PHE B 238 -24.51 30.88 -28.89
C PHE B 238 -25.46 31.50 -29.90
N GLN B 239 -25.59 32.83 -29.82
CA GLN B 239 -26.40 33.58 -30.75
C GLN B 239 -25.95 35.03 -30.75
N THR B 240 -25.93 35.64 -31.94
CA THR B 240 -25.53 37.03 -32.08
C THR B 240 -26.72 37.95 -31.86
N LEU B 241 -26.42 39.22 -31.61
CA LEU B 241 -27.44 40.23 -31.37
C LEU B 241 -27.24 41.41 -32.30
N LEU B 242 -28.36 41.95 -32.79
CA LEU B 242 -28.38 43.02 -33.77
C LEU B 242 -29.04 44.26 -33.16
N ALA B 243 -29.16 45.30 -33.96
CA ALA B 243 -29.82 46.55 -33.57
C ALA B 243 -30.97 46.83 -34.53
N LEU B 244 -32.11 47.22 -33.98
CA LEU B 244 -33.30 47.48 -34.77
C LEU B 244 -33.86 48.85 -34.41
N HIS B 245 -34.57 49.46 -35.35
CA HIS B 245 -35.15 50.78 -35.14
C HIS B 245 -36.64 50.69 -34.83
N ALA B 263 -27.56 43.42 -43.23
CA ALA B 263 -26.18 42.97 -43.37
C ALA B 263 -26.10 41.44 -43.33
N ALA B 264 -24.88 40.92 -43.41
CA ALA B 264 -24.64 39.49 -43.41
C ALA B 264 -23.43 39.14 -42.55
N TYR B 265 -23.43 37.91 -42.04
CA TYR B 265 -22.31 37.39 -41.27
C TYR B 265 -22.07 35.93 -41.62
N TYR B 266 -20.98 35.39 -41.10
CA TYR B 266 -20.50 34.07 -41.46
C TYR B 266 -20.00 33.36 -40.21
N VAL B 267 -20.26 32.05 -40.14
CA VAL B 267 -19.89 31.24 -38.98
C VAL B 267 -19.23 29.96 -39.45
N GLY B 268 -18.08 29.63 -38.85
CA GLY B 268 -17.42 28.37 -39.09
C GLY B 268 -17.07 27.70 -37.79
N TYR B 269 -16.85 26.39 -37.87
CA TYR B 269 -16.55 25.58 -36.70
C TYR B 269 -15.11 25.10 -36.75
N LEU B 270 -14.39 25.33 -35.66
CA LEU B 270 -12.99 24.93 -35.58
C LEU B 270 -12.88 23.45 -35.24
N GLN B 271 -11.82 22.84 -35.74
CA GLN B 271 -11.52 21.43 -35.56
C GLN B 271 -10.07 21.27 -35.14
N PRO B 272 -9.74 20.17 -34.48
CA PRO B 272 -8.34 19.92 -34.14
C PRO B 272 -7.52 19.60 -35.37
N ARG B 273 -6.63 20.52 -35.75
CA ARG B 273 -5.81 20.35 -36.92
C ARG B 273 -4.37 20.76 -36.59
N THR B 274 -3.45 20.25 -37.39
CA THR B 274 -2.05 20.63 -37.32
C THR B 274 -1.77 21.68 -38.39
N PHE B 275 -1.06 22.73 -38.00
CA PHE B 275 -0.80 23.86 -38.89
C PHE B 275 0.68 24.20 -38.88
N LEU B 276 1.13 24.74 -40.01
CA LEU B 276 2.46 25.32 -40.13
C LEU B 276 2.30 26.81 -40.37
N LEU B 277 2.95 27.61 -39.55
CA LEU B 277 2.85 29.05 -39.59
C LEU B 277 4.20 29.65 -39.95
N LYS B 278 4.17 30.69 -40.78
CA LYS B 278 5.38 31.39 -41.21
C LYS B 278 5.34 32.80 -40.63
N TYR B 279 5.97 32.98 -39.47
CA TYR B 279 6.12 34.32 -38.93
C TYR B 279 7.05 35.14 -39.82
N ASN B 280 6.90 36.45 -39.77
CA ASN B 280 7.83 37.35 -40.43
C ASN B 280 9.06 37.50 -39.54
N GLU B 281 9.93 38.46 -39.86
CA GLU B 281 11.06 38.73 -38.99
C GLU B 281 10.60 39.28 -37.64
N ASN B 282 9.65 40.22 -37.63
CA ASN B 282 9.15 40.75 -36.37
C ASN B 282 7.86 40.05 -35.94
N GLY B 283 7.91 38.72 -35.96
CA GLY B 283 6.88 37.93 -35.29
C GLY B 283 5.45 38.21 -35.74
N THR B 284 5.22 38.32 -37.04
CA THR B 284 3.89 38.50 -37.59
C THR B 284 3.59 37.36 -38.54
N ILE B 285 2.42 36.74 -38.37
CA ILE B 285 2.04 35.58 -39.17
C ILE B 285 1.76 36.06 -40.59
N THR B 286 2.59 35.64 -41.54
CA THR B 286 2.44 36.02 -42.93
C THR B 286 1.65 35.01 -43.74
N ASP B 287 1.80 33.73 -43.46
CA ASP B 287 1.09 32.70 -44.20
C ASP B 287 1.04 31.43 -43.36
N ALA B 288 0.12 30.54 -43.72
CA ALA B 288 -0.08 29.32 -42.96
C ALA B 288 -0.52 28.21 -43.90
N VAL B 289 -0.31 26.97 -43.45
CA VAL B 289 -0.71 25.78 -44.20
C VAL B 289 -1.34 24.80 -43.23
N ASP B 290 -2.53 24.31 -43.58
CA ASP B 290 -3.17 23.24 -42.84
C ASP B 290 -2.68 21.90 -43.37
N CYS B 291 -2.19 21.05 -42.48
CA CYS B 291 -1.61 19.78 -42.91
C CYS B 291 -2.67 18.86 -43.50
N ALA B 292 -3.78 18.68 -42.78
CA ALA B 292 -4.79 17.69 -43.17
C ALA B 292 -5.75 18.23 -44.23
N LEU B 293 -5.20 18.74 -45.32
CA LEU B 293 -5.99 19.24 -46.44
C LEU B 293 -5.83 18.37 -47.68
N ASP B 294 -4.59 18.17 -48.12
CA ASP B 294 -4.30 17.43 -49.34
C ASP B 294 -2.86 16.95 -49.25
N PRO B 295 -2.46 15.98 -50.08
CA PRO B 295 -1.10 15.44 -49.98
C PRO B 295 -0.01 16.50 -50.06
N LEU B 296 -0.20 17.53 -50.88
CA LEU B 296 0.78 18.62 -50.92
C LEU B 296 0.91 19.28 -49.55
N SER B 297 -0.22 19.49 -48.87
CA SER B 297 -0.18 20.10 -47.54
C SER B 297 0.57 19.24 -46.55
N GLU B 298 0.33 17.94 -46.57
CA GLU B 298 1.05 17.04 -45.66
C GLU B 298 2.53 17.04 -45.97
N THR B 299 2.89 17.07 -47.25
CA THR B 299 4.30 17.15 -47.62
C THR B 299 4.94 18.42 -47.05
N LYS B 300 4.25 19.55 -47.21
CA LYS B 300 4.78 20.81 -46.68
C LYS B 300 4.95 20.75 -45.18
N CYS B 301 3.96 20.18 -44.48
CA CYS B 301 4.06 20.07 -43.02
C CYS B 301 5.22 19.17 -42.60
N THR B 302 5.40 18.06 -43.30
CA THR B 302 6.50 17.16 -42.96
C THR B 302 7.84 17.83 -43.18
N LEU B 303 7.99 18.56 -44.28
CA LEU B 303 9.27 19.17 -44.59
C LEU B 303 9.49 20.51 -43.91
N LYS B 304 8.51 20.98 -43.13
CA LYS B 304 8.66 22.21 -42.34
C LYS B 304 8.98 23.43 -43.20
N SER B 305 8.64 23.37 -44.48
CA SER B 305 8.93 24.46 -45.39
C SER B 305 7.74 24.67 -46.33
N PHE B 306 7.42 25.94 -46.57
CA PHE B 306 6.38 26.24 -47.54
C PHE B 306 6.77 25.78 -48.93
N THR B 307 8.02 26.00 -49.31
CA THR B 307 8.53 25.50 -50.58
C THR B 307 9.06 24.08 -50.38
N VAL B 308 8.71 23.20 -51.30
CA VAL B 308 9.12 21.80 -51.24
C VAL B 308 9.80 21.46 -52.57
N GLU B 309 10.98 20.86 -52.47
CA GLU B 309 11.74 20.51 -53.65
C GLU B 309 11.08 19.36 -54.40
N LYS B 310 11.38 19.28 -55.70
CA LYS B 310 10.86 18.20 -56.53
C LYS B 310 11.42 16.87 -56.06
N GLY B 311 10.52 15.96 -55.68
CA GLY B 311 10.95 14.68 -55.17
C GLY B 311 9.78 13.87 -54.66
N ILE B 312 10.10 12.86 -53.86
CA ILE B 312 9.13 11.98 -53.23
C ILE B 312 9.38 11.97 -51.73
N TYR B 313 8.31 12.06 -50.95
CA TYR B 313 8.45 12.16 -49.50
C TYR B 313 7.32 11.39 -48.82
N GLN B 314 7.65 10.74 -47.70
CA GLN B 314 6.65 10.06 -46.91
C GLN B 314 5.87 11.07 -46.08
N THR B 315 4.57 10.82 -45.93
CA THR B 315 3.71 11.67 -45.13
C THR B 315 3.16 10.94 -43.91
N SER B 316 2.51 9.79 -44.11
CA SER B 316 1.91 9.06 -43.01
C SER B 316 1.85 7.58 -43.38
N ASN B 317 1.15 6.81 -42.55
CA ASN B 317 0.97 5.38 -42.77
C ASN B 317 -0.51 5.11 -42.92
N PHE B 318 -0.90 4.59 -44.09
CA PHE B 318 -2.28 4.23 -44.33
C PHE B 318 -2.54 2.82 -43.81
N ARG B 319 -3.67 2.65 -43.11
CA ARG B 319 -4.06 1.38 -42.53
C ARG B 319 -5.53 1.13 -42.83
N VAL B 320 -5.90 -0.15 -42.85
CA VAL B 320 -7.28 -0.57 -43.06
C VAL B 320 -7.84 -0.95 -41.70
N GLN B 321 -8.82 -0.20 -41.23
CA GLN B 321 -9.41 -0.50 -39.94
C GLN B 321 -10.37 -1.68 -40.06
N PRO B 322 -10.55 -2.43 -38.96
CA PRO B 322 -11.49 -3.56 -39.00
C PRO B 322 -12.92 -3.07 -39.21
N THR B 323 -13.71 -3.89 -39.90
CA THR B 323 -15.10 -3.55 -40.16
C THR B 323 -15.98 -3.92 -38.97
N GLU B 324 -15.89 -5.16 -38.51
CA GLU B 324 -16.60 -5.58 -37.30
C GLU B 324 -15.76 -6.63 -36.59
N SER B 325 -16.30 -7.15 -35.48
CA SER B 325 -15.64 -8.18 -34.69
C SER B 325 -16.50 -9.43 -34.69
N ILE B 326 -15.88 -10.57 -34.96
CA ILE B 326 -16.55 -11.86 -34.94
C ILE B 326 -15.87 -12.76 -33.91
N VAL B 327 -16.66 -13.30 -32.99
CA VAL B 327 -16.17 -14.23 -31.98
C VAL B 327 -16.66 -15.62 -32.37
N ARG B 328 -15.75 -16.59 -32.39
CA ARG B 328 -16.04 -17.90 -32.93
C ARG B 328 -15.78 -18.97 -31.87
N PHE B 329 -16.80 -19.78 -31.60
CA PHE B 329 -16.73 -20.93 -30.71
C PHE B 329 -17.53 -22.07 -31.34
N PRO B 330 -17.20 -23.32 -31.00
CA PRO B 330 -17.92 -24.45 -31.59
C PRO B 330 -19.37 -24.45 -31.18
N ASN B 331 -20.18 -25.19 -31.95
CA ASN B 331 -21.61 -25.16 -31.75
C ASN B 331 -22.00 -25.87 -30.46
N ILE B 332 -23.28 -25.76 -30.12
CA ILE B 332 -23.76 -26.07 -28.77
C ILE B 332 -24.26 -27.51 -28.72
N THR B 333 -23.78 -28.35 -29.63
CA THR B 333 -24.23 -29.74 -29.68
C THR B 333 -23.97 -30.45 -28.35
N ASN B 334 -22.80 -30.22 -27.76
CA ASN B 334 -22.43 -30.88 -26.50
C ASN B 334 -23.04 -30.15 -25.30
N LEU B 335 -24.36 -30.21 -25.23
CA LEU B 335 -25.09 -29.55 -24.14
C LEU B 335 -25.31 -30.52 -22.99
N CYS B 336 -25.21 -30.01 -21.77
CA CYS B 336 -25.53 -30.79 -20.59
C CYS B 336 -27.04 -30.99 -20.49
N PRO B 337 -27.49 -32.00 -19.73
CA PRO B 337 -28.93 -32.29 -19.66
C PRO B 337 -29.71 -31.21 -18.92
N PHE B 338 -29.82 -30.03 -19.51
CA PHE B 338 -30.62 -28.97 -18.91
C PHE B 338 -32.12 -29.21 -19.13
N GLY B 339 -32.49 -29.86 -20.23
CA GLY B 339 -33.87 -30.20 -20.49
C GLY B 339 -34.38 -31.39 -19.73
N GLU B 340 -33.52 -32.06 -18.99
CA GLU B 340 -33.88 -33.22 -18.18
C GLU B 340 -34.41 -32.83 -16.81
N VAL B 341 -34.50 -31.53 -16.51
CA VAL B 341 -35.11 -31.05 -15.29
C VAL B 341 -36.24 -30.05 -15.58
N PHE B 342 -36.01 -29.12 -16.49
CA PHE B 342 -37.07 -28.17 -16.85
C PHE B 342 -38.27 -28.88 -17.43
N ASN B 343 -38.04 -29.73 -18.43
CA ASN B 343 -39.11 -30.62 -18.90
C ASN B 343 -39.14 -31.91 -18.09
N ALA B 344 -38.04 -32.66 -18.12
CA ALA B 344 -37.85 -33.85 -17.29
C ALA B 344 -38.94 -34.90 -17.52
N THR B 345 -38.94 -35.94 -16.69
CA THR B 345 -40.01 -36.92 -16.65
C THR B 345 -40.51 -37.21 -15.25
N ARG B 346 -39.70 -37.05 -14.22
CA ARG B 346 -40.11 -37.23 -12.83
C ARG B 346 -39.08 -36.57 -11.94
N PHE B 347 -39.55 -35.84 -10.94
CA PHE B 347 -38.70 -35.11 -10.01
C PHE B 347 -38.59 -35.87 -8.69
N ALA B 348 -37.63 -35.46 -7.88
CA ALA B 348 -37.45 -36.01 -6.56
C ALA B 348 -38.06 -35.10 -5.51
N SER B 349 -38.20 -35.63 -4.30
CA SER B 349 -38.69 -34.84 -3.19
C SER B 349 -37.68 -33.76 -2.82
N VAL B 350 -38.17 -32.70 -2.17
CA VAL B 350 -37.31 -31.56 -1.88
C VAL B 350 -36.21 -31.94 -0.89
N TYR B 351 -36.55 -32.73 0.13
CA TYR B 351 -35.52 -33.18 1.07
C TYR B 351 -34.48 -34.05 0.39
N ALA B 352 -34.84 -34.70 -0.71
CA ALA B 352 -33.95 -35.55 -1.49
C ALA B 352 -33.70 -34.96 -2.87
N TRP B 353 -33.46 -33.65 -2.90
CA TRP B 353 -33.23 -32.95 -4.16
C TRP B 353 -32.05 -33.56 -4.91
N ASN B 354 -32.24 -33.79 -6.21
CA ASN B 354 -31.21 -34.44 -7.00
C ASN B 354 -30.21 -33.39 -7.52
N ARG B 355 -28.94 -33.61 -7.23
CA ARG B 355 -27.88 -32.74 -7.71
C ARG B 355 -27.20 -33.41 -8.90
N LYS B 356 -27.15 -32.69 -10.02
CA LYS B 356 -26.44 -33.11 -11.22
C LYS B 356 -25.25 -32.18 -11.41
N ARG B 357 -24.06 -32.75 -11.51
CA ARG B 357 -22.90 -31.94 -11.86
C ARG B 357 -22.96 -31.58 -13.33
N ILE B 358 -22.57 -30.35 -13.65
CA ILE B 358 -22.58 -29.83 -15.00
C ILE B 358 -21.17 -29.34 -15.29
N SER B 359 -20.51 -29.97 -16.26
CA SER B 359 -19.15 -29.64 -16.66
C SER B 359 -18.86 -30.37 -17.96
N ASN B 360 -17.81 -29.92 -18.64
CA ASN B 360 -17.40 -30.49 -19.93
C ASN B 360 -18.56 -30.50 -20.92
N CYS B 361 -19.33 -29.42 -20.92
CA CYS B 361 -20.53 -29.33 -21.75
C CYS B 361 -20.88 -27.86 -21.93
N VAL B 362 -21.63 -27.59 -23.00
CA VAL B 362 -22.08 -26.24 -23.25
C VAL B 362 -23.32 -25.93 -22.42
N ALA B 363 -23.62 -24.65 -22.28
CA ALA B 363 -24.75 -24.23 -21.46
C ALA B 363 -25.33 -22.95 -22.05
N ASP B 364 -26.53 -23.03 -22.58
CA ASP B 364 -27.25 -21.86 -23.09
C ASP B 364 -28.43 -21.60 -22.16
N TYR B 365 -28.28 -20.59 -21.30
CA TYR B 365 -29.33 -20.22 -20.37
C TYR B 365 -30.31 -19.22 -20.95
N SER B 366 -30.04 -18.69 -22.15
CA SER B 366 -30.97 -17.76 -22.78
C SER B 366 -32.30 -18.45 -23.13
N VAL B 367 -32.22 -19.66 -23.68
CA VAL B 367 -33.45 -20.40 -24.00
C VAL B 367 -34.23 -20.71 -22.73
N LEU B 368 -33.52 -21.10 -21.67
CA LEU B 368 -34.19 -21.37 -20.40
C LEU B 368 -34.84 -20.10 -19.86
N TYR B 369 -34.16 -18.96 -19.98
CA TYR B 369 -34.71 -17.70 -19.51
C TYR B 369 -35.95 -17.31 -20.29
N ASN B 370 -35.92 -17.48 -21.61
CA ASN B 370 -36.97 -17.01 -22.50
C ASN B 370 -38.02 -18.07 -22.79
N SER B 371 -37.94 -19.23 -22.14
CA SER B 371 -38.95 -20.27 -22.35
C SER B 371 -40.33 -19.82 -21.95
N ALA B 372 -40.44 -18.81 -21.07
CA ALA B 372 -41.72 -18.23 -20.67
C ALA B 372 -42.65 -19.28 -20.08
N SER B 373 -42.09 -20.19 -19.30
CA SER B 373 -42.89 -21.22 -18.65
C SER B 373 -42.50 -21.43 -17.18
N PHE B 374 -41.69 -20.55 -16.61
CA PHE B 374 -41.21 -20.69 -15.25
C PHE B 374 -41.81 -19.59 -14.37
N SER B 375 -42.45 -20.02 -13.27
CA SER B 375 -43.11 -19.06 -12.39
C SER B 375 -42.12 -18.10 -11.74
N THR B 376 -40.99 -18.63 -11.27
CA THR B 376 -39.97 -17.84 -10.58
C THR B 376 -38.66 -17.98 -11.32
N PHE B 377 -37.97 -16.85 -11.54
CA PHE B 377 -36.66 -16.84 -12.19
C PHE B 377 -35.83 -15.77 -11.48
N LYS B 378 -35.08 -16.19 -10.47
CA LYS B 378 -34.29 -15.26 -9.65
C LYS B 378 -32.83 -15.69 -9.69
N CYS B 379 -32.03 -14.95 -10.44
CA CYS B 379 -30.60 -15.24 -10.53
C CYS B 379 -29.86 -14.36 -9.53
N TYR B 380 -29.33 -15.00 -8.48
CA TYR B 380 -28.66 -14.28 -7.40
C TYR B 380 -27.17 -14.22 -7.71
N GLY B 381 -26.66 -13.01 -7.91
CA GLY B 381 -25.23 -12.82 -8.14
C GLY B 381 -24.89 -12.37 -9.54
N VAL B 382 -25.59 -12.91 -10.54
CA VAL B 382 -25.27 -12.62 -11.93
C VAL B 382 -26.55 -12.73 -12.74
N SER B 383 -26.75 -11.79 -13.66
CA SER B 383 -27.96 -11.76 -14.46
C SER B 383 -28.05 -13.00 -15.35
N PRO B 384 -29.26 -13.55 -15.54
CA PRO B 384 -29.38 -14.76 -16.38
C PRO B 384 -28.90 -14.55 -17.81
N THR B 385 -29.09 -13.37 -18.37
CA THR B 385 -28.67 -13.13 -19.75
C THR B 385 -27.15 -13.19 -19.88
N LYS B 386 -26.43 -12.58 -18.94
CA LYS B 386 -24.98 -12.49 -19.04
C LYS B 386 -24.27 -13.76 -18.59
N LEU B 387 -24.85 -14.51 -17.66
CA LEU B 387 -24.19 -15.74 -17.21
C LEU B 387 -24.18 -16.82 -18.28
N ASN B 388 -25.04 -16.69 -19.30
CA ASN B 388 -24.97 -17.63 -20.42
C ASN B 388 -23.61 -17.55 -21.11
N ASP B 389 -23.20 -16.34 -21.50
CA ASP B 389 -21.86 -16.15 -22.05
C ASP B 389 -20.87 -15.94 -20.92
N LEU B 390 -20.87 -16.83 -19.94
CA LEU B 390 -19.97 -16.76 -18.80
C LEU B 390 -19.59 -18.17 -18.40
N CYS B 391 -18.30 -18.40 -18.24
CA CYS B 391 -17.77 -19.73 -17.99
C CYS B 391 -17.74 -20.04 -16.50
N PHE B 392 -18.08 -21.28 -16.16
CA PHE B 392 -18.02 -21.77 -14.79
C PHE B 392 -17.39 -23.16 -14.80
N THR B 393 -16.54 -23.42 -13.80
CA THR B 393 -15.90 -24.72 -13.72
C THR B 393 -16.91 -25.84 -13.51
N ASN B 394 -17.89 -25.61 -12.65
CA ASN B 394 -18.94 -26.59 -12.39
C ASN B 394 -20.24 -25.86 -12.12
N VAL B 395 -21.34 -26.48 -12.53
CA VAL B 395 -22.68 -25.98 -12.23
C VAL B 395 -23.46 -27.10 -11.58
N TYR B 396 -23.90 -26.89 -10.35
CA TYR B 396 -24.68 -27.88 -9.63
C TYR B 396 -26.16 -27.61 -9.87
N ALA B 397 -26.83 -28.57 -10.50
CA ALA B 397 -28.26 -28.46 -10.79
C ALA B 397 -29.01 -29.25 -9.71
N ASP B 398 -29.68 -28.53 -8.82
CA ASP B 398 -30.41 -29.13 -7.70
C ASP B 398 -31.89 -29.07 -8.04
N SER B 399 -32.46 -30.22 -8.40
CA SER B 399 -33.85 -30.31 -8.83
C SER B 399 -34.69 -30.91 -7.72
N PHE B 400 -35.85 -30.31 -7.48
CA PHE B 400 -36.74 -30.77 -6.42
C PHE B 400 -38.14 -30.21 -6.68
N VAL B 401 -39.09 -30.64 -5.86
CA VAL B 401 -40.48 -30.20 -5.97
C VAL B 401 -40.93 -29.70 -4.60
N ILE B 402 -41.52 -28.50 -4.58
CA ILE B 402 -42.04 -27.90 -3.37
C ILE B 402 -43.45 -27.39 -3.62
N ARG B 403 -44.03 -26.75 -2.61
CA ARG B 403 -45.32 -26.12 -2.76
C ARG B 403 -45.17 -24.71 -3.33
N GLY B 404 -46.30 -24.13 -3.72
CA GLY B 404 -46.28 -22.77 -4.24
C GLY B 404 -45.87 -21.76 -3.18
N ASP B 405 -46.32 -21.97 -1.93
CA ASP B 405 -45.95 -21.06 -0.86
C ASP B 405 -44.48 -21.14 -0.52
N GLU B 406 -43.88 -22.32 -0.65
CA GLU B 406 -42.50 -22.54 -0.26
C GLU B 406 -41.49 -22.03 -1.28
N VAL B 407 -41.95 -21.54 -2.43
CA VAL B 407 -41.04 -21.09 -3.48
C VAL B 407 -40.15 -19.96 -2.98
N ARG B 408 -40.73 -19.02 -2.23
CA ARG B 408 -39.94 -17.91 -1.69
C ARG B 408 -38.86 -18.38 -0.73
N GLN B 409 -39.01 -19.58 -0.16
CA GLN B 409 -38.01 -20.09 0.77
C GLN B 409 -36.72 -20.51 0.07
N ILE B 410 -36.74 -20.64 -1.26
CA ILE B 410 -35.52 -21.04 -2.00
C ILE B 410 -34.84 -19.73 -2.40
N ALA B 411 -34.05 -19.20 -1.48
CA ALA B 411 -33.26 -17.99 -1.70
C ALA B 411 -32.23 -17.88 -0.59
N PRO B 412 -31.11 -17.20 -0.82
CA PRO B 412 -30.12 -17.02 0.25
C PRO B 412 -30.72 -16.29 1.44
N GLY B 413 -30.36 -16.75 2.63
CA GLY B 413 -30.87 -16.16 3.86
C GLY B 413 -32.37 -16.30 4.03
N GLN B 414 -32.93 -17.46 3.70
CA GLN B 414 -34.36 -17.69 3.84
C GLN B 414 -34.65 -18.69 4.96
N THR B 415 -35.88 -18.63 5.46
CA THR B 415 -36.35 -19.51 6.53
C THR B 415 -37.52 -20.35 6.02
N GLY B 416 -38.12 -21.10 6.93
CA GLY B 416 -39.19 -22.02 6.61
C GLY B 416 -38.72 -23.47 6.65
N LYS B 417 -39.70 -24.37 6.54
CA LYS B 417 -39.40 -25.79 6.58
C LYS B 417 -38.47 -26.18 5.44
N ILE B 418 -38.75 -25.69 4.23
CA ILE B 418 -37.94 -26.07 3.07
C ILE B 418 -36.54 -25.44 3.16
N ALA B 419 -36.48 -24.16 3.53
CA ALA B 419 -35.19 -23.47 3.56
C ALA B 419 -34.29 -23.94 4.69
N ASP B 420 -34.86 -24.57 5.73
CA ASP B 420 -34.09 -24.98 6.89
C ASP B 420 -33.82 -26.47 6.93
N TYR B 421 -34.83 -27.31 6.74
CA TYR B 421 -34.68 -28.75 6.87
C TYR B 421 -34.49 -29.47 5.54
N ASN B 422 -35.00 -28.91 4.44
CA ASN B 422 -35.00 -29.58 3.15
C ASN B 422 -33.84 -29.14 2.26
N TYR B 423 -33.61 -27.84 2.14
CA TYR B 423 -32.51 -27.33 1.31
C TYR B 423 -32.24 -25.90 1.69
N LYS B 424 -31.00 -25.60 2.08
CA LYS B 424 -30.58 -24.26 2.46
C LYS B 424 -29.59 -23.72 1.44
N LEU B 425 -29.91 -22.58 0.87
CA LEU B 425 -29.00 -21.93 -0.07
C LEU B 425 -27.90 -21.18 0.68
N PRO B 426 -26.70 -21.12 0.10
CA PRO B 426 -25.63 -20.33 0.73
C PRO B 426 -25.96 -18.85 0.69
N ASP B 427 -25.41 -18.13 1.67
CA ASP B 427 -25.56 -16.67 1.67
C ASP B 427 -24.89 -16.06 0.43
N ASP B 428 -23.74 -16.59 0.05
CA ASP B 428 -23.05 -16.17 -1.18
C ASP B 428 -23.50 -17.03 -2.37
N PHE B 429 -24.81 -17.12 -2.57
CA PHE B 429 -25.36 -17.95 -3.63
C PHE B 429 -25.17 -17.25 -4.97
N THR B 430 -24.28 -17.78 -5.79
CA THR B 430 -23.96 -17.21 -7.09
C THR B 430 -24.79 -17.81 -8.21
N GLY B 431 -25.71 -18.72 -7.91
CA GLY B 431 -26.51 -19.39 -8.91
C GLY B 431 -27.87 -18.72 -9.10
N CYS B 432 -28.81 -19.51 -9.61
CA CYS B 432 -30.16 -19.05 -9.89
C CYS B 432 -31.17 -20.02 -9.30
N VAL B 433 -32.36 -19.52 -9.03
CA VAL B 433 -33.49 -20.31 -8.58
C VAL B 433 -34.58 -20.20 -9.63
N ILE B 434 -35.02 -21.35 -10.15
CA ILE B 434 -36.05 -21.39 -11.18
C ILE B 434 -37.18 -22.29 -10.70
N ALA B 435 -38.39 -21.77 -10.71
CA ALA B 435 -39.57 -22.49 -10.27
C ALA B 435 -40.64 -22.43 -11.35
N TRP B 436 -41.36 -23.54 -11.51
CA TRP B 436 -42.46 -23.56 -12.47
C TRP B 436 -43.50 -24.57 -11.99
N ASN B 437 -44.77 -24.25 -12.24
CA ASN B 437 -45.85 -25.09 -11.76
C ASN B 437 -45.79 -26.47 -12.41
N SER B 438 -45.96 -27.50 -11.59
CA SER B 438 -46.03 -28.88 -12.04
C SER B 438 -47.35 -29.52 -11.61
N ASN B 439 -48.41 -28.71 -11.53
CA ASN B 439 -49.72 -29.22 -11.13
C ASN B 439 -50.21 -30.28 -12.10
N ASN B 440 -50.05 -30.04 -13.40
CA ASN B 440 -50.45 -31.03 -14.40
C ASN B 440 -49.51 -32.22 -14.43
N LEU B 441 -48.35 -32.13 -13.77
CA LEU B 441 -47.36 -33.19 -13.75
C LEU B 441 -47.24 -33.87 -12.40
N ASP B 442 -47.03 -33.09 -11.34
CA ASP B 442 -46.74 -33.64 -10.02
C ASP B 442 -47.93 -33.57 -9.07
N SER B 443 -49.16 -33.50 -9.59
CA SER B 443 -50.35 -33.55 -8.76
C SER B 443 -51.37 -34.48 -9.41
N LYS B 444 -52.25 -35.03 -8.56
CA LYS B 444 -53.26 -35.96 -9.03
C LYS B 444 -54.47 -35.89 -8.10
N VAL B 445 -55.59 -36.42 -8.58
CA VAL B 445 -56.80 -36.43 -7.78
C VAL B 445 -56.59 -37.32 -6.56
N GLY B 446 -56.97 -36.81 -5.39
CA GLY B 446 -56.76 -37.50 -4.14
C GLY B 446 -55.43 -37.22 -3.48
N GLY B 447 -54.55 -36.47 -4.13
CA GLY B 447 -53.29 -36.09 -3.53
C GLY B 447 -52.10 -36.88 -4.06
N ASN B 448 -51.12 -36.18 -4.63
CA ASN B 448 -49.87 -36.80 -5.05
C ASN B 448 -48.93 -36.81 -3.85
N TYR B 449 -48.76 -37.98 -3.24
CA TYR B 449 -47.98 -38.13 -2.02
C TYR B 449 -46.57 -38.62 -2.27
N ASN B 450 -46.13 -38.66 -3.54
CA ASN B 450 -44.78 -39.12 -3.84
C ASN B 450 -43.73 -38.18 -3.25
N TYR B 451 -43.94 -36.88 -3.35
CA TYR B 451 -42.97 -35.91 -2.87
C TYR B 451 -43.16 -35.67 -1.38
N LEU B 452 -42.04 -35.62 -0.65
CA LEU B 452 -42.05 -35.39 0.78
C LEU B 452 -41.18 -34.19 1.11
N TYR B 453 -41.57 -33.44 2.14
CA TYR B 453 -40.81 -32.30 2.60
C TYR B 453 -40.43 -32.52 4.07
N ARG B 454 -39.18 -32.23 4.39
CA ARG B 454 -38.67 -32.50 5.73
C ARG B 454 -39.32 -31.53 6.70
N LEU B 455 -40.39 -31.98 7.38
CA LEU B 455 -41.12 -31.13 8.30
C LEU B 455 -40.38 -30.96 9.62
N PHE B 456 -39.60 -31.96 10.04
CA PHE B 456 -38.89 -31.92 11.31
C PHE B 456 -37.43 -32.28 11.08
N ARG B 457 -36.56 -31.65 11.87
CA ARG B 457 -35.14 -31.96 11.85
C ARG B 457 -34.51 -31.43 13.13
N LYS B 458 -33.44 -32.10 13.56
CA LYS B 458 -32.76 -31.69 14.79
C LYS B 458 -32.19 -30.28 14.69
N SER B 459 -31.85 -29.84 13.47
CA SER B 459 -31.31 -28.51 13.26
C SER B 459 -31.67 -28.08 11.84
N ASN B 460 -31.05 -26.99 11.39
CA ASN B 460 -31.25 -26.51 10.02
C ASN B 460 -30.27 -27.24 9.10
N LEU B 461 -30.21 -26.81 7.84
CA LEU B 461 -29.31 -27.40 6.86
C LEU B 461 -28.19 -26.42 6.52
N LYS B 462 -26.99 -26.97 6.33
CA LYS B 462 -25.88 -26.19 5.83
C LYS B 462 -26.11 -25.87 4.35
N PRO B 463 -25.42 -24.86 3.82
CA PRO B 463 -25.52 -24.59 2.39
C PRO B 463 -25.10 -25.81 1.57
N PHE B 464 -25.86 -26.07 0.51
CA PHE B 464 -25.62 -27.20 -0.40
C PHE B 464 -25.58 -28.53 0.37
N GLU B 465 -26.49 -28.69 1.33
CA GLU B 465 -26.61 -29.90 2.10
C GLU B 465 -27.95 -30.58 1.82
N ARG B 466 -27.93 -31.89 1.67
CA ARG B 466 -29.13 -32.69 1.47
C ARG B 466 -29.28 -33.64 2.64
N ASP B 467 -30.47 -33.65 3.24
CA ASP B 467 -30.76 -34.53 4.37
C ASP B 467 -31.65 -35.66 3.90
N ILE B 468 -31.18 -36.89 4.08
CA ILE B 468 -31.93 -38.09 3.72
C ILE B 468 -32.28 -38.94 4.92
N SER B 469 -31.66 -38.71 6.07
CA SER B 469 -31.94 -39.51 7.25
C SER B 469 -33.42 -39.42 7.63
N THR B 470 -34.03 -40.58 7.87
CA THR B 470 -35.45 -40.69 8.20
C THR B 470 -35.66 -41.02 9.67
N GLU B 471 -34.70 -40.65 10.53
CA GLU B 471 -34.82 -40.91 11.96
C GLU B 471 -36.03 -40.18 12.53
N ILE B 472 -36.82 -40.88 13.35
CA ILE B 472 -38.01 -40.29 13.94
C ILE B 472 -37.61 -39.11 14.81
N TYR B 473 -38.14 -37.94 14.49
CA TYR B 473 -37.79 -36.74 15.24
C TYR B 473 -38.41 -36.79 16.64
N GLN B 474 -37.58 -36.64 17.66
CA GLN B 474 -38.01 -36.70 19.06
C GLN B 474 -38.16 -35.27 19.56
N ALA B 475 -39.41 -34.80 19.62
CA ALA B 475 -39.66 -33.43 20.06
C ALA B 475 -39.44 -33.29 21.56
N GLY B 476 -39.95 -34.24 22.35
CA GLY B 476 -39.86 -34.20 23.78
C GLY B 476 -38.84 -35.18 24.33
N SER B 477 -39.06 -35.59 25.57
CA SER B 477 -38.17 -36.54 26.24
C SER B 477 -38.60 -37.99 26.06
N THR B 478 -39.74 -38.24 25.42
CA THR B 478 -40.21 -39.60 25.23
C THR B 478 -39.40 -40.28 24.13
N PRO B 479 -38.73 -41.39 24.42
CA PRO B 479 -37.97 -42.09 23.37
C PRO B 479 -38.87 -42.58 22.26
N CYS B 480 -38.37 -42.51 21.03
CA CYS B 480 -39.15 -42.95 19.88
C CYS B 480 -38.94 -44.44 19.61
N ASN B 481 -37.73 -44.95 19.85
CA ASN B 481 -37.40 -46.35 19.63
C ASN B 481 -37.68 -46.78 18.19
N GLY B 482 -37.46 -45.88 17.25
CA GLY B 482 -37.65 -46.17 15.85
C GLY B 482 -39.07 -46.07 15.34
N VAL B 483 -40.03 -45.75 16.21
CA VAL B 483 -41.43 -45.63 15.82
C VAL B 483 -41.97 -44.30 16.31
N GLU B 484 -43.04 -43.86 15.66
CA GLU B 484 -43.69 -42.62 16.05
C GLU B 484 -44.56 -42.82 17.29
N GLY B 485 -44.88 -41.71 17.94
CA GLY B 485 -45.70 -41.74 19.14
C GLY B 485 -45.86 -40.36 19.76
N PHE B 486 -45.91 -40.30 21.08
CA PHE B 486 -45.98 -39.01 21.75
C PHE B 486 -44.63 -38.31 21.67
N ASN B 487 -44.64 -37.08 21.14
CA ASN B 487 -43.42 -36.31 20.89
C ASN B 487 -42.44 -37.06 20.01
N CYS B 488 -42.96 -37.82 19.05
CA CYS B 488 -42.14 -38.58 18.11
C CYS B 488 -42.85 -38.58 16.77
N TYR B 489 -42.29 -37.85 15.80
CA TYR B 489 -42.91 -37.69 14.50
C TYR B 489 -41.87 -37.92 13.40
N PHE B 490 -42.35 -38.42 12.27
CA PHE B 490 -41.47 -38.66 11.14
C PHE B 490 -40.94 -37.32 10.61
N PRO B 491 -39.65 -37.21 10.32
CA PRO B 491 -39.11 -35.92 9.88
C PRO B 491 -39.69 -35.43 8.57
N LEU B 492 -40.21 -36.32 7.74
CA LEU B 492 -40.74 -35.97 6.43
C LEU B 492 -42.26 -36.04 6.46
N GLN B 493 -42.91 -34.99 5.98
CA GLN B 493 -44.35 -34.96 5.80
C GLN B 493 -44.68 -35.00 4.32
N SER B 494 -45.78 -35.68 4.00
CA SER B 494 -46.12 -35.93 2.61
C SER B 494 -46.85 -34.73 2.01
N TYR B 495 -46.43 -34.34 0.81
CA TYR B 495 -47.10 -33.26 0.10
C TYR B 495 -48.50 -33.66 -0.32
N GLY B 496 -49.44 -32.74 -0.14
CA GLY B 496 -50.78 -32.92 -0.68
C GLY B 496 -50.94 -32.18 -2.00
N PHE B 497 -50.82 -32.91 -3.11
CA PHE B 497 -50.83 -32.32 -4.45
C PHE B 497 -52.06 -32.79 -5.19
N GLN B 498 -53.02 -31.89 -5.40
CA GLN B 498 -54.21 -32.14 -6.18
C GLN B 498 -54.37 -31.07 -7.24
N PRO B 499 -54.96 -31.39 -8.38
CA PRO B 499 -55.26 -30.35 -9.37
C PRO B 499 -56.24 -29.31 -8.87
N THR B 500 -57.05 -29.63 -7.86
CA THR B 500 -58.02 -28.71 -7.29
C THR B 500 -57.46 -27.90 -6.14
N ASN B 501 -56.22 -28.15 -5.73
CA ASN B 501 -55.63 -27.40 -4.64
C ASN B 501 -55.30 -25.98 -5.08
N GLY B 502 -55.04 -25.12 -4.10
CA GLY B 502 -54.67 -23.75 -4.39
C GLY B 502 -53.28 -23.64 -4.96
N VAL B 503 -52.95 -22.44 -5.42
CA VAL B 503 -51.64 -22.19 -6.02
C VAL B 503 -50.54 -22.45 -5.00
N GLY B 504 -50.77 -22.06 -3.74
CA GLY B 504 -49.79 -22.32 -2.70
C GLY B 504 -49.60 -23.79 -2.40
N TYR B 505 -50.56 -24.64 -2.79
CA TYR B 505 -50.45 -26.08 -2.61
C TYR B 505 -50.18 -26.83 -3.90
N GLN B 506 -50.25 -26.17 -5.05
CA GLN B 506 -49.92 -26.84 -6.30
C GLN B 506 -48.43 -27.18 -6.33
N PRO B 507 -48.08 -28.35 -6.86
CA PRO B 507 -46.66 -28.70 -6.94
C PRO B 507 -45.90 -27.79 -7.89
N TYR B 508 -44.69 -27.42 -7.50
CA TYR B 508 -43.82 -26.58 -8.30
C TYR B 508 -42.43 -27.21 -8.35
N ARG B 509 -41.93 -27.43 -9.56
CA ARG B 509 -40.58 -27.92 -9.75
C ARG B 509 -39.62 -26.74 -9.68
N VAL B 510 -38.59 -26.87 -8.83
CA VAL B 510 -37.60 -25.82 -8.62
C VAL B 510 -36.22 -26.41 -8.82
N VAL B 511 -35.40 -25.72 -9.60
CA VAL B 511 -34.01 -26.08 -9.86
C VAL B 511 -33.12 -24.93 -9.43
N VAL B 512 -32.09 -25.25 -8.67
CA VAL B 512 -31.07 -24.30 -8.24
C VAL B 512 -29.82 -24.57 -9.07
N LEU B 513 -29.35 -23.56 -9.77
CA LEU B 513 -28.15 -23.65 -10.60
C LEU B 513 -27.03 -22.92 -9.89
N SER B 514 -26.16 -23.69 -9.22
CA SER B 514 -25.03 -23.12 -8.47
C SER B 514 -23.83 -23.12 -9.40
N PHE B 515 -23.47 -21.94 -9.91
CA PHE B 515 -22.31 -21.79 -10.80
C PHE B 515 -21.07 -21.60 -9.94
N GLU B 516 -20.51 -22.72 -9.50
CA GLU B 516 -19.38 -22.65 -8.60
C GLU B 516 -18.13 -22.20 -9.34
N LEU B 517 -17.18 -21.65 -8.59
CA LEU B 517 -15.88 -21.27 -9.11
C LEU B 517 -14.81 -21.98 -8.29
N LEU B 518 -13.84 -22.58 -8.98
CA LEU B 518 -12.87 -23.44 -8.33
C LEU B 518 -11.57 -23.40 -9.13
N HIS B 519 -10.50 -23.92 -8.50
CA HIS B 519 -9.20 -23.95 -9.15
C HIS B 519 -9.18 -24.80 -10.41
N ALA B 520 -10.12 -25.73 -10.55
CA ALA B 520 -10.19 -26.54 -11.75
C ALA B 520 -10.58 -25.68 -12.95
N PRO B 521 -10.21 -26.09 -14.16
CA PRO B 521 -10.48 -25.25 -15.34
C PRO B 521 -11.96 -25.07 -15.57
N ALA B 522 -12.31 -23.91 -16.11
CA ALA B 522 -13.71 -23.61 -16.42
C ALA B 522 -14.24 -24.54 -17.50
N THR B 523 -15.45 -25.03 -17.32
CA THR B 523 -16.01 -26.02 -18.21
C THR B 523 -17.37 -25.62 -18.78
N VAL B 524 -18.17 -24.88 -18.03
CA VAL B 524 -19.56 -24.60 -18.40
C VAL B 524 -19.64 -23.19 -18.95
N CYS B 525 -19.72 -23.06 -20.27
CA CYS B 525 -19.81 -21.77 -20.93
C CYS B 525 -21.02 -21.71 -21.84
N GLY B 526 -21.09 -20.67 -22.68
CA GLY B 526 -22.19 -20.51 -23.60
C GLY B 526 -21.78 -20.72 -25.05
N PRO B 527 -22.73 -20.52 -25.97
CA PRO B 527 -22.43 -20.68 -27.40
C PRO B 527 -21.79 -19.46 -28.04
N LYS B 528 -22.00 -18.26 -27.47
CA LYS B 528 -21.46 -17.00 -27.99
C LYS B 528 -21.98 -16.67 -29.39
N LYS B 529 -22.95 -17.44 -29.89
CA LYS B 529 -23.66 -17.15 -31.13
C LYS B 529 -22.75 -17.30 -32.36
N SER B 530 -21.46 -17.55 -32.14
CA SER B 530 -20.49 -17.79 -33.20
C SER B 530 -20.29 -16.58 -34.11
N THR B 531 -21.14 -15.56 -33.95
CA THR B 531 -21.02 -14.26 -34.60
C THR B 531 -21.01 -14.32 -36.12
N ASN B 532 -21.35 -15.47 -36.72
CA ASN B 532 -21.55 -15.58 -38.17
C ASN B 532 -20.35 -15.07 -38.95
N LEU B 533 -19.24 -15.81 -38.80
CA LEU B 533 -17.97 -15.47 -39.42
C LEU B 533 -18.13 -15.09 -40.89
N VAL B 534 -17.29 -14.15 -41.34
CA VAL B 534 -17.31 -13.66 -42.72
C VAL B 534 -15.94 -13.86 -43.33
N LYS B 535 -15.77 -13.43 -44.59
CA LYS B 535 -14.51 -13.63 -45.29
C LYS B 535 -14.20 -12.42 -46.15
N ASN B 536 -12.93 -12.27 -46.49
CA ASN B 536 -12.44 -11.24 -47.39
C ASN B 536 -12.73 -9.83 -46.87
N LYS B 537 -12.68 -9.67 -45.55
CA LYS B 537 -12.89 -8.38 -44.92
C LYS B 537 -12.00 -8.26 -43.69
N CYS B 538 -11.45 -7.07 -43.48
CA CYS B 538 -10.68 -6.79 -42.29
C CYS B 538 -11.61 -6.77 -41.09
N VAL B 539 -11.52 -7.79 -40.25
CA VAL B 539 -12.37 -7.93 -39.08
C VAL B 539 -11.52 -8.39 -37.90
N ASN B 540 -12.11 -8.29 -36.71
CA ASN B 540 -11.55 -8.87 -35.50
C ASN B 540 -12.16 -10.26 -35.33
N PHE B 541 -11.33 -11.29 -35.35
CA PHE B 541 -11.78 -12.66 -35.24
C PHE B 541 -11.30 -13.25 -33.93
N ASN B 542 -12.20 -13.91 -33.21
CA ASN B 542 -11.89 -14.51 -31.91
C ASN B 542 -12.29 -15.98 -31.98
N PHE B 543 -11.32 -16.84 -32.32
CA PHE B 543 -11.55 -18.27 -32.42
C PHE B 543 -11.10 -18.92 -31.12
N ASN B 544 -12.02 -19.01 -30.16
CA ASN B 544 -11.77 -19.66 -28.87
C ASN B 544 -10.62 -19.00 -28.12
N GLY B 545 -10.44 -17.70 -28.30
CA GLY B 545 -9.40 -16.96 -27.62
C GLY B 545 -8.23 -16.52 -28.48
N LEU B 546 -8.27 -16.78 -29.79
CA LEU B 546 -7.18 -16.31 -30.65
C LEU B 546 -7.12 -14.80 -30.69
N THR B 547 -8.27 -14.14 -30.78
CA THR B 547 -8.39 -12.68 -30.66
C THR B 547 -7.49 -11.97 -31.67
N GLY B 548 -7.38 -12.52 -32.86
CA GLY B 548 -6.62 -11.89 -33.91
C GLY B 548 -7.42 -10.87 -34.68
N THR B 549 -6.72 -10.13 -35.54
CA THR B 549 -7.33 -9.12 -36.39
C THR B 549 -6.73 -9.19 -37.78
N GLY B 550 -7.57 -9.21 -38.80
CA GLY B 550 -7.09 -9.32 -40.16
C GLY B 550 -8.20 -9.75 -41.08
N VAL B 551 -7.81 -10.26 -42.24
CA VAL B 551 -8.76 -10.71 -43.26
C VAL B 551 -8.62 -12.22 -43.41
N LEU B 552 -9.74 -12.92 -43.28
CA LEU B 552 -9.77 -14.38 -43.37
C LEU B 552 -10.19 -14.78 -44.77
N THR B 553 -9.48 -15.75 -45.34
CA THR B 553 -9.81 -16.29 -46.65
C THR B 553 -9.77 -17.79 -46.57
N GLU B 554 -10.36 -18.44 -47.57
CA GLU B 554 -10.33 -19.89 -47.62
C GLU B 554 -8.90 -20.40 -47.73
N SER B 555 -8.54 -21.36 -46.89
CA SER B 555 -7.19 -21.88 -46.87
C SER B 555 -7.05 -23.06 -47.82
N ASN B 556 -5.83 -23.61 -47.89
CA ASN B 556 -5.56 -24.77 -48.72
C ASN B 556 -4.86 -25.85 -47.90
N LYS B 557 -4.09 -25.44 -46.90
CA LYS B 557 -3.32 -26.38 -46.10
C LYS B 557 -4.26 -27.25 -45.26
N LYS B 558 -3.86 -28.50 -45.08
CA LYS B 558 -4.63 -29.47 -44.32
C LYS B 558 -4.11 -29.56 -42.90
N PHE B 559 -5.02 -29.57 -41.93
CA PHE B 559 -4.65 -29.69 -40.53
C PHE B 559 -4.87 -31.13 -40.06
N LEU B 560 -4.73 -31.34 -38.77
CA LEU B 560 -5.00 -32.59 -38.11
C LEU B 560 -6.21 -32.44 -37.19
N PRO B 561 -6.95 -33.53 -36.95
CA PRO B 561 -8.17 -33.40 -36.15
C PRO B 561 -7.94 -32.79 -34.77
N PHE B 562 -6.78 -33.03 -34.17
CA PHE B 562 -6.47 -32.38 -32.90
C PHE B 562 -6.00 -30.94 -33.08
N GLN B 563 -5.59 -30.56 -34.29
CA GLN B 563 -5.07 -29.23 -34.53
C GLN B 563 -6.19 -28.21 -34.69
N GLN B 564 -5.99 -27.03 -34.13
CA GLN B 564 -6.98 -25.96 -34.16
C GLN B 564 -6.52 -24.74 -34.94
N PHE B 565 -5.25 -24.37 -34.84
CA PHE B 565 -4.74 -23.22 -35.58
C PHE B 565 -3.26 -23.43 -35.86
N GLY B 566 -2.81 -22.87 -36.98
CA GLY B 566 -1.43 -22.95 -37.38
C GLY B 566 -0.58 -21.85 -36.78
N ARG B 567 0.66 -21.77 -37.24
CA ARG B 567 1.60 -20.76 -36.78
C ARG B 567 2.65 -20.56 -37.85
N ASP B 568 3.31 -19.41 -37.80
CA ASP B 568 4.34 -19.06 -38.75
C ASP B 568 5.72 -19.33 -38.17
N ILE B 569 6.74 -19.27 -39.04
CA ILE B 569 8.11 -19.34 -38.59
C ILE B 569 8.40 -18.24 -37.59
N ALA B 570 7.88 -17.04 -37.86
CA ALA B 570 8.00 -15.91 -36.95
C ALA B 570 7.08 -16.01 -35.75
N ASP B 571 6.46 -17.17 -35.53
CA ASP B 571 5.59 -17.42 -34.38
C ASP B 571 4.41 -16.45 -34.37
N THR B 572 3.70 -16.45 -35.49
CA THR B 572 2.51 -15.64 -35.65
C THR B 572 1.41 -16.51 -36.23
N THR B 573 0.16 -16.22 -35.84
CA THR B 573 -0.98 -17.00 -36.31
C THR B 573 -1.18 -16.76 -37.80
N ASP B 574 -1.33 -17.85 -38.55
CA ASP B 574 -1.49 -17.74 -39.99
C ASP B 574 -2.71 -18.49 -40.52
N ALA B 575 -3.04 -19.65 -39.92
CA ALA B 575 -4.17 -20.44 -40.37
C ALA B 575 -4.97 -20.89 -39.16
N VAL B 576 -6.29 -20.86 -39.29
CA VAL B 576 -7.20 -21.16 -38.19
C VAL B 576 -8.24 -22.15 -38.68
N ARG B 577 -8.43 -23.22 -37.92
CA ARG B 577 -9.53 -24.14 -38.19
C ARG B 577 -10.78 -23.65 -37.49
N ASP B 578 -11.88 -23.58 -38.22
CA ASP B 578 -13.13 -23.13 -37.61
C ASP B 578 -13.62 -24.17 -36.60
N PRO B 579 -13.82 -23.79 -35.35
CA PRO B 579 -14.23 -24.77 -34.33
C PRO B 579 -15.58 -25.40 -34.59
N GLN B 580 -16.40 -24.81 -35.46
CA GLN B 580 -17.72 -25.36 -35.76
C GLN B 580 -17.71 -26.26 -36.98
N THR B 581 -17.30 -25.71 -38.12
CA THR B 581 -17.17 -26.48 -39.36
C THR B 581 -15.69 -26.74 -39.60
N LEU B 582 -15.35 -28.01 -39.80
CA LEU B 582 -13.96 -28.43 -39.86
C LEU B 582 -13.37 -28.06 -41.23
N GLU B 583 -12.80 -26.86 -41.29
CA GLU B 583 -12.02 -26.44 -42.44
C GLU B 583 -11.07 -25.34 -41.98
N ILE B 584 -10.09 -25.05 -42.82
CA ILE B 584 -9.02 -24.12 -42.48
C ILE B 584 -9.22 -22.83 -43.23
N LEU B 585 -8.89 -21.72 -42.59
CA LEU B 585 -8.93 -20.39 -43.19
C LEU B 585 -7.61 -19.71 -42.92
N ASP B 586 -7.03 -19.13 -43.96
CA ASP B 586 -5.78 -18.38 -43.81
C ASP B 586 -6.10 -16.94 -43.44
N ILE B 587 -5.45 -16.45 -42.39
CA ILE B 587 -5.60 -15.06 -41.96
C ILE B 587 -4.41 -14.28 -42.50
N THR B 588 -4.70 -13.11 -43.07
CA THR B 588 -3.66 -12.22 -43.55
C THR B 588 -3.80 -10.88 -42.85
N PRO B 589 -2.69 -10.19 -42.60
CA PRO B 589 -2.76 -8.92 -41.86
C PRO B 589 -3.54 -7.88 -42.65
N CYS B 590 -4.17 -6.97 -41.92
CA CYS B 590 -4.88 -5.87 -42.53
C CYS B 590 -3.93 -5.07 -43.43
N SER B 591 -4.41 -4.72 -44.61
CA SER B 591 -3.56 -4.00 -45.56
C SER B 591 -3.12 -2.67 -44.98
N PHE B 592 -1.83 -2.39 -45.09
CA PHE B 592 -1.27 -1.13 -44.60
C PHE B 592 0.02 -0.85 -45.34
N GLY B 593 0.41 0.42 -45.34
CA GLY B 593 1.63 0.82 -46.02
C GLY B 593 1.93 2.28 -45.79
N GLY B 594 2.96 2.75 -46.48
CA GLY B 594 3.31 4.14 -46.41
C GLY B 594 2.57 4.98 -47.45
N VAL B 595 2.46 6.27 -47.16
CA VAL B 595 1.77 7.22 -48.03
C VAL B 595 2.80 8.25 -48.46
N SER B 596 3.39 8.03 -49.64
CA SER B 596 4.37 8.94 -50.18
C SER B 596 3.73 9.88 -51.19
N VAL B 597 4.34 11.04 -51.39
CA VAL B 597 3.83 12.06 -52.29
C VAL B 597 4.87 12.30 -53.38
N ILE B 598 4.42 12.27 -54.63
CA ILE B 598 5.26 12.53 -55.78
C ILE B 598 4.84 13.87 -56.36
N THR B 599 5.77 14.81 -56.46
CA THR B 599 5.45 16.13 -56.95
C THR B 599 6.70 16.78 -57.52
N PRO B 600 6.55 17.60 -58.55
CA PRO B 600 7.67 18.46 -58.97
C PRO B 600 7.87 19.56 -57.95
N GLY B 601 8.75 20.52 -58.26
CA GLY B 601 8.97 21.62 -57.34
C GLY B 601 7.70 22.43 -57.14
N THR B 602 7.51 22.91 -55.90
CA THR B 602 6.35 23.74 -55.61
C THR B 602 6.31 24.96 -56.51
N ASN B 603 7.48 25.51 -56.86
CA ASN B 603 7.52 26.59 -57.83
C ASN B 603 7.06 26.14 -59.21
N THR B 604 7.28 24.86 -59.54
CA THR B 604 6.87 24.36 -60.85
C THR B 604 5.36 24.30 -60.97
N SER B 605 4.69 23.70 -59.99
CA SER B 605 3.24 23.52 -60.01
C SER B 605 2.79 23.11 -58.62
N ASN B 606 1.50 22.77 -58.51
CA ASN B 606 0.95 22.22 -57.28
C ASN B 606 0.23 20.90 -57.50
N GLN B 607 0.11 20.44 -58.74
CA GLN B 607 -0.51 19.15 -59.00
C GLN B 607 0.39 18.04 -58.45
N VAL B 608 -0.21 17.12 -57.70
CA VAL B 608 0.54 16.12 -56.96
C VAL B 608 0.02 14.73 -57.30
N ALA B 609 0.78 13.72 -56.89
CA ALA B 609 0.40 12.33 -57.04
C ALA B 609 0.70 11.59 -55.74
N VAL B 610 -0.03 10.52 -55.50
CA VAL B 610 0.04 9.78 -54.24
C VAL B 610 0.48 8.36 -54.53
N LEU B 611 1.39 7.85 -53.70
CA LEU B 611 1.86 6.47 -53.78
C LEU B 611 1.52 5.77 -52.47
N TYR B 612 0.83 4.65 -52.56
CA TYR B 612 0.54 3.80 -51.42
C TYR B 612 1.41 2.55 -51.50
N GLN B 613 2.20 2.33 -50.46
CA GLN B 613 3.18 1.26 -50.46
C GLN B 613 2.51 -0.10 -50.32
N ASP B 614 2.89 -1.03 -51.19
CA ASP B 614 2.63 -2.46 -51.05
C ASP B 614 1.14 -2.81 -51.04
N VAL B 615 0.26 -1.84 -51.23
CA VAL B 615 -1.18 -2.06 -51.18
C VAL B 615 -1.74 -1.74 -52.55
N ASN B 616 -2.45 -2.70 -53.15
CA ASN B 616 -2.93 -2.47 -54.50
C ASN B 616 -4.23 -1.67 -54.48
N CYS B 617 -4.60 -1.17 -55.65
CA CYS B 617 -5.62 -0.14 -55.79
C CYS B 617 -7.04 -0.64 -55.55
N THR B 618 -7.24 -1.95 -55.38
CA THR B 618 -8.60 -2.45 -55.21
C THR B 618 -9.25 -1.97 -53.92
N GLU B 619 -8.47 -1.47 -52.96
CA GLU B 619 -9.03 -1.08 -51.67
C GLU B 619 -8.42 0.21 -51.12
N VAL B 620 -7.81 1.04 -51.97
CA VAL B 620 -7.10 2.22 -51.46
C VAL B 620 -8.00 3.19 -50.71
N PRO B 621 -9.19 3.57 -51.21
CA PRO B 621 -9.95 4.63 -50.53
C PRO B 621 -10.32 4.30 -49.10
N VAL B 622 -10.34 3.01 -48.74
CA VAL B 622 -10.57 2.54 -47.37
C VAL B 622 -11.73 3.25 -46.68
N TYR B 636 -8.55 8.35 -52.48
CA TYR B 636 -8.22 9.75 -52.77
C TYR B 636 -9.43 10.47 -53.36
N SER B 637 -9.43 11.79 -53.25
CA SER B 637 -10.53 12.59 -53.78
C SER B 637 -10.70 12.38 -55.27
N THR B 638 -9.60 12.27 -56.00
CA THR B 638 -9.62 12.04 -57.45
C THR B 638 -9.25 10.58 -57.70
N GLY B 639 -10.23 9.78 -58.09
CA GLY B 639 -9.98 8.38 -58.39
C GLY B 639 -10.04 8.03 -59.85
N SER B 640 -9.66 8.98 -60.71
CA SER B 640 -9.80 8.78 -62.17
C SER B 640 -8.62 7.97 -62.73
N ASN B 641 -7.41 8.51 -62.61
CA ASN B 641 -6.21 7.88 -63.15
C ASN B 641 -5.54 7.08 -62.05
N VAL B 642 -5.78 5.78 -62.03
CA VAL B 642 -5.26 4.89 -61.00
C VAL B 642 -4.40 3.83 -61.67
N PHE B 643 -3.19 3.66 -61.17
CA PHE B 643 -2.23 2.73 -61.76
C PHE B 643 -1.72 1.77 -60.71
N GLN B 644 -1.37 0.56 -61.15
CA GLN B 644 -0.90 -0.49 -60.26
C GLN B 644 0.54 -0.84 -60.59
N THR B 645 1.37 -0.94 -59.55
CA THR B 645 2.78 -1.28 -59.72
C THR B 645 3.20 -2.21 -58.61
N ARG B 646 4.35 -2.86 -58.82
CA ARG B 646 4.91 -3.74 -57.80
C ARG B 646 5.15 -3.00 -56.49
N ALA B 647 5.53 -1.72 -56.58
CA ALA B 647 5.72 -0.93 -55.37
C ALA B 647 4.41 -0.73 -54.61
N GLY B 648 3.31 -0.56 -55.34
CA GLY B 648 2.02 -0.37 -54.70
C GLY B 648 0.97 0.23 -55.63
N CYS B 649 0.21 1.18 -55.12
CA CYS B 649 -0.83 1.84 -55.89
C CYS B 649 -0.46 3.30 -56.14
N LEU B 650 -0.74 3.78 -57.35
CA LEU B 650 -0.42 5.14 -57.73
C LEU B 650 -1.70 5.87 -58.12
N ILE B 651 -1.89 7.06 -57.56
CA ILE B 651 -3.06 7.89 -57.84
C ILE B 651 -2.58 9.26 -58.27
N GLY B 652 -3.37 9.91 -59.12
CA GLY B 652 -3.03 11.23 -59.60
C GLY B 652 -1.98 11.26 -60.67
N ALA B 653 -1.69 10.11 -61.30
CA ALA B 653 -0.76 10.05 -62.41
C ALA B 653 -1.34 9.16 -63.49
N GLU B 654 -1.03 9.48 -64.73
CA GLU B 654 -1.42 8.67 -65.88
C GLU B 654 -0.21 7.86 -66.35
N HIS B 655 -0.33 6.55 -66.30
CA HIS B 655 0.76 5.68 -66.71
C HIS B 655 0.95 5.75 -68.22
N VAL B 656 2.20 5.82 -68.65
CA VAL B 656 2.55 5.86 -70.06
C VAL B 656 3.73 4.92 -70.28
N ASN B 657 3.62 4.04 -71.28
CA ASN B 657 4.68 3.09 -71.58
C ASN B 657 5.58 3.62 -72.69
N ASN B 658 6.27 4.71 -72.36
CA ASN B 658 7.33 5.26 -73.21
C ASN B 658 8.58 5.41 -72.37
N SER B 659 9.73 5.28 -73.03
CA SER B 659 11.01 5.37 -72.34
C SER B 659 11.28 6.82 -71.94
N TYR B 660 11.57 7.03 -70.66
CA TYR B 660 11.91 8.35 -70.15
C TYR B 660 12.86 8.21 -68.98
N GLU B 661 13.77 9.17 -68.87
CA GLU B 661 14.76 9.16 -67.81
C GLU B 661 14.07 9.37 -66.46
N CYS B 662 14.69 8.87 -65.40
CA CYS B 662 14.10 8.95 -64.09
C CYS B 662 14.24 10.34 -63.52
N ASP B 663 13.11 10.96 -63.17
CA ASP B 663 13.11 12.19 -62.39
C ASP B 663 12.85 11.91 -60.91
N ILE B 664 11.74 11.24 -60.62
CA ILE B 664 11.40 10.81 -59.27
C ILE B 664 11.32 9.29 -59.28
N PRO B 665 12.21 8.59 -58.57
CA PRO B 665 12.12 7.13 -58.56
C PRO B 665 10.94 6.63 -57.75
N ILE B 666 9.90 6.17 -58.45
CA ILE B 666 8.75 5.59 -57.76
C ILE B 666 9.11 4.25 -57.15
N GLY B 667 9.79 3.41 -57.92
CA GLY B 667 10.22 2.11 -57.45
C GLY B 667 9.89 1.01 -58.45
N ALA B 668 10.56 -0.12 -58.25
CA ALA B 668 10.37 -1.29 -59.10
C ALA B 668 10.53 -0.95 -60.58
N GLY B 669 11.50 -0.10 -60.88
CA GLY B 669 11.76 0.27 -62.25
C GLY B 669 10.78 1.26 -62.83
N ILE B 670 9.94 1.88 -62.02
CA ILE B 670 9.00 2.89 -62.48
C ILE B 670 9.40 4.23 -61.89
N CYS B 671 9.47 5.25 -62.74
CA CYS B 671 9.77 6.61 -62.32
C CYS B 671 8.72 7.56 -62.88
N ALA B 672 8.48 8.63 -62.14
CA ALA B 672 7.47 9.62 -62.52
C ALA B 672 8.13 10.96 -62.80
N SER B 673 7.51 11.71 -63.70
CA SER B 673 8.01 13.04 -64.05
C SER B 673 6.83 13.95 -64.36
N TYR B 674 7.05 15.24 -64.14
CA TYR B 674 6.07 16.27 -64.47
C TYR B 674 6.31 16.74 -65.90
N GLN B 675 5.32 16.57 -66.76
CA GLN B 675 5.52 16.79 -68.18
C GLN B 675 4.18 17.06 -68.84
N THR B 676 4.24 17.67 -70.02
CA THR B 676 3.05 17.95 -70.82
C THR B 676 2.20 16.71 -71.06
N SER B 689 -1.30 21.98 -70.97
CA SER B 689 -1.72 20.73 -70.35
C SER B 689 -0.54 19.99 -69.76
N GLN B 690 -0.41 20.02 -68.44
CA GLN B 690 0.69 19.38 -67.74
C GLN B 690 0.14 18.37 -66.75
N SER B 691 0.91 17.31 -66.51
CA SER B 691 0.47 16.24 -65.62
C SER B 691 1.68 15.44 -65.17
N ILE B 692 1.45 14.60 -64.16
CA ILE B 692 2.47 13.70 -63.64
C ILE B 692 2.31 12.36 -64.35
N ILE B 693 3.37 11.93 -65.03
CA ILE B 693 3.34 10.70 -65.81
C ILE B 693 4.34 9.74 -65.21
N ALA B 694 3.88 8.54 -64.88
CA ALA B 694 4.75 7.45 -64.46
C ALA B 694 5.06 6.57 -65.66
N TYR B 695 6.25 5.96 -65.63
CA TYR B 695 6.71 5.24 -66.80
C TYR B 695 7.77 4.24 -66.39
N THR B 696 7.98 3.25 -67.25
CA THR B 696 9.06 2.31 -67.06
C THR B 696 10.40 3.03 -67.13
N MET B 697 11.31 2.66 -66.23
CA MET B 697 12.63 3.28 -66.19
C MET B 697 13.33 3.12 -67.53
N SER B 698 13.91 4.22 -68.01
CA SER B 698 14.73 4.21 -69.21
C SER B 698 16.18 4.19 -68.78
N LEU B 699 16.88 3.11 -69.12
CA LEU B 699 18.27 2.94 -68.72
C LEU B 699 19.18 3.81 -69.57
N GLY B 700 18.59 4.72 -70.34
CA GLY B 700 19.32 5.54 -71.27
C GLY B 700 19.06 5.12 -72.70
N ALA B 701 19.56 5.94 -73.62
CA ALA B 701 19.42 5.63 -75.04
C ALA B 701 20.25 4.41 -75.40
N GLU B 702 19.63 3.45 -76.07
CA GLU B 702 20.35 2.28 -76.55
C GLU B 702 21.39 2.70 -77.58
N ASN B 703 22.53 2.02 -77.57
CA ASN B 703 23.58 2.29 -78.55
C ASN B 703 24.38 1.00 -78.74
N SER B 704 24.07 0.28 -79.80
CA SER B 704 24.88 -0.86 -80.21
C SER B 704 25.99 -0.39 -81.13
N VAL B 705 27.13 -1.08 -81.07
CA VAL B 705 28.30 -0.73 -81.87
C VAL B 705 28.76 -1.97 -82.62
N ALA B 706 28.96 -1.82 -83.93
CA ALA B 706 29.36 -2.95 -84.77
C ALA B 706 30.75 -3.43 -84.40
N TYR B 707 30.98 -4.72 -84.59
CA TYR B 707 32.27 -5.35 -84.31
C TYR B 707 32.99 -5.77 -85.58
N SER B 708 32.33 -6.59 -86.41
CA SER B 708 32.72 -6.86 -87.79
C SER B 708 34.06 -7.60 -87.93
N ASN B 709 34.74 -7.85 -86.81
CA ASN B 709 35.97 -8.65 -86.75
C ASN B 709 37.15 -7.91 -87.38
N ASN B 710 36.88 -6.81 -88.08
CA ASN B 710 37.92 -5.84 -88.41
C ASN B 710 37.23 -4.49 -88.57
N SER B 711 37.14 -3.75 -87.47
CA SER B 711 36.56 -2.42 -87.51
C SER B 711 37.06 -1.70 -86.25
N ILE B 712 37.97 -0.75 -86.44
CA ILE B 712 38.55 -0.02 -85.32
C ILE B 712 38.11 1.43 -85.39
N ALA B 713 37.56 1.93 -84.30
CA ALA B 713 37.23 3.34 -84.16
C ALA B 713 38.38 4.05 -83.48
N ILE B 714 38.96 5.03 -84.16
CA ILE B 714 40.02 5.86 -83.60
C ILE B 714 39.55 7.30 -83.62
N PRO B 715 39.79 8.08 -82.57
CA PRO B 715 39.35 9.46 -82.56
C PRO B 715 40.35 10.38 -83.24
N THR B 716 39.82 11.21 -84.13
CA THR B 716 40.60 12.26 -84.78
C THR B 716 40.64 13.55 -83.97
N ASN B 717 39.62 13.78 -83.14
CA ASN B 717 39.54 14.98 -82.34
C ASN B 717 39.02 14.62 -80.96
N PHE B 718 39.34 15.48 -79.98
CA PHE B 718 39.02 15.22 -78.59
C PHE B 718 38.66 16.52 -77.90
N THR B 719 38.49 16.44 -76.58
CA THR B 719 38.18 17.59 -75.75
C THR B 719 38.84 17.44 -74.40
N ILE B 720 38.95 18.56 -73.70
CA ILE B 720 39.30 18.61 -72.29
C ILE B 720 38.05 19.02 -71.52
N SER B 721 37.72 18.26 -70.48
CA SER B 721 36.56 18.59 -69.67
C SER B 721 36.99 18.75 -68.22
N VAL B 722 36.25 19.58 -67.50
CA VAL B 722 36.44 19.78 -66.07
C VAL B 722 35.18 19.32 -65.36
N THR B 723 35.36 18.62 -64.24
CA THR B 723 34.24 18.08 -63.51
C THR B 723 34.45 18.27 -62.02
N THR B 724 33.38 18.64 -61.32
CA THR B 724 33.44 18.81 -59.89
C THR B 724 33.26 17.46 -59.18
N GLU B 725 34.03 17.26 -58.13
CA GLU B 725 33.85 16.11 -57.25
C GLU B 725 33.93 16.65 -55.83
N ILE B 726 32.81 16.66 -55.14
CA ILE B 726 32.68 17.34 -53.86
C ILE B 726 32.68 16.29 -52.76
N LEU B 727 33.67 16.36 -51.87
CA LEU B 727 33.81 15.38 -50.82
C LEU B 727 33.83 16.05 -49.46
N PRO B 728 33.02 15.58 -48.51
CA PRO B 728 33.11 16.10 -47.15
C PRO B 728 34.48 15.77 -46.56
N VAL B 729 34.93 16.64 -45.67
CA VAL B 729 36.21 16.47 -44.99
C VAL B 729 36.02 16.27 -43.49
N SER B 730 35.16 17.08 -42.88
CA SER B 730 34.92 16.98 -41.45
C SER B 730 33.55 17.57 -41.15
N MET B 731 33.07 17.27 -39.95
CA MET B 731 31.89 17.94 -39.41
C MET B 731 32.34 18.93 -38.34
N THR B 732 31.41 19.80 -37.95
CA THR B 732 31.70 20.77 -36.92
C THR B 732 32.07 20.06 -35.62
N LYS B 733 33.13 20.55 -34.96
CA LYS B 733 33.61 19.90 -33.75
C LYS B 733 32.66 20.17 -32.60
N THR B 734 31.52 19.48 -32.59
CA THR B 734 30.55 19.66 -31.53
C THR B 734 30.99 18.89 -30.29
N SER B 735 30.72 19.49 -29.13
CA SER B 735 30.95 18.84 -27.85
C SER B 735 29.78 19.19 -26.94
N VAL B 736 29.57 18.38 -25.92
CA VAL B 736 28.50 18.63 -24.96
C VAL B 736 28.96 18.20 -23.59
N ASP B 737 28.75 19.07 -22.59
CA ASP B 737 28.93 18.68 -21.21
C ASP B 737 27.78 17.77 -20.80
N CYS B 738 28.10 16.55 -20.40
CA CYS B 738 27.07 15.64 -19.92
C CYS B 738 26.27 16.26 -18.79
N THR B 739 26.98 16.85 -17.82
CA THR B 739 26.32 17.28 -16.59
C THR B 739 25.36 18.44 -16.84
N MET B 740 25.87 19.56 -17.33
CA MET B 740 25.05 20.74 -17.48
C MET B 740 23.98 20.58 -18.56
N TYR B 741 24.14 19.62 -19.46
CA TYR B 741 23.05 19.30 -20.40
C TYR B 741 22.00 18.43 -19.73
N ILE B 742 22.41 17.25 -19.27
CA ILE B 742 21.48 16.32 -18.64
C ILE B 742 20.83 16.95 -17.43
N CYS B 743 21.63 17.62 -16.60
CA CYS B 743 21.15 18.27 -15.40
C CYS B 743 21.26 19.78 -15.56
N GLY B 744 20.26 20.50 -15.05
CA GLY B 744 20.37 21.95 -14.99
C GLY B 744 21.30 22.37 -13.88
N ASP B 745 21.01 23.50 -13.25
CA ASP B 745 21.80 23.91 -12.09
C ASP B 745 21.51 23.06 -10.86
N SER B 746 20.50 22.21 -10.90
CA SER B 746 20.13 21.38 -9.77
C SER B 746 21.21 20.36 -9.45
N THR B 747 21.95 20.60 -8.36
CA THR B 747 23.03 19.68 -7.98
C THR B 747 22.47 18.32 -7.57
N GLU B 748 21.21 18.27 -7.15
CA GLU B 748 20.60 16.99 -6.81
C GLU B 748 20.57 16.07 -8.01
N CYS B 749 20.25 16.62 -9.18
CA CYS B 749 20.30 15.84 -10.41
C CYS B 749 21.71 15.33 -10.67
N SER B 750 22.72 16.17 -10.42
CA SER B 750 24.09 15.74 -10.60
C SER B 750 24.43 14.58 -9.68
N ASN B 751 24.01 14.68 -8.41
CA ASN B 751 24.28 13.60 -7.47
C ASN B 751 23.59 12.31 -7.89
N LEU B 752 22.35 12.41 -8.36
CA LEU B 752 21.65 11.22 -8.84
C LEU B 752 22.37 10.61 -10.04
N LEU B 753 22.85 11.46 -10.96
CA LEU B 753 23.62 10.97 -12.10
C LEU B 753 24.90 10.31 -11.66
N LEU B 754 25.48 10.78 -10.55
CA LEU B 754 26.73 10.22 -10.05
C LEU B 754 26.61 8.73 -9.75
N GLN B 755 25.40 8.23 -9.52
CA GLN B 755 25.24 6.79 -9.33
C GLN B 755 25.68 6.03 -10.56
N TYR B 756 25.33 6.52 -11.74
CA TYR B 756 25.86 5.93 -12.97
C TYR B 756 27.37 6.15 -13.04
N GLY B 757 28.08 5.12 -13.50
CA GLY B 757 29.52 5.07 -13.34
C GLY B 757 30.29 6.10 -14.14
N SER B 758 30.42 5.90 -15.44
CA SER B 758 31.27 6.77 -16.25
C SER B 758 30.62 7.11 -17.59
N PHE B 759 29.29 7.13 -17.64
CA PHE B 759 28.61 7.55 -18.85
C PHE B 759 29.05 8.95 -19.26
N CYS B 760 29.14 9.86 -18.29
CA CYS B 760 29.67 11.19 -18.56
C CYS B 760 31.06 11.10 -19.19
N THR B 761 31.96 10.38 -18.55
CA THR B 761 33.33 10.27 -19.06
C THR B 761 33.35 9.59 -20.42
N GLN B 762 32.57 8.53 -20.58
CA GLN B 762 32.52 7.83 -21.86
C GLN B 762 32.11 8.78 -22.99
N LEU B 763 30.99 9.48 -22.81
CA LEU B 763 30.50 10.35 -23.87
C LEU B 763 31.45 11.50 -24.15
N ASN B 764 31.99 12.12 -23.09
CA ASN B 764 32.91 13.23 -23.29
C ASN B 764 34.15 12.76 -24.04
N ARG B 765 34.72 11.62 -23.64
CA ARG B 765 35.90 11.11 -24.32
C ARG B 765 35.59 10.78 -25.77
N ALA B 766 34.44 10.18 -26.03
CA ALA B 766 34.09 9.83 -27.41
C ALA B 766 33.97 11.08 -28.27
N LEU B 767 33.31 12.11 -27.76
CA LEU B 767 33.13 13.32 -28.56
C LEU B 767 34.45 14.05 -28.77
N THR B 768 35.30 14.09 -27.74
CA THR B 768 36.61 14.70 -27.89
C THR B 768 37.44 13.94 -28.92
N GLY B 769 37.37 12.61 -28.89
CA GLY B 769 38.03 11.82 -29.91
C GLY B 769 37.51 12.14 -31.30
N ILE B 770 36.20 12.31 -31.44
CA ILE B 770 35.63 12.68 -32.73
C ILE B 770 36.18 14.02 -33.18
N ALA B 771 36.23 15.00 -32.28
CA ALA B 771 36.71 16.33 -32.64
C ALA B 771 38.18 16.30 -33.08
N VAL B 772 39.02 15.65 -32.28
CA VAL B 772 40.44 15.59 -32.64
C VAL B 772 40.63 14.79 -33.92
N GLU B 773 39.76 13.81 -34.16
CA GLU B 773 39.80 13.08 -35.42
C GLU B 773 39.45 13.99 -36.59
N GLN B 774 38.49 14.89 -36.40
CA GLN B 774 38.18 15.86 -37.44
C GLN B 774 39.38 16.74 -37.74
N ASP B 775 40.05 17.22 -36.69
CA ASP B 775 41.25 18.02 -36.89
C ASP B 775 42.30 17.24 -37.65
N LYS B 776 42.50 15.97 -37.28
CA LYS B 776 43.48 15.14 -37.97
C LYS B 776 43.09 14.93 -39.43
N ASN B 777 41.79 14.75 -39.70
CA ASN B 777 41.34 14.60 -41.07
C ASN B 777 41.70 15.81 -41.90
N THR B 778 41.39 17.00 -41.39
CA THR B 778 41.71 18.22 -42.13
C THR B 778 43.22 18.32 -42.36
N GLN B 779 44.00 18.05 -41.30
CA GLN B 779 45.45 18.20 -41.41
C GLN B 779 46.03 17.23 -42.44
N GLU B 780 45.58 15.98 -42.43
CA GLU B 780 46.13 14.98 -43.33
C GLU B 780 45.55 15.06 -44.74
N VAL B 781 44.45 15.79 -44.92
CA VAL B 781 43.93 15.98 -46.27
C VAL B 781 44.43 17.27 -46.91
N PHE B 782 44.92 18.22 -46.12
CA PHE B 782 45.41 19.48 -46.68
C PHE B 782 46.88 19.72 -46.41
N ALA B 783 47.35 19.50 -45.19
CA ALA B 783 48.76 19.73 -44.90
C ALA B 783 49.61 18.57 -45.39
N GLN B 784 49.48 18.22 -46.66
CA GLN B 784 50.28 17.16 -47.25
C GLN B 784 51.66 17.63 -47.67
N VAL B 785 51.87 18.93 -47.80
CA VAL B 785 53.14 19.49 -48.26
C VAL B 785 53.72 20.36 -47.16
N LYS B 786 54.97 20.08 -46.78
CA LYS B 786 55.64 20.85 -45.74
C LYS B 786 55.97 22.26 -46.21
N GLN B 787 56.27 22.43 -47.49
CA GLN B 787 56.72 23.70 -48.04
C GLN B 787 55.54 24.41 -48.68
N ILE B 788 55.01 25.43 -48.01
CA ILE B 788 53.95 26.24 -48.59
C ILE B 788 54.57 27.08 -49.71
N TYR B 789 54.12 26.86 -50.93
CA TYR B 789 54.64 27.61 -52.07
C TYR B 789 53.75 28.81 -52.35
N LYS B 790 54.22 29.66 -53.26
CA LYS B 790 53.44 30.78 -53.75
C LYS B 790 53.71 30.97 -55.23
N THR B 791 52.69 31.41 -55.95
CA THR B 791 52.80 31.56 -57.39
C THR B 791 53.74 32.71 -57.73
N PRO B 792 54.46 32.61 -58.85
CA PRO B 792 55.27 33.74 -59.29
C PRO B 792 54.38 34.92 -59.64
N PRO B 793 54.90 36.15 -59.52
CA PRO B 793 54.04 37.33 -59.68
C PRO B 793 53.35 37.40 -61.04
N ILE B 794 54.01 36.98 -62.11
CA ILE B 794 53.45 37.05 -63.45
C ILE B 794 52.90 35.69 -63.81
N LYS B 795 51.63 35.65 -64.23
CA LYS B 795 50.98 34.41 -64.63
C LYS B 795 51.27 34.11 -66.10
N ASP B 796 52.56 33.90 -66.37
CA ASP B 796 53.02 33.56 -67.71
C ASP B 796 52.90 32.06 -67.87
N PHE B 797 51.73 31.60 -68.31
CA PHE B 797 51.45 30.17 -68.40
C PHE B 797 51.08 29.76 -69.81
N GLY B 798 51.52 30.54 -70.80
CA GLY B 798 51.22 30.21 -72.18
C GLY B 798 49.74 30.21 -72.49
N GLY B 799 49.00 31.18 -71.98
CA GLY B 799 47.59 31.33 -72.27
C GLY B 799 46.67 30.56 -71.34
N PHE B 800 47.19 29.60 -70.58
CA PHE B 800 46.35 28.87 -69.63
C PHE B 800 46.02 29.80 -68.47
N ASN B 801 44.77 30.26 -68.43
CA ASN B 801 44.37 31.18 -67.37
C ASN B 801 44.05 30.42 -66.09
N PHE B 802 44.43 31.00 -64.96
CA PHE B 802 44.19 30.41 -63.66
C PHE B 802 43.60 31.41 -62.67
N SER B 803 43.31 32.64 -63.13
CA SER B 803 42.82 33.67 -62.23
C SER B 803 41.57 33.21 -61.49
N GLN B 804 40.72 32.44 -62.16
CA GLN B 804 39.55 31.90 -61.49
C GLN B 804 39.94 30.92 -60.39
N ILE B 805 41.08 30.26 -60.52
CA ILE B 805 41.48 29.23 -59.57
C ILE B 805 42.56 29.70 -58.60
N LEU B 806 43.31 30.72 -58.94
CA LEU B 806 44.26 31.11 -57.91
C LEU B 806 43.71 32.28 -57.10
N PRO B 807 44.07 32.38 -55.82
CA PRO B 807 43.60 33.50 -55.01
C PRO B 807 44.07 34.82 -55.58
N ASP B 808 43.18 35.81 -55.54
CA ASP B 808 43.49 37.13 -56.05
C ASP B 808 43.76 38.07 -54.88
N PRO B 809 44.87 38.82 -54.91
CA PRO B 809 45.16 39.74 -53.79
C PRO B 809 44.12 40.83 -53.63
N SER B 810 43.33 41.12 -54.67
CA SER B 810 42.35 42.20 -54.58
C SER B 810 41.34 41.97 -53.47
N LYS B 811 40.82 40.75 -53.38
CA LYS B 811 39.84 40.45 -52.35
C LYS B 811 40.49 40.42 -50.97
N PRO B 812 39.72 40.73 -49.92
CA PRO B 812 40.28 40.72 -48.56
C PRO B 812 40.84 39.36 -48.17
N SER B 813 40.00 38.33 -48.23
CA SER B 813 40.46 36.98 -47.97
C SER B 813 41.14 36.44 -49.22
N LYS B 814 42.37 35.95 -49.06
CA LYS B 814 43.18 35.50 -50.19
C LYS B 814 42.65 34.16 -50.68
N ARG B 815 41.50 34.22 -51.36
CA ARG B 815 40.84 33.04 -51.88
C ARG B 815 40.57 33.23 -53.37
N SER B 816 40.48 32.10 -54.07
CA SER B 816 40.06 32.15 -55.47
C SER B 816 38.57 32.50 -55.54
N PRO B 817 38.14 33.12 -56.64
CA PRO B 817 36.71 33.45 -56.76
C PRO B 817 35.81 32.25 -56.63
N ILE B 818 36.25 31.08 -57.09
CA ILE B 818 35.46 29.86 -56.93
C ILE B 818 35.25 29.59 -55.45
N GLU B 819 36.28 29.78 -54.64
CA GLU B 819 36.14 29.58 -53.20
C GLU B 819 35.12 30.56 -52.63
N ASP B 820 35.12 31.79 -53.11
CA ASP B 820 34.15 32.76 -52.63
C ASP B 820 32.73 32.35 -53.01
N LEU B 821 32.55 31.83 -54.23
CA LEU B 821 31.25 31.32 -54.62
C LEU B 821 30.82 30.18 -53.71
N LEU B 822 31.74 29.28 -53.40
CA LEU B 822 31.43 28.16 -52.51
C LEU B 822 31.02 28.67 -51.13
N PHE B 823 31.75 29.67 -50.62
CA PHE B 823 31.39 30.25 -49.33
C PHE B 823 30.00 30.85 -49.38
N ASN B 824 29.68 31.58 -50.45
CA ASN B 824 28.40 32.25 -50.53
C ASN B 824 27.25 31.25 -50.63
N LYS B 825 27.43 30.19 -51.41
CA LYS B 825 26.35 29.22 -51.60
C LYS B 825 25.97 28.54 -50.28
N VAL B 826 26.96 28.20 -49.47
CA VAL B 826 26.70 27.55 -48.18
C VAL B 826 26.32 28.61 -47.15
N THR B 827 25.20 28.39 -46.47
CA THR B 827 24.73 29.31 -45.45
C THR B 827 24.56 28.60 -44.11
N LYS B 854 20.73 28.99 -27.19
CA LYS B 854 21.80 28.61 -28.10
C LYS B 854 22.75 27.63 -27.43
N PHE B 855 23.02 27.85 -26.14
CA PHE B 855 23.89 26.98 -25.37
C PHE B 855 23.09 26.34 -24.26
N ASN B 856 23.10 25.01 -24.21
CA ASN B 856 22.46 24.24 -23.16
C ASN B 856 23.33 23.07 -22.74
N GLY B 857 24.64 23.22 -22.84
CA GLY B 857 25.57 22.12 -22.64
C GLY B 857 26.39 21.90 -23.88
N LEU B 858 25.79 22.18 -25.04
CA LEU B 858 26.50 22.03 -26.29
C LEU B 858 27.45 23.21 -26.50
N THR B 859 28.47 22.97 -27.31
CA THR B 859 29.45 23.98 -27.65
C THR B 859 30.17 23.52 -28.91
N VAL B 860 30.82 24.47 -29.57
CA VAL B 860 31.53 24.21 -30.82
C VAL B 860 32.99 24.56 -30.61
N LEU B 861 33.85 23.59 -30.77
CA LEU B 861 35.27 23.91 -30.71
C LEU B 861 35.74 24.32 -32.09
N PRO B 862 36.34 25.50 -32.23
CA PRO B 862 36.75 25.95 -33.56
C PRO B 862 37.78 24.99 -34.14
N PRO B 863 37.79 24.84 -35.47
CA PRO B 863 38.74 23.92 -36.09
C PRO B 863 40.17 24.38 -35.85
N LEU B 864 41.08 23.41 -35.81
CA LEU B 864 42.48 23.73 -35.56
C LEU B 864 43.04 24.65 -36.64
N LEU B 865 42.74 24.35 -37.90
CA LEU B 865 43.21 25.17 -39.01
C LEU B 865 42.07 26.08 -39.45
N THR B 866 42.30 27.39 -39.37
CA THR B 866 41.27 28.32 -39.80
C THR B 866 41.16 28.31 -41.32
N ASP B 867 40.07 28.89 -41.80
CA ASP B 867 39.82 28.88 -43.24
C ASP B 867 40.91 29.60 -44.00
N GLU B 868 41.53 30.62 -43.40
CA GLU B 868 42.59 31.35 -44.08
C GLU B 868 43.79 30.45 -44.35
N MET B 869 44.27 29.74 -43.33
CA MET B 869 45.40 28.86 -43.54
C MET B 869 45.02 27.66 -44.41
N ILE B 870 43.76 27.23 -44.35
CA ILE B 870 43.30 26.19 -45.26
C ILE B 870 43.43 26.66 -46.70
N ALA B 871 42.98 27.89 -46.96
CA ALA B 871 43.12 28.46 -48.30
C ALA B 871 44.58 28.61 -48.68
N GLN B 872 45.43 28.96 -47.72
CA GLN B 872 46.86 29.06 -47.99
C GLN B 872 47.43 27.71 -48.40
N TYR B 873 47.02 26.64 -47.72
CA TYR B 873 47.47 25.30 -48.09
C TYR B 873 47.00 24.95 -49.49
N THR B 874 45.73 25.25 -49.80
CA THR B 874 45.22 24.99 -51.14
C THR B 874 46.02 25.75 -52.19
N SER B 875 46.29 27.02 -51.92
CA SER B 875 47.07 27.83 -52.85
C SER B 875 48.46 27.25 -53.03
N ALA B 876 49.09 26.81 -51.94
CA ALA B 876 50.40 26.22 -52.04
C ALA B 876 50.38 24.95 -52.89
N LEU B 877 49.35 24.13 -52.71
CA LEU B 877 49.21 22.94 -53.53
C LEU B 877 49.08 23.32 -55.00
N LEU B 878 48.26 24.31 -55.30
CA LEU B 878 48.09 24.74 -56.68
C LEU B 878 49.40 25.23 -57.26
N ALA B 879 50.13 26.05 -56.50
CA ALA B 879 51.39 26.61 -57.00
C ALA B 879 52.42 25.52 -57.25
N GLY B 880 52.55 24.58 -56.31
CA GLY B 880 53.46 23.48 -56.51
C GLY B 880 53.10 22.65 -57.72
N THR B 881 51.79 22.36 -57.89
CA THR B 881 51.35 21.57 -59.03
C THR B 881 51.67 22.28 -60.34
N ILE B 882 51.41 23.59 -60.41
CA ILE B 882 51.57 24.29 -61.68
C ILE B 882 53.04 24.51 -62.00
N THR B 883 53.85 24.90 -61.02
CA THR B 883 55.22 25.28 -61.28
C THR B 883 56.21 24.14 -61.09
N SER B 884 55.77 22.97 -60.65
CA SER B 884 56.69 21.87 -60.44
C SER B 884 56.12 20.53 -60.86
N GLY B 885 54.94 20.49 -61.47
CA GLY B 885 54.36 19.21 -61.80
C GLY B 885 54.11 18.39 -60.56
N TRP B 886 54.31 17.09 -60.69
CA TRP B 886 54.13 16.17 -59.56
C TRP B 886 55.36 16.04 -58.69
N THR B 887 56.47 16.67 -59.07
CA THR B 887 57.74 16.42 -58.39
C THR B 887 57.71 16.87 -56.94
N PHE B 888 57.05 18.01 -56.67
CA PHE B 888 57.10 18.58 -55.33
C PHE B 888 56.48 17.68 -54.28
N GLY B 889 55.57 16.79 -54.68
CA GLY B 889 55.01 15.86 -53.72
C GLY B 889 55.96 14.77 -53.28
N ALA B 890 57.09 14.62 -53.96
CA ALA B 890 58.06 13.57 -53.69
C ALA B 890 59.39 14.17 -53.23
N GLY B 891 59.33 15.20 -52.39
CA GLY B 891 60.53 15.84 -51.90
C GLY B 891 60.59 17.30 -52.26
N PRO B 892 61.69 17.72 -52.88
CA PRO B 892 61.82 19.13 -53.26
C PRO B 892 61.04 19.42 -54.52
N ALA B 893 60.54 20.66 -54.62
CA ALA B 893 59.90 21.11 -55.83
C ALA B 893 60.94 21.35 -56.91
N LEU B 894 60.55 21.13 -58.17
CA LEU B 894 61.45 21.33 -59.30
C LEU B 894 60.74 22.19 -60.34
N GLN B 895 61.29 23.38 -60.58
CA GLN B 895 60.71 24.27 -61.57
C GLN B 895 60.73 23.61 -62.95
N ILE B 896 59.66 23.82 -63.71
CA ILE B 896 59.48 23.22 -65.03
C ILE B 896 58.38 23.97 -65.74
N PRO B 897 58.57 24.40 -66.99
CA PRO B 897 57.53 25.17 -67.68
C PRO B 897 56.24 24.38 -67.80
N PHE B 898 55.13 25.09 -67.64
CA PHE B 898 53.82 24.42 -67.60
C PHE B 898 53.49 23.66 -68.88
N PRO B 899 53.72 24.19 -70.09
CA PRO B 899 53.51 23.34 -71.28
C PRO B 899 54.35 22.08 -71.26
N MET B 900 55.55 22.13 -70.68
CA MET B 900 56.32 20.91 -70.50
C MET B 900 55.59 19.95 -69.58
N GLN B 901 54.98 20.47 -68.52
CA GLN B 901 54.20 19.61 -67.63
C GLN B 901 53.03 18.97 -68.37
N MET B 902 52.35 19.73 -69.22
CA MET B 902 51.23 19.17 -69.96
C MET B 902 51.70 18.13 -70.96
N ALA B 903 52.87 18.35 -71.58
CA ALA B 903 53.45 17.32 -72.42
C ALA B 903 53.73 16.06 -71.63
N TYR B 904 54.23 16.21 -70.40
CA TYR B 904 54.45 15.06 -69.52
C TYR B 904 53.15 14.34 -69.21
N ARG B 905 52.10 15.10 -68.93
CA ARG B 905 50.80 14.48 -68.63
C ARG B 905 50.28 13.72 -69.84
N PHE B 906 50.40 14.30 -71.03
CA PHE B 906 49.99 13.62 -72.24
C PHE B 906 50.79 12.33 -72.44
N ASN B 907 52.11 12.40 -72.19
CA ASN B 907 52.93 11.19 -72.23
C ASN B 907 52.42 10.15 -71.25
N GLY B 908 52.01 10.59 -70.06
CA GLY B 908 51.51 9.68 -69.04
C GLY B 908 50.10 9.18 -69.28
N ILE B 909 49.37 9.76 -70.24
CA ILE B 909 48.03 9.31 -70.55
C ILE B 909 47.95 8.52 -71.85
N GLY B 910 48.97 8.61 -72.70
CA GLY B 910 48.97 7.82 -73.92
C GLY B 910 49.04 8.63 -75.21
N VAL B 911 49.60 9.83 -75.15
CA VAL B 911 49.80 10.66 -76.33
C VAL B 911 51.15 11.36 -76.22
N THR B 912 51.63 11.86 -77.35
CA THR B 912 52.96 12.44 -77.44
C THR B 912 52.90 13.96 -77.36
N GLN B 913 54.03 14.56 -76.97
CA GLN B 913 54.10 16.01 -76.77
C GLN B 913 53.76 16.77 -78.03
N ASN B 914 53.92 16.14 -79.20
CA ASN B 914 53.68 16.82 -80.46
C ASN B 914 52.27 17.39 -80.52
N VAL B 915 51.26 16.55 -80.29
CA VAL B 915 49.88 16.98 -80.48
C VAL B 915 49.53 18.10 -79.52
N LEU B 916 49.98 18.00 -78.27
CA LEU B 916 49.74 19.06 -77.30
C LEU B 916 50.37 20.36 -77.79
N TYR B 917 51.64 20.31 -78.19
CA TYR B 917 52.27 21.51 -78.72
C TYR B 917 51.70 21.89 -80.08
N GLU B 918 51.31 20.90 -80.89
CA GLU B 918 50.62 21.20 -82.14
C GLU B 918 49.22 21.77 -81.92
N ASN B 919 48.70 21.71 -80.71
CA ASN B 919 47.37 22.24 -80.40
C ASN B 919 47.40 23.02 -79.10
N GLN B 920 48.52 23.69 -78.83
CA GLN B 920 48.68 24.39 -77.56
C GLN B 920 47.63 25.47 -77.39
N LYS B 921 47.40 26.27 -78.44
CA LYS B 921 46.42 27.34 -78.35
C LYS B 921 45.02 26.79 -78.12
N LEU B 922 44.64 25.77 -78.90
CA LEU B 922 43.32 25.18 -78.74
C LEU B 922 43.16 24.55 -77.36
N ILE B 923 44.19 23.84 -76.89
CA ILE B 923 44.11 23.21 -75.58
C ILE B 923 43.95 24.27 -74.48
N ALA B 924 44.74 25.33 -74.56
CA ALA B 924 44.65 26.39 -73.55
C ALA B 924 43.29 27.06 -73.58
N ASN B 925 42.77 27.34 -74.79
CA ASN B 925 41.47 27.98 -74.89
C ASN B 925 40.36 27.08 -74.35
N GLN B 926 40.43 25.78 -74.67
CA GLN B 926 39.45 24.86 -74.13
C GLN B 926 39.53 24.78 -72.62
N PHE B 927 40.74 24.79 -72.06
CA PHE B 927 40.89 24.78 -70.62
C PHE B 927 40.25 26.02 -70.01
N ASN B 928 40.53 27.20 -70.58
CA ASN B 928 39.97 28.43 -70.04
C ASN B 928 38.45 28.44 -70.13
N SER B 929 37.92 27.99 -71.27
CA SER B 929 36.47 27.93 -71.44
C SER B 929 35.85 26.95 -70.45
N ALA B 930 36.50 25.82 -70.22
CA ALA B 930 36.00 24.86 -69.26
C ALA B 930 36.00 25.43 -67.85
N ILE B 931 37.04 26.19 -67.51
CA ILE B 931 37.09 26.82 -66.19
C ILE B 931 35.94 27.82 -66.04
N GLY B 932 35.73 28.65 -67.06
CA GLY B 932 34.62 29.58 -67.02
C GLY B 932 33.29 28.87 -66.89
N LYS B 933 33.10 27.78 -67.64
CA LYS B 933 31.85 27.04 -67.57
C LYS B 933 31.66 26.41 -66.21
N ILE B 934 32.73 25.94 -65.58
CA ILE B 934 32.61 25.34 -64.26
C ILE B 934 32.24 26.40 -63.24
N GLN B 935 32.81 27.60 -63.38
CA GLN B 935 32.41 28.69 -62.49
C GLN B 935 30.94 29.02 -62.67
N ASP B 936 30.48 29.07 -63.93
CA ASP B 936 29.09 29.37 -64.20
C ASP B 936 28.17 28.30 -63.62
N SER B 937 28.55 27.03 -63.78
CA SER B 937 27.73 25.94 -63.27
C SER B 937 27.65 25.98 -61.75
N LEU B 938 28.78 26.26 -61.09
CA LEU B 938 28.76 26.39 -59.64
C LEU B 938 27.86 27.54 -59.22
N SER B 939 27.96 28.67 -59.92
CA SER B 939 27.13 29.83 -59.58
C SER B 939 25.65 29.54 -59.77
N SER B 940 25.30 28.84 -60.85
CA SER B 940 23.90 28.67 -61.22
C SER B 940 23.20 27.62 -60.35
N THR B 941 23.69 26.39 -60.39
CA THR B 941 23.00 25.29 -59.72
C THR B 941 23.19 25.39 -58.21
N PRO B 942 22.11 25.50 -57.43
CA PRO B 942 22.26 25.48 -55.97
C PRO B 942 22.48 24.10 -55.40
N SER B 943 22.07 23.05 -56.11
CA SER B 943 22.24 21.68 -55.65
C SER B 943 23.60 21.10 -55.97
N ALA B 944 24.46 21.86 -56.65
CA ALA B 944 25.80 21.37 -56.95
C ALA B 944 26.58 21.08 -55.67
N LEU B 945 26.50 21.98 -54.69
CA LEU B 945 27.11 21.76 -53.38
C LEU B 945 26.19 20.94 -52.49
N GLY B 946 25.73 19.80 -53.00
CA GLY B 946 24.78 18.99 -52.29
C GLY B 946 25.33 18.36 -51.02
N LYS B 947 26.41 17.59 -51.16
CA LYS B 947 26.84 16.71 -50.08
C LYS B 947 27.24 17.47 -48.83
N LEU B 948 27.98 18.57 -48.98
CA LEU B 948 28.39 19.34 -47.81
C LEU B 948 27.18 19.92 -47.09
N GLN B 949 26.25 20.47 -47.85
CA GLN B 949 25.03 21.00 -47.26
C GLN B 949 24.26 19.89 -46.54
N ASP B 950 24.23 18.70 -47.13
CA ASP B 950 23.55 17.58 -46.49
C ASP B 950 24.20 17.22 -45.16
N VAL B 951 25.53 17.20 -45.13
CA VAL B 951 26.24 16.89 -43.89
C VAL B 951 25.92 17.92 -42.82
N VAL B 952 26.00 19.20 -43.20
CA VAL B 952 25.73 20.27 -42.23
C VAL B 952 24.29 20.18 -41.74
N ASN B 953 23.34 19.94 -42.64
CA ASN B 953 21.95 19.84 -42.26
C ASN B 953 21.70 18.65 -41.36
N GLN B 954 22.35 17.52 -41.64
CA GLN B 954 22.20 16.35 -40.77
C GLN B 954 22.69 16.65 -39.37
N ASN B 955 23.86 17.28 -39.26
CA ASN B 955 24.39 17.60 -37.93
C ASN B 955 23.48 18.59 -37.21
N ALA B 956 23.01 19.61 -37.93
CA ALA B 956 22.11 20.58 -37.32
C ALA B 956 20.82 19.92 -36.86
N GLN B 957 20.27 19.01 -37.67
CA GLN B 957 19.05 18.31 -37.30
C GLN B 957 19.28 17.43 -36.07
N ALA B 958 20.44 16.77 -36.00
CA ALA B 958 20.74 15.97 -34.83
C ALA B 958 20.80 16.84 -33.58
N LEU B 959 21.46 17.98 -33.67
CA LEU B 959 21.51 18.89 -32.53
C LEU B 959 20.11 19.37 -32.15
N ASN B 960 19.30 19.72 -33.15
CA ASN B 960 17.95 20.18 -32.87
C ASN B 960 17.13 19.08 -32.19
N THR B 961 17.28 17.85 -32.64
CA THR B 961 16.58 16.73 -32.01
C THR B 961 17.02 16.56 -30.57
N LEU B 962 18.32 16.66 -30.32
CA LEU B 962 18.82 16.54 -28.96
C LEU B 962 18.24 17.63 -28.07
N VAL B 963 18.16 18.86 -28.58
CA VAL B 963 17.56 19.95 -27.82
C VAL B 963 16.09 19.68 -27.59
N LYS B 964 15.37 19.20 -28.61
CA LYS B 964 13.96 18.89 -28.47
C LYS B 964 13.72 17.85 -27.39
N GLN B 965 14.65 16.89 -27.26
CA GLN B 965 14.44 15.81 -26.31
C GLN B 965 14.24 16.33 -24.89
N LEU B 966 14.79 17.51 -24.59
CA LEU B 966 14.54 18.10 -23.27
C LEU B 966 13.05 18.34 -23.05
N SER B 967 12.32 18.68 -24.11
CA SER B 967 10.90 18.96 -23.96
C SER B 967 10.11 17.72 -23.56
N SER B 968 10.52 16.56 -24.05
CA SER B 968 9.77 15.34 -23.79
C SER B 968 9.83 14.94 -22.33
N ASN B 969 8.69 14.46 -21.81
CA ASN B 969 8.62 14.05 -20.42
C ASN B 969 9.30 12.71 -20.18
N PHE B 970 9.32 11.85 -21.19
CA PHE B 970 9.79 10.47 -21.04
C PHE B 970 9.04 9.76 -19.93
N GLY B 971 7.73 10.01 -19.85
CA GLY B 971 6.91 9.44 -18.81
C GLY B 971 6.93 10.18 -17.49
N ALA B 972 7.74 11.23 -17.37
CA ALA B 972 7.74 12.02 -16.15
C ALA B 972 6.53 12.96 -16.13
N ILE B 973 6.25 13.50 -14.96
CA ILE B 973 5.11 14.41 -14.81
C ILE B 973 5.35 15.69 -15.61
N SER B 974 6.59 16.15 -15.66
CA SER B 974 6.93 17.37 -16.38
C SER B 974 8.27 17.16 -17.06
N SER B 975 8.87 18.24 -17.56
CA SER B 975 10.17 18.17 -18.21
C SER B 975 11.06 19.34 -17.79
N VAL B 976 10.90 19.83 -16.58
CA VAL B 976 11.74 20.88 -16.02
C VAL B 976 12.25 20.41 -14.67
N LEU B 977 13.58 20.44 -14.51
CA LEU B 977 14.17 19.95 -13.26
C LEU B 977 13.69 20.75 -12.06
N ASN B 978 13.63 22.08 -12.21
CA ASN B 978 13.12 22.91 -11.11
C ASN B 978 11.67 22.59 -10.81
N ASP B 979 10.86 22.36 -11.84
CA ASP B 979 9.46 22.01 -11.63
C ASP B 979 9.33 20.71 -10.85
N ILE B 980 10.15 19.71 -11.19
CA ILE B 980 10.12 18.46 -10.46
C ILE B 980 10.56 18.68 -9.02
N LEU B 981 11.62 19.48 -8.82
CA LEU B 981 12.05 19.81 -7.47
C LEU B 981 10.94 20.53 -6.71
N SER B 982 10.28 21.48 -7.36
CA SER B 982 9.16 22.17 -6.73
C SER B 982 7.98 21.23 -6.59
N ARG B 983 7.15 21.50 -5.58
CA ARG B 983 5.88 20.82 -5.37
C ARG B 983 6.06 19.34 -5.05
N LEU B 984 7.29 18.86 -5.01
CA LEU B 984 7.58 17.45 -4.77
C LEU B 984 8.72 17.33 -3.78
N ASP B 985 8.50 16.55 -2.73
CA ASP B 985 9.56 16.23 -1.78
C ASP B 985 10.56 15.28 -2.44
N PRO B 986 11.76 15.19 -1.88
CA PRO B 986 12.80 14.34 -2.49
C PRO B 986 12.37 12.89 -2.72
N PRO B 987 11.57 12.27 -1.84
CA PRO B 987 11.27 10.84 -2.04
C PRO B 987 10.73 10.48 -3.42
N GLU B 988 9.86 11.30 -4.01
CA GLU B 988 9.38 11.02 -5.37
C GLU B 988 9.93 11.97 -6.41
N ALA B 989 10.36 13.17 -6.02
CA ALA B 989 11.09 14.02 -6.95
C ALA B 989 12.32 13.29 -7.46
N GLU B 990 12.97 12.50 -6.59
CA GLU B 990 14.15 11.76 -7.01
C GLU B 990 13.82 10.73 -8.07
N VAL B 991 12.68 10.01 -7.92
CA VAL B 991 12.37 8.98 -8.90
C VAL B 991 11.91 9.60 -10.21
N GLN B 992 11.18 10.72 -10.14
CA GLN B 992 10.81 11.42 -11.37
C GLN B 992 12.04 11.92 -12.10
N ILE B 993 12.98 12.52 -11.36
CA ILE B 993 14.23 12.98 -11.95
C ILE B 993 15.02 11.79 -12.49
N ASP B 994 14.96 10.65 -11.81
CA ASP B 994 15.65 9.46 -12.30
C ASP B 994 15.09 8.99 -13.63
N ARG B 995 13.76 9.00 -13.75
CA ARG B 995 13.15 8.65 -15.03
C ARG B 995 13.56 9.63 -16.12
N LEU B 996 13.54 10.92 -15.80
CA LEU B 996 13.97 11.92 -16.77
C LEU B 996 15.43 11.71 -17.16
N ILE B 997 16.27 11.36 -16.19
CA ILE B 997 17.68 11.13 -16.44
C ILE B 997 17.85 9.92 -17.35
N THR B 998 17.11 8.86 -17.08
CA THR B 998 17.18 7.69 -17.93
C THR B 998 16.82 8.06 -19.37
N GLY B 999 15.71 8.76 -19.54
CA GLY B 999 15.28 9.14 -20.89
C GLY B 999 16.30 10.03 -21.59
N ARG B 1000 16.76 11.07 -20.91
CA ARG B 1000 17.68 12.02 -21.53
C ARG B 1000 19.04 11.38 -21.79
N LEU B 1001 19.53 10.57 -20.86
CA LEU B 1001 20.79 9.86 -21.07
C LEU B 1001 20.69 8.91 -22.24
N GLN B 1002 19.57 8.18 -22.37
CA GLN B 1002 19.40 7.31 -23.51
C GLN B 1002 19.37 8.10 -24.81
N SER B 1003 18.69 9.25 -24.79
CA SER B 1003 18.65 10.10 -25.98
C SER B 1003 20.05 10.57 -26.35
N LEU B 1004 20.82 11.00 -25.34
CA LEU B 1004 22.18 11.47 -25.58
C LEU B 1004 23.05 10.33 -26.10
N GLN B 1005 22.85 9.12 -25.57
CA GLN B 1005 23.59 7.96 -26.05
C GLN B 1005 23.25 7.67 -27.50
N THR B 1006 21.97 7.77 -27.87
CA THR B 1006 21.59 7.64 -29.27
C THR B 1006 22.27 8.70 -30.11
N TYR B 1007 22.28 9.93 -29.64
CA TYR B 1007 22.90 11.01 -30.39
C TYR B 1007 24.39 10.76 -30.58
N VAL B 1008 25.08 10.32 -29.54
CA VAL B 1008 26.52 10.12 -29.66
C VAL B 1008 26.82 8.91 -30.54
N THR B 1009 25.99 7.88 -30.50
CA THR B 1009 26.18 6.77 -31.42
C THR B 1009 25.98 7.21 -32.86
N GLN B 1010 24.94 8.00 -33.11
CA GLN B 1010 24.72 8.55 -34.43
C GLN B 1010 25.90 9.41 -34.88
N GLN B 1011 26.41 10.23 -33.97
CA GLN B 1011 27.56 11.08 -34.29
C GLN B 1011 28.78 10.23 -34.59
N LEU B 1012 29.00 9.16 -33.83
CA LEU B 1012 30.14 8.30 -34.08
C LEU B 1012 30.02 7.63 -35.44
N ILE B 1013 28.82 7.16 -35.80
CA ILE B 1013 28.64 6.53 -37.10
C ILE B 1013 28.89 7.53 -38.22
N ARG B 1014 28.29 8.72 -38.09
CA ARG B 1014 28.47 9.73 -39.13
C ARG B 1014 29.92 10.18 -39.20
N ALA B 1015 30.60 10.22 -38.06
CA ALA B 1015 32.01 10.59 -38.04
C ALA B 1015 32.87 9.52 -38.70
N ALA B 1016 32.51 8.25 -38.51
CA ALA B 1016 33.22 7.18 -39.20
C ALA B 1016 33.03 7.31 -40.71
N GLU B 1017 31.80 7.59 -41.14
CA GLU B 1017 31.55 7.81 -42.56
C GLU B 1017 32.34 9.00 -43.08
N ILE B 1018 32.37 10.09 -42.32
CA ILE B 1018 33.10 11.27 -42.71
C ILE B 1018 34.58 10.99 -42.77
N ARG B 1019 35.10 10.22 -41.82
CA ARG B 1019 36.52 9.89 -41.83
C ARG B 1019 36.87 9.01 -43.03
N ALA B 1020 36.00 8.09 -43.38
CA ALA B 1020 36.22 7.31 -44.59
C ALA B 1020 36.24 8.21 -45.82
N SER B 1021 35.29 9.15 -45.89
CA SER B 1021 35.27 10.10 -47.00
C SER B 1021 36.53 10.96 -46.98
N ALA B 1022 37.03 11.29 -45.81
CA ALA B 1022 38.21 12.14 -45.70
C ALA B 1022 39.46 11.39 -46.13
N ASN B 1023 39.56 10.11 -45.78
CA ASN B 1023 40.66 9.29 -46.28
C ASN B 1023 40.59 9.18 -47.79
N LEU B 1024 39.38 9.00 -48.33
CA LEU B 1024 39.20 8.99 -49.77
C LEU B 1024 39.66 10.32 -50.38
N ALA B 1025 39.30 11.43 -49.74
CA ALA B 1025 39.72 12.73 -50.23
C ALA B 1025 41.23 12.89 -50.17
N ALA B 1026 41.84 12.41 -49.09
CA ALA B 1026 43.28 12.53 -48.94
C ALA B 1026 44.01 11.74 -50.01
N THR B 1027 43.59 10.50 -50.23
CA THR B 1027 44.23 9.69 -51.26
C THR B 1027 43.93 10.23 -52.65
N LYS B 1028 42.75 10.83 -52.85
CA LYS B 1028 42.44 11.45 -54.13
C LYS B 1028 43.33 12.66 -54.38
N MET B 1029 43.57 13.45 -53.34
CA MET B 1029 44.52 14.55 -53.44
C MET B 1029 45.91 14.03 -53.73
N SER B 1030 46.28 12.93 -53.09
CA SER B 1030 47.60 12.36 -53.30
C SER B 1030 47.79 11.86 -54.72
N GLU B 1031 46.76 11.24 -55.30
CA GLU B 1031 46.90 10.55 -56.58
C GLU B 1031 46.24 11.31 -57.75
N CYS B 1032 45.78 12.52 -57.52
CA CYS B 1032 45.11 13.27 -58.59
C CYS B 1032 45.70 14.65 -58.80
N VAL B 1033 46.15 15.31 -57.74
CA VAL B 1033 46.84 16.59 -57.87
C VAL B 1033 48.33 16.46 -57.61
N LEU B 1034 48.72 15.68 -56.60
CA LEU B 1034 50.13 15.41 -56.37
C LEU B 1034 50.72 14.54 -57.45
N GLY B 1035 49.88 13.93 -58.28
CA GLY B 1035 50.35 13.11 -59.39
C GLY B 1035 49.19 12.70 -60.24
N GLN B 1036 49.50 12.32 -61.49
CA GLN B 1036 48.48 11.87 -62.41
C GLN B 1036 48.26 10.37 -62.27
N SER B 1037 47.04 9.98 -61.94
CA SER B 1037 46.68 8.58 -61.76
C SER B 1037 46.20 7.99 -63.08
N LYS B 1038 46.60 6.76 -63.33
CA LYS B 1038 46.05 5.99 -64.44
C LYS B 1038 44.88 5.12 -64.00
N ARG B 1039 44.52 5.15 -62.72
CA ARG B 1039 43.38 4.39 -62.24
C ARG B 1039 42.11 4.85 -62.94
N VAL B 1040 41.49 3.95 -63.71
CA VAL B 1040 40.36 4.35 -64.54
C VAL B 1040 39.20 4.79 -63.65
N ASP B 1041 38.68 5.97 -63.94
CA ASP B 1041 37.52 6.53 -63.24
C ASP B 1041 37.78 6.65 -61.74
N PHE B 1042 38.90 7.29 -61.40
CA PHE B 1042 39.16 7.69 -60.03
C PHE B 1042 39.34 9.19 -59.89
N CYS B 1043 40.20 9.80 -60.72
CA CYS B 1043 40.35 11.25 -60.74
C CYS B 1043 39.44 11.85 -61.80
N GLY B 1044 38.15 11.60 -61.61
CA GLY B 1044 37.15 12.05 -62.56
C GLY B 1044 36.92 11.05 -63.67
N LYS B 1045 35.77 11.21 -64.34
CA LYS B 1045 35.40 10.29 -65.40
C LYS B 1045 36.35 10.46 -66.59
N GLY B 1046 36.89 9.35 -67.07
CA GLY B 1046 37.74 9.36 -68.25
C GLY B 1046 39.21 9.43 -67.89
N TYR B 1047 40.02 9.42 -68.94
CA TYR B 1047 41.46 9.52 -68.79
C TYR B 1047 41.82 10.81 -68.06
N HIS B 1048 42.71 10.71 -67.08
CA HIS B 1048 42.99 11.81 -66.18
C HIS B 1048 44.20 12.61 -66.62
N LEU B 1049 44.13 13.93 -66.42
CA LEU B 1049 45.25 14.82 -66.69
C LEU B 1049 45.79 15.44 -65.42
N MET B 1050 44.96 16.16 -64.67
CA MET B 1050 45.37 16.74 -63.41
C MET B 1050 44.11 17.06 -62.60
N SER B 1051 44.32 17.49 -61.36
CA SER B 1051 43.21 17.81 -60.48
C SER B 1051 43.57 19.03 -59.66
N PHE B 1052 42.57 19.89 -59.44
CA PHE B 1052 42.78 21.10 -58.66
C PHE B 1052 41.95 21.03 -57.39
N PRO B 1053 42.58 21.01 -56.21
CA PRO B 1053 41.81 21.07 -54.98
C PRO B 1053 41.30 22.47 -54.71
N GLN B 1054 40.18 22.55 -54.00
CA GLN B 1054 39.62 23.82 -53.58
C GLN B 1054 38.97 23.63 -52.22
N SER B 1055 39.18 24.60 -51.35
CA SER B 1055 38.61 24.55 -50.01
C SER B 1055 37.11 24.79 -50.06
N ALA B 1056 36.44 24.37 -48.99
CA ALA B 1056 35.03 24.63 -48.79
C ALA B 1056 34.73 24.43 -47.32
N PRO B 1057 33.68 25.06 -46.79
CA PRO B 1057 33.34 24.84 -45.38
C PRO B 1057 33.17 23.36 -45.08
N HIS B 1058 34.08 22.82 -44.27
CA HIS B 1058 34.08 21.43 -43.84
C HIS B 1058 34.30 20.45 -44.98
N GLY B 1059 34.57 20.92 -46.20
CA GLY B 1059 34.64 20.03 -47.33
C GLY B 1059 35.68 20.47 -48.35
N VAL B 1060 35.88 19.62 -49.35
CA VAL B 1060 36.83 19.89 -50.41
C VAL B 1060 36.14 19.66 -51.75
N VAL B 1061 36.61 20.37 -52.77
CA VAL B 1061 36.08 20.25 -54.12
C VAL B 1061 37.24 20.01 -55.07
N PHE B 1062 37.17 18.92 -55.82
CA PHE B 1062 38.19 18.58 -56.79
C PHE B 1062 37.69 18.95 -58.18
N LEU B 1063 38.42 19.84 -58.84
CA LEU B 1063 38.20 20.10 -60.27
C LEU B 1063 39.08 19.11 -61.01
N HIS B 1064 38.48 18.04 -61.50
CA HIS B 1064 39.23 17.07 -62.28
C HIS B 1064 39.22 17.48 -63.75
N VAL B 1065 40.40 17.42 -64.38
CA VAL B 1065 40.55 17.75 -65.78
C VAL B 1065 40.82 16.44 -66.51
N THR B 1066 39.88 16.03 -67.35
CA THR B 1066 39.93 14.74 -68.03
C THR B 1066 39.96 14.95 -69.54
N TYR B 1067 40.86 14.22 -70.19
CA TYR B 1067 40.86 14.14 -71.64
C TYR B 1067 39.77 13.17 -72.09
N VAL B 1068 38.99 13.56 -73.08
CA VAL B 1068 37.93 12.70 -73.59
C VAL B 1068 37.93 12.74 -75.12
N PRO B 1069 38.12 11.61 -75.80
CA PRO B 1069 37.96 11.62 -77.25
C PRO B 1069 36.56 12.07 -77.63
N ALA B 1070 36.48 12.95 -78.63
CA ALA B 1070 35.23 13.59 -79.00
C ALA B 1070 34.76 13.19 -80.40
N GLN B 1071 35.59 13.40 -81.41
CA GLN B 1071 35.25 13.06 -82.79
C GLN B 1071 36.02 11.81 -83.18
N GLU B 1072 35.31 10.81 -83.69
CA GLU B 1072 35.93 9.53 -84.01
C GLU B 1072 35.55 9.12 -85.42
N LYS B 1073 36.47 8.43 -86.09
CA LYS B 1073 36.22 7.76 -87.35
C LYS B 1073 36.57 6.30 -87.19
N ASN B 1074 36.27 5.49 -88.20
CA ASN B 1074 36.55 4.07 -88.13
C ASN B 1074 37.21 3.60 -89.41
N PHE B 1075 38.02 2.55 -89.27
CA PHE B 1075 38.87 2.07 -90.35
C PHE B 1075 39.04 0.57 -90.23
N THR B 1076 39.47 -0.04 -91.33
CA THR B 1076 39.82 -1.45 -91.34
C THR B 1076 41.15 -1.66 -90.64
N THR B 1077 41.24 -2.73 -89.87
CA THR B 1077 42.40 -3.01 -89.04
C THR B 1077 43.01 -4.36 -89.40
N ALA B 1078 44.34 -4.44 -89.29
CA ALA B 1078 45.07 -5.68 -89.50
C ALA B 1078 46.00 -5.89 -88.30
N PRO B 1079 45.95 -7.06 -87.66
CA PRO B 1079 46.80 -7.28 -86.48
C PRO B 1079 48.27 -7.15 -86.75
N ALA B 1080 48.74 -7.59 -87.92
CA ALA B 1080 50.16 -7.59 -88.23
C ALA B 1080 50.34 -7.28 -89.71
N ILE B 1081 51.60 -7.15 -90.12
CA ILE B 1081 51.96 -6.84 -91.50
C ILE B 1081 52.99 -7.85 -91.99
N CYS B 1082 52.73 -8.42 -93.17
CA CYS B 1082 53.64 -9.35 -93.82
C CYS B 1082 54.30 -8.61 -94.97
N HIS B 1083 55.48 -8.04 -94.71
CA HIS B 1083 56.17 -7.30 -95.76
C HIS B 1083 57.11 -8.18 -96.55
N ASP B 1084 57.97 -8.93 -95.87
CA ASP B 1084 58.98 -9.78 -96.50
C ASP B 1084 58.88 -11.20 -96.00
N GLY B 1085 57.65 -11.71 -95.96
CA GLY B 1085 57.42 -13.07 -95.48
C GLY B 1085 57.52 -13.23 -93.98
N LYS B 1086 57.64 -12.13 -93.24
CA LYS B 1086 57.78 -12.16 -91.80
C LYS B 1086 56.79 -11.19 -91.19
N ALA B 1087 56.19 -11.59 -90.07
CA ALA B 1087 55.17 -10.77 -89.43
C ALA B 1087 55.77 -9.49 -88.86
N HIS B 1088 54.98 -8.42 -88.88
CA HIS B 1088 55.38 -7.14 -88.31
C HIS B 1088 54.29 -6.65 -87.38
N PHE B 1089 54.70 -6.16 -86.22
CA PHE B 1089 53.77 -5.69 -85.21
C PHE B 1089 54.14 -4.28 -84.77
N PRO B 1090 53.15 -3.45 -84.46
CA PRO B 1090 53.46 -2.08 -84.05
C PRO B 1090 54.13 -2.05 -82.68
N ARG B 1091 55.19 -1.24 -82.58
CA ARG B 1091 55.74 -0.94 -81.27
C ARG B 1091 54.71 -0.20 -80.42
N GLU B 1092 53.83 0.56 -81.05
CA GLU B 1092 52.69 1.17 -80.41
C GLU B 1092 51.65 1.45 -81.49
N GLY B 1093 50.40 1.55 -81.07
CA GLY B 1093 49.34 1.78 -82.04
C GLY B 1093 48.95 0.53 -82.80
N VAL B 1094 48.22 0.75 -83.89
CA VAL B 1094 47.62 -0.31 -84.68
C VAL B 1094 47.81 -0.01 -86.17
N PHE B 1095 47.26 -0.89 -87.00
CA PHE B 1095 47.31 -0.73 -88.45
C PHE B 1095 45.92 -0.36 -88.96
N VAL B 1096 45.84 0.78 -89.64
CA VAL B 1096 44.58 1.27 -90.21
C VAL B 1096 44.82 1.59 -91.67
N SER B 1097 43.73 1.64 -92.44
CA SER B 1097 43.86 1.92 -93.85
C SER B 1097 42.65 2.71 -94.34
N ASN B 1098 42.93 3.67 -95.22
CA ASN B 1098 41.89 4.44 -95.91
C ASN B 1098 41.51 3.78 -97.22
N GLY B 1099 41.22 2.48 -97.16
CA GLY B 1099 41.13 1.70 -98.38
C GLY B 1099 42.41 1.73 -99.19
N THR B 1100 43.53 1.96 -98.52
CA THR B 1100 44.79 2.32 -99.16
C THR B 1100 45.93 1.76 -98.31
N HIS B 1101 47.12 2.32 -98.49
CA HIS B 1101 48.28 1.97 -97.68
C HIS B 1101 47.93 2.00 -96.20
N TRP B 1102 48.66 1.21 -95.43
CA TRP B 1102 48.42 1.14 -94.00
C TRP B 1102 49.17 2.25 -93.27
N PHE B 1103 48.68 2.55 -92.07
CA PHE B 1103 49.22 3.61 -91.24
C PHE B 1103 49.06 3.23 -89.78
N VAL B 1104 49.84 3.89 -88.92
CA VAL B 1104 49.81 3.65 -87.48
C VAL B 1104 49.56 4.98 -86.79
N THR B 1105 48.63 4.98 -85.84
CA THR B 1105 48.32 6.13 -85.01
C THR B 1105 48.54 5.77 -83.55
N GLN B 1106 48.29 6.74 -82.68
CA GLN B 1106 48.28 6.46 -81.25
C GLN B 1106 47.08 5.58 -80.91
N ARG B 1107 47.21 4.82 -79.82
CA ARG B 1107 46.12 3.96 -79.40
C ARG B 1107 44.90 4.73 -78.92
N ASN B 1108 45.02 6.05 -78.70
CA ASN B 1108 43.89 6.86 -78.28
C ASN B 1108 43.84 8.18 -79.02
N PHE B 1109 44.40 8.23 -80.23
CA PHE B 1109 44.30 9.40 -81.08
C PHE B 1109 44.66 9.02 -82.50
N TYR B 1110 44.07 9.74 -83.46
CA TYR B 1110 44.31 9.47 -84.87
C TYR B 1110 45.42 10.38 -85.38
N GLU B 1111 46.65 9.85 -85.37
CA GLU B 1111 47.80 10.49 -85.99
C GLU B 1111 48.50 9.44 -86.85
N PRO B 1112 47.98 9.20 -88.05
CA PRO B 1112 48.56 8.16 -88.91
C PRO B 1112 49.95 8.53 -89.38
N GLN B 1113 50.73 7.50 -89.71
CA GLN B 1113 52.07 7.69 -90.23
C GLN B 1113 52.42 6.52 -91.13
N ILE B 1114 53.42 6.72 -91.99
CA ILE B 1114 53.79 5.69 -92.96
C ILE B 1114 54.40 4.50 -92.25
N ILE B 1115 54.06 3.30 -92.71
CA ILE B 1115 54.62 2.10 -92.13
C ILE B 1115 56.13 2.08 -92.38
N THR B 1116 56.90 1.92 -91.31
CA THR B 1116 58.35 1.91 -91.40
C THR B 1116 58.88 0.98 -90.32
N THR B 1117 60.02 0.35 -90.61
CA THR B 1117 60.65 -0.51 -89.63
C THR B 1117 60.96 0.22 -88.33
N ASP B 1118 61.12 1.55 -88.40
CA ASP B 1118 61.38 2.32 -87.19
C ASP B 1118 60.21 2.25 -86.23
N ASN B 1119 58.98 2.33 -86.73
CA ASN B 1119 57.80 2.36 -85.88
C ASN B 1119 57.29 0.98 -85.51
N THR B 1120 57.81 -0.09 -86.12
CA THR B 1120 57.32 -1.43 -85.88
C THR B 1120 58.48 -2.36 -85.54
N PHE B 1121 58.16 -3.63 -85.36
CA PHE B 1121 59.17 -4.65 -85.13
C PHE B 1121 58.73 -5.95 -85.76
N VAL B 1122 59.69 -6.69 -86.30
CA VAL B 1122 59.43 -7.97 -86.93
C VAL B 1122 59.43 -9.06 -85.87
N SER B 1123 58.59 -10.07 -86.06
CA SER B 1123 58.50 -11.17 -85.12
C SER B 1123 57.97 -12.40 -85.84
N GLY B 1124 58.86 -13.38 -86.08
CA GLY B 1124 58.45 -14.65 -86.63
C GLY B 1124 57.95 -14.57 -88.07
N ASN B 1125 57.13 -15.55 -88.42
CA ASN B 1125 56.59 -15.72 -89.75
C ASN B 1125 55.11 -15.34 -89.77
N CYS B 1126 54.60 -15.08 -90.97
CA CYS B 1126 53.23 -14.64 -91.16
C CYS B 1126 52.22 -15.79 -91.12
N ASP B 1127 52.66 -17.04 -91.23
CA ASP B 1127 51.74 -18.16 -91.38
C ASP B 1127 50.88 -18.35 -90.13
N VAL B 1128 51.51 -18.34 -88.96
CA VAL B 1128 50.78 -18.65 -87.73
C VAL B 1128 49.82 -17.52 -87.38
N VAL B 1129 50.25 -16.27 -87.50
CA VAL B 1129 49.41 -15.14 -87.15
C VAL B 1129 48.27 -15.01 -88.15
N ILE B 1130 47.05 -14.84 -87.65
CA ILE B 1130 45.87 -14.69 -88.48
C ILE B 1130 45.49 -13.21 -88.53
N GLY B 1131 44.88 -12.82 -89.64
CA GLY B 1131 44.51 -11.44 -89.88
C GLY B 1131 45.61 -10.56 -90.40
N ILE B 1132 46.86 -11.03 -90.38
CA ILE B 1132 47.97 -10.25 -90.91
C ILE B 1132 47.81 -10.09 -92.42
N VAL B 1133 48.06 -8.88 -92.91
CA VAL B 1133 47.94 -8.57 -94.33
C VAL B 1133 49.28 -8.07 -94.84
N ASN B 1134 49.43 -8.12 -96.17
CA ASN B 1134 50.66 -7.68 -96.81
C ASN B 1134 50.70 -6.16 -96.90
N ASN B 1135 51.89 -5.60 -96.68
CA ASN B 1135 52.11 -4.18 -96.82
C ASN B 1135 53.61 -3.95 -97.02
N THR B 1136 53.94 -2.81 -97.63
CA THR B 1136 55.32 -2.48 -97.94
C THR B 1136 55.90 -1.68 -96.78
N VAL B 1137 56.72 -2.33 -95.96
CA VAL B 1137 57.40 -1.65 -94.87
C VAL B 1137 58.63 -0.96 -95.45
N TYR B 1138 58.61 0.36 -95.49
CA TYR B 1138 59.70 1.14 -96.07
C TYR B 1138 60.92 1.13 -95.15
N ASP B 1139 62.10 1.12 -95.75
CA ASP B 1139 63.35 1.15 -95.02
C ASP B 1139 63.97 2.53 -95.12
N PRO B 1140 64.13 3.27 -94.02
CA PRO B 1140 64.76 4.60 -94.11
C PRO B 1140 66.17 4.57 -94.64
N LEU B 1141 66.91 3.49 -94.38
CA LEU B 1141 68.28 3.40 -94.86
C LEU B 1141 68.34 3.14 -96.37
N GLN B 1142 67.28 2.55 -96.93
CA GLN B 1142 67.31 2.14 -98.33
C GLN B 1142 67.56 3.30 -99.29
N PRO B 1143 66.85 4.44 -99.21
CA PRO B 1143 67.17 5.53 -100.15
C PRO B 1143 68.60 6.04 -100.03
N GLU B 1144 69.19 5.98 -98.84
CA GLU B 1144 70.57 6.42 -98.66
C GLU B 1144 71.51 5.45 -99.35
N SER C 100 -40.37 19.96 23.08
CA SER C 100 -41.45 18.98 23.15
C SER C 100 -41.89 18.77 24.60
N THR C 101 -40.99 18.22 25.41
CA THR C 101 -41.30 17.96 26.80
C THR C 101 -41.38 19.27 27.59
N ILE C 102 -42.00 19.19 28.76
CA ILE C 102 -42.13 20.36 29.62
C ILE C 102 -40.77 20.86 30.07
N GLU C 103 -39.81 19.95 30.26
CA GLU C 103 -38.47 20.36 30.65
C GLU C 103 -37.82 21.22 29.56
N GLU C 104 -37.98 20.82 28.29
CA GLU C 104 -37.41 21.60 27.19
C GLU C 104 -38.06 22.98 27.10
N GLN C 105 -39.39 23.04 27.25
CA GLN C 105 -40.07 24.34 27.24
C GLN C 105 -39.61 25.20 28.41
N ALA C 106 -39.41 24.60 29.58
CA ALA C 106 -38.90 25.34 30.72
C ALA C 106 -37.49 25.86 30.45
N LYS C 107 -36.65 25.06 29.82
CA LYS C 107 -35.30 25.51 29.48
C LYS C 107 -35.34 26.69 28.51
N THR C 108 -36.20 26.61 27.49
CA THR C 108 -36.32 27.71 26.55
C THR C 108 -36.84 28.97 27.22
N PHE C 109 -37.84 28.82 28.09
CA PHE C 109 -38.38 29.96 28.82
C PHE C 109 -37.33 30.58 29.73
N LEU C 110 -36.53 29.74 30.40
CA LEU C 110 -35.47 30.25 31.25
C LEU C 110 -34.41 30.98 30.45
N ASP C 111 -34.06 30.46 29.27
CA ASP C 111 -33.08 31.13 28.42
C ASP C 111 -33.60 32.50 27.97
N LYS C 112 -34.86 32.57 27.56
CA LYS C 112 -35.45 33.84 27.16
C LYS C 112 -35.49 34.81 28.34
N PHE C 113 -35.89 34.32 29.51
CA PHE C 113 -35.92 35.16 30.70
C PHE C 113 -34.54 35.70 31.03
N ASN C 114 -33.51 34.84 30.94
CA ASN C 114 -32.16 35.30 31.21
C ASN C 114 -31.72 36.35 30.21
N HIS C 115 -32.04 36.15 28.94
CA HIS C 115 -31.66 37.14 27.93
C HIS C 115 -32.30 38.49 28.19
N GLU C 116 -33.59 38.50 28.54
CA GLU C 116 -34.23 39.77 28.88
C GLU C 116 -33.65 40.35 30.17
N ALA C 117 -33.44 39.49 31.17
CA ALA C 117 -33.03 39.94 32.50
C ALA C 117 -31.63 40.53 32.49
N GLU C 118 -30.73 40.00 31.65
CA GLU C 118 -29.40 40.60 31.56
C GLU C 118 -29.49 42.07 31.24
N ASP C 119 -30.22 42.40 30.16
CA ASP C 119 -30.35 43.81 29.76
C ASP C 119 -31.11 44.62 30.79
N LEU C 120 -32.23 44.08 31.31
CA LEU C 120 -33.05 44.87 32.23
C LEU C 120 -32.30 45.15 33.53
N PHE C 121 -31.65 44.13 34.09
CA PHE C 121 -30.84 44.32 35.29
C PHE C 121 -29.63 45.20 35.03
N TYR C 122 -29.06 45.14 33.82
CA TYR C 122 -27.98 46.04 33.48
C TYR C 122 -28.45 47.49 33.51
N GLN C 123 -29.61 47.76 32.93
CA GLN C 123 -30.16 49.11 32.96
C GLN C 123 -30.45 49.56 34.40
N SER C 124 -31.04 48.66 35.20
CA SER C 124 -31.33 49.01 36.59
C SER C 124 -30.06 49.29 37.37
N SER C 125 -29.03 48.47 37.17
CA SER C 125 -27.76 48.66 37.87
C SER C 125 -27.06 49.92 37.41
N LEU C 126 -27.14 50.25 36.13
CA LEU C 126 -26.55 51.52 35.65
C LEU C 126 -27.28 52.71 36.27
N ALA C 127 -28.61 52.65 36.34
CA ALA C 127 -29.35 53.73 36.99
C ALA C 127 -28.97 53.84 38.46
N SER C 128 -28.80 52.69 39.13
CA SER C 128 -28.40 52.70 40.53
C SER C 128 -27.00 53.29 40.70
N TRP C 129 -26.08 52.94 39.81
CA TRP C 129 -24.73 53.50 39.88
C TRP C 129 -24.75 55.01 39.68
N ASN C 130 -25.54 55.48 38.71
CA ASN C 130 -25.64 56.92 38.48
C ASN C 130 -26.24 57.62 39.68
N TYR C 131 -27.28 57.04 40.28
CA TYR C 131 -27.91 57.63 41.44
C TYR C 131 -26.98 57.67 42.64
N ASN C 132 -26.23 56.58 42.88
CA ASN C 132 -25.35 56.52 44.03
C ASN C 132 -24.14 57.41 43.86
N THR C 133 -23.60 57.50 42.64
CA THR C 133 -22.52 58.46 42.37
C THR C 133 -23.01 59.89 42.37
N ASN C 134 -24.25 60.13 41.93
CA ASN C 134 -24.83 61.48 41.89
C ASN C 134 -26.28 61.35 42.31
N ILE C 135 -26.59 61.77 43.54
CA ILE C 135 -27.94 61.69 44.07
C ILE C 135 -28.68 62.94 43.62
N THR C 136 -29.52 62.80 42.61
CA THR C 136 -30.37 63.87 42.12
C THR C 136 -31.79 63.38 41.97
N GLU C 137 -32.73 64.34 41.83
CA GLU C 137 -34.13 63.98 41.67
C GLU C 137 -34.36 63.17 40.41
N GLU C 138 -33.66 63.52 39.32
CA GLU C 138 -33.76 62.72 38.10
C GLU C 138 -33.18 61.32 38.31
N ASN C 139 -32.11 61.23 39.10
CA ASN C 139 -31.57 59.92 39.44
C ASN C 139 -32.59 59.10 40.22
N VAL C 140 -33.30 59.73 41.16
CA VAL C 140 -34.36 59.04 41.89
C VAL C 140 -35.46 58.59 40.93
N GLN C 141 -35.82 59.45 39.97
CA GLN C 141 -36.89 59.11 39.04
C GLN C 141 -36.52 57.91 38.18
N ASN C 142 -35.33 57.94 37.57
CA ASN C 142 -34.93 56.80 36.75
C ASN C 142 -34.69 55.55 37.59
N MET C 143 -34.26 55.70 38.84
CA MET C 143 -34.16 54.55 39.73
C MET C 143 -35.52 53.93 39.97
N ASN C 144 -36.53 54.76 40.22
CA ASN C 144 -37.89 54.25 40.40
C ASN C 144 -38.38 53.55 39.14
N ASN C 145 -38.12 54.15 37.98
CA ASN C 145 -38.56 53.56 36.72
C ASN C 145 -37.90 52.19 36.51
N ALA C 146 -36.59 52.13 36.68
CA ALA C 146 -35.87 50.88 36.49
C ALA C 146 -36.31 49.82 37.49
N GLY C 147 -36.50 50.22 38.76
CA GLY C 147 -36.95 49.27 39.75
C GLY C 147 -38.33 48.73 39.47
N ASP C 148 -39.26 49.59 39.07
CA ASP C 148 -40.60 49.13 38.73
C ASP C 148 -40.57 48.19 37.53
N LYS C 149 -39.81 48.55 36.50
CA LYS C 149 -39.69 47.68 35.32
C LYS C 149 -39.11 46.33 35.71
N TRP C 150 -38.03 46.33 36.49
CA TRP C 150 -37.38 45.09 36.89
C TRP C 150 -38.30 44.23 37.74
N SER C 151 -39.00 44.84 38.70
CA SER C 151 -39.91 44.08 39.56
C SER C 151 -41.07 43.49 38.76
N ALA C 152 -41.65 44.28 37.85
CA ALA C 152 -42.73 43.76 37.03
C ALA C 152 -42.26 42.61 36.16
N PHE C 153 -41.08 42.75 35.55
CA PHE C 153 -40.54 41.67 34.73
C PHE C 153 -40.30 40.41 35.56
N LEU C 154 -39.71 40.56 36.75
CA LEU C 154 -39.44 39.41 37.60
C LEU C 154 -40.73 38.73 38.02
N LYS C 155 -41.75 39.51 38.38
CA LYS C 155 -43.01 38.90 38.79
C LYS C 155 -43.69 38.18 37.63
N GLU C 156 -43.66 38.78 36.44
CA GLU C 156 -44.24 38.12 35.27
C GLU C 156 -43.52 36.82 34.96
N GLN C 157 -42.19 36.82 35.01
CA GLN C 157 -41.43 35.60 34.75
C GLN C 157 -41.71 34.56 35.83
N SER C 158 -41.83 34.98 37.08
CA SER C 158 -42.15 34.04 38.16
C SER C 158 -43.51 33.40 37.93
N THR C 159 -44.51 34.20 37.54
CA THR C 159 -45.83 33.66 37.25
C THR C 159 -45.79 32.68 36.09
N LEU C 160 -45.08 33.04 35.01
CA LEU C 160 -44.99 32.17 33.85
C LEU C 160 -44.13 30.94 34.12
N ALA C 161 -43.34 30.95 35.19
CA ALA C 161 -42.53 29.80 35.55
C ALA C 161 -43.22 28.87 36.53
N GLN C 162 -44.09 29.41 37.40
CA GLN C 162 -44.75 28.59 38.41
C GLN C 162 -45.60 27.51 37.78
N MET C 163 -46.13 27.75 36.57
CA MET C 163 -46.89 26.72 35.87
C MET C 163 -46.04 25.54 35.45
N TYR C 164 -44.73 25.70 35.37
CA TYR C 164 -43.86 24.58 35.03
C TYR C 164 -43.73 23.65 36.23
N PRO C 165 -44.11 22.38 36.11
CA PRO C 165 -43.98 21.44 37.24
C PRO C 165 -42.52 21.09 37.47
N LEU C 166 -42.05 21.29 38.71
CA LEU C 166 -40.66 21.05 39.04
C LEU C 166 -40.33 19.59 39.28
N GLN C 167 -41.33 18.75 39.54
CA GLN C 167 -41.06 17.35 39.86
C GLN C 167 -40.66 16.55 38.64
N GLU C 168 -41.06 16.96 37.44
CA GLU C 168 -40.72 16.25 36.22
C GLU C 168 -39.42 16.72 35.59
N ILE C 169 -38.76 17.71 36.19
CA ILE C 169 -37.52 18.25 35.66
C ILE C 169 -36.35 17.55 36.34
N GLN C 170 -35.54 16.85 35.55
CA GLN C 170 -34.39 16.11 36.07
C GLN C 170 -33.10 16.92 36.04
N ASN C 171 -33.02 17.96 35.22
CA ASN C 171 -31.84 18.82 35.21
C ASN C 171 -31.79 19.62 36.50
N LEU C 172 -30.72 19.44 37.28
CA LEU C 172 -30.61 20.14 38.55
C LEU C 172 -30.53 21.65 38.35
N THR C 173 -29.79 22.11 37.33
CA THR C 173 -29.65 23.53 37.10
C THR C 173 -30.99 24.17 36.74
N VAL C 174 -31.75 23.53 35.86
CA VAL C 174 -33.04 24.08 35.44
C VAL C 174 -34.01 24.14 36.60
N LYS C 175 -34.06 23.06 37.40
CA LYS C 175 -34.95 23.05 38.55
C LYS C 175 -34.57 24.11 39.57
N LEU C 176 -33.26 24.26 39.82
CA LEU C 176 -32.80 25.28 40.76
C LEU C 176 -33.16 26.68 40.27
N GLN C 177 -32.95 26.94 38.97
CA GLN C 177 -33.29 28.23 38.41
C GLN C 177 -34.78 28.52 38.51
N LEU C 178 -35.61 27.53 38.20
CA LEU C 178 -37.05 27.72 38.29
C LEU C 178 -37.50 27.97 39.71
N GLN C 179 -37.02 27.17 40.66
CA GLN C 179 -37.42 27.36 42.05
C GLN C 179 -36.92 28.68 42.61
N ALA C 180 -35.76 29.15 42.14
CA ALA C 180 -35.32 30.50 42.48
C ALA C 180 -36.15 31.55 41.75
N LEU C 181 -36.85 31.18 40.69
CA LEU C 181 -37.74 32.09 39.98
C LEU C 181 -39.19 31.93 40.42
N GLN C 182 -39.66 30.68 40.57
CA GLN C 182 -41.06 30.43 40.92
C GLN C 182 -41.40 30.84 42.35
N GLN C 183 -40.46 31.41 43.10
CA GLN C 183 -40.72 31.81 44.48
C GLN C 183 -41.64 33.02 44.48
N ASN C 184 -42.93 32.78 44.75
CA ASN C 184 -43.88 33.86 44.87
C ASN C 184 -43.56 34.77 46.04
N GLY C 185 -43.16 34.18 47.17
CA GLY C 185 -42.85 34.96 48.35
C GLY C 185 -44.07 35.49 49.06
N SER C 186 -43.99 36.71 49.59
CA SER C 186 -45.12 37.29 50.31
C SER C 186 -46.32 37.51 49.40
N SER C 187 -46.13 37.44 48.08
CA SER C 187 -47.25 37.52 47.14
C SER C 187 -48.14 36.30 47.21
N VAL C 188 -47.73 35.24 47.90
CA VAL C 188 -48.61 34.08 48.07
C VAL C 188 -49.86 34.46 48.86
N LEU C 189 -49.76 35.48 49.70
CA LEU C 189 -50.91 36.00 50.43
C LEU C 189 -51.79 36.82 49.51
N SER C 190 -52.88 37.35 50.05
CA SER C 190 -53.74 38.24 49.28
C SER C 190 -53.04 39.56 49.02
N GLU C 191 -53.62 40.33 48.09
CA GLU C 191 -53.05 41.64 47.78
C GLU C 191 -53.11 42.57 48.99
N ASP C 192 -54.21 42.53 49.74
CA ASP C 192 -54.34 43.40 50.91
C ASP C 192 -53.34 43.03 52.00
N LYS C 193 -53.18 41.73 52.27
CA LYS C 193 -52.24 41.30 53.30
C LYS C 193 -50.81 41.64 52.90
N SER C 194 -50.46 41.42 51.63
CA SER C 194 -49.12 41.78 51.15
C SER C 194 -48.90 43.29 51.25
N LYS C 195 -49.91 44.08 50.89
CA LYS C 195 -49.79 45.54 51.02
C LYS C 195 -49.59 45.95 52.47
N ARG C 196 -50.34 45.34 53.39
CA ARG C 196 -50.17 45.64 54.80
C ARG C 196 -48.77 45.28 55.28
N LEU C 197 -48.28 44.11 54.86
CA LEU C 197 -46.94 43.69 55.28
C LEU C 197 -45.88 44.64 54.74
N ASN C 198 -46.00 45.06 53.48
CA ASN C 198 -45.04 46.01 52.91
C ASN C 198 -45.12 47.36 53.62
N THR C 199 -46.33 47.82 53.93
CA THR C 199 -46.48 49.10 54.63
C THR C 199 -45.86 49.02 56.02
N ILE C 200 -46.05 47.90 56.72
CA ILE C 200 -45.46 47.74 58.05
C ILE C 200 -43.94 47.67 57.96
N LEU C 201 -43.42 46.99 56.94
CA LEU C 201 -41.97 46.95 56.72
C LEU C 201 -41.41 48.34 56.50
N ASN C 202 -42.08 49.13 55.67
CA ASN C 202 -41.62 50.50 55.41
C ASN C 202 -41.72 51.36 56.66
N THR C 203 -42.79 51.18 57.44
CA THR C 203 -42.94 51.95 58.66
C THR C 203 -41.85 51.62 59.67
N MET C 204 -41.54 50.33 59.84
CA MET C 204 -40.48 49.93 60.74
C MET C 204 -39.11 50.43 60.27
N SER C 205 -38.86 50.36 58.96
CA SER C 205 -37.60 50.87 58.43
C SER C 205 -37.48 52.37 58.67
N THR C 206 -38.57 53.11 58.46
CA THR C 206 -38.55 54.55 58.71
C THR C 206 -38.33 54.85 60.19
N ILE C 207 -39.02 54.14 61.08
CA ILE C 207 -38.88 54.39 62.51
C ILE C 207 -37.46 54.10 62.96
N TYR C 208 -36.88 52.99 62.50
CA TYR C 208 -35.49 52.70 62.84
C TYR C 208 -34.55 53.76 62.29
N SER C 209 -34.77 54.19 61.05
CA SER C 209 -33.89 55.18 60.42
C SER C 209 -34.12 56.57 61.01
N THR C 210 -35.37 56.94 61.24
CA THR C 210 -35.71 58.26 61.76
C THR C 210 -35.81 58.29 63.28
N GLY C 211 -35.45 57.20 63.95
CA GLY C 211 -35.46 57.17 65.39
C GLY C 211 -34.56 58.22 66.01
N LYS C 212 -35.17 59.23 66.62
CA LYS C 212 -34.44 60.35 67.20
C LYS C 212 -34.85 60.49 68.66
N VAL C 213 -33.87 60.58 69.55
CA VAL C 213 -34.10 60.71 70.98
C VAL C 213 -33.68 62.11 71.42
N CYS C 214 -34.53 62.74 72.23
CA CYS C 214 -34.29 64.10 72.71
C CYS C 214 -33.99 64.06 74.20
N ASN C 215 -32.89 64.69 74.60
CA ASN C 215 -32.52 64.72 76.00
C ASN C 215 -33.55 65.52 76.80
N PRO C 216 -33.87 65.10 78.03
CA PRO C 216 -34.82 65.87 78.84
C PRO C 216 -34.35 67.27 79.17
N ASP C 217 -33.03 67.50 79.16
CA ASP C 217 -32.52 68.85 79.44
C ASP C 217 -32.97 69.85 78.38
N ASN C 218 -32.92 69.44 77.11
CA ASN C 218 -33.32 70.29 75.99
C ASN C 218 -34.18 69.48 75.05
N PRO C 219 -35.51 69.64 75.10
CA PRO C 219 -36.39 68.87 74.23
C PRO C 219 -36.13 69.06 72.75
N GLN C 220 -35.74 70.30 72.36
CA GLN C 220 -35.45 70.56 70.96
C GLN C 220 -34.15 69.94 70.51
N GLU C 221 -33.24 69.63 71.43
CA GLU C 221 -31.97 69.00 71.09
C GLU C 221 -32.20 67.49 71.02
N CYS C 222 -32.15 66.95 69.80
CA CYS C 222 -32.38 65.53 69.57
C CYS C 222 -31.27 64.97 68.70
N LEU C 223 -30.98 63.69 68.91
CA LEU C 223 -29.94 62.98 68.18
C LEU C 223 -30.51 61.69 67.61
N LEU C 224 -30.12 61.38 66.38
CA LEU C 224 -30.50 60.12 65.75
C LEU C 224 -29.58 59.00 66.23
N LEU C 225 -29.90 57.78 65.83
CA LEU C 225 -29.02 56.65 66.13
C LEU C 225 -27.65 56.84 65.50
N GLU C 226 -27.61 57.30 64.26
CA GLU C 226 -26.38 57.57 63.54
C GLU C 226 -26.36 59.01 63.08
N PRO C 227 -25.28 59.76 63.32
CA PRO C 227 -24.06 59.36 64.03
C PRO C 227 -24.11 59.68 65.52
N GLY C 228 -25.23 60.21 66.02
CA GLY C 228 -25.30 60.66 67.40
C GLY C 228 -25.21 59.56 68.44
N LEU C 229 -26.23 58.70 68.49
CA LEU C 229 -26.28 57.67 69.52
C LEU C 229 -25.13 56.69 69.38
N ASN C 230 -24.78 56.30 68.14
CA ASN C 230 -23.70 55.36 67.93
C ASN C 230 -22.38 55.92 68.45
N GLU C 231 -22.09 57.19 68.15
CA GLU C 231 -20.89 57.81 68.69
C GLU C 231 -20.94 57.90 70.21
N ILE C 232 -22.12 58.21 70.76
CA ILE C 232 -22.25 58.32 72.21
C ILE C 232 -21.92 56.99 72.88
N MET C 233 -22.44 55.90 72.33
CA MET C 233 -22.29 54.59 72.93
C MET C 233 -21.00 53.87 72.52
N ALA C 234 -20.27 54.40 71.55
CA ALA C 234 -19.01 53.79 71.14
C ALA C 234 -17.79 54.55 71.63
N ASN C 235 -17.90 55.85 71.86
CA ASN C 235 -16.77 56.67 72.28
C ASN C 235 -16.95 57.26 73.67
N SER C 236 -18.10 57.87 73.95
CA SER C 236 -18.32 58.43 75.28
C SER C 236 -18.42 57.31 76.31
N LEU C 237 -17.63 57.43 77.37
CA LEU C 237 -17.55 56.42 78.41
C LEU C 237 -18.44 56.70 79.60
N ASP C 238 -19.24 57.76 79.57
CA ASP C 238 -20.08 58.11 80.70
C ASP C 238 -21.22 57.10 80.83
N TYR C 239 -21.39 56.55 82.04
CA TYR C 239 -22.47 55.61 82.27
C TYR C 239 -23.83 56.26 82.07
N ASN C 240 -24.01 57.47 82.61
CA ASN C 240 -25.31 58.12 82.55
C ASN C 240 -25.73 58.43 81.13
N GLU C 241 -24.82 58.98 80.32
CA GLU C 241 -25.16 59.35 78.96
C GLU C 241 -25.50 58.12 78.12
N ARG C 242 -24.69 57.06 78.23
CA ARG C 242 -24.96 55.84 77.48
C ARG C 242 -26.28 55.20 77.91
N LEU C 243 -26.54 55.17 79.23
CA LEU C 243 -27.80 54.61 79.71
C LEU C 243 -28.99 55.42 79.22
N TRP C 244 -28.88 56.76 79.27
CA TRP C 244 -29.96 57.60 78.78
C TRP C 244 -30.22 57.37 77.31
N ALA C 245 -29.17 57.34 76.49
CA ALA C 245 -29.35 57.13 75.05
C ALA C 245 -29.98 55.76 74.77
N TRP C 246 -29.48 54.72 75.45
CA TRP C 246 -29.98 53.37 75.23
C TRP C 246 -31.45 53.26 75.61
N GLU C 247 -31.81 53.73 76.81
CA GLU C 247 -33.20 53.65 77.26
C GLU C 247 -34.11 54.52 76.39
N SER C 248 -33.66 55.72 76.04
CA SER C 248 -34.50 56.60 75.22
C SER C 248 -34.75 56.00 73.85
N TRP C 249 -33.72 55.40 73.23
CA TRP C 249 -33.94 54.75 71.95
C TRP C 249 -34.91 53.59 72.08
N ARG C 250 -34.65 52.68 73.02
CA ARG C 250 -35.49 51.50 73.11
C ARG C 250 -36.90 51.82 73.60
N SER C 251 -37.12 53.03 74.14
CA SER C 251 -38.46 53.46 74.49
C SER C 251 -39.17 54.14 73.32
N GLU C 252 -38.55 55.15 72.72
CA GLU C 252 -39.21 55.88 71.64
C GLU C 252 -39.25 55.09 70.33
N VAL C 253 -38.39 54.09 70.19
CA VAL C 253 -38.39 53.23 69.01
C VAL C 253 -39.04 51.87 69.31
N GLY C 254 -38.71 51.28 70.46
CA GLY C 254 -39.26 49.98 70.78
C GLY C 254 -40.77 49.99 70.98
N LYS C 255 -41.28 51.01 71.68
CA LYS C 255 -42.72 51.07 71.92
C LYS C 255 -43.49 51.24 70.62
N GLN C 256 -42.98 52.09 69.72
CA GLN C 256 -43.63 52.26 68.43
C GLN C 256 -43.54 50.99 67.58
N LEU C 257 -42.38 50.34 67.58
CA LEU C 257 -42.17 49.19 66.70
C LEU C 257 -42.84 47.92 67.19
N ARG C 258 -43.10 47.80 68.49
CA ARG C 258 -43.61 46.54 69.03
C ARG C 258 -44.89 46.06 68.37
N PRO C 259 -45.95 46.88 68.25
CA PRO C 259 -47.12 46.40 67.49
C PRO C 259 -46.82 46.20 66.02
N LEU C 260 -46.06 47.11 65.42
CA LEU C 260 -45.68 46.96 64.02
C LEU C 260 -44.82 45.71 63.83
N TYR C 261 -43.86 45.48 64.72
CA TYR C 261 -43.02 44.29 64.59
C TYR C 261 -43.84 43.02 64.77
N GLU C 262 -44.77 43.02 65.72
CA GLU C 262 -45.62 41.84 65.92
C GLU C 262 -46.46 41.55 64.68
N GLU C 263 -47.07 42.60 64.10
CA GLU C 263 -47.92 42.40 62.93
C GLU C 263 -47.07 41.96 61.73
N TYR C 264 -45.88 42.52 61.57
CA TYR C 264 -44.99 42.08 60.51
C TYR C 264 -44.59 40.63 60.71
N VAL C 265 -44.33 40.23 61.95
CA VAL C 265 -43.97 38.84 62.24
C VAL C 265 -45.10 37.91 61.86
N VAL C 266 -46.32 38.25 62.25
CA VAL C 266 -47.45 37.36 61.98
C VAL C 266 -47.74 37.30 60.48
N LEU C 267 -47.59 38.43 59.78
CA LEU C 267 -47.80 38.43 58.34
C LEU C 267 -46.74 37.59 57.63
N LYS C 268 -45.48 37.71 58.03
CA LYS C 268 -44.43 36.88 57.46
C LYS C 268 -44.67 35.40 57.76
N ASN C 269 -45.14 35.10 58.97
CA ASN C 269 -45.41 33.72 59.34
C ASN C 269 -46.53 33.13 58.51
N GLU C 270 -47.61 33.88 58.31
CA GLU C 270 -48.71 33.37 57.49
C GLU C 270 -48.30 33.27 56.02
N MET C 271 -47.44 34.18 55.54
CA MET C 271 -46.92 34.04 54.19
C MET C 271 -46.09 32.77 54.04
N ALA C 272 -45.21 32.50 55.01
CA ALA C 272 -44.40 31.29 54.95
C ALA C 272 -45.27 30.04 55.06
N ARG C 273 -46.32 30.09 55.87
CA ARG C 273 -47.27 28.98 55.93
C ARG C 273 -47.94 28.76 54.58
N ALA C 274 -48.33 29.85 53.92
CA ALA C 274 -48.82 29.72 52.55
C ALA C 274 -47.69 29.42 51.57
N ASN C 275 -46.44 29.65 51.97
CA ASN C 275 -45.27 29.29 51.19
C ASN C 275 -44.74 27.90 51.57
N HIS C 276 -45.54 27.12 52.30
CA HIS C 276 -45.18 25.76 52.72
C HIS C 276 -43.97 25.77 53.65
N TYR C 277 -43.96 26.70 54.59
CA TYR C 277 -42.97 26.74 55.66
C TYR C 277 -43.68 26.81 57.01
N GLU C 278 -43.09 26.17 58.02
CA GLU C 278 -43.70 26.20 59.35
C GLU C 278 -43.75 27.61 59.91
N ASP C 279 -42.76 28.44 59.59
CA ASP C 279 -42.74 29.84 60.00
C ASP C 279 -41.81 30.59 59.06
N TYR C 280 -41.85 31.92 59.16
CA TYR C 280 -40.95 32.73 58.36
C TYR C 280 -39.49 32.50 58.74
N GLY C 281 -39.23 32.06 59.97
CA GLY C 281 -37.90 31.59 60.30
C GLY C 281 -37.48 30.42 59.44
N ASP C 282 -38.39 29.47 59.23
CA ASP C 282 -38.13 28.38 58.30
C ASP C 282 -38.02 28.91 56.87
N TYR C 283 -38.79 29.94 56.53
CA TYR C 283 -38.69 30.54 55.20
C TYR C 283 -37.28 31.06 54.94
N TRP C 284 -36.68 31.72 55.95
CA TRP C 284 -35.32 32.21 55.81
C TRP C 284 -34.29 31.09 55.89
N ARG C 285 -34.56 30.06 56.70
CA ARG C 285 -33.65 28.91 56.76
C ARG C 285 -33.64 28.13 55.46
N GLY C 286 -34.70 28.24 54.66
CA GLY C 286 -34.72 27.59 53.35
C GLY C 286 -33.67 28.10 52.39
N ASP C 287 -33.06 29.25 52.68
CA ASP C 287 -31.98 29.75 51.83
C ASP C 287 -30.79 28.80 51.82
N TYR C 288 -30.41 28.29 53.00
CA TYR C 288 -29.35 27.32 53.11
C TYR C 288 -29.80 25.90 52.76
N GLU C 289 -31.10 25.69 52.58
CA GLU C 289 -31.62 24.35 52.34
C GLU C 289 -31.13 23.82 50.99
N VAL C 290 -30.62 22.58 51.01
CA VAL C 290 -30.15 21.90 49.80
C VAL C 290 -30.92 20.60 49.68
N ASN C 291 -31.43 20.33 48.48
CA ASN C 291 -32.21 19.13 48.23
C ASN C 291 -31.80 18.52 46.89
N GLY C 292 -31.96 17.21 46.78
CA GLY C 292 -31.72 16.50 45.54
C GLY C 292 -30.30 16.09 45.26
N VAL C 293 -29.35 16.42 46.13
CA VAL C 293 -27.95 16.09 45.93
C VAL C 293 -27.52 15.11 47.02
N ASP C 294 -27.21 13.88 46.62
CA ASP C 294 -26.81 12.85 47.57
C ASP C 294 -25.50 13.23 48.24
N GLY C 295 -25.49 13.17 49.58
CA GLY C 295 -24.31 13.52 50.34
C GLY C 295 -24.08 15.00 50.53
N TYR C 296 -24.96 15.85 49.99
CA TYR C 296 -24.78 17.28 50.13
C TYR C 296 -26.09 18.01 50.43
N ASP C 297 -27.19 17.29 50.60
CA ASP C 297 -28.45 17.94 50.94
C ASP C 297 -28.39 18.55 52.33
N TYR C 298 -29.08 19.67 52.50
CA TYR C 298 -29.09 20.40 53.76
C TYR C 298 -30.52 20.74 54.12
N SER C 299 -30.87 20.54 55.38
CA SER C 299 -32.21 20.83 55.88
C SER C 299 -32.21 22.14 56.65
N ARG C 300 -33.39 22.74 56.75
CA ARG C 300 -33.52 24.03 57.40
C ARG C 300 -33.22 23.94 58.89
N GLY C 301 -33.67 22.87 59.55
CA GLY C 301 -33.33 22.67 60.95
C GLY C 301 -31.88 22.31 61.17
N GLN C 302 -31.21 21.76 60.16
CA GLN C 302 -29.77 21.51 60.26
C GLN C 302 -29.01 22.82 60.45
N LEU C 303 -29.52 23.91 59.89
CA LEU C 303 -28.90 25.22 60.13
C LEU C 303 -28.94 25.57 61.61
N ILE C 304 -30.10 25.40 62.25
CA ILE C 304 -30.21 25.68 63.68
C ILE C 304 -29.27 24.76 64.46
N GLU C 305 -29.25 23.48 64.11
CA GLU C 305 -28.42 22.53 64.83
C GLU C 305 -26.94 22.91 64.73
N ASP C 306 -26.48 23.24 63.51
CA ASP C 306 -25.08 23.60 63.32
C ASP C 306 -24.73 24.90 64.05
N VAL C 307 -25.63 25.89 63.98
CA VAL C 307 -25.36 27.16 64.66
C VAL C 307 -25.26 26.95 66.16
N GLU C 308 -26.18 26.18 66.73
CA GLU C 308 -26.15 25.91 68.17
C GLU C 308 -24.90 25.13 68.56
N HIS C 309 -24.53 24.13 67.76
CA HIS C 309 -23.33 23.35 68.07
C HIS C 309 -22.08 24.20 68.00
N THR C 310 -21.97 25.06 66.98
CA THR C 310 -20.80 25.92 66.87
C THR C 310 -20.75 26.94 68.01
N PHE C 311 -21.91 27.48 68.40
CA PHE C 311 -21.93 28.41 69.51
C PHE C 311 -21.52 27.72 70.81
N GLU C 312 -21.99 26.50 71.03
CA GLU C 312 -21.60 25.79 72.25
C GLU C 312 -20.12 25.41 72.22
N GLU C 313 -19.56 25.20 71.03
CA GLU C 313 -18.11 25.04 70.92
C GLU C 313 -17.38 26.31 71.31
N ILE C 314 -17.88 27.47 70.84
CA ILE C 314 -17.25 28.74 71.18
C ILE C 314 -17.46 29.11 72.64
N LYS C 315 -18.47 28.52 73.29
CA LYS C 315 -18.88 28.94 74.64
C LYS C 315 -17.73 29.07 75.64
N PRO C 316 -16.78 28.13 75.75
CA PRO C 316 -15.66 28.36 76.68
C PRO C 316 -14.82 29.58 76.31
N LEU C 317 -14.47 29.71 75.03
CA LEU C 317 -13.69 30.88 74.60
C LEU C 317 -14.46 32.17 74.83
N TYR C 318 -15.75 32.18 74.50
CA TYR C 318 -16.54 33.38 74.71
C TYR C 318 -16.66 33.69 76.20
N GLU C 319 -16.81 32.66 77.04
CA GLU C 319 -16.90 32.89 78.48
C GLU C 319 -15.60 33.51 79.01
N HIS C 320 -14.45 33.00 78.57
CA HIS C 320 -13.19 33.58 79.00
C HIS C 320 -13.02 35.02 78.51
N LEU C 321 -13.40 35.28 77.26
CA LEU C 321 -13.32 36.64 76.74
C LEU C 321 -14.25 37.58 77.50
N HIS C 322 -15.47 37.12 77.80
CA HIS C 322 -16.41 37.92 78.57
C HIS C 322 -15.89 38.17 79.97
N ALA C 323 -15.24 37.18 80.57
CA ALA C 323 -14.65 37.36 81.90
C ALA C 323 -13.56 38.42 81.87
N TYR C 324 -12.69 38.36 80.86
CA TYR C 324 -11.62 39.35 80.76
C TYR C 324 -12.18 40.75 80.50
N VAL C 325 -13.18 40.86 79.61
CA VAL C 325 -13.77 42.16 79.32
C VAL C 325 -14.45 42.73 80.55
N ARG C 326 -15.18 41.88 81.29
CA ARG C 326 -15.83 42.33 82.51
C ARG C 326 -14.82 42.75 83.56
N ALA C 327 -13.71 42.03 83.67
CA ALA C 327 -12.66 42.42 84.60
C ALA C 327 -12.07 43.79 84.23
N LYS C 328 -11.82 44.01 82.94
CA LYS C 328 -11.32 45.31 82.50
C LYS C 328 -12.34 46.42 82.75
N LEU C 329 -13.62 46.13 82.51
CA LEU C 329 -14.65 47.13 82.74
C LEU C 329 -14.80 47.45 84.22
N MET C 330 -14.64 46.44 85.09
CA MET C 330 -14.59 46.70 86.53
C MET C 330 -13.38 47.56 86.88
N ASN C 331 -12.24 47.31 86.23
CA ASN C 331 -11.10 48.22 86.37
C ASN C 331 -11.46 49.61 85.89
N ALA C 332 -12.44 49.74 85.00
CA ALA C 332 -12.93 51.04 84.53
C ALA C 332 -14.18 51.50 85.28
N TYR C 333 -15.14 50.61 85.51
CA TYR C 333 -16.39 50.93 86.19
C TYR C 333 -16.62 49.92 87.31
N PRO C 334 -15.87 50.04 88.42
CA PRO C 334 -16.03 49.06 89.51
C PRO C 334 -17.42 49.06 90.14
N SER C 335 -18.08 50.21 90.20
CA SER C 335 -19.36 50.33 90.90
C SER C 335 -20.56 50.13 89.99
N TYR C 336 -20.34 49.85 88.70
CA TYR C 336 -21.45 49.69 87.76
C TYR C 336 -21.60 48.28 87.22
N ILE C 337 -20.57 47.45 87.31
CA ILE C 337 -20.61 46.09 86.78
C ILE C 337 -20.16 45.14 87.87
N SER C 338 -20.98 44.13 88.14
CA SER C 338 -20.64 43.13 89.14
C SER C 338 -19.71 42.08 88.54
N PRO C 339 -18.71 41.61 89.31
CA PRO C 339 -17.82 40.56 88.79
C PRO C 339 -18.55 39.25 88.50
N ILE C 340 -19.68 39.00 89.16
CA ILE C 340 -20.43 37.77 88.96
C ILE C 340 -21.57 38.04 87.97
N GLY C 341 -22.14 39.23 88.02
CA GLY C 341 -23.28 39.56 87.20
C GLY C 341 -22.90 39.78 85.74
N CYS C 342 -23.94 39.86 84.91
CA CYS C 342 -23.75 40.06 83.48
C CYS C 342 -23.33 41.50 83.19
N LEU C 343 -22.81 41.70 81.99
CA LEU C 343 -22.41 43.03 81.56
C LEU C 343 -23.63 43.87 81.21
N PRO C 344 -23.62 45.17 81.52
CA PRO C 344 -24.70 46.05 81.08
C PRO C 344 -24.77 46.12 79.55
N ALA C 345 -25.99 46.25 79.04
CA ALA C 345 -26.18 46.29 77.58
C ALA C 345 -25.59 47.55 76.97
N HIS C 346 -25.69 48.68 77.68
CA HIS C 346 -25.25 49.96 77.15
C HIS C 346 -23.75 50.19 77.32
N LEU C 347 -23.05 49.30 78.01
CA LEU C 347 -21.62 49.46 78.30
C LEU C 347 -20.78 48.47 77.50
N LEU C 348 -21.15 48.23 76.25
CA LEU C 348 -20.46 47.27 75.40
C LEU C 348 -19.94 47.89 74.11
N GLY C 349 -19.87 49.22 74.05
CA GLY C 349 -19.42 49.90 72.85
C GLY C 349 -20.49 50.14 71.82
N ASP C 350 -21.71 49.68 72.05
CA ASP C 350 -22.81 49.89 71.12
C ASP C 350 -24.11 49.66 71.86
N MET C 351 -25.22 50.03 71.22
CA MET C 351 -26.53 49.95 71.85
C MET C 351 -26.92 48.50 72.13
N TRP C 352 -26.78 47.63 71.13
CA TRP C 352 -27.16 46.24 71.25
C TRP C 352 -26.06 45.36 71.85
N GLY C 353 -24.90 45.92 72.16
CA GLY C 353 -23.78 45.12 72.59
C GLY C 353 -23.19 44.23 71.51
N ARG C 354 -23.46 44.54 70.25
CA ARG C 354 -23.03 43.65 69.16
C ARG C 354 -21.51 43.61 69.05
N PHE C 355 -20.86 44.77 68.99
CA PHE C 355 -19.42 44.84 68.83
C PHE C 355 -18.78 45.43 70.07
N TRP C 356 -17.82 44.71 70.64
CA TRP C 356 -17.09 45.17 71.81
C TRP C 356 -15.73 45.78 71.46
N THR C 357 -15.47 45.99 70.16
CA THR C 357 -14.20 46.59 69.75
C THR C 357 -14.07 48.01 70.28
N ASN C 358 -15.18 48.72 70.46
CA ASN C 358 -15.14 50.04 71.08
C ASN C 358 -14.68 49.98 72.53
N LEU C 359 -14.85 48.83 73.19
CA LEU C 359 -14.31 48.61 74.52
C LEU C 359 -12.85 48.17 74.48
N TYR C 360 -12.26 48.05 73.29
CA TYR C 360 -10.86 47.63 73.19
C TYR C 360 -9.95 48.58 73.94
N SER C 361 -10.18 49.89 73.80
CA SER C 361 -9.41 50.85 74.57
C SER C 361 -9.55 50.61 76.07
N LEU C 362 -10.72 50.15 76.51
CA LEU C 362 -10.92 49.79 77.91
C LEU C 362 -10.55 48.35 78.22
N THR C 363 -10.28 47.53 77.20
CA THR C 363 -9.97 46.12 77.41
C THR C 363 -8.68 45.70 76.69
N VAL C 364 -7.82 46.66 76.36
CA VAL C 364 -6.60 46.34 75.63
C VAL C 364 -5.68 45.50 76.51
N PRO C 365 -5.09 44.41 76.02
CA PRO C 365 -4.18 43.61 76.85
C PRO C 365 -2.94 44.39 77.23
N PHE C 366 -2.30 45.02 76.24
CA PHE C 366 -1.09 45.81 76.45
C PHE C 366 -1.30 47.17 75.78
N GLY C 367 -1.69 48.17 76.57
CA GLY C 367 -1.96 49.48 76.02
C GLY C 367 -0.73 50.19 75.52
N GLN C 368 0.44 49.85 76.06
CA GLN C 368 1.69 50.47 75.64
C GLN C 368 2.25 49.89 74.35
N LYS C 369 1.75 48.74 73.92
CA LYS C 369 2.23 48.15 72.67
C LYS C 369 1.63 48.89 71.48
N PRO C 370 2.45 49.37 70.55
CA PRO C 370 1.91 50.09 69.39
C PRO C 370 1.08 49.17 68.52
N ASN C 371 0.05 49.75 67.90
CA ASN C 371 -0.82 49.00 67.01
C ASN C 371 -0.22 48.95 65.60
N ILE C 372 -0.42 47.83 64.93
CA ILE C 372 0.12 47.64 63.58
C ILE C 372 -0.73 48.47 62.61
N ASP C 373 -0.16 49.57 62.14
CA ASP C 373 -0.84 50.44 61.18
C ASP C 373 0.21 51.07 60.29
N VAL C 374 0.04 50.90 58.98
CA VAL C 374 0.97 51.47 58.00
C VAL C 374 0.33 52.65 57.27
N THR C 375 -0.69 53.27 57.88
CA THR C 375 -1.30 54.46 57.29
C THR C 375 -0.27 55.59 57.16
N ASP C 376 0.56 55.78 58.18
CA ASP C 376 1.63 56.76 58.09
C ASP C 376 2.61 56.40 56.98
N ALA C 377 2.87 55.11 56.78
CA ALA C 377 3.71 54.69 55.67
C ALA C 377 3.06 55.01 54.33
N MET C 378 1.74 54.81 54.22
CA MET C 378 1.03 55.16 53.00
C MET C 378 1.14 56.66 52.72
N VAL C 379 1.01 57.48 53.77
CA VAL C 379 1.17 58.93 53.60
C VAL C 379 2.60 59.25 53.16
N ASP C 380 3.59 58.61 53.78
CA ASP C 380 4.97 58.84 53.38
C ASP C 380 5.22 58.38 51.95
N GLN C 381 4.65 57.25 51.56
CA GLN C 381 4.75 56.76 50.20
C GLN C 381 3.71 57.40 49.28
N ALA C 382 2.88 58.31 49.80
CA ALA C 382 1.89 59.04 49.01
C ALA C 382 0.93 58.09 48.31
N TRP C 383 0.54 57.02 48.99
CA TRP C 383 -0.45 56.10 48.44
C TRP C 383 -1.82 56.77 48.40
N ASP C 384 -2.55 56.53 47.31
CA ASP C 384 -3.91 57.02 47.18
C ASP C 384 -4.84 55.89 46.78
N ALA C 385 -6.06 56.22 46.38
CA ALA C 385 -7.03 55.19 46.03
C ALA C 385 -6.52 54.34 44.87
N GLN C 386 -6.02 54.98 43.81
CA GLN C 386 -5.55 54.23 42.66
C GLN C 386 -4.35 53.34 43.02
N ARG C 387 -3.43 53.86 43.85
CA ARG C 387 -2.29 53.05 44.26
C ARG C 387 -2.72 51.85 45.08
N ILE C 388 -3.66 52.04 46.01
CA ILE C 388 -4.13 50.94 46.84
C ILE C 388 -4.83 49.89 45.98
N PHE C 389 -5.66 50.33 45.04
CA PHE C 389 -6.34 49.38 44.16
C PHE C 389 -5.34 48.64 43.27
N LYS C 390 -4.31 49.34 42.79
CA LYS C 390 -3.29 48.69 41.99
C LYS C 390 -2.53 47.64 42.81
N GLU C 391 -2.22 47.96 44.06
CA GLU C 391 -1.55 46.99 44.93
C GLU C 391 -2.44 45.79 45.20
N ALA C 392 -3.74 46.01 45.40
CA ALA C 392 -4.67 44.90 45.59
C ALA C 392 -4.72 44.03 44.34
N GLU C 393 -4.77 44.65 43.16
CA GLU C 393 -4.76 43.90 41.91
C GLU C 393 -3.48 43.10 41.74
N LYS C 394 -2.35 43.70 42.08
CA LYS C 394 -1.07 43.00 41.99
C LYS C 394 -1.03 41.81 42.94
N PHE C 395 -1.54 41.98 44.16
CA PHE C 395 -1.60 40.87 45.11
C PHE C 395 -2.50 39.76 44.61
N PHE C 396 -3.66 40.12 44.04
CA PHE C 396 -4.57 39.11 43.53
C PHE C 396 -4.02 38.41 42.30
N VAL C 397 -3.19 39.09 41.51
CA VAL C 397 -2.47 38.41 40.43
C VAL C 397 -1.42 37.47 41.02
N SER C 398 -0.78 37.88 42.11
CA SER C 398 0.22 37.02 42.75
C SER C 398 -0.39 35.73 43.26
N VAL C 399 -1.59 35.81 43.86
CA VAL C 399 -2.27 34.60 44.32
C VAL C 399 -2.84 33.78 43.17
N GLY C 400 -2.80 34.30 41.94
CA GLY C 400 -3.20 33.56 40.77
C GLY C 400 -4.46 34.06 40.09
N LEU C 401 -5.20 34.97 40.69
CA LEU C 401 -6.42 35.46 40.07
C LEU C 401 -6.09 36.34 38.86
N PRO C 402 -6.95 36.35 37.84
CA PRO C 402 -6.66 37.13 36.63
C PRO C 402 -6.70 38.62 36.90
N ASN C 403 -5.96 39.36 36.07
CA ASN C 403 -5.90 40.81 36.20
C ASN C 403 -7.28 41.43 35.96
N MET C 404 -7.54 42.51 36.69
CA MET C 404 -8.82 43.18 36.66
C MET C 404 -9.02 43.94 35.35
N THR C 405 -10.26 43.97 34.88
CA THR C 405 -10.59 44.69 33.66
C THR C 405 -10.34 46.18 33.81
N GLN C 406 -9.93 46.81 32.70
CA GLN C 406 -9.73 48.24 32.70
C GLN C 406 -11.04 49.01 32.68
N GLY C 407 -12.10 48.40 32.14
CA GLY C 407 -13.41 49.03 32.19
C GLY C 407 -13.85 49.32 33.61
N PHE C 408 -13.38 48.53 34.58
CA PHE C 408 -13.55 48.88 35.98
C PHE C 408 -12.99 50.28 36.26
N TRP C 409 -11.74 50.51 35.87
CA TRP C 409 -11.12 51.80 36.12
C TRP C 409 -11.86 52.91 35.37
N GLU C 410 -12.32 52.62 34.15
CA GLU C 410 -13.08 53.62 33.40
C GLU C 410 -14.37 53.98 34.12
N ASN C 411 -15.06 53.00 34.68
CA ASN C 411 -16.40 53.20 35.22
C ASN C 411 -16.42 53.39 36.74
N SER C 412 -15.64 52.60 37.48
CA SER C 412 -15.71 52.66 38.94
C SER C 412 -15.12 53.95 39.47
N MET C 413 -15.64 54.39 40.61
CA MET C 413 -15.14 55.56 41.31
C MET C 413 -14.30 55.11 42.51
N LEU C 414 -13.18 55.79 42.72
CA LEU C 414 -12.26 55.42 43.79
C LEU C 414 -12.16 56.46 44.89
N THR C 415 -12.28 57.74 44.58
CA THR C 415 -12.20 58.81 45.56
C THR C 415 -13.55 59.49 45.71
N ASP C 416 -13.59 60.51 46.55
CA ASP C 416 -14.81 61.29 46.72
C ASP C 416 -15.08 62.10 45.46
N PRO C 417 -16.25 61.97 44.84
CA PRO C 417 -16.50 62.69 43.59
C PRO C 417 -16.79 64.17 43.80
N GLY C 418 -15.87 64.87 44.47
CA GLY C 418 -16.06 66.27 44.73
C GLY C 418 -17.21 66.54 45.68
N ASN C 419 -17.73 67.76 45.59
CA ASN C 419 -18.86 68.18 46.42
C ASN C 419 -20.03 68.73 45.62
N VAL C 420 -19.89 68.94 44.31
CA VAL C 420 -21.01 69.37 43.50
C VAL C 420 -22.11 68.31 43.50
N GLN C 421 -21.74 67.05 43.37
CA GLN C 421 -22.67 65.94 43.46
C GLN C 421 -22.42 65.16 44.74
N LYS C 422 -23.48 64.62 45.31
CA LYS C 422 -23.41 63.88 46.57
C LYS C 422 -23.45 62.38 46.26
N ALA C 423 -22.54 61.64 46.90
CA ALA C 423 -22.42 60.20 46.67
C ALA C 423 -22.28 59.48 47.99
N VAL C 424 -22.84 58.27 48.04
CA VAL C 424 -22.72 57.42 49.23
C VAL C 424 -21.32 56.81 49.24
N CYS C 425 -20.49 57.24 50.18
CA CYS C 425 -19.11 56.78 50.26
C CYS C 425 -18.96 55.40 50.91
N HIS C 426 -20.07 54.71 51.16
CA HIS C 426 -19.98 53.38 51.72
C HIS C 426 -19.33 52.42 50.73
N PRO C 427 -18.42 51.55 51.18
CA PRO C 427 -17.76 50.62 50.25
C PRO C 427 -18.74 49.61 49.70
N THR C 428 -18.98 49.68 48.39
CA THR C 428 -19.88 48.76 47.71
C THR C 428 -19.20 48.19 46.47
N ALA C 429 -19.44 46.90 46.23
CA ALA C 429 -18.95 46.23 45.03
C ALA C 429 -20.15 45.94 44.13
N TRP C 430 -20.09 46.43 42.90
CA TRP C 430 -21.20 46.39 41.97
C TRP C 430 -20.90 45.40 40.85
N ASP C 431 -21.72 44.36 40.74
CA ASP C 431 -21.71 43.47 39.58
C ASP C 431 -22.93 43.82 38.74
N LEU C 432 -22.76 44.83 37.88
CA LEU C 432 -23.89 45.37 37.15
C LEU C 432 -24.36 44.46 36.02
N GLY C 433 -23.62 43.40 35.71
CA GLY C 433 -23.99 42.49 34.65
C GLY C 433 -23.49 42.98 33.31
N LYS C 434 -23.58 42.07 32.33
CA LYS C 434 -23.13 42.34 30.96
C LYS C 434 -21.68 42.81 30.94
N GLY C 435 -20.85 42.13 31.72
CA GLY C 435 -19.44 42.45 31.78
C GLY C 435 -19.10 43.74 32.50
N ASP C 436 -19.95 44.19 33.41
CA ASP C 436 -19.74 45.44 34.12
C ASP C 436 -19.46 45.15 35.59
N PHE C 437 -18.25 45.49 36.04
CA PHE C 437 -17.84 45.31 37.42
C PHE C 437 -17.22 46.61 37.91
N ARG C 438 -17.70 47.11 39.05
CA ARG C 438 -17.27 48.40 39.55
C ARG C 438 -17.19 48.34 41.08
N ILE C 439 -16.58 49.37 41.65
CA ILE C 439 -16.56 49.58 43.09
C ILE C 439 -16.92 51.03 43.36
N LEU C 440 -17.91 51.25 44.22
CA LEU C 440 -18.34 52.59 44.61
C LEU C 440 -17.93 52.80 46.06
N MET C 441 -16.91 53.63 46.26
CA MET C 441 -16.41 53.96 47.60
C MET C 441 -15.43 55.11 47.48
N CYS C 442 -15.51 56.04 48.42
CA CYS C 442 -14.56 57.14 48.53
C CYS C 442 -13.39 56.66 49.37
N THR C 443 -12.27 56.32 48.73
CA THR C 443 -11.13 55.72 49.41
C THR C 443 -10.19 56.82 49.90
N LYS C 444 -9.88 56.78 51.20
CA LYS C 444 -8.92 57.68 51.82
C LYS C 444 -7.63 56.92 52.14
N VAL C 445 -6.66 57.65 52.67
CA VAL C 445 -5.33 57.10 52.96
C VAL C 445 -5.37 56.59 54.40
N THR C 446 -5.79 55.33 54.57
CA THR C 446 -5.77 54.70 55.88
C THR C 446 -5.80 53.19 55.71
N MET C 447 -5.43 52.49 56.78
CA MET C 447 -5.46 51.03 56.78
C MET C 447 -6.88 50.51 56.63
N ASP C 448 -7.85 51.17 57.27
CA ASP C 448 -9.24 50.71 57.20
C ASP C 448 -9.74 50.77 55.77
N ASP C 449 -9.48 51.86 55.05
CA ASP C 449 -9.88 51.95 53.66
C ASP C 449 -9.13 50.95 52.79
N PHE C 450 -7.86 50.70 53.11
CA PHE C 450 -7.10 49.66 52.43
C PHE C 450 -7.81 48.31 52.54
N LEU C 451 -8.15 47.92 53.76
CA LEU C 451 -8.79 46.63 53.99
C LEU C 451 -10.17 46.56 53.35
N THR C 452 -10.96 47.64 53.46
CA THR C 452 -12.30 47.59 52.88
C THR C 452 -12.26 47.62 51.36
N ALA C 453 -11.27 48.29 50.76
CA ALA C 453 -11.11 48.24 49.32
C ALA C 453 -10.72 46.84 48.87
N HIS C 454 -9.82 46.18 49.62
CA HIS C 454 -9.50 44.80 49.29
C HIS C 454 -10.71 43.90 49.44
N HIS C 455 -11.55 44.17 50.45
CA HIS C 455 -12.79 43.43 50.63
C HIS C 455 -13.71 43.59 49.42
N GLU C 456 -13.88 44.84 48.96
CA GLU C 456 -14.77 45.09 47.83
C GLU C 456 -14.22 44.48 46.55
N MET C 457 -12.91 44.57 46.33
CA MET C 457 -12.36 43.97 45.12
C MET C 457 -12.33 42.45 45.17
N GLY C 458 -12.24 41.85 46.36
CA GLY C 458 -12.46 40.43 46.47
C GLY C 458 -13.89 40.05 46.16
N HIS C 459 -14.85 40.87 46.61
CA HIS C 459 -16.24 40.69 46.21
C HIS C 459 -16.38 40.72 44.69
N ILE C 460 -15.73 41.70 44.05
CA ILE C 460 -15.82 41.82 42.60
C ILE C 460 -15.19 40.62 41.91
N GLN C 461 -14.05 40.15 42.44
CA GLN C 461 -13.41 38.97 41.87
C GLN C 461 -14.30 37.74 41.99
N TYR C 462 -14.95 37.56 43.13
CA TYR C 462 -15.89 36.46 43.26
C TYR C 462 -17.06 36.61 42.28
N ASP C 463 -17.56 37.83 42.12
CA ASP C 463 -18.69 38.06 41.23
C ASP C 463 -18.34 37.73 39.79
N MET C 464 -17.16 38.18 39.34
CA MET C 464 -16.72 37.87 37.99
C MET C 464 -16.29 36.42 37.83
N ALA C 465 -15.99 35.74 38.93
CA ALA C 465 -15.64 34.32 38.85
C ALA C 465 -16.82 33.50 38.33
N TYR C 466 -18.02 33.73 38.87
CA TYR C 466 -19.21 33.04 38.42
C TYR C 466 -19.99 33.84 37.36
N ALA C 467 -19.32 34.77 36.69
CA ALA C 467 -19.99 35.52 35.62
C ALA C 467 -20.41 34.61 34.47
N ALA C 468 -19.63 33.55 34.20
CA ALA C 468 -19.98 32.63 33.14
C ALA C 468 -21.27 31.87 33.43
N GLN C 469 -21.71 31.84 34.68
CA GLN C 469 -22.96 31.20 35.03
C GLN C 469 -24.13 32.00 34.45
N PRO C 470 -25.28 31.36 34.26
CA PRO C 470 -26.46 32.10 33.79
C PRO C 470 -26.91 33.13 34.81
N PHE C 471 -27.88 33.96 34.41
CA PHE C 471 -28.28 35.10 35.20
C PHE C 471 -28.76 34.68 36.59
N LEU C 472 -29.53 33.58 36.66
CA LEU C 472 -29.99 33.10 37.96
C LEU C 472 -28.83 32.59 38.82
N LEU C 473 -27.79 32.06 38.19
CA LEU C 473 -26.67 31.47 38.92
C LEU C 473 -25.52 32.46 39.12
N ARG C 474 -25.69 33.71 38.71
CA ARG C 474 -24.66 34.74 38.93
C ARG C 474 -24.83 35.36 40.32
N ASN C 475 -24.62 34.52 41.34
CA ASN C 475 -24.73 34.96 42.72
C ASN C 475 -24.00 33.97 43.59
N GLY C 476 -23.73 34.39 44.84
CA GLY C 476 -23.11 33.50 45.79
C GLY C 476 -24.03 32.35 46.17
N ALA C 477 -23.42 31.24 46.59
CA ALA C 477 -24.19 30.06 46.96
C ALA C 477 -25.07 30.33 48.18
N ASN C 478 -24.55 31.07 49.15
CA ASN C 478 -25.32 31.45 50.32
C ASN C 478 -24.98 32.89 50.70
N GLU C 479 -25.80 33.46 51.57
CA GLU C 479 -25.59 34.83 52.01
C GLU C 479 -24.30 35.01 52.80
N GLY C 480 -23.69 33.91 53.25
CA GLY C 480 -22.47 33.95 54.01
C GLY C 480 -21.20 33.61 53.25
N PHE C 481 -21.27 33.46 51.92
CA PHE C 481 -20.09 33.07 51.16
C PHE C 481 -19.33 34.27 50.62
N HIS C 482 -20.01 35.20 49.95
CA HIS C 482 -19.34 36.34 49.35
C HIS C 482 -18.65 37.19 50.42
N GLU C 483 -19.37 37.51 51.50
CA GLU C 483 -18.78 38.30 52.57
C GLU C 483 -17.65 37.54 53.25
N ALA C 484 -17.73 36.21 53.29
CA ALA C 484 -16.60 35.43 53.79
C ALA C 484 -15.36 35.64 52.91
N VAL C 485 -15.55 35.67 51.60
CA VAL C 485 -14.43 35.92 50.69
C VAL C 485 -13.87 37.31 50.93
N GLY C 486 -14.74 38.30 51.07
CA GLY C 486 -14.27 39.65 51.35
C GLY C 486 -13.49 39.73 52.64
N GLU C 487 -13.98 39.05 53.68
CA GLU C 487 -13.30 39.08 54.98
C GLU C 487 -11.95 38.38 54.92
N ILE C 488 -11.86 37.26 54.22
CA ILE C 488 -10.56 36.59 54.13
C ILE C 488 -9.58 37.43 53.31
N MET C 489 -10.08 38.12 52.28
CA MET C 489 -9.21 39.04 51.55
C MET C 489 -8.71 40.17 52.44
N SER C 490 -9.60 40.74 53.26
CA SER C 490 -9.19 41.80 54.17
C SER C 490 -8.16 41.29 55.18
N LEU C 491 -8.37 40.07 55.70
CA LEU C 491 -7.43 39.49 56.65
C LEU C 491 -6.06 39.25 56.01
N SER C 492 -6.05 38.70 54.79
CA SER C 492 -4.79 38.46 54.10
C SER C 492 -4.07 39.77 53.80
N ALA C 493 -4.81 40.80 53.42
CA ALA C 493 -4.22 42.11 53.18
C ALA C 493 -3.70 42.76 54.45
N ALA C 494 -4.23 42.36 55.61
CA ALA C 494 -3.83 42.94 56.89
C ALA C 494 -2.67 42.20 57.54
N THR C 495 -2.17 41.13 56.91
CA THR C 495 -1.06 40.39 57.49
C THR C 495 0.21 41.25 57.51
N PRO C 496 0.95 41.25 58.62
CA PRO C 496 2.19 42.02 58.66
C PRO C 496 3.20 41.60 57.62
N LYS C 497 3.22 40.32 57.23
CA LYS C 497 4.14 39.86 56.20
C LYS C 497 3.88 40.56 54.87
N HIS C 498 2.60 40.67 54.49
CA HIS C 498 2.26 41.36 53.25
C HIS C 498 2.64 42.83 53.31
N LEU C 499 2.41 43.48 54.45
CA LEU C 499 2.78 44.89 54.59
C LEU C 499 4.29 45.07 54.49
N LYS C 500 5.06 44.14 55.07
CA LYS C 500 6.51 44.22 54.96
C LYS C 500 6.96 43.98 53.52
N SER C 501 6.31 43.06 52.81
CA SER C 501 6.72 42.76 51.44
C SER C 501 6.49 43.96 50.53
N ILE C 502 5.36 44.66 50.70
CA ILE C 502 5.06 45.82 49.87
C ILE C 502 5.79 47.08 50.31
N GLY C 503 6.51 47.03 51.42
CA GLY C 503 7.29 48.16 51.89
C GLY C 503 6.58 49.09 52.83
N LEU C 504 5.27 48.91 53.05
CA LEU C 504 4.55 49.76 54.00
C LEU C 504 5.04 49.51 55.42
N LEU C 505 5.12 48.26 55.83
CA LEU C 505 5.66 47.91 57.14
C LEU C 505 7.17 47.75 56.99
N SER C 506 7.91 48.62 57.68
CA SER C 506 9.36 48.59 57.57
C SER C 506 9.91 47.26 58.11
N PRO C 507 10.98 46.73 57.53
CA PRO C 507 11.51 45.44 58.00
C PRO C 507 11.95 45.46 59.45
N ASP C 508 12.40 46.60 59.95
CA ASP C 508 12.86 46.68 61.34
C ASP C 508 11.73 46.54 62.35
N PHE C 509 10.48 46.61 61.91
CA PHE C 509 9.35 46.41 62.82
C PHE C 509 9.40 45.01 63.42
N GLN C 510 9.23 44.94 64.73
CA GLN C 510 9.33 43.68 65.46
C GLN C 510 7.94 43.17 65.84
N GLU C 511 7.78 41.85 65.76
CA GLU C 511 6.55 41.20 66.14
C GLU C 511 6.79 40.44 67.45
N ASP C 512 6.04 40.78 68.48
CA ASP C 512 6.21 40.21 69.80
C ASP C 512 4.91 39.54 70.26
N ASN C 513 4.99 38.84 71.39
CA ASN C 513 3.82 38.16 71.93
C ASN C 513 2.75 39.16 72.34
N GLU C 514 3.15 40.29 72.93
CA GLU C 514 2.18 41.27 73.39
C GLU C 514 1.40 41.89 72.23
N THR C 515 2.09 42.23 71.15
CA THR C 515 1.41 42.78 69.98
C THR C 515 0.47 41.76 69.36
N GLU C 516 0.90 40.50 69.28
CA GLU C 516 0.03 39.45 68.75
C GLU C 516 -1.19 39.26 69.64
N ILE C 517 -1.03 39.34 70.96
CA ILE C 517 -2.15 39.21 71.87
C ILE C 517 -3.11 40.38 71.70
N ASN C 518 -2.59 41.59 71.56
CA ASN C 518 -3.46 42.75 71.32
C ASN C 518 -4.24 42.60 70.02
N PHE C 519 -3.55 42.16 68.96
CA PHE C 519 -4.23 41.97 67.67
C PHE C 519 -5.29 40.88 67.77
N LEU C 520 -4.99 39.78 68.44
CA LEU C 520 -5.95 38.70 68.58
C LEU C 520 -7.15 39.14 69.41
N LEU C 521 -6.93 39.91 70.47
CA LEU C 521 -8.04 40.37 71.30
C LEU C 521 -8.91 41.36 70.53
N LYS C 522 -8.30 42.25 69.74
CA LYS C 522 -9.09 43.15 68.92
C LYS C 522 -9.90 42.38 67.88
N GLN C 523 -9.30 41.37 67.25
CA GLN C 523 -10.02 40.53 66.31
C GLN C 523 -11.17 39.80 67.00
N ALA C 524 -10.94 39.34 68.23
CA ALA C 524 -12.00 38.68 68.98
C ALA C 524 -13.17 39.63 69.24
N LEU C 525 -12.87 40.82 69.77
CA LEU C 525 -13.92 41.80 70.01
C LEU C 525 -14.66 42.17 68.74
N THR C 526 -13.97 42.16 67.59
CA THR C 526 -14.62 42.48 66.34
C THR C 526 -15.49 41.33 65.84
N ILE C 527 -15.03 40.09 65.99
CA ILE C 527 -15.63 38.95 65.32
C ILE C 527 -16.53 38.14 66.26
N VAL C 528 -15.95 37.60 67.33
CA VAL C 528 -16.70 36.75 68.24
C VAL C 528 -17.45 37.54 69.30
N GLY C 529 -17.31 38.86 69.30
CA GLY C 529 -18.12 39.67 70.20
C GLY C 529 -19.59 39.63 69.83
N THR C 530 -19.90 39.57 68.53
CA THR C 530 -21.27 39.54 68.05
C THR C 530 -21.81 38.12 67.87
N LEU C 531 -20.95 37.11 67.86
CA LEU C 531 -21.43 35.75 67.60
C LEU C 531 -22.43 35.27 68.65
N PRO C 532 -22.19 35.43 69.95
CA PRO C 532 -23.29 35.14 70.90
C PRO C 532 -24.51 36.01 70.69
N PHE C 533 -24.30 37.32 70.43
CA PHE C 533 -25.42 38.20 70.17
C PHE C 533 -26.16 37.80 68.91
N THR C 534 -25.43 37.48 67.83
CA THR C 534 -26.06 37.03 66.61
C THR C 534 -26.86 35.75 66.84
N TYR C 535 -26.26 34.80 67.57
CA TYR C 535 -26.94 33.54 67.83
C TYR C 535 -28.22 33.73 68.64
N MET C 536 -28.15 34.54 69.71
CA MET C 536 -29.33 34.73 70.54
C MET C 536 -30.41 35.48 69.78
N LEU C 537 -30.04 36.51 69.00
CA LEU C 537 -31.03 37.24 68.23
C LEU C 537 -31.68 36.35 67.19
N GLU C 538 -30.88 35.52 66.51
CA GLU C 538 -31.43 34.63 65.49
C GLU C 538 -32.35 33.58 66.12
N LYS C 539 -31.96 33.02 67.27
CA LYS C 539 -32.82 32.03 67.93
C LYS C 539 -34.11 32.67 68.44
N TRP C 540 -34.01 33.89 68.98
CA TRP C 540 -35.19 34.60 69.43
C TRP C 540 -36.13 34.89 68.26
N ARG C 541 -35.57 35.29 67.11
CA ARG C 541 -36.38 35.51 65.92
C ARG C 541 -37.00 34.22 65.42
N TRP C 542 -36.24 33.11 65.48
CA TRP C 542 -36.78 31.81 65.09
C TRP C 542 -37.97 31.43 65.94
N MET C 543 -37.86 31.59 67.26
CA MET C 543 -38.96 31.27 68.14
C MET C 543 -40.12 32.23 67.98
N VAL C 544 -39.83 33.51 67.70
CA VAL C 544 -40.88 34.50 67.49
C VAL C 544 -41.69 34.16 66.24
N PHE C 545 -41.00 33.84 65.15
CA PHE C 545 -41.69 33.43 63.93
C PHE C 545 -42.45 32.12 64.14
N LYS C 546 -41.84 31.17 64.84
CA LYS C 546 -42.53 29.93 65.16
C LYS C 546 -43.61 30.12 66.21
N GLY C 547 -43.66 31.28 66.85
CA GLY C 547 -44.64 31.55 67.89
C GLY C 547 -44.31 30.95 69.24
N GLU C 548 -43.09 30.44 69.42
CA GLU C 548 -42.71 29.82 70.69
C GLU C 548 -42.68 30.81 71.83
N ILE C 549 -42.40 32.08 71.56
CA ILE C 549 -42.32 33.11 72.59
C ILE C 549 -43.60 33.94 72.50
N PRO C 550 -44.50 33.86 73.48
CA PRO C 550 -45.69 34.73 73.46
C PRO C 550 -45.31 36.19 73.65
N LYS C 551 -46.21 37.07 73.21
CA LYS C 551 -45.94 38.50 73.27
C LYS C 551 -45.73 38.97 74.70
N ASP C 552 -46.56 38.50 75.64
CA ASP C 552 -46.52 38.98 77.01
C ASP C 552 -45.20 38.66 77.70
N GLN C 553 -44.38 37.78 77.14
CA GLN C 553 -43.06 37.49 77.67
C GLN C 553 -41.93 37.84 76.69
N TRP C 554 -42.26 38.36 75.50
CA TRP C 554 -41.27 38.60 74.46
C TRP C 554 -40.00 39.24 75.00
N MET C 555 -40.11 40.47 75.48
CA MET C 555 -38.96 41.16 76.05
C MET C 555 -38.44 40.39 77.26
N LYS C 556 -39.36 39.97 78.14
CA LYS C 556 -38.95 39.21 79.31
C LYS C 556 -38.28 37.89 78.93
N LYS C 557 -38.52 37.40 77.71
CA LYS C 557 -37.76 36.26 77.23
C LYS C 557 -36.44 36.69 76.62
N TRP C 558 -36.47 37.77 75.84
CA TRP C 558 -35.28 38.25 75.15
C TRP C 558 -34.16 38.52 76.15
N TRP C 559 -34.42 39.36 77.15
CA TRP C 559 -33.40 39.68 78.13
C TRP C 559 -32.96 38.46 78.91
N GLU C 560 -33.76 37.38 78.92
CA GLU C 560 -33.28 36.13 79.51
C GLU C 560 -32.06 35.62 78.76
N MET C 561 -32.19 35.43 77.44
CA MET C 561 -31.06 34.88 76.70
C MET C 561 -29.90 35.85 76.61
N LYS C 562 -30.18 37.15 76.56
CA LYS C 562 -29.12 38.15 76.73
C LYS C 562 -28.32 37.89 77.99
N ARG C 563 -29.01 37.56 79.09
CA ARG C 563 -28.31 37.24 80.33
C ARG C 563 -27.65 35.87 80.26
N GLU C 564 -28.19 34.96 79.45
CA GLU C 564 -27.72 33.58 79.40
C GLU C 564 -26.80 33.32 78.22
N ILE C 565 -27.28 33.55 77.00
CA ILE C 565 -26.48 33.26 75.81
C ILE C 565 -25.30 34.23 75.71
N VAL C 566 -25.56 35.53 75.89
CA VAL C 566 -24.52 36.54 75.80
C VAL C 566 -23.90 36.86 77.16
N GLY C 567 -24.62 36.59 78.25
CA GLY C 567 -24.15 37.06 79.54
C GLY C 567 -24.16 38.57 79.65
N VAL C 568 -25.21 39.20 79.13
CA VAL C 568 -25.34 40.66 79.12
C VAL C 568 -26.71 41.02 79.66
N VAL C 569 -26.74 41.87 80.67
CA VAL C 569 -27.98 42.25 81.35
C VAL C 569 -28.34 43.68 80.95
N GLU C 570 -29.62 43.89 80.68
CA GLU C 570 -30.10 45.23 80.38
C GLU C 570 -29.91 46.14 81.58
N PRO C 571 -29.39 47.35 81.41
CA PRO C 571 -29.21 48.25 82.56
C PRO C 571 -30.50 48.63 83.25
N VAL C 572 -31.61 48.73 82.52
CA VAL C 572 -32.91 49.05 83.10
C VAL C 572 -33.93 48.04 82.60
N PRO C 573 -34.94 47.69 83.40
CA PRO C 573 -35.91 46.69 82.94
C PRO C 573 -36.76 47.23 81.80
N HIS C 574 -37.15 46.32 80.91
CA HIS C 574 -37.94 46.67 79.74
C HIS C 574 -39.19 45.80 79.69
N ASP C 575 -40.35 46.45 79.55
CA ASP C 575 -41.61 45.75 79.46
C ASP C 575 -41.83 45.26 78.03
N GLU C 576 -43.00 44.65 77.78
CA GLU C 576 -43.31 44.15 76.45
C GLU C 576 -43.59 45.28 75.47
N THR C 577 -43.87 46.49 75.95
CA THR C 577 -43.97 47.63 75.05
C THR C 577 -42.66 47.84 74.30
N TYR C 578 -41.53 47.59 74.97
CA TYR C 578 -40.23 47.68 74.33
C TYR C 578 -40.12 46.63 73.22
N CYS C 579 -39.44 47.01 72.13
CA CYS C 579 -39.14 46.13 71.02
C CYS C 579 -37.64 46.18 70.73
N ASP C 580 -36.86 45.97 71.79
CA ASP C 580 -35.40 46.05 71.71
C ASP C 580 -34.80 45.20 70.58
N PRO C 581 -35.26 43.97 70.29
CA PRO C 581 -34.76 43.30 69.09
C PRO C 581 -34.96 44.12 67.83
N ALA C 582 -36.11 44.79 67.69
CA ALA C 582 -36.35 45.66 66.54
C ALA C 582 -35.51 46.93 66.58
N SER C 583 -34.82 47.19 67.70
CA SER C 583 -33.90 48.32 67.76
C SER C 583 -32.71 48.14 66.83
N LEU C 584 -32.50 46.93 66.31
CA LEU C 584 -31.45 46.66 65.33
C LEU C 584 -32.00 46.83 63.92
N PHE C 585 -31.07 46.99 62.97
CA PHE C 585 -31.45 47.25 61.58
C PHE C 585 -32.19 46.07 60.98
N HIS C 586 -31.62 44.86 61.09
CA HIS C 586 -32.15 43.71 60.36
C HIS C 586 -33.54 43.33 60.86
N VAL C 587 -33.75 43.37 62.17
CA VAL C 587 -35.06 43.03 62.72
C VAL C 587 -36.11 44.05 62.26
N SER C 588 -35.76 45.34 62.28
CA SER C 588 -36.68 46.38 61.83
C SER C 588 -36.78 46.49 60.32
N ASN C 589 -35.94 45.77 59.57
CA ASN C 589 -35.96 45.83 58.11
C ASN C 589 -36.12 44.46 57.47
N ASP C 590 -36.40 43.42 58.26
CA ASP C 590 -36.61 42.06 57.76
C ASP C 590 -35.40 41.55 56.98
N TYR C 591 -34.28 41.42 57.69
CA TYR C 591 -33.07 40.85 57.14
C TYR C 591 -32.61 39.70 58.03
N SER C 592 -32.22 38.59 57.41
CA SER C 592 -31.69 37.46 58.16
C SER C 592 -30.40 37.87 58.86
N PHE C 593 -30.31 37.58 60.16
CA PHE C 593 -29.15 37.97 60.95
C PHE C 593 -28.14 36.84 61.12
N ILE C 594 -28.55 35.59 60.89
CA ILE C 594 -27.61 34.47 60.93
C ILE C 594 -26.57 34.54 59.83
N ARG C 595 -26.78 35.43 58.85
CA ARG C 595 -25.81 35.57 57.77
C ARG C 595 -24.44 35.93 58.31
N TYR C 596 -24.38 36.72 59.37
CA TYR C 596 -23.09 37.14 59.92
C TYR C 596 -22.36 35.97 60.57
N TYR C 597 -23.08 35.17 61.36
CA TYR C 597 -22.45 33.99 61.96
C TYR C 597 -21.99 33.02 60.89
N THR C 598 -22.84 32.77 59.88
CA THR C 598 -22.49 31.85 58.82
C THR C 598 -21.28 32.35 58.04
N ARG C 599 -21.24 33.65 57.72
CA ARG C 599 -20.12 34.19 56.96
C ARG C 599 -18.84 34.20 57.78
N THR C 600 -18.94 34.45 59.10
CA THR C 600 -17.76 34.38 59.94
C THR C 600 -17.18 32.97 59.95
N LEU C 601 -18.04 31.96 60.13
CA LEU C 601 -17.56 30.59 60.12
C LEU C 601 -17.01 30.20 58.75
N TYR C 602 -17.69 30.60 57.67
CA TYR C 602 -17.20 30.32 56.33
C TYR C 602 -15.85 30.95 56.09
N GLN C 603 -15.67 32.20 56.53
CA GLN C 603 -14.40 32.88 56.29
C GLN C 603 -13.29 32.26 57.12
N PHE C 604 -13.57 31.83 58.35
CA PHE C 604 -12.55 31.14 59.11
C PHE C 604 -12.16 29.82 58.46
N GLN C 605 -13.15 29.06 57.99
CA GLN C 605 -12.85 27.80 57.30
C GLN C 605 -12.04 28.05 56.04
N PHE C 606 -12.43 29.05 55.25
CA PHE C 606 -11.72 29.36 54.01
C PHE C 606 -10.30 29.82 54.29
N GLN C 607 -10.11 30.63 55.33
CA GLN C 607 -8.77 31.08 55.70
C GLN C 607 -7.91 29.89 56.12
N GLU C 608 -8.47 28.98 56.92
CA GLU C 608 -7.70 27.81 57.32
C GLU C 608 -7.32 26.96 56.11
N ALA C 609 -8.27 26.76 55.19
CA ALA C 609 -7.99 25.97 54.00
C ALA C 609 -6.93 26.64 53.12
N LEU C 610 -7.00 27.96 52.99
CA LEU C 610 -6.03 28.69 52.19
C LEU C 610 -4.64 28.64 52.82
N CYS C 611 -4.57 28.71 54.15
CA CYS C 611 -3.28 28.57 54.82
C CYS C 611 -2.72 27.17 54.66
N GLN C 612 -3.59 26.16 54.67
CA GLN C 612 -3.15 24.79 54.40
C GLN C 612 -2.61 24.66 52.99
N ALA C 613 -3.34 25.18 52.00
CA ALA C 613 -2.90 25.07 50.61
C ALA C 613 -1.62 25.85 50.37
N ALA C 614 -1.51 27.05 50.91
CA ALA C 614 -0.30 27.85 50.82
C ALA C 614 0.81 27.32 51.73
N LYS C 615 0.49 26.38 52.62
CA LYS C 615 1.47 25.76 53.50
C LYS C 615 2.21 26.80 54.35
N HIS C 616 1.45 27.75 54.89
CA HIS C 616 2.04 28.75 55.77
C HIS C 616 2.55 28.10 57.05
N GLU C 617 3.66 28.63 57.57
CA GLU C 617 4.25 28.15 58.81
C GLU C 617 4.12 29.23 59.87
N GLY C 618 3.55 28.86 61.02
CA GLY C 618 3.37 29.78 62.11
C GLY C 618 1.93 29.87 62.58
N PRO C 619 1.61 30.88 63.37
CA PRO C 619 0.24 31.05 63.85
C PRO C 619 -0.72 31.34 62.71
N LEU C 620 -1.98 30.95 62.92
CA LEU C 620 -3.00 31.14 61.89
C LEU C 620 -3.23 32.61 61.60
N HIS C 621 -3.23 33.46 62.64
CA HIS C 621 -3.44 34.88 62.43
C HIS C 621 -2.28 35.55 61.71
N LYS C 622 -1.11 34.91 61.68
CA LYS C 622 0.05 35.41 60.95
C LYS C 622 0.15 34.82 59.55
N CYS C 623 -0.82 34.02 59.14
CA CYS C 623 -0.77 33.36 57.84
C CYS C 623 -1.12 34.35 56.73
N ASP C 624 -0.28 34.38 55.69
CA ASP C 624 -0.48 35.22 54.52
C ASP C 624 -0.46 34.34 53.28
N ILE C 625 -1.35 34.64 52.33
CA ILE C 625 -1.46 33.87 51.10
C ILE C 625 -0.76 34.56 49.94
N SER C 626 0.15 35.48 50.23
CA SER C 626 0.88 36.17 49.17
C SER C 626 1.79 35.18 48.43
N ASN C 627 1.90 35.38 47.12
CA ASN C 627 2.71 34.53 46.25
C ASN C 627 2.32 33.06 46.38
N SER C 628 1.01 32.80 46.45
CA SER C 628 0.48 31.45 46.55
C SER C 628 -0.51 31.23 45.42
N THR C 629 -0.02 30.72 44.29
CA THR C 629 -0.88 30.51 43.13
C THR C 629 -1.81 29.32 43.33
N GLU C 630 -1.34 28.28 44.01
CA GLU C 630 -2.16 27.08 44.20
C GLU C 630 -3.39 27.39 45.03
N ALA C 631 -3.24 28.18 46.10
CA ALA C 631 -4.40 28.55 46.92
C ALA C 631 -5.41 29.35 46.11
N GLY C 632 -4.93 30.29 45.30
CA GLY C 632 -5.84 31.07 44.47
C GLY C 632 -6.57 30.21 43.45
N GLN C 633 -5.86 29.26 42.84
CA GLN C 633 -6.50 28.35 41.89
C GLN C 633 -7.56 27.50 42.58
N LYS C 634 -7.24 26.96 43.76
CA LYS C 634 -8.20 26.17 44.50
C LYS C 634 -9.43 27.00 44.86
N LEU C 635 -9.21 28.24 45.30
CA LEU C 635 -10.32 29.12 45.65
C LEU C 635 -11.20 29.42 44.43
N PHE C 636 -10.56 29.72 43.29
CA PHE C 636 -11.32 30.01 42.09
C PHE C 636 -12.05 28.78 41.56
N ASN C 637 -11.60 27.58 41.91
CA ASN C 637 -12.27 26.37 41.45
C ASN C 637 -13.76 26.36 41.83
N MET C 638 -14.11 26.93 42.99
CA MET C 638 -15.51 27.04 43.36
C MET C 638 -16.00 28.48 43.41
N LEU C 639 -15.12 29.48 43.37
CA LEU C 639 -15.61 30.84 43.17
C LEU C 639 -16.31 30.98 41.83
N ARG C 640 -15.80 30.29 40.81
CA ARG C 640 -16.47 30.28 39.51
C ARG C 640 -17.83 29.60 39.60
N LEU C 641 -18.00 28.65 40.53
CA LEU C 641 -19.28 27.98 40.67
C LEU C 641 -20.37 28.95 41.11
N GLY C 642 -20.07 29.82 42.07
CA GLY C 642 -21.07 30.71 42.62
C GLY C 642 -22.17 29.95 43.31
N LYS C 643 -23.40 30.09 42.81
CA LYS C 643 -24.53 29.33 43.32
C LYS C 643 -24.98 28.24 42.36
N SER C 644 -24.15 27.93 41.36
CA SER C 644 -24.46 26.85 40.42
C SER C 644 -24.40 25.47 41.07
N GLU C 645 -23.76 25.35 42.22
CA GLU C 645 -23.61 24.10 42.94
C GLU C 645 -24.02 24.31 44.39
N PRO C 646 -24.41 23.23 45.09
CA PRO C 646 -24.77 23.38 46.50
C PRO C 646 -23.62 23.95 47.31
N TRP C 647 -23.97 24.84 48.25
CA TRP C 647 -22.94 25.48 49.07
C TRP C 647 -22.22 24.47 49.96
N THR C 648 -22.89 23.38 50.33
CA THR C 648 -22.22 22.32 51.06
C THR C 648 -21.10 21.69 50.22
N LEU C 649 -21.38 21.44 48.93
CA LEU C 649 -20.34 20.92 48.05
C LEU C 649 -19.19 21.90 47.90
N ALA C 650 -19.50 23.19 47.79
CA ALA C 650 -18.45 24.20 47.69
C ALA C 650 -17.58 24.22 48.94
N LEU C 651 -18.21 24.16 50.13
CA LEU C 651 -17.44 24.16 51.37
C LEU C 651 -16.59 22.90 51.48
N GLU C 652 -17.13 21.76 51.04
CA GLU C 652 -16.34 20.53 51.04
C GLU C 652 -15.14 20.65 50.11
N ASN C 653 -15.33 21.26 48.94
CA ASN C 653 -14.24 21.43 47.99
C ASN C 653 -13.17 22.38 48.48
N VAL C 654 -13.44 23.15 49.54
CA VAL C 654 -12.47 24.08 50.11
C VAL C 654 -11.79 23.49 51.34
N VAL C 655 -12.58 23.13 52.37
CA VAL C 655 -12.00 22.71 53.65
C VAL C 655 -12.12 21.21 53.88
N GLY C 656 -12.80 20.48 53.00
CA GLY C 656 -12.99 19.06 53.19
C GLY C 656 -14.13 18.70 54.12
N ALA C 657 -14.85 19.68 54.66
CA ALA C 657 -15.97 19.44 55.56
C ALA C 657 -17.26 19.90 54.87
N LYS C 658 -18.28 19.04 54.90
CA LYS C 658 -19.55 19.36 54.28
C LYS C 658 -20.46 20.19 55.18
N ASN C 659 -20.02 20.50 56.40
CA ASN C 659 -20.82 21.26 57.34
C ASN C 659 -19.97 22.31 58.03
N MET C 660 -20.64 23.31 58.59
CA MET C 660 -19.97 24.45 59.21
C MET C 660 -19.45 24.09 60.59
N ASN C 661 -18.30 24.65 60.94
CA ASN C 661 -17.69 24.40 62.24
C ASN C 661 -16.77 25.57 62.58
N VAL C 662 -16.41 25.67 63.87
CA VAL C 662 -15.56 26.76 64.35
C VAL C 662 -14.17 26.26 64.71
N ARG C 663 -13.79 25.07 64.27
CA ARG C 663 -12.42 24.60 64.49
C ARG C 663 -11.36 25.55 63.91
N PRO C 664 -11.51 26.10 62.69
CA PRO C 664 -10.57 27.14 62.27
C PRO C 664 -10.55 28.35 63.19
N LEU C 665 -11.70 28.74 63.74
CA LEU C 665 -11.72 29.82 64.72
C LEU C 665 -10.93 29.45 65.96
N LEU C 666 -11.07 28.19 66.41
CA LEU C 666 -10.29 27.73 67.55
C LEU C 666 -8.79 27.79 67.25
N ASN C 667 -8.39 27.37 66.05
CA ASN C 667 -6.98 27.45 65.67
C ASN C 667 -6.52 28.90 65.63
N TYR C 668 -7.36 29.80 65.13
CA TYR C 668 -7.01 31.21 65.06
C TYR C 668 -6.81 31.82 66.45
N PHE C 669 -7.70 31.51 67.38
CA PHE C 669 -7.71 32.16 68.68
C PHE C 669 -7.08 31.31 69.78
N GLU C 670 -6.42 30.21 69.44
CA GLU C 670 -5.80 29.36 70.45
C GLU C 670 -4.76 30.10 71.29
N PRO C 671 -3.81 30.85 70.73
CA PRO C 671 -2.94 31.67 71.60
C PRO C 671 -3.73 32.67 72.42
N LEU C 672 -4.75 33.30 71.82
CA LEU C 672 -5.58 34.23 72.57
C LEU C 672 -6.44 33.50 73.60
N PHE C 673 -6.90 32.29 73.27
CA PHE C 673 -7.65 31.50 74.24
C PHE C 673 -6.79 31.19 75.46
N THR C 674 -5.55 30.77 75.23
CA THR C 674 -4.65 30.48 76.34
C THR C 674 -4.36 31.73 77.15
N TRP C 675 -4.14 32.87 76.47
CA TRP C 675 -3.88 34.11 77.18
C TRP C 675 -5.06 34.53 78.03
N LEU C 676 -6.28 34.42 77.49
CA LEU C 676 -7.48 34.79 78.24
C LEU C 676 -7.68 33.85 79.43
N LYS C 677 -7.45 32.55 79.24
CA LYS C 677 -7.58 31.61 80.34
C LYS C 677 -6.56 31.91 81.43
N ASP C 678 -5.33 32.28 81.05
CA ASP C 678 -4.33 32.65 82.03
C ASP C 678 -4.72 33.92 82.77
N GLN C 679 -5.27 34.90 82.05
CA GLN C 679 -5.65 36.17 82.68
C GLN C 679 -6.85 36.02 83.61
N ASN C 680 -7.80 35.14 83.26
CA ASN C 680 -9.01 34.95 84.03
C ASN C 680 -8.85 34.00 85.20
N LYS C 681 -7.61 33.75 85.65
CA LYS C 681 -7.42 32.93 86.83
C LYS C 681 -7.94 33.60 88.08
N ASN C 682 -7.92 34.94 88.13
CA ASN C 682 -8.43 35.69 89.26
C ASN C 682 -9.77 36.34 89.00
N SER C 683 -10.20 36.42 87.74
CA SER C 683 -11.48 36.99 87.38
C SER C 683 -12.47 35.88 87.09
N PHE C 684 -13.68 36.00 87.65
CA PHE C 684 -14.68 34.96 87.47
C PHE C 684 -15.04 34.79 86.00
N VAL C 685 -15.07 33.53 85.56
CA VAL C 685 -15.43 33.19 84.18
C VAL C 685 -16.90 32.83 84.15
N GLY C 686 -17.65 33.48 83.26
CA GLY C 686 -19.08 33.27 83.15
C GLY C 686 -19.85 34.55 83.42
N TRP C 687 -21.04 34.39 83.97
CA TRP C 687 -21.93 35.52 84.26
C TRP C 687 -23.08 35.02 85.11
N SER C 688 -23.79 35.97 85.71
CA SER C 688 -24.97 35.68 86.53
C SER C 688 -26.18 36.39 85.94
N THR C 689 -27.20 35.62 85.57
CA THR C 689 -28.39 36.21 84.96
C THR C 689 -29.19 37.04 85.95
N ASP C 690 -29.23 36.63 87.21
CA ASP C 690 -30.08 37.30 88.19
C ASP C 690 -29.64 38.75 88.42
N TRP C 691 -28.34 39.00 88.49
CA TRP C 691 -27.85 40.35 88.76
C TRP C 691 -28.20 41.29 87.63
N SER C 692 -28.56 42.52 87.98
CA SER C 692 -28.88 43.55 87.02
C SER C 692 -28.41 44.90 87.55
N PRO C 693 -28.02 45.82 86.67
CA PRO C 693 -27.66 47.17 87.13
C PRO C 693 -28.80 47.89 87.82
N TYR C 694 -30.06 47.60 87.45
CA TYR C 694 -31.19 48.27 88.05
C TYR C 694 -31.62 47.66 89.37
N ALA C 695 -31.02 46.54 89.78
CA ALA C 695 -31.30 45.92 91.07
C ALA C 695 -30.06 46.01 91.95
N ASP C 696 -30.24 46.51 93.16
CA ASP C 696 -29.13 46.69 94.10
C ASP C 696 -29.15 45.60 95.17
N ALA D 27 50.89 32.32 14.61
CA ALA D 27 52.05 31.81 13.88
C ALA D 27 51.63 30.71 12.90
N TYR D 28 51.90 30.93 11.62
CA TYR D 28 51.57 29.98 10.58
C TYR D 28 52.84 29.43 9.95
N THR D 29 52.71 28.29 9.30
CA THR D 29 53.83 27.73 8.55
C THR D 29 53.30 26.91 7.38
N ASN D 30 54.20 26.61 6.45
CA ASN D 30 53.85 25.80 5.29
C ASN D 30 53.68 24.34 5.69
N SER D 31 52.73 23.67 5.04
CA SER D 31 52.47 22.27 5.28
C SER D 31 53.29 21.34 4.39
N PHE D 32 53.82 21.86 3.28
CA PHE D 32 54.62 21.08 2.32
C PHE D 32 53.78 19.91 1.84
N THR D 33 54.20 18.67 2.03
CA THR D 33 53.41 17.49 1.69
C THR D 33 53.36 16.61 2.93
N ARG D 34 52.21 16.62 3.61
CA ARG D 34 52.06 15.87 4.84
C ARG D 34 50.59 15.54 5.04
N GLY D 35 50.31 14.76 6.09
CA GLY D 35 48.96 14.36 6.38
C GLY D 35 48.35 13.44 5.34
N VAL D 36 49.12 12.45 4.89
CA VAL D 36 48.64 11.43 3.97
C VAL D 36 48.55 10.12 4.74
N TYR D 37 47.36 9.53 4.78
CA TYR D 37 47.12 8.30 5.50
C TYR D 37 46.41 7.30 4.60
N TYR D 38 46.67 6.03 4.84
CA TYR D 38 46.02 4.98 4.07
C TYR D 38 44.51 5.10 4.22
N PRO D 39 43.76 5.21 3.13
CA PRO D 39 42.30 5.32 3.25
C PRO D 39 41.66 4.15 3.96
N ASP D 40 42.22 2.95 3.79
CA ASP D 40 41.71 1.76 4.44
C ASP D 40 42.80 0.69 4.40
N LYS D 41 42.51 -0.46 5.00
CA LYS D 41 43.48 -1.52 5.15
C LYS D 41 43.69 -2.33 3.88
N VAL D 42 43.20 -1.84 2.74
CA VAL D 42 43.34 -2.58 1.50
C VAL D 42 44.79 -2.59 1.06
N PHE D 43 45.13 -3.46 0.12
CA PHE D 43 46.47 -3.53 -0.44
C PHE D 43 46.41 -3.35 -1.95
N ARG D 44 47.34 -2.56 -2.47
CA ARG D 44 47.51 -2.39 -3.90
C ARG D 44 49.01 -2.38 -4.21
N SER D 45 49.38 -2.99 -5.32
CA SER D 45 50.78 -3.21 -5.65
C SER D 45 51.16 -2.39 -6.88
N SER D 46 52.09 -1.46 -6.70
CA SER D 46 52.66 -0.66 -7.79
C SER D 46 51.59 -0.13 -8.73
N VAL D 47 50.69 0.70 -8.21
CA VAL D 47 49.57 1.19 -9.01
C VAL D 47 49.22 2.58 -8.53
N LEU D 48 48.64 3.37 -9.44
CA LEU D 48 48.19 4.72 -9.13
C LEU D 48 46.69 4.67 -8.88
N HIS D 49 46.30 4.92 -7.63
CA HIS D 49 44.92 4.77 -7.20
C HIS D 49 44.36 6.11 -6.78
N SER D 50 43.16 6.42 -7.25
CA SER D 50 42.49 7.66 -6.89
C SER D 50 41.56 7.43 -5.72
N THR D 51 41.32 8.50 -4.96
CA THR D 51 40.37 8.44 -3.85
C THR D 51 39.85 9.83 -3.56
N GLN D 52 38.76 9.88 -2.81
CA GLN D 52 38.14 11.15 -2.40
C GLN D 52 37.83 11.04 -0.91
N ASP D 53 38.54 11.82 -0.10
CA ASP D 53 38.43 11.69 1.35
C ASP D 53 38.93 12.97 1.99
N LEU D 54 38.85 13.02 3.33
CA LEU D 54 39.43 14.12 4.08
C LEU D 54 40.95 14.00 4.07
N PHE D 55 41.62 15.11 3.81
CA PHE D 55 43.07 15.13 3.74
C PHE D 55 43.60 16.45 4.27
N LEU D 56 44.92 16.56 4.32
CA LEU D 56 45.59 17.81 4.58
C LEU D 56 46.03 18.40 3.25
N PRO D 57 45.48 19.55 2.83
CA PRO D 57 45.84 20.09 1.52
C PRO D 57 47.33 20.38 1.43
N PHE D 58 47.90 20.10 0.25
CA PHE D 58 49.32 20.33 0.04
C PHE D 58 49.64 21.81 0.13
N PHE D 59 50.78 22.13 0.73
CA PHE D 59 51.27 23.49 0.86
C PHE D 59 50.25 24.39 1.54
N SER D 60 49.41 23.81 2.41
CA SER D 60 48.46 24.59 3.17
C SER D 60 49.17 25.24 4.36
N ASN D 61 48.43 26.08 5.08
CA ASN D 61 48.97 26.78 6.23
C ASN D 61 48.58 26.04 7.50
N VAL D 62 49.58 25.59 8.24
CA VAL D 62 49.39 24.86 9.48
C VAL D 62 49.73 25.79 10.63
N THR D 63 48.86 25.84 11.64
CA THR D 63 49.08 26.68 12.79
C THR D 63 50.15 26.09 13.69
N TRP D 64 50.95 26.97 14.28
CA TRP D 64 52.08 26.60 15.11
C TRP D 64 51.81 27.01 16.55
N PHE D 65 52.08 26.09 17.48
CA PHE D 65 51.85 26.36 18.90
C PHE D 65 53.11 26.07 19.69
N HIS D 66 53.27 26.79 20.79
CA HIS D 66 54.39 26.62 21.70
C HIS D 66 53.88 26.57 23.13
N ALA D 67 54.56 25.78 23.96
CA ALA D 67 54.19 25.58 25.35
C ALA D 67 55.26 26.12 26.28
N ILE D 68 55.80 27.29 25.95
CA ILE D 68 56.86 27.93 26.73
C ILE D 68 56.31 29.25 27.27
N HIS D 69 56.47 29.45 28.58
CA HIS D 69 56.05 30.68 29.25
C HIS D 69 54.58 30.97 29.03
N ASP D 80 51.42 26.83 26.73
CA ASP D 80 50.13 27.25 26.20
C ASP D 80 49.50 26.16 25.34
N ASN D 81 48.41 25.58 25.82
CA ASN D 81 47.66 24.57 25.09
C ASN D 81 46.19 24.97 25.10
N PRO D 82 45.79 25.87 24.20
CA PRO D 82 44.38 26.28 24.13
C PRO D 82 43.53 25.20 23.51
N VAL D 83 42.23 25.30 23.74
CA VAL D 83 41.26 24.38 23.14
C VAL D 83 41.07 24.75 21.67
N LEU D 84 41.23 23.77 20.80
CA LEU D 84 41.01 23.99 19.38
C LEU D 84 39.84 23.15 18.88
N PRO D 85 39.06 23.67 17.93
CA PRO D 85 37.95 22.87 17.38
C PRO D 85 38.46 21.67 16.61
N PHE D 86 37.70 20.57 16.69
CA PHE D 86 38.05 19.39 15.92
C PHE D 86 37.71 19.56 14.44
N ASN D 87 36.70 20.37 14.13
CA ASN D 87 36.20 20.55 12.76
C ASN D 87 35.79 19.19 12.22
N ASP D 88 36.33 18.74 11.10
CA ASP D 88 35.99 17.44 10.52
C ASP D 88 37.17 16.48 10.54
N GLY D 89 38.21 16.77 11.30
CA GLY D 89 39.39 15.94 11.32
C GLY D 89 40.61 16.79 11.60
N VAL D 90 41.52 16.29 12.44
CA VAL D 90 42.63 17.08 12.94
C VAL D 90 43.94 16.38 12.62
N TYR D 91 44.87 17.12 12.03
CA TYR D 91 46.25 16.67 11.86
C TYR D 91 47.10 17.29 12.95
N PHE D 92 47.90 16.46 13.62
CA PHE D 92 48.64 16.88 14.81
C PHE D 92 50.07 16.37 14.68
N ALA D 93 51.02 17.28 14.53
CA ALA D 93 52.42 16.94 14.42
C ALA D 93 53.15 17.45 15.65
N SER D 94 53.96 16.59 16.27
CA SER D 94 54.71 16.97 17.46
C SER D 94 56.14 16.49 17.34
N THR D 95 57.07 17.44 17.28
CA THR D 95 58.48 17.13 17.39
C THR D 95 58.84 17.04 18.86
N GLU D 96 59.23 15.86 19.33
CA GLU D 96 59.40 15.61 20.75
C GLU D 96 60.74 14.94 21.02
N LYS D 97 61.26 15.23 22.21
CA LYS D 97 62.44 14.54 22.73
C LYS D 97 62.31 14.12 24.18
N SER D 98 61.28 14.57 24.89
CA SER D 98 61.14 14.27 26.31
C SER D 98 59.72 13.91 26.71
N ASN D 99 58.84 13.60 25.75
CA ASN D 99 57.47 13.16 26.03
C ASN D 99 56.73 14.19 26.89
N ILE D 100 56.85 15.46 26.52
CA ILE D 100 56.09 16.50 27.19
C ILE D 100 54.61 16.36 26.87
N ILE D 101 54.28 16.19 25.58
CA ILE D 101 52.92 15.89 25.17
C ILE D 101 52.62 14.45 25.57
N ARG D 102 51.59 14.25 26.37
CA ARG D 102 51.26 12.90 26.82
C ARG D 102 49.78 12.57 26.71
N GLY D 103 48.97 13.40 26.05
CA GLY D 103 47.57 13.06 25.94
C GLY D 103 46.81 14.09 25.14
N TRP D 104 45.54 13.77 24.93
CA TRP D 104 44.59 14.65 24.25
C TRP D 104 43.22 14.47 24.88
N ILE D 105 42.41 15.53 24.76
CA ILE D 105 41.00 15.51 25.16
C ILE D 105 40.17 15.89 23.95
N PHE D 106 38.99 15.27 23.85
CA PHE D 106 38.10 15.47 22.71
C PHE D 106 36.67 15.53 23.21
N GLY D 107 35.84 16.29 22.49
CA GLY D 107 34.44 16.41 22.81
C GLY D 107 33.95 17.80 22.50
N THR D 108 32.81 18.15 23.12
CA THR D 108 32.20 19.45 22.94
C THR D 108 32.21 20.27 24.23
N THR D 109 31.66 19.73 25.32
CA THR D 109 31.55 20.48 26.56
C THR D 109 32.84 20.45 27.37
N LEU D 110 33.48 19.28 27.47
CA LEU D 110 34.75 19.12 28.18
C LEU D 110 34.65 19.55 29.64
N ASP D 111 33.50 19.25 30.26
CA ASP D 111 33.30 19.61 31.66
C ASP D 111 32.55 18.52 32.43
N SER D 112 32.66 17.26 31.99
CA SER D 112 31.99 16.10 32.58
C SER D 112 30.47 16.13 32.39
N LYS D 113 29.94 17.11 31.65
CA LYS D 113 28.51 17.14 31.37
C LYS D 113 28.11 16.14 30.29
N THR D 114 29.08 15.57 29.58
CA THR D 114 28.84 14.53 28.59
C THR D 114 30.08 13.67 28.49
N GLN D 115 29.93 12.48 27.91
CA GLN D 115 31.07 11.62 27.67
C GLN D 115 32.08 12.36 26.78
N SER D 116 33.35 12.31 27.17
CA SER D 116 34.40 13.01 26.45
C SER D 116 35.62 12.12 26.35
N LEU D 117 36.27 12.17 25.20
CA LEU D 117 37.41 11.31 24.94
C LEU D 117 38.65 11.83 25.67
N LEU D 118 39.36 10.92 26.31
CA LEU D 118 40.61 11.24 26.99
C LEU D 118 41.61 10.15 26.68
N ILE D 119 42.74 10.54 26.07
CA ILE D 119 43.81 9.61 25.74
C ILE D 119 45.07 10.10 26.43
N VAL D 120 45.74 9.20 27.14
CA VAL D 120 46.96 9.54 27.87
C VAL D 120 47.94 8.38 27.79
N ASN D 121 49.16 8.66 27.33
CA ASN D 121 50.26 7.71 27.41
C ASN D 121 50.99 7.98 28.70
N ASN D 122 50.67 7.19 29.74
CA ASN D 122 51.24 7.44 31.07
C ASN D 122 52.75 7.30 31.05
N ALA D 123 53.24 6.08 30.89
CA ALA D 123 54.64 5.85 30.56
C ALA D 123 54.74 5.05 29.27
N THR D 124 54.00 3.94 29.23
CA THR D 124 53.92 3.08 28.06
C THR D 124 52.52 2.61 27.75
N ASN D 125 51.60 2.62 28.72
CA ASN D 125 50.25 2.11 28.53
C ASN D 125 49.34 3.25 28.10
N VAL D 126 48.79 3.14 26.89
CA VAL D 126 47.95 4.19 26.32
C VAL D 126 46.53 4.04 26.87
N VAL D 127 46.23 4.74 27.95
CA VAL D 127 44.91 4.70 28.56
C VAL D 127 43.98 5.59 27.75
N ILE D 128 42.93 4.98 27.20
CA ILE D 128 41.93 5.69 26.40
C ILE D 128 40.58 5.44 27.02
N LYS D 129 39.89 6.52 27.42
CA LYS D 129 38.61 6.40 28.09
C LYS D 129 37.67 7.48 27.56
N VAL D 130 36.38 7.32 27.87
CA VAL D 130 35.35 8.30 27.55
C VAL D 130 34.61 8.78 28.78
N CYS D 131 35.17 8.54 29.97
CA CYS D 131 34.47 8.84 31.20
C CYS D 131 34.17 10.32 31.32
N GLU D 132 33.10 10.63 32.05
CA GLU D 132 32.74 12.01 32.36
C GLU D 132 33.50 12.48 33.61
N PHE D 133 34.82 12.43 33.50
CA PHE D 133 35.67 12.96 34.56
C PHE D 133 35.51 14.48 34.65
N GLN D 134 35.60 15.00 35.86
CA GLN D 134 35.41 16.43 36.05
C GLN D 134 36.62 17.19 35.50
N PHE D 135 36.56 17.54 34.23
CA PHE D 135 37.69 18.19 33.58
C PHE D 135 37.85 19.63 34.07
N CYS D 136 39.07 19.96 34.47
CA CYS D 136 39.37 21.30 34.95
C CYS D 136 39.49 22.26 33.78
N ASN D 137 39.76 23.53 34.09
CA ASN D 137 40.01 24.50 33.02
C ASN D 137 41.31 24.17 32.28
N ASP D 138 42.34 23.78 33.01
CA ASP D 138 43.61 23.33 32.44
C ASP D 138 44.05 22.06 33.16
N PRO D 139 43.36 20.94 32.92
CA PRO D 139 43.73 19.69 33.60
C PRO D 139 45.10 19.21 33.15
N PHE D 140 45.77 18.49 34.05
CA PHE D 140 47.05 17.88 33.75
C PHE D 140 47.30 16.80 34.80
N LEU D 141 48.48 16.17 34.74
CA LEU D 141 48.87 15.12 35.66
C LEU D 141 50.16 15.53 36.36
N GLY D 142 50.20 15.35 37.68
CA GLY D 142 51.40 15.63 38.43
C GLY D 142 52.46 14.56 38.21
N VAL D 143 53.72 14.98 38.23
CA VAL D 143 54.84 14.06 38.04
C VAL D 143 55.01 13.17 39.26
N ASN D 165 29.98 9.27 33.74
CA ASN D 165 29.56 8.08 33.01
C ASN D 165 30.65 7.59 32.08
N CYS D 166 31.00 6.31 32.19
CA CYS D 166 32.00 5.67 31.36
C CYS D 166 31.32 4.66 30.45
N THR D 167 31.54 4.79 29.14
CA THR D 167 31.02 3.84 28.17
C THR D 167 32.12 3.13 27.40
N PHE D 168 33.38 3.50 27.60
CA PHE D 168 34.48 2.89 26.88
C PHE D 168 35.75 3.05 27.70
N GLU D 169 36.65 2.08 27.56
CA GLU D 169 37.97 2.15 28.17
C GLU D 169 38.91 1.25 27.37
N TYR D 170 40.15 1.70 27.22
CA TYR D 170 41.16 0.90 26.54
C TYR D 170 42.54 1.30 27.03
N VAL D 171 43.43 0.31 27.09
CA VAL D 171 44.81 0.51 27.48
C VAL D 171 45.69 -0.30 26.54
N SER D 172 46.76 0.32 26.04
CA SER D 172 47.73 -0.39 25.21
C SER D 172 48.80 -1.06 26.07
N PHE D 186 64.62 18.66 17.13
CA PHE D 186 64.19 17.43 17.79
C PHE D 186 64.68 16.21 17.05
N LYS D 187 64.76 15.08 17.75
CA LYS D 187 65.23 13.84 17.16
C LYS D 187 64.10 12.97 16.62
N ASN D 188 62.89 13.10 17.17
CA ASN D 188 61.76 12.31 16.73
C ASN D 188 60.56 13.21 16.52
N LEU D 189 59.76 12.83 15.52
CA LEU D 189 58.50 13.51 15.22
C LEU D 189 57.39 12.47 15.20
N ARG D 190 56.33 12.73 15.95
CA ARG D 190 55.16 11.87 15.97
C ARG D 190 54.02 12.62 15.30
N GLU D 191 53.46 12.04 14.25
CA GLU D 191 52.36 12.64 13.50
C GLU D 191 51.12 11.78 13.69
N PHE D 192 49.97 12.45 13.79
CA PHE D 192 48.70 11.78 14.02
C PHE D 192 47.61 12.46 13.22
N VAL D 193 46.64 11.66 12.80
CA VAL D 193 45.44 12.14 12.12
C VAL D 193 44.24 11.55 12.84
N PHE D 194 43.31 12.41 13.22
CA PHE D 194 42.12 12.00 13.97
C PHE D 194 40.89 12.34 13.14
N LYS D 195 39.98 11.39 13.02
CA LYS D 195 38.72 11.71 12.35
C LYS D 195 37.61 10.78 12.81
N ASN D 196 36.41 11.33 12.92
CA ASN D 196 35.23 10.58 13.30
C ASN D 196 34.32 10.44 12.09
N ILE D 197 34.06 9.20 11.69
CA ILE D 197 33.20 8.90 10.55
C ILE D 197 32.23 7.80 10.96
N ASP D 198 30.93 8.07 10.83
CA ASP D 198 29.89 7.09 11.11
C ASP D 198 30.01 6.52 12.52
N GLY D 199 30.32 7.39 13.48
CA GLY D 199 30.47 6.98 14.85
C GLY D 199 31.76 6.26 15.17
N TYR D 200 32.60 5.99 14.17
CA TYR D 200 33.89 5.37 14.38
C TYR D 200 34.95 6.45 14.43
N PHE D 201 35.68 6.52 15.53
CA PHE D 201 36.81 7.43 15.66
C PHE D 201 38.08 6.68 15.26
N LYS D 202 38.79 7.21 14.27
CA LYS D 202 39.95 6.56 13.71
C LYS D 202 41.17 7.45 13.87
N ILE D 203 42.28 6.82 14.25
CA ILE D 203 43.55 7.50 14.50
C ILE D 203 44.61 6.84 13.63
N TYR D 204 45.36 7.66 12.89
CA TYR D 204 46.42 7.19 12.02
C TYR D 204 47.72 7.85 12.48
N SER D 205 48.71 7.04 12.83
CA SER D 205 49.92 7.53 13.47
C SER D 205 51.15 7.24 12.61
N LYS D 206 52.22 7.96 12.91
CA LYS D 206 53.52 7.73 12.26
C LYS D 206 54.60 8.34 13.12
N HIS D 207 55.52 7.51 13.61
CA HIS D 207 56.68 7.97 14.36
C HIS D 207 57.90 7.91 13.45
N THR D 208 58.62 9.03 13.37
CA THR D 208 59.76 9.09 12.46
C THR D 208 60.95 9.74 13.14
N PRO D 209 62.16 9.35 12.77
CA PRO D 209 63.35 10.08 13.23
C PRO D 209 63.55 11.34 12.40
N ILE D 210 63.85 12.44 13.07
CA ILE D 210 64.01 13.73 12.42
C ILE D 210 65.27 14.40 12.93
N ASN D 211 65.85 15.26 12.09
CA ASN D 211 66.97 16.12 12.48
C ASN D 211 66.64 17.54 12.04
N LEU D 212 65.87 18.24 12.87
CA LEU D 212 65.45 19.62 12.68
C LEU D 212 64.65 20.02 13.90
N VAL D 213 64.59 21.33 14.16
CA VAL D 213 63.95 21.85 15.36
C VAL D 213 62.98 22.98 15.09
N ARG D 214 62.88 23.47 13.84
CA ARG D 214 62.08 24.64 13.55
C ARG D 214 60.77 24.31 12.84
N ASP D 215 60.82 23.61 11.70
CA ASP D 215 59.63 23.38 10.92
C ASP D 215 59.59 21.94 10.43
N LEU D 216 58.46 21.58 9.83
CA LEU D 216 58.27 20.21 9.36
C LEU D 216 59.23 19.91 8.22
N PRO D 217 59.82 18.71 8.19
CA PRO D 217 60.71 18.36 7.08
C PRO D 217 59.96 18.33 5.76
N GLN D 218 60.65 18.73 4.70
CA GLN D 218 60.07 18.72 3.36
C GLN D 218 60.39 17.38 2.71
N GLY D 219 59.63 16.37 3.10
CA GLY D 219 59.78 15.03 2.58
C GLY D 219 58.43 14.38 2.43
N PHE D 220 58.42 13.05 2.51
CA PHE D 220 57.18 12.30 2.36
C PHE D 220 57.19 11.11 3.30
N SER D 221 56.02 10.80 3.86
CA SER D 221 55.86 9.62 4.70
C SER D 221 54.37 9.27 4.76
N ALA D 222 54.09 8.06 5.20
CA ALA D 222 52.73 7.56 5.25
C ALA D 222 52.22 7.54 6.69
N LEU D 223 50.90 7.43 6.81
CA LEU D 223 50.22 7.35 8.11
C LEU D 223 49.38 6.08 8.13
N GLU D 224 49.70 5.17 9.04
CA GLU D 224 48.91 3.95 9.11
C GLU D 224 47.98 3.99 10.31
N PRO D 225 46.82 3.35 10.21
CA PRO D 225 45.86 3.38 11.32
C PRO D 225 46.39 2.63 12.54
N LEU D 226 45.97 3.10 13.71
CA LEU D 226 46.25 2.41 14.97
C LEU D 226 44.99 1.97 15.68
N VAL D 227 44.05 2.87 15.92
CA VAL D 227 42.88 2.58 16.74
C VAL D 227 41.64 3.13 16.07
N ASP D 228 40.59 2.30 16.02
CA ASP D 228 39.24 2.75 15.71
C ASP D 228 38.35 2.40 16.88
N LEU D 229 37.45 3.32 17.22
CA LEU D 229 36.60 3.20 18.40
C LEU D 229 35.16 3.40 17.99
N PRO D 230 34.27 2.47 18.30
CA PRO D 230 32.83 2.62 18.00
C PRO D 230 32.13 3.50 19.03
N ILE D 231 32.61 4.73 19.17
CA ILE D 231 32.15 5.63 20.21
C ILE D 231 31.12 6.62 19.68
N GLY D 232 31.47 7.42 18.69
CA GLY D 232 30.53 8.37 18.11
C GLY D 232 30.03 9.40 19.08
N ILE D 233 30.90 10.30 19.53
CA ILE D 233 30.60 11.23 20.61
C ILE D 233 30.42 12.65 20.10
N ASN D 234 30.22 12.84 18.80
CA ASN D 234 29.98 14.16 18.21
C ASN D 234 31.09 15.14 18.58
N ILE D 235 32.34 14.67 18.53
CA ILE D 235 33.46 15.48 18.97
C ILE D 235 33.61 16.70 18.07
N THR D 236 33.67 17.87 18.70
CA THR D 236 33.84 19.13 17.97
C THR D 236 35.05 19.93 18.42
N ARG D 237 35.53 19.73 19.64
CA ARG D 237 36.66 20.46 20.18
C ARG D 237 37.70 19.48 20.69
N PHE D 238 38.95 19.95 20.75
CA PHE D 238 40.03 19.12 21.26
C PHE D 238 41.10 20.02 21.86
N GLN D 239 41.98 19.41 22.65
CA GLN D 239 43.09 20.11 23.26
C GLN D 239 44.15 19.09 23.68
N THR D 240 45.41 19.45 23.49
CA THR D 240 46.49 18.56 23.87
C THR D 240 46.68 18.56 25.39
N LEU D 241 47.39 17.54 25.87
CA LEU D 241 47.65 17.38 27.28
C LEU D 241 49.15 17.28 27.53
N LEU D 242 49.61 18.00 28.55
CA LEU D 242 51.02 18.05 28.89
C LEU D 242 51.18 17.90 30.40
N ALA D 243 52.33 17.37 30.80
CA ALA D 243 52.64 17.16 32.21
C ALA D 243 53.65 18.22 32.66
N LEU D 244 53.31 18.90 33.75
CA LEU D 244 54.18 19.93 34.31
C LEU D 244 55.14 19.30 35.32
N HIS D 245 56.43 19.55 35.13
CA HIS D 245 57.46 19.04 36.03
C HIS D 245 57.40 19.72 37.39
N ALA D 263 58.12 23.39 24.48
CA ALA D 263 58.39 22.94 23.12
C ALA D 263 57.42 23.57 22.14
N ALA D 264 57.06 22.82 21.10
CA ALA D 264 56.18 23.32 20.06
C ALA D 264 55.55 22.15 19.31
N TYR D 265 54.44 22.44 18.62
CA TYR D 265 53.77 21.46 17.79
C TYR D 265 52.98 22.19 16.71
N TYR D 266 52.34 21.41 15.83
CA TYR D 266 51.69 21.96 14.65
C TYR D 266 50.33 21.29 14.46
N VAL D 267 49.34 22.10 14.06
CA VAL D 267 47.98 21.63 13.86
C VAL D 267 47.47 22.13 12.52
N GLY D 268 46.96 21.22 11.70
CA GLY D 268 46.29 21.56 10.46
C GLY D 268 44.82 21.22 10.50
N TYR D 269 44.23 21.10 9.31
CA TYR D 269 42.84 20.71 9.19
C TYR D 269 42.65 19.95 7.88
N LEU D 270 41.58 19.17 7.83
CA LEU D 270 41.33 18.25 6.72
C LEU D 270 40.15 18.71 5.90
N GLN D 271 40.33 18.77 4.59
CA GLN D 271 39.31 19.13 3.64
C GLN D 271 38.91 17.92 2.81
N PRO D 272 37.67 17.88 2.33
CA PRO D 272 37.25 16.76 1.48
C PRO D 272 37.83 16.87 0.09
N ARG D 273 39.07 16.41 -0.08
CA ARG D 273 39.80 16.55 -1.33
C ARG D 273 39.91 15.22 -2.04
N THR D 274 40.20 15.31 -3.33
CA THR D 274 40.50 14.16 -4.17
C THR D 274 42.02 14.02 -4.29
N PHE D 275 42.50 12.80 -4.15
CA PHE D 275 43.93 12.53 -4.16
C PHE D 275 44.25 11.35 -5.07
N LEU D 276 45.47 11.36 -5.56
CA LEU D 276 46.05 10.22 -6.26
C LEU D 276 47.24 9.72 -5.46
N LEU D 277 47.34 8.40 -5.32
CA LEU D 277 48.38 7.78 -4.52
C LEU D 277 49.14 6.77 -5.37
N LYS D 278 50.44 6.64 -5.10
CA LYS D 278 51.30 5.73 -5.85
C LYS D 278 51.72 4.59 -4.92
N TYR D 279 50.96 3.50 -4.96
CA TYR D 279 51.33 2.32 -4.19
C TYR D 279 52.54 1.63 -4.84
N ASN D 280 53.53 1.33 -4.02
CA ASN D 280 54.77 0.74 -4.49
C ASN D 280 54.58 -0.75 -4.75
N GLU D 281 55.68 -1.47 -4.92
CA GLU D 281 55.62 -2.90 -5.17
C GLU D 281 54.87 -3.62 -4.04
N ASN D 282 55.12 -3.23 -2.80
CA ASN D 282 54.43 -3.88 -1.68
C ASN D 282 53.54 -2.90 -0.92
N GLY D 283 52.81 -2.07 -1.64
CA GLY D 283 51.74 -1.30 -1.04
C GLY D 283 52.15 -0.30 0.01
N THR D 284 53.31 0.33 -0.15
CA THR D 284 53.71 1.43 0.72
C THR D 284 53.52 2.72 -0.06
N ILE D 285 52.79 3.67 0.54
CA ILE D 285 52.47 4.91 -0.15
C ILE D 285 53.77 5.70 -0.32
N THR D 286 54.27 5.75 -1.55
CA THR D 286 55.51 6.46 -1.83
C THR D 286 55.29 7.91 -2.17
N ASP D 287 54.18 8.25 -2.82
CA ASP D 287 53.91 9.63 -3.17
C ASP D 287 52.42 9.81 -3.42
N ALA D 288 52.00 11.07 -3.36
CA ALA D 288 50.60 11.41 -3.60
C ALA D 288 50.52 12.80 -4.20
N VAL D 289 49.40 13.06 -4.86
CA VAL D 289 49.13 14.35 -5.50
C VAL D 289 47.71 14.76 -5.15
N ASP D 290 47.55 16.03 -4.76
CA ASP D 290 46.24 16.59 -4.48
C ASP D 290 45.71 17.26 -5.75
N CYS D 291 44.51 16.87 -6.18
CA CYS D 291 43.95 17.39 -7.42
C CYS D 291 43.72 18.89 -7.33
N ALA D 292 43.16 19.35 -6.22
CA ALA D 292 42.74 20.74 -6.09
C ALA D 292 43.90 21.71 -5.92
N LEU D 293 45.14 21.20 -5.83
CA LEU D 293 46.28 22.08 -5.57
C LEU D 293 46.44 23.14 -6.66
N ASP D 294 46.49 22.72 -7.90
CA ASP D 294 46.76 23.62 -9.02
C ASP D 294 46.38 22.91 -10.32
N PRO D 295 46.25 23.65 -11.43
CA PRO D 295 45.84 23.00 -12.68
C PRO D 295 46.73 21.85 -13.12
N LEU D 296 48.05 21.95 -12.94
CA LEU D 296 48.91 20.82 -13.28
C LEU D 296 48.56 19.60 -12.44
N SER D 297 48.28 19.82 -11.15
CA SER D 297 47.87 18.72 -10.30
C SER D 297 46.55 18.12 -10.76
N GLU D 298 45.62 18.97 -11.21
CA GLU D 298 44.35 18.46 -11.73
C GLU D 298 44.59 17.63 -12.98
N THR D 299 45.52 18.05 -13.83
CA THR D 299 45.87 17.25 -15.01
C THR D 299 46.42 15.90 -14.59
N LYS D 300 47.31 15.89 -13.60
CA LYS D 300 47.84 14.62 -13.12
C LYS D 300 46.74 13.72 -12.60
N CYS D 301 45.78 14.29 -11.86
CA CYS D 301 44.69 13.50 -11.33
C CYS D 301 43.84 12.92 -12.45
N THR D 302 43.47 13.74 -13.43
CA THR D 302 42.60 13.28 -14.49
C THR D 302 43.32 12.40 -15.49
N LEU D 303 44.64 12.34 -15.46
CA LEU D 303 45.40 11.45 -16.33
C LEU D 303 45.87 10.19 -15.62
N LYS D 304 45.61 10.07 -14.32
CA LYS D 304 45.97 8.88 -13.55
C LYS D 304 47.47 8.58 -13.67
N SER D 305 48.29 9.63 -13.67
CA SER D 305 49.73 9.45 -13.78
C SER D 305 50.44 10.59 -13.09
N PHE D 306 51.48 10.24 -12.32
CA PHE D 306 52.32 11.28 -11.72
C PHE D 306 53.13 12.02 -12.77
N THR D 307 53.37 11.40 -13.92
CA THR D 307 54.04 12.04 -15.04
C THR D 307 53.07 12.19 -16.19
N VAL D 308 52.96 13.41 -16.71
CA VAL D 308 52.01 13.73 -17.77
C VAL D 308 52.80 14.04 -19.03
N GLU D 309 52.46 13.36 -20.12
CA GLU D 309 53.07 13.64 -21.41
C GLU D 309 52.70 15.04 -21.87
N LYS D 310 53.63 15.68 -22.57
CA LYS D 310 53.37 17.02 -23.11
C LYS D 310 52.15 17.00 -24.02
N GLY D 311 51.27 17.98 -23.82
CA GLY D 311 50.08 18.06 -24.64
C GLY D 311 49.04 18.93 -23.97
N ILE D 312 47.87 18.96 -24.60
CA ILE D 312 46.72 19.68 -24.09
C ILE D 312 45.75 18.66 -23.49
N TYR D 313 45.20 18.98 -22.33
CA TYR D 313 44.34 18.05 -21.62
C TYR D 313 43.19 18.80 -20.97
N GLN D 314 41.99 18.26 -21.09
CA GLN D 314 40.82 18.84 -20.47
C GLN D 314 40.63 18.27 -19.07
N THR D 315 40.36 19.15 -18.11
CA THR D 315 40.18 18.75 -16.72
C THR D 315 38.74 18.93 -16.25
N SER D 316 38.19 20.12 -16.41
CA SER D 316 36.86 20.43 -15.87
C SER D 316 36.15 21.36 -16.84
N ASN D 317 35.06 21.96 -16.37
CA ASN D 317 34.29 22.91 -17.17
C ASN D 317 33.99 24.12 -16.29
N PHE D 318 34.65 25.22 -16.60
CA PHE D 318 34.40 26.47 -15.89
C PHE D 318 32.95 26.88 -16.05
N ARG D 319 32.32 27.22 -14.93
CA ARG D 319 30.90 27.55 -14.87
C ARG D 319 30.72 28.80 -14.02
N VAL D 320 29.91 29.73 -14.51
CA VAL D 320 29.60 30.94 -13.75
C VAL D 320 28.26 30.73 -13.05
N GLN D 321 28.28 30.70 -11.74
CA GLN D 321 27.06 30.53 -10.98
C GLN D 321 26.28 31.83 -10.93
N PRO D 322 24.97 31.76 -10.73
CA PRO D 322 24.18 32.99 -10.58
C PRO D 322 24.63 33.76 -9.34
N THR D 323 24.98 35.04 -9.55
CA THR D 323 25.40 35.88 -8.43
C THR D 323 24.26 36.06 -7.44
N GLU D 324 23.04 36.27 -7.94
CA GLU D 324 21.86 36.31 -7.10
C GLU D 324 20.68 35.79 -7.93
N SER D 325 19.47 36.04 -7.43
CA SER D 325 18.26 35.69 -8.15
C SER D 325 17.31 36.88 -8.14
N ILE D 326 16.63 37.10 -9.27
CA ILE D 326 15.71 38.20 -9.42
C ILE D 326 14.35 37.65 -9.84
N VAL D 327 13.30 38.14 -9.21
CA VAL D 327 11.93 37.75 -9.51
C VAL D 327 11.20 38.96 -10.06
N ARG D 328 10.57 38.79 -11.22
CA ARG D 328 9.93 39.89 -11.92
C ARG D 328 8.48 39.53 -12.21
N PHE D 329 7.58 40.44 -11.87
CA PHE D 329 6.14 40.27 -12.04
C PHE D 329 5.55 41.58 -12.52
N PRO D 330 4.34 41.54 -13.10
CA PRO D 330 3.67 42.80 -13.45
C PRO D 330 3.25 43.57 -12.21
N ASN D 331 2.62 44.73 -12.41
CA ASN D 331 2.24 45.57 -11.29
C ASN D 331 1.15 44.89 -10.46
N ILE D 332 0.98 45.39 -9.23
CA ILE D 332 -0.01 44.86 -8.31
C ILE D 332 -1.06 45.93 -8.07
N THR D 333 -1.32 46.75 -9.11
CA THR D 333 -2.25 47.87 -8.96
C THR D 333 -3.66 47.38 -8.65
N ASN D 334 -4.07 46.27 -9.23
CA ASN D 334 -5.44 45.78 -9.06
C ASN D 334 -5.63 45.21 -7.66
N LEU D 335 -5.73 46.07 -6.66
CA LEU D 335 -6.00 45.64 -5.30
C LEU D 335 -7.49 45.48 -5.08
N CYS D 336 -7.85 44.47 -4.29
CA CYS D 336 -9.25 44.25 -3.98
C CYS D 336 -9.72 45.16 -2.86
N PRO D 337 -11.03 45.42 -2.79
CA PRO D 337 -11.55 46.32 -1.76
C PRO D 337 -11.53 45.70 -0.36
N PHE D 338 -10.35 45.32 0.12
CA PHE D 338 -10.21 44.91 1.50
C PHE D 338 -10.22 46.12 2.43
N GLY D 339 -9.65 47.24 1.99
CA GLY D 339 -9.61 48.43 2.82
C GLY D 339 -11.00 48.97 3.11
N GLU D 340 -11.91 48.88 2.14
CA GLU D 340 -13.26 49.38 2.36
C GLU D 340 -13.95 48.61 3.48
N VAL D 341 -13.73 47.30 3.54
CA VAL D 341 -14.21 46.53 4.69
C VAL D 341 -13.45 46.96 5.94
N PHE D 342 -12.14 47.16 5.81
CA PHE D 342 -11.33 47.65 6.92
C PHE D 342 -11.77 49.06 7.34
N ASN D 343 -11.89 49.96 6.37
CA ASN D 343 -12.29 51.34 6.63
C ASN D 343 -13.80 51.54 6.52
N ALA D 344 -14.59 50.51 6.77
CA ALA D 344 -16.04 50.62 6.66
C ALA D 344 -16.59 51.48 7.79
N THR D 345 -17.13 52.65 7.45
CA THR D 345 -17.76 53.49 8.45
C THR D 345 -19.00 52.82 9.03
N ARG D 346 -19.80 52.18 8.17
CA ARG D 346 -20.98 51.45 8.59
C ARG D 346 -20.75 49.96 8.35
N PHE D 347 -20.92 49.16 9.39
CA PHE D 347 -20.71 47.72 9.32
C PHE D 347 -22.03 46.99 9.43
N ALA D 348 -21.98 45.68 9.19
CA ALA D 348 -23.18 44.85 9.14
C ALA D 348 -23.39 44.13 10.48
N SER D 349 -24.63 43.69 10.68
CA SER D 349 -24.95 42.86 11.83
C SER D 349 -24.46 41.43 11.60
N VAL D 350 -24.45 40.65 12.68
CA VAL D 350 -23.81 39.34 12.64
C VAL D 350 -24.60 38.38 11.76
N TYR D 351 -25.92 38.32 11.95
CA TYR D 351 -26.74 37.44 11.11
C TYR D 351 -26.80 37.94 9.68
N ALA D 352 -26.75 39.25 9.49
CA ALA D 352 -26.76 39.87 8.16
C ALA D 352 -25.35 40.19 7.69
N TRP D 353 -24.40 39.33 8.02
CA TRP D 353 -23.03 39.48 7.56
C TRP D 353 -22.97 39.61 6.05
N ASN D 354 -22.30 40.64 5.57
CA ASN D 354 -22.16 40.85 4.14
C ASN D 354 -21.15 39.87 3.56
N ARG D 355 -21.52 39.22 2.47
CA ARG D 355 -20.66 38.29 1.75
C ARG D 355 -20.20 38.95 0.46
N LYS D 356 -18.90 39.19 0.36
CA LYS D 356 -18.29 39.82 -0.80
C LYS D 356 -17.41 38.82 -1.50
N ARG D 357 -17.57 38.72 -2.83
CA ARG D 357 -16.73 37.84 -3.63
C ARG D 357 -15.49 38.58 -4.07
N ILE D 358 -14.33 38.00 -3.81
CA ILE D 358 -13.04 38.61 -4.07
C ILE D 358 -12.32 37.76 -5.09
N SER D 359 -11.99 38.37 -6.23
CA SER D 359 -11.33 37.68 -7.33
C SER D 359 -10.64 38.71 -8.21
N ASN D 360 -9.83 38.21 -9.13
CA ASN D 360 -9.09 39.02 -10.12
C ASN D 360 -8.50 40.28 -9.50
N CYS D 361 -7.68 40.07 -8.46
CA CYS D 361 -7.08 41.18 -7.74
C CYS D 361 -5.91 40.67 -6.91
N VAL D 362 -5.11 41.61 -6.42
CA VAL D 362 -4.02 41.29 -5.52
C VAL D 362 -4.50 41.39 -4.09
N ALA D 363 -3.75 40.79 -3.17
CA ALA D 363 -4.10 40.79 -1.76
C ALA D 363 -2.84 40.94 -0.92
N ASP D 364 -2.97 41.65 0.20
CA ASP D 364 -1.87 41.83 1.15
C ASP D 364 -2.45 41.89 2.56
N TYR D 365 -2.45 40.75 3.24
CA TYR D 365 -2.89 40.66 4.63
C TYR D 365 -1.76 40.93 5.61
N SER D 366 -0.52 41.03 5.13
CA SER D 366 0.59 41.34 6.01
C SER D 366 0.41 42.70 6.66
N VAL D 367 -0.06 43.69 5.90
CA VAL D 367 -0.34 44.99 6.48
C VAL D 367 -1.46 44.89 7.52
N LEU D 368 -2.44 44.02 7.27
CA LEU D 368 -3.50 43.81 8.24
C LEU D 368 -2.93 43.26 9.55
N TYR D 369 -1.99 42.33 9.46
CA TYR D 369 -1.30 41.85 10.65
C TYR D 369 -0.52 42.98 11.31
N ASN D 370 0.17 43.80 10.52
CA ASN D 370 0.95 44.90 11.04
C ASN D 370 0.10 46.12 11.35
N SER D 371 -1.18 46.11 11.01
CA SER D 371 -2.06 47.20 11.39
C SER D 371 -2.16 47.34 12.90
N ALA D 372 -2.06 46.23 13.63
CA ALA D 372 -2.08 46.17 15.09
C ALA D 372 -3.35 46.76 15.68
N SER D 373 -4.38 46.99 14.87
CA SER D 373 -5.65 47.51 15.33
C SER D 373 -6.69 46.43 15.50
N PHE D 374 -6.30 45.16 15.43
CA PHE D 374 -7.22 44.03 15.48
C PHE D 374 -7.08 43.35 16.84
N SER D 375 -8.19 43.29 17.59
CA SER D 375 -8.19 42.54 18.84
C SER D 375 -7.95 41.06 18.59
N THR D 376 -8.54 40.53 17.54
CA THR D 376 -8.43 39.12 17.19
C THR D 376 -7.96 39.00 15.75
N PHE D 377 -6.93 38.19 15.52
CA PHE D 377 -6.45 37.89 14.17
C PHE D 377 -6.03 36.41 14.19
N LYS D 378 -6.97 35.54 13.84
CA LYS D 378 -6.76 34.09 13.93
C LYS D 378 -6.94 33.49 12.55
N CYS D 379 -5.85 33.01 11.96
CA CYS D 379 -5.89 32.36 10.65
C CYS D 379 -5.81 30.85 10.84
N TYR D 380 -6.72 30.13 10.21
CA TYR D 380 -6.83 28.69 10.37
C TYR D 380 -6.48 28.01 9.06
N GLY D 381 -5.65 26.97 9.14
CA GLY D 381 -5.27 26.20 7.98
C GLY D 381 -4.11 26.75 7.20
N VAL D 382 -3.58 27.91 7.58
CA VAL D 382 -2.48 28.53 6.85
C VAL D 382 -1.81 29.55 7.75
N SER D 383 -0.48 29.60 7.69
CA SER D 383 0.29 30.52 8.51
C SER D 383 0.16 31.95 7.98
N PRO D 384 0.21 32.94 8.87
CA PRO D 384 0.09 34.34 8.43
C PRO D 384 1.11 34.75 7.38
N THR D 385 2.36 34.28 7.51
CA THR D 385 3.39 34.71 6.57
C THR D 385 3.23 34.10 5.20
N LYS D 386 2.60 32.92 5.10
CA LYS D 386 2.49 32.22 3.83
C LYS D 386 1.17 32.45 3.12
N LEU D 387 0.10 32.77 3.86
CA LEU D 387 -1.18 33.02 3.20
C LEU D 387 -1.10 34.25 2.29
N ASN D 388 -0.39 35.29 2.73
CA ASN D 388 -0.23 36.46 1.88
C ASN D 388 0.49 36.10 0.60
N ASP D 389 1.55 35.30 0.69
CA ASP D 389 2.26 34.80 -0.48
C ASP D 389 1.69 33.44 -0.90
N LEU D 390 0.39 33.43 -1.20
CA LEU D 390 -0.28 32.22 -1.64
C LEU D 390 -1.47 32.62 -2.50
N CYS D 391 -1.73 31.82 -3.54
CA CYS D 391 -2.75 32.14 -4.52
C CYS D 391 -4.02 31.35 -4.25
N PHE D 392 -5.16 32.03 -4.34
CA PHE D 392 -6.48 31.42 -4.17
C PHE D 392 -7.39 31.91 -5.28
N THR D 393 -8.28 31.04 -5.76
CA THR D 393 -9.09 31.43 -6.91
C THR D 393 -10.21 32.38 -6.51
N ASN D 394 -10.79 32.23 -5.32
CA ASN D 394 -11.82 33.16 -4.88
C ASN D 394 -11.75 33.31 -3.37
N VAL D 395 -12.28 34.43 -2.88
CA VAL D 395 -12.34 34.70 -1.45
C VAL D 395 -13.75 35.13 -1.09
N TYR D 396 -14.26 34.59 0.00
CA TYR D 396 -15.54 35.01 0.57
C TYR D 396 -15.25 35.88 1.79
N ALA D 397 -15.66 37.15 1.72
CA ALA D 397 -15.49 38.09 2.82
C ALA D 397 -16.81 38.21 3.55
N ASP D 398 -16.78 38.01 4.87
CA ASP D 398 -17.98 37.96 5.70
C ASP D 398 -17.84 39.03 6.77
N SER D 399 -18.46 40.19 6.55
CA SER D 399 -18.36 41.32 7.45
C SER D 399 -19.57 41.38 8.36
N PHE D 400 -19.34 41.56 9.66
CA PHE D 400 -20.44 41.60 10.62
C PHE D 400 -19.93 42.25 11.90
N VAL D 401 -20.83 42.37 12.88
CA VAL D 401 -20.53 43.00 14.16
C VAL D 401 -21.13 42.16 15.27
N ILE D 402 -20.34 41.91 16.32
CA ILE D 402 -20.77 41.14 17.48
C ILE D 402 -20.35 41.89 18.74
N ARG D 403 -20.55 41.24 19.88
CA ARG D 403 -20.04 41.77 21.14
C ARG D 403 -18.59 41.34 21.34
N GLY D 404 -17.96 41.92 22.36
CA GLY D 404 -16.62 41.48 22.74
C GLY D 404 -16.61 40.04 23.23
N ASP D 405 -17.59 39.67 24.05
CA ASP D 405 -17.72 38.28 24.47
C ASP D 405 -18.02 37.37 23.30
N GLU D 406 -18.84 37.82 22.36
CA GLU D 406 -19.21 37.02 21.19
C GLU D 406 -18.05 36.82 20.22
N VAL D 407 -16.93 37.52 20.41
CA VAL D 407 -15.79 37.35 19.53
C VAL D 407 -15.28 35.93 19.56
N ARG D 408 -15.18 35.35 20.76
CA ARG D 408 -14.70 33.98 20.91
C ARG D 408 -15.62 32.99 20.20
N GLN D 409 -16.90 33.32 20.07
CA GLN D 409 -17.86 32.41 19.46
C GLN D 409 -17.59 32.15 17.99
N ILE D 410 -16.72 32.93 17.35
CA ILE D 410 -16.46 32.81 15.92
C ILE D 410 -15.23 31.91 15.75
N ALA D 411 -15.48 30.62 15.58
CA ALA D 411 -14.43 29.65 15.31
C ALA D 411 -15.08 28.39 14.77
N PRO D 412 -14.37 27.57 14.00
CA PRO D 412 -14.95 26.31 13.52
C PRO D 412 -15.32 25.41 14.70
N GLY D 413 -16.47 24.74 14.56
CA GLY D 413 -16.95 23.86 15.60
C GLY D 413 -17.57 24.56 16.80
N GLN D 414 -17.79 25.87 16.73
CA GLN D 414 -18.36 26.59 17.84
C GLN D 414 -19.88 26.43 17.89
N THR D 415 -20.46 26.82 19.02
CA THR D 415 -21.90 26.76 19.25
C THR D 415 -22.36 28.09 19.83
N GLY D 416 -23.63 28.12 20.23
CA GLY D 416 -24.24 29.33 20.77
C GLY D 416 -25.12 30.02 19.75
N LYS D 417 -25.82 31.04 20.23
CA LYS D 417 -26.75 31.78 19.37
C LYS D 417 -26.04 32.35 18.16
N ILE D 418 -24.89 33.00 18.38
CA ILE D 418 -24.15 33.60 17.27
C ILE D 418 -23.66 32.52 16.31
N ALA D 419 -23.10 31.44 16.84
CA ALA D 419 -22.50 30.41 16.01
C ALA D 419 -23.50 29.45 15.40
N ASP D 420 -24.75 29.43 15.88
CA ASP D 420 -25.75 28.51 15.36
C ASP D 420 -26.85 29.18 14.55
N TYR D 421 -27.24 30.39 14.90
CA TYR D 421 -28.35 31.06 14.23
C TYR D 421 -27.93 32.21 13.33
N ASN D 422 -26.84 32.90 13.68
CA ASN D 422 -26.38 34.04 12.91
C ASN D 422 -25.39 33.65 11.81
N TYR D 423 -24.47 32.75 12.10
CA TYR D 423 -23.46 32.33 11.13
C TYR D 423 -22.81 31.05 11.64
N LYS D 424 -22.66 30.07 10.74
CA LYS D 424 -22.00 28.82 11.06
C LYS D 424 -20.67 28.74 10.31
N LEU D 425 -19.61 28.43 11.05
CA LEU D 425 -18.28 28.33 10.46
C LEU D 425 -18.01 26.90 10.03
N PRO D 426 -17.69 26.65 8.75
CA PRO D 426 -17.26 25.31 8.35
C PRO D 426 -15.99 24.92 9.09
N ASP D 427 -15.90 23.63 9.41
CA ASP D 427 -14.72 23.13 10.11
C ASP D 427 -13.47 23.26 9.27
N ASP D 428 -13.58 23.04 7.97
CA ASP D 428 -12.46 23.15 7.05
C ASP D 428 -12.27 24.61 6.62
N PHE D 429 -12.03 25.46 7.62
CA PHE D 429 -11.87 26.89 7.39
C PHE D 429 -10.40 27.19 7.10
N THR D 430 -10.09 27.51 5.85
CA THR D 430 -8.74 27.85 5.44
C THR D 430 -8.45 29.34 5.46
N GLY D 431 -9.42 30.16 5.87
CA GLY D 431 -9.28 31.60 5.90
C GLY D 431 -8.84 32.12 7.26
N CYS D 432 -9.25 33.35 7.54
CA CYS D 432 -8.91 34.03 8.79
C CYS D 432 -10.16 34.66 9.39
N VAL D 433 -10.07 34.97 10.68
CA VAL D 433 -11.09 35.71 11.39
C VAL D 433 -10.43 36.90 12.06
N ILE D 434 -10.97 38.09 11.81
CA ILE D 434 -10.36 39.33 12.28
C ILE D 434 -11.43 40.14 13.01
N ALA D 435 -11.24 40.33 14.31
CA ALA D 435 -12.15 41.11 15.13
C ALA D 435 -11.42 42.31 15.70
N TRP D 436 -12.16 43.40 15.89
CA TRP D 436 -11.58 44.57 16.52
C TRP D 436 -12.70 45.41 17.12
N ASN D 437 -12.45 45.97 18.30
CA ASN D 437 -13.47 46.73 19.00
C ASN D 437 -13.93 47.92 18.17
N SER D 438 -15.25 48.13 18.14
CA SER D 438 -15.85 49.28 17.50
C SER D 438 -16.69 50.08 18.49
N ASN D 439 -16.25 50.10 19.75
CA ASN D 439 -16.99 50.85 20.77
C ASN D 439 -17.03 52.32 20.43
N ASN D 440 -15.92 52.89 19.97
CA ASN D 440 -15.90 54.26 19.50
C ASN D 440 -16.65 54.44 18.19
N LEU D 441 -17.01 53.35 17.53
CA LEU D 441 -17.67 53.40 16.23
C LEU D 441 -19.09 52.88 16.26
N ASP D 442 -19.31 51.68 16.82
CA ASP D 442 -20.60 51.01 16.75
C ASP D 442 -21.32 51.01 18.10
N SER D 443 -21.00 51.94 18.99
CA SER D 443 -21.72 52.09 20.24
C SER D 443 -22.01 53.56 20.47
N LYS D 444 -23.10 53.83 21.19
CA LYS D 444 -23.52 55.19 21.46
C LYS D 444 -24.20 55.24 22.82
N VAL D 445 -24.28 56.45 23.37
CA VAL D 445 -24.92 56.64 24.67
C VAL D 445 -26.38 56.23 24.58
N GLY D 446 -26.83 55.43 25.54
CA GLY D 446 -28.16 54.89 25.54
C GLY D 446 -28.31 53.58 24.78
N GLY D 447 -27.27 53.12 24.10
CA GLY D 447 -27.34 51.85 23.41
C GLY D 447 -27.42 52.00 21.90
N ASN D 448 -26.45 51.43 21.19
CA ASN D 448 -26.48 51.40 19.73
C ASN D 448 -27.22 50.13 19.31
N TYR D 449 -28.53 50.27 19.10
CA TYR D 449 -29.40 49.14 18.86
C TYR D 449 -29.56 48.82 17.38
N ASN D 450 -28.81 49.48 16.51
CA ASN D 450 -28.89 49.19 15.09
C ASN D 450 -28.48 47.77 14.79
N TYR D 451 -27.41 47.28 15.42
CA TYR D 451 -26.94 45.93 15.19
C TYR D 451 -27.81 44.93 15.92
N LEU D 452 -28.21 43.87 15.21
CA LEU D 452 -29.05 42.83 15.75
C LEU D 452 -28.36 41.49 15.60
N TYR D 453 -28.71 40.56 16.50
CA TYR D 453 -28.13 39.22 16.50
C TYR D 453 -29.25 38.20 16.57
N ARG D 454 -29.21 37.22 15.65
CA ARG D 454 -30.27 36.23 15.60
C ARG D 454 -30.22 35.35 16.84
N LEU D 455 -31.16 35.61 17.76
CA LEU D 455 -31.22 34.90 19.03
C LEU D 455 -32.08 33.64 18.97
N PHE D 456 -32.79 33.42 17.87
CA PHE D 456 -33.69 32.27 17.77
C PHE D 456 -33.70 31.76 16.34
N ARG D 457 -33.83 30.44 16.21
CA ARG D 457 -33.98 29.77 14.92
C ARG D 457 -34.36 28.32 15.19
N LYS D 458 -35.10 27.73 14.26
CA LYS D 458 -35.60 26.37 14.45
C LYS D 458 -34.46 25.36 14.55
N SER D 459 -33.32 25.66 13.93
CA SER D 459 -32.18 24.75 13.98
C SER D 459 -30.90 25.60 13.90
N ASN D 460 -29.76 24.93 13.87
CA ASN D 460 -28.48 25.60 13.71
C ASN D 460 -28.18 25.80 12.22
N LEU D 461 -27.45 26.87 11.94
CA LEU D 461 -27.09 27.19 10.57
C LEU D 461 -26.11 26.16 10.01
N LYS D 462 -26.20 25.91 8.71
CA LYS D 462 -25.21 25.14 8.00
C LYS D 462 -23.98 26.00 7.75
N PRO D 463 -22.83 25.37 7.50
CA PRO D 463 -21.64 26.17 7.12
C PRO D 463 -21.91 26.99 5.88
N PHE D 464 -21.42 28.23 5.90
CA PHE D 464 -21.63 29.19 4.81
C PHE D 464 -23.11 29.41 4.52
N GLU D 465 -23.89 29.61 5.57
CA GLU D 465 -25.32 29.91 5.45
C GLU D 465 -25.64 31.21 6.19
N ARG D 466 -26.46 32.04 5.57
CA ARG D 466 -26.94 33.27 6.16
C ARG D 466 -28.45 33.19 6.34
N ASP D 467 -28.93 33.54 7.54
CA ASP D 467 -30.35 33.53 7.84
C ASP D 467 -30.83 34.98 7.98
N ILE D 468 -31.67 35.41 7.05
CA ILE D 468 -32.30 36.73 7.09
C ILE D 468 -33.80 36.65 7.27
N SER D 469 -34.41 35.49 7.04
CA SER D 469 -35.84 35.34 7.25
C SER D 469 -36.22 35.73 8.68
N THR D 470 -37.17 36.65 8.80
CA THR D 470 -37.56 37.21 10.09
C THR D 470 -38.83 36.58 10.63
N GLU D 471 -39.03 35.28 10.37
CA GLU D 471 -40.19 34.58 10.92
C GLU D 471 -40.11 34.57 12.44
N ILE D 472 -41.23 34.93 13.08
CA ILE D 472 -41.28 34.92 14.54
C ILE D 472 -41.07 33.49 15.02
N TYR D 473 -39.98 33.27 15.74
CA TYR D 473 -39.63 31.93 16.19
C TYR D 473 -40.67 31.41 17.17
N GLN D 474 -41.16 30.21 16.92
CA GLN D 474 -42.21 29.59 17.72
C GLN D 474 -41.60 28.47 18.55
N ALA D 475 -41.35 28.73 19.83
CA ALA D 475 -40.80 27.70 20.70
C ALA D 475 -41.82 26.63 21.03
N GLY D 476 -43.05 27.03 21.35
CA GLY D 476 -44.10 26.10 21.71
C GLY D 476 -45.09 25.85 20.60
N SER D 477 -46.29 25.41 20.98
CA SER D 477 -47.34 25.11 20.00
C SER D 477 -48.29 26.27 19.76
N THR D 478 -48.14 27.38 20.49
CA THR D 478 -49.03 28.52 20.33
C THR D 478 -48.74 29.21 19.00
N PRO D 479 -49.72 29.33 18.10
CA PRO D 479 -49.45 29.99 16.82
C PRO D 479 -49.05 31.44 17.00
N CYS D 480 -48.05 31.86 16.24
CA CYS D 480 -47.59 33.25 16.28
C CYS D 480 -48.54 34.16 15.50
N ASN D 481 -49.09 33.67 14.39
CA ASN D 481 -50.00 34.44 13.54
C ASN D 481 -49.34 35.70 13.01
N GLY D 482 -48.02 35.66 12.80
CA GLY D 482 -47.28 36.80 12.30
C GLY D 482 -46.90 37.83 13.34
N VAL D 483 -47.29 37.64 14.60
CA VAL D 483 -46.98 38.58 15.68
C VAL D 483 -46.36 37.81 16.84
N GLU D 484 -45.67 38.55 17.70
CA GLU D 484 -45.03 37.95 18.87
C GLU D 484 -46.07 37.73 19.96
N GLY D 485 -46.27 36.47 20.33
CA GLY D 485 -47.15 36.14 21.44
C GLY D 485 -46.48 35.16 22.38
N PHE D 486 -47.27 34.37 23.09
CA PHE D 486 -46.69 33.34 23.95
C PHE D 486 -46.01 32.28 23.11
N ASN D 487 -44.81 31.88 23.52
CA ASN D 487 -43.98 30.93 22.76
C ASN D 487 -43.74 31.40 21.33
N CYS D 488 -43.63 32.73 21.17
CA CYS D 488 -43.41 33.33 19.86
C CYS D 488 -42.54 34.56 20.07
N TYR D 489 -41.33 34.53 19.51
CA TYR D 489 -40.34 35.55 19.79
C TYR D 489 -39.68 36.03 18.50
N PHE D 490 -39.22 37.27 18.52
CA PHE D 490 -38.45 37.81 17.41
C PHE D 490 -37.08 37.13 17.38
N PRO D 491 -36.72 36.43 16.31
CA PRO D 491 -35.42 35.74 16.28
C PRO D 491 -34.24 36.67 16.43
N LEU D 492 -34.39 37.95 16.10
CA LEU D 492 -33.30 38.92 16.21
C LEU D 492 -33.46 39.72 17.49
N GLN D 493 -32.47 39.66 18.36
CA GLN D 493 -32.40 40.51 19.54
C GLN D 493 -31.48 41.69 19.26
N SER D 494 -31.67 42.75 20.03
CA SER D 494 -31.02 44.03 19.77
C SER D 494 -29.76 44.16 20.62
N TYR D 495 -28.67 44.62 20.00
CA TYR D 495 -27.44 44.85 20.73
C TYR D 495 -27.53 46.15 21.54
N GLY D 496 -27.30 46.04 22.84
CA GLY D 496 -27.18 47.22 23.66
C GLY D 496 -25.73 47.67 23.72
N PHE D 497 -25.39 48.65 22.89
CA PHE D 497 -24.00 49.11 22.76
C PHE D 497 -23.90 50.53 23.30
N GLN D 498 -23.35 50.67 24.50
CA GLN D 498 -23.12 51.94 25.15
C GLN D 498 -21.62 52.14 25.36
N PRO D 499 -21.16 53.39 25.43
CA PRO D 499 -19.74 53.61 25.77
C PRO D 499 -19.35 53.08 27.13
N THR D 500 -20.30 52.98 28.06
CA THR D 500 -20.05 52.46 29.40
C THR D 500 -20.21 50.94 29.48
N ASN D 501 -20.47 50.27 28.36
CA ASN D 501 -20.67 48.83 28.39
C ASN D 501 -19.37 48.12 28.74
N GLY D 502 -19.51 46.87 29.16
CA GLY D 502 -18.36 46.07 29.54
C GLY D 502 -17.47 45.75 28.36
N VAL D 503 -16.26 45.28 28.70
CA VAL D 503 -15.27 44.97 27.67
C VAL D 503 -15.80 43.91 26.72
N GLY D 504 -16.43 42.87 27.27
CA GLY D 504 -17.01 41.84 26.44
C GLY D 504 -18.33 42.20 25.80
N TYR D 505 -18.87 43.39 26.08
CA TYR D 505 -20.12 43.84 25.49
C TYR D 505 -19.95 45.06 24.60
N GLN D 506 -18.74 45.59 24.46
CA GLN D 506 -18.52 46.64 23.48
C GLN D 506 -18.59 46.04 22.07
N PRO D 507 -19.05 46.80 21.09
CA PRO D 507 -19.14 46.26 19.73
C PRO D 507 -17.77 45.94 19.14
N TYR D 508 -17.72 44.86 18.37
CA TYR D 508 -16.52 44.40 17.70
C TYR D 508 -16.88 44.05 16.26
N ARG D 509 -16.25 44.75 15.33
CA ARG D 509 -16.40 44.42 13.91
C ARG D 509 -15.50 43.25 13.57
N VAL D 510 -16.06 42.24 12.89
CA VAL D 510 -15.37 41.00 12.59
C VAL D 510 -15.56 40.69 11.12
N VAL D 511 -14.45 40.36 10.45
CA VAL D 511 -14.45 39.93 9.06
C VAL D 511 -13.89 38.51 8.99
N VAL D 512 -14.57 37.66 8.26
CA VAL D 512 -14.18 36.27 8.07
C VAL D 512 -13.81 36.09 6.60
N LEU D 513 -12.58 35.67 6.34
CA LEU D 513 -12.08 35.49 4.99
C LEU D 513 -11.93 34.00 4.71
N SER D 514 -12.67 33.52 3.72
CA SER D 514 -12.62 32.12 3.31
C SER D 514 -11.93 32.05 1.96
N PHE D 515 -10.71 31.51 1.94
CA PHE D 515 -9.91 31.42 0.72
C PHE D 515 -10.26 30.12 0.01
N GLU D 516 -11.28 30.19 -0.84
CA GLU D 516 -11.71 29.01 -1.57
C GLU D 516 -10.89 28.87 -2.85
N LEU D 517 -10.48 27.64 -3.14
CA LEU D 517 -9.56 27.30 -4.21
C LEU D 517 -10.16 26.25 -5.12
N LEU D 518 -11.40 26.51 -5.57
CA LEU D 518 -12.13 25.55 -6.39
C LEU D 518 -11.54 25.48 -7.79
N HIS D 519 -12.23 24.78 -8.69
CA HIS D 519 -11.69 24.47 -10.01
C HIS D 519 -11.39 25.70 -10.84
N ALA D 520 -11.99 26.84 -10.52
CA ALA D 520 -11.77 28.04 -11.31
C ALA D 520 -10.30 28.46 -11.22
N PRO D 521 -9.77 29.12 -12.25
CA PRO D 521 -8.37 29.52 -12.22
C PRO D 521 -8.09 30.47 -11.05
N ALA D 522 -6.89 30.34 -10.50
CA ALA D 522 -6.50 31.18 -9.37
C ALA D 522 -6.53 32.65 -9.78
N THR D 523 -7.16 33.47 -8.96
CA THR D 523 -7.33 34.89 -9.25
C THR D 523 -6.61 35.80 -8.26
N VAL D 524 -6.84 35.62 -6.98
CA VAL D 524 -6.23 36.46 -5.96
C VAL D 524 -4.94 35.82 -5.50
N CYS D 525 -3.91 36.63 -5.32
CA CYS D 525 -2.64 36.15 -4.80
C CYS D 525 -1.86 37.34 -4.24
N GLY D 526 -0.66 37.05 -3.75
CA GLY D 526 0.18 38.07 -3.17
C GLY D 526 0.74 39.01 -4.20
N PRO D 527 1.39 40.08 -3.74
CA PRO D 527 2.00 41.04 -4.68
C PRO D 527 3.03 40.40 -5.59
N LYS D 528 3.74 39.38 -5.12
CA LYS D 528 4.83 38.76 -5.88
C LYS D 528 5.84 39.83 -6.30
N LYS D 529 6.48 40.40 -5.28
CA LYS D 529 7.30 41.59 -5.43
C LYS D 529 8.28 41.46 -6.58
N SER D 530 8.18 42.37 -7.53
CA SER D 530 9.11 42.42 -8.67
C SER D 530 10.44 42.95 -8.16
N THR D 531 11.42 42.05 -8.05
CA THR D 531 12.75 42.45 -7.62
C THR D 531 13.38 43.39 -8.63
N ASN D 532 14.43 44.08 -8.19
CA ASN D 532 15.13 45.02 -9.06
C ASN D 532 15.70 44.30 -10.28
N LEU D 533 15.53 44.91 -11.45
CA LEU D 533 15.89 44.28 -12.71
C LEU D 533 17.35 44.58 -13.02
N VAL D 534 18.23 43.69 -12.57
CA VAL D 534 19.64 43.80 -12.93
C VAL D 534 19.83 43.29 -14.35
N LYS D 535 21.01 43.58 -14.91
CA LYS D 535 21.30 43.20 -16.29
C LYS D 535 22.79 43.01 -16.45
N ASN D 536 23.18 42.53 -17.63
CA ASN D 536 24.56 42.26 -18.03
C ASN D 536 25.36 41.60 -16.90
N LYS D 537 24.74 40.64 -16.21
CA LYS D 537 25.41 39.93 -15.13
C LYS D 537 24.68 38.61 -14.91
N CYS D 538 25.44 37.54 -14.70
CA CYS D 538 24.84 36.23 -14.49
C CYS D 538 23.97 36.24 -13.24
N VAL D 539 22.67 36.07 -13.43
CA VAL D 539 21.70 36.09 -12.34
C VAL D 539 20.54 35.19 -12.71
N ASN D 540 20.09 34.39 -11.75
CA ASN D 540 18.88 33.61 -11.93
C ASN D 540 17.68 34.55 -11.97
N PHE D 541 16.75 34.28 -12.88
CA PHE D 541 15.61 35.19 -13.07
C PHE D 541 14.32 34.39 -13.19
N ASN D 542 13.21 35.09 -12.99
CA ASN D 542 11.89 34.49 -13.08
C ASN D 542 10.93 35.56 -13.56
N PHE D 543 10.48 35.45 -14.81
CA PHE D 543 9.56 36.40 -15.41
C PHE D 543 8.22 35.71 -15.62
N ASN D 544 7.27 35.99 -14.74
CA ASN D 544 5.91 35.45 -14.84
C ASN D 544 5.92 33.93 -14.93
N GLY D 545 6.90 33.29 -14.29
CA GLY D 545 7.02 31.85 -14.34
C GLY D 545 8.03 31.31 -15.33
N LEU D 546 8.78 32.18 -16.02
CA LEU D 546 9.79 31.69 -16.96
C LEU D 546 10.89 30.93 -16.23
N THR D 547 11.35 31.45 -15.10
CA THR D 547 12.32 30.77 -14.24
C THR D 547 13.58 30.39 -15.00
N GLY D 548 14.02 31.27 -15.89
CA GLY D 548 15.25 31.03 -16.62
C GLY D 548 16.48 31.51 -15.86
N THR D 549 17.63 31.08 -16.34
CA THR D 549 18.91 31.43 -15.72
C THR D 549 19.90 31.86 -16.79
N GLY D 550 20.58 32.96 -16.56
CA GLY D 550 21.55 33.47 -17.53
C GLY D 550 21.88 34.92 -17.24
N VAL D 551 22.28 35.62 -18.29
CA VAL D 551 22.62 37.04 -18.22
C VAL D 551 21.70 37.80 -19.15
N LEU D 552 21.09 38.86 -18.63
CA LEU D 552 20.10 39.66 -19.36
C LEU D 552 20.75 40.94 -19.86
N THR D 553 20.46 41.29 -21.10
CA THR D 553 20.95 42.52 -21.70
C THR D 553 19.78 43.26 -22.33
N GLU D 554 19.94 44.57 -22.47
CA GLU D 554 18.94 45.38 -23.15
C GLU D 554 18.84 44.95 -24.60
N SER D 555 17.73 44.32 -24.98
CA SER D 555 17.60 43.79 -26.32
C SER D 555 17.34 44.89 -27.33
N ASN D 556 17.23 44.49 -28.58
CA ASN D 556 16.94 45.40 -29.69
C ASN D 556 15.70 45.00 -30.48
N LYS D 557 15.44 43.70 -30.65
CA LYS D 557 14.28 43.26 -31.38
C LYS D 557 13.00 43.68 -30.66
N LYS D 558 11.96 43.95 -31.42
CA LYS D 558 10.69 44.44 -30.88
C LYS D 558 9.65 43.33 -30.95
N PHE D 559 8.92 43.15 -29.85
CA PHE D 559 7.85 42.18 -29.80
C PHE D 559 6.56 42.80 -30.35
N LEU D 560 5.50 42.11 -30.15
CA LEU D 560 4.15 42.55 -30.39
C LEU D 560 3.45 42.81 -29.06
N PRO D 561 2.49 43.73 -29.02
CA PRO D 561 1.88 44.09 -27.73
C PRO D 561 1.29 42.91 -26.98
N PHE D 562 0.71 41.93 -27.68
CA PHE D 562 0.17 40.77 -26.99
C PHE D 562 1.25 39.78 -26.57
N GLN D 563 2.31 39.66 -27.36
CA GLN D 563 3.36 38.69 -27.06
C GLN D 563 4.11 39.07 -25.79
N GLN D 564 4.47 38.05 -25.01
CA GLN D 564 5.17 38.26 -23.75
C GLN D 564 6.65 37.93 -23.84
N PHE D 565 7.00 36.72 -24.27
CA PHE D 565 8.41 36.34 -24.32
C PHE D 565 8.67 35.57 -25.60
N GLY D 566 9.86 35.75 -26.15
CA GLY D 566 10.22 35.12 -27.39
C GLY D 566 10.66 33.69 -27.21
N ARG D 567 11.05 33.08 -28.33
CA ARG D 567 11.52 31.71 -28.34
C ARG D 567 12.55 31.56 -29.43
N ASP D 568 13.42 30.57 -29.28
CA ASP D 568 14.46 30.30 -30.26
C ASP D 568 13.96 29.30 -31.30
N ILE D 569 14.73 29.18 -32.38
CA ILE D 569 14.41 28.19 -33.41
C ILE D 569 14.39 26.79 -32.80
N ALA D 570 15.33 26.52 -31.91
CA ALA D 570 15.36 25.25 -31.18
C ALA D 570 14.38 25.22 -30.01
N ASP D 571 13.47 26.19 -29.94
CA ASP D 571 12.43 26.24 -28.92
C ASP D 571 13.03 26.36 -27.51
N THR D 572 13.86 27.38 -27.35
CA THR D 572 14.41 27.74 -26.05
C THR D 572 14.18 29.22 -25.82
N THR D 573 13.95 29.59 -24.56
CA THR D 573 13.67 30.98 -24.23
C THR D 573 14.87 31.85 -24.58
N ASP D 574 14.62 32.94 -25.30
CA ASP D 574 15.69 33.82 -25.75
C ASP D 574 15.43 35.30 -25.55
N ALA D 575 14.19 35.73 -25.29
CA ALA D 575 13.91 37.14 -25.14
C ALA D 575 12.64 37.29 -24.30
N VAL D 576 12.65 38.25 -23.38
CA VAL D 576 11.56 38.42 -22.43
C VAL D 576 11.16 39.89 -22.38
N ARG D 577 9.85 40.14 -22.42
CA ARG D 577 9.33 41.48 -22.18
C ARG D 577 9.10 41.65 -20.68
N ASP D 578 9.68 42.68 -20.11
CA ASP D 578 9.54 42.89 -18.67
C ASP D 578 8.11 43.24 -18.32
N PRO D 579 7.45 42.48 -17.46
CA PRO D 579 6.07 42.81 -17.09
C PRO D 579 5.91 44.17 -16.43
N GLN D 580 6.90 44.61 -15.64
CA GLN D 580 6.79 45.91 -14.99
C GLN D 580 6.79 47.03 -16.03
N THR D 581 7.78 47.04 -16.92
CA THR D 581 7.89 48.03 -17.97
C THR D 581 8.10 47.31 -19.29
N LEU D 582 7.34 47.69 -20.31
CA LEU D 582 7.32 46.91 -21.53
C LEU D 582 8.62 47.05 -22.30
N GLU D 583 9.70 46.49 -21.76
CA GLU D 583 11.00 46.49 -22.39
C GLU D 583 11.38 45.07 -22.80
N ILE D 584 12.06 44.97 -23.93
CA ILE D 584 12.53 43.69 -24.46
C ILE D 584 13.95 43.46 -23.98
N LEU D 585 14.20 42.32 -23.37
CA LEU D 585 15.51 41.95 -22.85
C LEU D 585 15.94 40.65 -23.48
N ASP D 586 17.18 40.63 -23.98
CA ASP D 586 17.75 39.42 -24.55
C ASP D 586 18.49 38.67 -23.46
N ILE D 587 18.10 37.41 -23.25
CA ILE D 587 18.73 36.55 -22.26
C ILE D 587 19.70 35.64 -22.98
N THR D 588 20.91 35.53 -22.45
CA THR D 588 21.89 34.62 -23.01
C THR D 588 22.39 33.70 -21.91
N PRO D 589 22.76 32.47 -22.25
CA PRO D 589 23.23 31.54 -21.22
C PRO D 589 24.47 32.09 -20.51
N CYS D 590 24.57 31.76 -19.23
CA CYS D 590 25.70 32.25 -18.44
C CYS D 590 27.01 31.74 -19.02
N SER D 591 28.04 32.59 -18.92
CA SER D 591 29.34 32.23 -19.50
C SER D 591 29.86 30.95 -18.87
N PHE D 592 30.31 30.04 -19.73
CA PHE D 592 30.85 28.77 -19.27
C PHE D 592 31.58 28.12 -20.43
N GLY D 593 32.41 27.14 -20.11
CA GLY D 593 33.12 26.41 -21.15
C GLY D 593 34.20 25.54 -20.56
N GLY D 594 34.72 24.65 -21.41
CA GLY D 594 35.69 23.69 -20.95
C GLY D 594 36.98 24.34 -20.49
N VAL D 595 37.72 23.61 -19.65
CA VAL D 595 38.99 24.06 -19.10
C VAL D 595 40.04 23.05 -19.54
N SER D 596 41.11 23.55 -20.14
CA SER D 596 42.18 22.70 -20.62
C SER D 596 43.51 23.23 -20.10
N VAL D 597 44.48 22.34 -19.97
CA VAL D 597 45.76 22.68 -19.37
C VAL D 597 46.84 22.47 -20.43
N ILE D 598 47.37 23.56 -20.96
CA ILE D 598 48.55 23.51 -21.81
C ILE D 598 49.76 23.27 -20.93
N THR D 599 50.55 22.25 -21.28
CA THR D 599 51.73 21.97 -20.49
C THR D 599 52.78 21.28 -21.34
N PRO D 600 54.03 21.65 -21.18
CA PRO D 600 55.12 20.86 -21.80
C PRO D 600 55.31 19.57 -21.04
N GLY D 601 56.32 18.80 -21.41
CA GLY D 601 56.57 17.54 -20.72
C GLY D 601 56.85 17.77 -19.24
N THR D 602 56.29 16.90 -18.41
CA THR D 602 56.55 16.98 -16.98
C THR D 602 58.04 16.83 -16.69
N ASN D 603 58.69 15.89 -17.38
CA ASN D 603 60.14 15.80 -17.29
C ASN D 603 60.80 17.07 -17.80
N THR D 604 60.18 17.75 -18.77
CA THR D 604 60.76 18.97 -19.29
C THR D 604 60.67 20.11 -18.29
N SER D 605 59.50 20.29 -17.69
CA SER D 605 59.28 21.39 -16.74
C SER D 605 57.96 21.14 -16.01
N ASN D 606 57.58 22.11 -15.18
CA ASN D 606 56.30 22.09 -14.50
C ASN D 606 55.48 23.36 -14.70
N GLN D 607 56.07 24.42 -15.24
CA GLN D 607 55.31 25.62 -15.54
C GLN D 607 54.30 25.33 -16.63
N VAL D 608 53.07 25.79 -16.44
CA VAL D 608 51.96 25.42 -17.31
C VAL D 608 51.22 26.69 -17.75
N ALA D 609 50.14 26.48 -18.48
CA ALA D 609 49.20 27.53 -18.85
C ALA D 609 47.82 26.90 -18.95
N VAL D 610 46.78 27.72 -18.90
CA VAL D 610 45.41 27.24 -18.86
C VAL D 610 44.60 27.93 -19.94
N LEU D 611 43.73 27.17 -20.59
CA LEU D 611 42.85 27.67 -21.64
C LEU D 611 41.40 27.47 -21.23
N TYR D 612 40.62 28.53 -21.29
CA TYR D 612 39.18 28.48 -21.09
C TYR D 612 38.51 28.61 -22.45
N GLN D 613 37.72 27.60 -22.81
CA GLN D 613 37.20 27.49 -24.17
C GLN D 613 36.07 28.48 -24.39
N ASP D 614 36.25 29.37 -25.38
CA ASP D 614 35.19 30.25 -25.86
C ASP D 614 34.58 31.07 -24.72
N VAL D 615 35.43 31.58 -23.85
CA VAL D 615 35.01 32.43 -22.75
C VAL D 615 35.82 33.71 -22.77
N ASN D 616 35.13 34.84 -22.68
CA ASN D 616 35.80 36.13 -22.67
C ASN D 616 36.72 36.23 -21.46
N CYS D 617 37.88 36.86 -21.66
CA CYS D 617 38.89 36.92 -20.61
C CYS D 617 38.47 37.74 -19.41
N THR D 618 37.49 38.63 -19.56
CA THR D 618 37.17 39.58 -18.50
C THR D 618 36.70 38.86 -17.24
N GLU D 619 35.81 37.89 -17.38
CA GLU D 619 35.14 37.26 -16.25
C GLU D 619 35.77 35.95 -15.83
N VAL D 620 36.94 35.61 -16.38
CA VAL D 620 37.56 34.33 -16.05
C VAL D 620 37.84 34.17 -14.57
N PRO D 621 38.42 35.14 -13.85
CA PRO D 621 38.65 34.93 -12.40
C PRO D 621 37.38 34.66 -11.63
N VAL D 622 36.24 35.17 -12.11
CA VAL D 622 34.92 34.92 -11.52
C VAL D 622 34.91 35.04 -10.01
N TYR D 636 42.73 32.52 -12.41
CA TYR D 636 43.93 31.78 -12.05
C TYR D 636 44.74 32.53 -11.00
N SER D 637 45.55 31.79 -10.24
CA SER D 637 46.36 32.42 -9.20
C SER D 637 47.33 33.43 -9.78
N THR D 638 47.76 33.22 -11.03
CA THR D 638 48.68 34.12 -11.71
C THR D 638 47.97 34.73 -12.91
N GLY D 639 47.43 35.94 -12.72
CA GLY D 639 46.76 36.65 -13.79
C GLY D 639 47.61 37.76 -14.39
N SER D 640 48.92 37.55 -14.45
CA SER D 640 49.83 38.60 -14.91
C SER D 640 49.64 38.90 -16.39
N ASN D 641 49.80 37.88 -17.24
CA ASN D 641 49.67 38.03 -18.68
C ASN D 641 48.51 37.16 -19.15
N VAL D 642 47.49 37.81 -19.72
CA VAL D 642 46.28 37.13 -20.15
C VAL D 642 46.06 37.47 -21.61
N PHE D 643 45.84 36.45 -22.44
CA PHE D 643 45.64 36.62 -23.86
C PHE D 643 44.24 36.20 -24.24
N GLN D 644 43.66 36.89 -25.22
CA GLN D 644 42.34 36.57 -25.73
C GLN D 644 42.46 36.09 -27.17
N THR D 645 41.93 34.91 -27.45
CA THR D 645 42.01 34.31 -28.77
C THR D 645 40.63 33.89 -29.22
N ARG D 646 40.52 33.59 -30.51
CA ARG D 646 39.25 33.11 -31.05
C ARG D 646 38.82 31.82 -30.37
N ALA D 647 39.78 30.98 -29.98
CA ALA D 647 39.46 29.76 -29.25
C ALA D 647 38.86 30.07 -27.89
N GLY D 648 39.40 31.07 -27.21
CA GLY D 648 38.91 31.43 -25.89
C GLY D 648 39.85 32.36 -25.14
N CYS D 649 40.10 32.06 -23.87
CA CYS D 649 40.99 32.87 -23.04
C CYS D 649 42.18 32.02 -22.61
N LEU D 650 43.36 32.60 -22.63
CA LEU D 650 44.60 31.92 -22.26
C LEU D 650 45.26 32.64 -21.11
N ILE D 651 45.64 31.90 -20.08
CA ILE D 651 46.28 32.45 -18.89
C ILE D 651 47.58 31.70 -18.66
N GLY D 652 48.59 32.41 -18.20
CA GLY D 652 49.89 31.80 -17.98
C GLY D 652 50.73 31.61 -19.22
N ALA D 653 50.31 32.16 -20.35
CA ALA D 653 51.07 32.11 -21.59
C ALA D 653 51.21 33.51 -22.13
N GLU D 654 52.40 33.84 -22.62
CA GLU D 654 52.65 35.13 -23.23
C GLU D 654 52.62 35.02 -24.75
N HIS D 655 51.99 36.00 -25.38
CA HIS D 655 51.82 36.01 -26.82
C HIS D 655 53.10 36.48 -27.49
N VAL D 656 53.38 35.91 -28.65
CA VAL D 656 54.54 36.28 -29.47
C VAL D 656 54.07 36.47 -30.91
N ASN D 657 55.01 36.80 -31.79
CA ASN D 657 54.67 37.07 -33.18
C ASN D 657 55.46 36.17 -34.14
N ASN D 658 56.64 35.75 -33.74
CA ASN D 658 57.50 34.96 -34.62
C ASN D 658 56.88 33.59 -34.83
N SER D 659 56.20 33.42 -35.97
CA SER D 659 55.47 32.19 -36.23
C SER D 659 56.42 31.00 -36.29
N TYR D 660 56.10 29.96 -35.53
CA TYR D 660 56.91 28.75 -35.48
C TYR D 660 56.09 27.53 -35.83
N GLU D 661 56.68 26.35 -35.72
CA GLU D 661 55.93 25.12 -35.90
C GLU D 661 54.98 24.90 -34.73
N CYS D 662 53.79 24.41 -35.04
CA CYS D 662 52.76 24.16 -34.02
C CYS D 662 53.19 22.98 -33.16
N ASP D 663 53.75 23.27 -31.98
CA ASP D 663 54.14 22.21 -31.06
C ASP D 663 52.91 21.53 -30.47
N ILE D 664 52.09 22.28 -29.75
CA ILE D 664 50.87 21.77 -29.15
C ILE D 664 49.71 22.61 -29.67
N PRO D 665 48.69 22.02 -30.29
CA PRO D 665 47.62 22.81 -30.89
C PRO D 665 46.66 23.33 -29.84
N ILE D 666 46.43 24.64 -29.84
CA ILE D 666 45.44 25.27 -28.99
C ILE D 666 44.11 25.41 -29.71
N GLY D 667 44.14 25.90 -30.94
CA GLY D 667 42.95 26.05 -31.75
C GLY D 667 42.88 27.42 -32.42
N ALA D 668 41.97 27.51 -33.37
CA ALA D 668 41.71 28.75 -34.11
C ALA D 668 43.01 29.29 -34.72
N GLY D 669 43.82 28.40 -35.25
CA GLY D 669 45.10 28.80 -35.81
C GLY D 669 46.07 29.34 -34.80
N ILE D 670 46.09 28.79 -33.58
CA ILE D 670 47.00 29.23 -32.54
C ILE D 670 47.53 27.99 -31.83
N CYS D 671 48.84 27.94 -31.61
CA CYS D 671 49.50 26.84 -30.94
C CYS D 671 50.50 27.36 -29.92
N ALA D 672 50.77 26.53 -28.92
CA ALA D 672 51.67 26.88 -27.84
C ALA D 672 52.99 26.15 -27.98
N SER D 673 53.95 26.57 -27.16
CA SER D 673 55.27 25.96 -27.10
C SER D 673 55.93 26.40 -25.80
N TYR D 674 57.02 25.72 -25.46
CA TYR D 674 57.80 26.02 -24.27
C TYR D 674 59.21 26.36 -24.71
N GLN D 675 59.67 27.57 -24.37
CA GLN D 675 61.00 28.00 -24.78
C GLN D 675 61.41 29.19 -23.94
N THR D 676 62.70 29.53 -24.04
CA THR D 676 63.26 30.66 -23.31
C THR D 676 62.54 31.96 -23.64
N SER D 689 64.42 32.39 -17.78
CA SER D 689 64.21 32.72 -19.18
C SER D 689 63.11 31.86 -19.79
N GLN D 690 63.07 30.60 -19.38
CA GLN D 690 62.09 29.66 -19.90
C GLN D 690 60.67 30.10 -19.56
N SER D 691 59.75 29.85 -20.49
CA SER D 691 58.37 30.27 -20.34
C SER D 691 57.54 29.56 -21.41
N ILE D 692 56.25 29.84 -21.40
CA ILE D 692 55.28 29.26 -22.32
C ILE D 692 54.81 30.35 -23.28
N ILE D 693 54.98 30.12 -24.57
CA ILE D 693 54.56 31.07 -25.58
C ILE D 693 53.40 30.50 -26.36
N ALA D 694 52.57 31.38 -26.89
CA ALA D 694 51.48 31.01 -27.79
C ALA D 694 51.53 31.92 -29.00
N TYR D 695 51.16 31.38 -30.15
CA TYR D 695 51.37 32.14 -31.38
C TYR D 695 50.49 31.57 -32.49
N THR D 696 50.20 32.45 -33.46
CA THR D 696 49.58 31.99 -34.69
C THR D 696 50.51 30.99 -35.36
N MET D 697 50.01 29.78 -35.55
CA MET D 697 50.85 28.70 -36.06
C MET D 697 51.27 29.00 -37.50
N SER D 698 52.49 28.61 -37.83
CA SER D 698 53.01 28.79 -39.18
C SER D 698 52.83 27.50 -39.97
N LEU D 699 52.86 27.64 -41.29
CA LEU D 699 52.78 26.51 -42.20
C LEU D 699 54.16 25.99 -42.58
N GLY D 700 55.15 26.19 -41.71
CA GLY D 700 56.53 25.94 -42.09
C GLY D 700 57.09 27.10 -42.86
N ALA D 701 58.38 26.98 -43.19
CA ALA D 701 59.04 28.02 -43.96
C ALA D 701 58.47 28.08 -45.37
N GLU D 702 58.06 29.27 -45.78
CA GLU D 702 57.54 29.44 -47.13
C GLU D 702 58.69 29.34 -48.12
N ASN D 703 58.51 28.51 -49.13
CA ASN D 703 59.45 28.38 -50.24
C ASN D 703 58.74 28.69 -51.54
N SER D 704 59.26 29.65 -52.29
CA SER D 704 58.70 30.02 -53.57
C SER D 704 59.60 29.47 -54.68
N VAL D 705 58.99 28.75 -55.61
CA VAL D 705 59.75 28.18 -56.72
C VAL D 705 60.05 29.28 -57.72
N ALA D 706 61.34 29.52 -57.96
CA ALA D 706 61.77 30.64 -58.79
C ALA D 706 61.74 30.24 -60.27
N TYR D 707 60.52 30.02 -60.76
CA TYR D 707 60.27 29.81 -62.18
C TYR D 707 59.59 31.03 -62.75
N SER D 708 60.08 31.53 -63.88
CA SER D 708 59.41 32.64 -64.55
C SER D 708 58.89 32.23 -65.93
N ASN D 709 59.76 31.86 -66.86
CA ASN D 709 59.35 31.59 -68.23
C ASN D 709 59.68 30.17 -68.68
N ASN D 710 60.96 29.79 -68.64
CA ASN D 710 61.39 28.48 -69.12
C ASN D 710 62.64 28.12 -68.31
N SER D 711 62.45 27.31 -67.27
CA SER D 711 63.54 26.95 -66.38
C SER D 711 63.20 25.60 -65.77
N ILE D 712 64.03 24.60 -66.03
CA ILE D 712 63.75 23.24 -65.58
C ILE D 712 64.80 22.84 -64.55
N ALA D 713 64.33 22.43 -63.38
CA ALA D 713 65.19 21.85 -62.36
C ALA D 713 65.32 20.36 -62.61
N ILE D 714 66.54 19.84 -62.53
CA ILE D 714 66.78 18.42 -62.71
C ILE D 714 67.62 17.91 -61.56
N PRO D 715 67.34 16.72 -61.03
CA PRO D 715 68.13 16.19 -59.92
C PRO D 715 69.49 15.70 -60.39
N THR D 716 70.55 16.39 -59.95
CA THR D 716 71.90 15.90 -60.13
C THR D 716 72.20 14.75 -59.19
N ASN D 717 71.57 14.72 -58.02
CA ASN D 717 71.80 13.68 -57.04
C ASN D 717 70.49 13.33 -56.36
N PHE D 718 70.44 12.11 -55.84
CA PHE D 718 69.22 11.56 -55.27
C PHE D 718 69.55 10.98 -53.90
N THR D 719 68.54 10.35 -53.29
CA THR D 719 68.71 9.72 -51.99
C THR D 719 67.62 8.69 -51.79
N ILE D 720 68.02 7.48 -51.48
CA ILE D 720 67.09 6.43 -51.06
C ILE D 720 66.85 6.59 -49.57
N SER D 721 65.60 6.41 -49.14
CA SER D 721 65.27 6.54 -47.73
C SER D 721 64.12 5.62 -47.38
N VAL D 722 64.08 5.19 -46.13
CA VAL D 722 63.06 4.28 -45.64
C VAL D 722 62.31 4.96 -44.51
N THR D 723 60.99 4.90 -44.57
CA THR D 723 60.12 5.51 -43.57
C THR D 723 59.16 4.46 -43.04
N THR D 724 58.86 4.57 -41.75
CA THR D 724 57.99 3.61 -41.09
C THR D 724 56.53 4.07 -41.20
N GLU D 725 55.66 3.11 -41.50
CA GLU D 725 54.23 3.34 -41.50
C GLU D 725 53.58 2.23 -40.67
N ILE D 726 52.87 2.62 -39.62
CA ILE D 726 52.42 1.66 -38.61
C ILE D 726 50.90 1.61 -38.68
N LEU D 727 50.36 0.41 -38.92
CA LEU D 727 48.93 0.26 -39.09
C LEU D 727 48.39 -0.82 -38.15
N PRO D 728 47.30 -0.56 -37.45
CA PRO D 728 46.67 -1.62 -36.67
C PRO D 728 46.16 -2.71 -37.59
N VAL D 729 46.19 -3.94 -37.10
CA VAL D 729 45.71 -5.10 -37.84
C VAL D 729 44.46 -5.69 -37.21
N SER D 730 44.44 -5.79 -35.89
CA SER D 730 43.31 -6.37 -35.18
C SER D 730 43.34 -5.88 -33.74
N MET D 731 42.36 -6.33 -32.97
CA MET D 731 42.33 -6.11 -31.54
C MET D 731 42.23 -7.46 -30.84
N THR D 732 42.36 -7.43 -29.52
CA THR D 732 42.26 -8.66 -28.73
C THR D 732 40.88 -9.28 -28.90
N LYS D 733 40.85 -10.59 -29.12
CA LYS D 733 39.59 -11.29 -29.34
C LYS D 733 38.84 -11.43 -28.03
N THR D 734 38.29 -10.32 -27.55
CA THR D 734 37.52 -10.36 -26.31
C THR D 734 36.16 -11.02 -26.54
N SER D 735 35.63 -11.62 -25.48
CA SER D 735 34.32 -12.23 -25.53
C SER D 735 33.74 -12.23 -24.13
N VAL D 736 32.46 -11.88 -24.01
CA VAL D 736 31.83 -11.71 -22.72
C VAL D 736 30.71 -12.73 -22.58
N ASP D 737 30.74 -13.50 -21.50
CA ASP D 737 29.60 -14.30 -21.11
C ASP D 737 28.53 -13.34 -20.60
N CYS D 738 27.56 -13.04 -21.46
CA CYS D 738 26.56 -12.04 -21.12
C CYS D 738 25.82 -12.40 -19.83
N THR D 739 25.47 -13.67 -19.68
CA THR D 739 24.77 -14.09 -18.47
C THR D 739 25.64 -13.91 -17.24
N MET D 740 26.89 -14.40 -17.29
CA MET D 740 27.76 -14.31 -16.12
C MET D 740 28.06 -12.86 -15.77
N TYR D 741 28.30 -12.01 -16.77
CA TYR D 741 28.55 -10.61 -16.49
C TYR D 741 27.32 -9.95 -15.87
N ILE D 742 26.15 -10.17 -16.49
CA ILE D 742 24.93 -9.54 -16.00
C ILE D 742 24.58 -10.08 -14.62
N CYS D 743 24.60 -11.40 -14.46
CA CYS D 743 24.20 -12.03 -13.21
C CYS D 743 25.33 -12.90 -12.69
N GLY D 744 25.54 -12.84 -11.38
CA GLY D 744 26.55 -13.67 -10.75
C GLY D 744 26.10 -15.12 -10.66
N ASP D 745 26.50 -15.80 -9.58
CA ASP D 745 26.14 -17.20 -9.42
C ASP D 745 24.66 -17.41 -9.14
N SER D 746 23.91 -16.35 -8.88
CA SER D 746 22.48 -16.48 -8.62
C SER D 746 21.73 -16.89 -9.89
N THR D 747 20.53 -17.43 -9.69
CA THR D 747 19.74 -17.93 -10.80
C THR D 747 18.49 -17.10 -11.06
N GLU D 748 17.88 -16.54 -10.02
CA GLU D 748 16.69 -15.71 -10.22
C GLU D 748 17.01 -14.50 -11.10
N CYS D 749 18.22 -13.94 -10.96
CA CYS D 749 18.67 -12.91 -11.88
C CYS D 749 18.73 -13.46 -13.29
N SER D 750 19.22 -14.69 -13.45
CA SER D 750 19.23 -15.32 -14.76
C SER D 750 17.82 -15.48 -15.30
N ASN D 751 16.85 -15.78 -14.44
CA ASN D 751 15.47 -15.87 -14.88
C ASN D 751 14.96 -14.52 -15.36
N LEU D 752 15.22 -13.46 -14.60
CA LEU D 752 14.80 -12.13 -15.04
C LEU D 752 15.44 -11.76 -16.36
N LEU D 753 16.70 -12.17 -16.56
CA LEU D 753 17.34 -12.00 -17.86
C LEU D 753 16.61 -12.77 -18.93
N LEU D 754 16.22 -14.01 -18.64
CA LEU D 754 15.47 -14.83 -19.58
C LEU D 754 14.13 -14.19 -19.93
N GLN D 755 13.60 -13.34 -19.06
CA GLN D 755 12.41 -12.58 -19.44
C GLN D 755 12.67 -11.75 -20.68
N TYR D 756 13.84 -11.11 -20.76
CA TYR D 756 14.25 -10.45 -21.99
C TYR D 756 14.53 -11.48 -23.06
N GLY D 757 14.26 -11.10 -24.31
CA GLY D 757 14.23 -12.07 -25.39
C GLY D 757 15.55 -12.72 -25.73
N SER D 758 16.43 -11.98 -26.42
CA SER D 758 17.68 -12.59 -26.87
C SER D 758 18.87 -11.64 -26.69
N PHE D 759 18.80 -10.72 -25.74
CA PHE D 759 19.89 -9.76 -25.57
C PHE D 759 21.22 -10.46 -25.35
N CYS D 760 21.27 -11.43 -24.44
CA CYS D 760 22.51 -12.16 -24.24
C CYS D 760 22.93 -12.89 -25.51
N THR D 761 21.99 -13.55 -26.17
CA THR D 761 22.32 -14.25 -27.40
C THR D 761 22.78 -13.29 -28.48
N GLN D 762 22.08 -12.16 -28.62
CA GLN D 762 22.44 -11.17 -29.63
C GLN D 762 23.86 -10.66 -29.39
N LEU D 763 24.16 -10.30 -28.14
CA LEU D 763 25.48 -9.74 -27.86
C LEU D 763 26.57 -10.79 -28.03
N ASN D 764 26.31 -12.02 -27.61
CA ASN D 764 27.29 -13.08 -27.82
C ASN D 764 27.56 -13.29 -29.30
N ARG D 765 26.50 -13.31 -30.10
CA ARG D 765 26.68 -13.46 -31.54
C ARG D 765 27.49 -12.31 -32.12
N ALA D 766 27.20 -11.09 -31.68
CA ALA D 766 27.94 -9.93 -32.18
C ALA D 766 29.42 -10.04 -31.83
N LEU D 767 29.73 -10.41 -30.58
CA LEU D 767 31.12 -10.47 -30.17
C LEU D 767 31.86 -11.60 -30.87
N THR D 768 31.20 -12.75 -31.04
CA THR D 768 31.81 -13.85 -31.77
C THR D 768 32.08 -13.45 -33.22
N GLY D 769 31.13 -12.75 -33.83
CA GLY D 769 31.38 -12.23 -35.17
C GLY D 769 32.56 -11.28 -35.21
N ILE D 770 32.69 -10.46 -34.17
CA ILE D 770 33.84 -9.55 -34.09
C ILE D 770 35.14 -10.36 -34.06
N ALA D 771 35.18 -11.38 -33.22
CA ALA D 771 36.40 -12.18 -33.08
C ALA D 771 36.75 -12.89 -34.37
N VAL D 772 35.75 -13.48 -35.02
CA VAL D 772 35.99 -14.15 -36.30
C VAL D 772 36.47 -13.14 -37.33
N GLU D 773 35.93 -11.93 -37.30
CA GLU D 773 36.37 -10.89 -38.20
C GLU D 773 37.83 -10.53 -37.95
N GLN D 774 38.23 -10.46 -36.67
CA GLN D 774 39.63 -10.21 -36.36
C GLN D 774 40.53 -11.29 -36.94
N ASP D 775 40.14 -12.55 -36.75
CA ASP D 775 40.93 -13.65 -37.29
C ASP D 775 41.01 -13.56 -38.81
N LYS D 776 39.90 -13.23 -39.46
CA LYS D 776 39.91 -13.11 -40.91
C LYS D 776 40.79 -11.94 -41.35
N ASN D 777 40.79 -10.85 -40.59
CA ASN D 777 41.68 -9.72 -40.89
C ASN D 777 43.13 -10.19 -40.89
N THR D 778 43.53 -10.88 -39.82
CA THR D 778 44.90 -11.36 -39.76
C THR D 778 45.22 -12.30 -40.91
N GLN D 779 44.27 -13.20 -41.21
CA GLN D 779 44.48 -14.17 -42.29
C GLN D 779 44.68 -13.47 -43.63
N GLU D 780 43.78 -12.55 -43.97
CA GLU D 780 43.86 -11.89 -45.27
C GLU D 780 44.97 -10.86 -45.35
N VAL D 781 45.51 -10.44 -44.21
CA VAL D 781 46.65 -9.52 -44.25
C VAL D 781 47.98 -10.24 -44.18
N PHE D 782 48.00 -11.53 -43.82
CA PHE D 782 49.29 -12.21 -43.71
C PHE D 782 49.35 -13.48 -44.56
N ALA D 783 48.24 -14.19 -44.67
CA ALA D 783 48.23 -15.43 -45.45
C ALA D 783 48.02 -15.14 -46.93
N GLN D 784 48.83 -14.24 -47.47
CA GLN D 784 48.75 -13.91 -48.89
C GLN D 784 49.52 -14.87 -49.77
N VAL D 785 50.40 -15.69 -49.20
CA VAL D 785 51.25 -16.58 -49.97
C VAL D 785 51.07 -18.00 -49.46
N LYS D 786 50.87 -18.93 -50.39
CA LYS D 786 50.70 -20.34 -50.07
C LYS D 786 52.01 -21.05 -49.78
N GLN D 787 53.15 -20.42 -50.04
CA GLN D 787 54.45 -21.06 -49.94
C GLN D 787 55.30 -20.33 -48.90
N ILE D 788 55.76 -21.07 -47.89
CA ILE D 788 56.66 -20.51 -46.90
C ILE D 788 58.07 -20.54 -47.44
N TYR D 789 58.48 -19.45 -48.09
CA TYR D 789 59.83 -19.39 -48.60
C TYR D 789 60.82 -19.21 -47.45
N LYS D 790 62.09 -19.45 -47.75
CA LYS D 790 63.14 -19.33 -46.77
C LYS D 790 64.31 -18.55 -47.36
N THR D 791 65.02 -17.86 -46.49
CA THR D 791 66.20 -17.13 -46.92
C THR D 791 67.31 -18.11 -47.25
N PRO D 792 68.07 -17.84 -48.32
CA PRO D 792 69.23 -18.69 -48.60
C PRO D 792 70.24 -18.60 -47.48
N PRO D 793 71.05 -19.66 -47.28
CA PRO D 793 72.00 -19.64 -46.17
C PRO D 793 73.00 -18.49 -46.24
N ILE D 794 73.46 -18.14 -47.43
CA ILE D 794 74.35 -17.01 -47.59
C ILE D 794 73.50 -15.75 -47.81
N LYS D 795 74.13 -14.60 -47.59
CA LYS D 795 73.47 -13.31 -47.73
C LYS D 795 74.13 -12.49 -48.84
N ASP D 796 74.44 -13.14 -49.95
CA ASP D 796 75.08 -12.47 -51.08
C ASP D 796 74.07 -11.58 -51.80
N PHE D 797 73.89 -10.36 -51.32
CA PHE D 797 72.85 -9.46 -51.82
C PHE D 797 73.47 -8.18 -52.36
N GLY D 798 74.64 -8.30 -52.99
CA GLY D 798 75.29 -7.13 -53.56
C GLY D 798 75.58 -6.04 -52.55
N GLY D 799 75.75 -6.39 -51.29
CA GLY D 799 76.00 -5.43 -50.24
C GLY D 799 74.78 -4.96 -49.47
N PHE D 800 73.58 -5.21 -49.98
CA PHE D 800 72.38 -4.86 -49.23
C PHE D 800 72.29 -5.78 -48.02
N ASN D 801 72.61 -5.24 -46.85
CA ASN D 801 72.86 -6.10 -45.69
C ASN D 801 71.61 -6.88 -45.29
N PHE D 802 70.52 -6.17 -45.01
CA PHE D 802 69.24 -6.74 -44.62
C PHE D 802 69.29 -7.47 -43.28
N SER D 803 70.42 -7.47 -42.60
CA SER D 803 70.57 -8.31 -41.41
C SER D 803 69.49 -8.00 -40.38
N GLN D 804 69.19 -6.72 -40.18
CA GLN D 804 68.19 -6.35 -39.19
C GLN D 804 66.80 -6.79 -39.57
N ILE D 805 66.56 -7.09 -40.85
CA ILE D 805 65.20 -7.38 -41.30
C ILE D 805 64.99 -8.88 -41.45
N LEU D 806 66.05 -9.61 -41.78
CA LEU D 806 65.88 -11.04 -41.86
C LEU D 806 65.85 -11.65 -40.45
N PRO D 807 65.05 -12.67 -40.23
CA PRO D 807 65.02 -13.33 -38.92
C PRO D 807 66.38 -13.94 -38.60
N ASP D 808 66.77 -13.83 -37.33
CA ASP D 808 68.08 -14.42 -37.11
C ASP D 808 67.98 -15.68 -36.25
N PRO D 809 68.66 -16.75 -36.64
CA PRO D 809 68.61 -17.99 -35.85
C PRO D 809 69.18 -17.84 -34.46
N SER D 810 70.04 -16.84 -34.22
CA SER D 810 70.65 -16.67 -32.91
C SER D 810 69.60 -16.43 -31.83
N LYS D 811 68.64 -15.56 -32.11
CA LYS D 811 67.55 -15.33 -31.18
C LYS D 811 66.67 -16.58 -31.09
N PRO D 812 66.27 -16.99 -29.88
CA PRO D 812 65.40 -18.16 -29.75
C PRO D 812 64.12 -18.03 -30.57
N SER D 813 63.36 -16.96 -30.34
CA SER D 813 62.21 -16.68 -31.19
C SER D 813 62.69 -16.27 -32.58
N LYS D 814 62.15 -16.92 -33.60
CA LYS D 814 62.60 -16.70 -34.98
C LYS D 814 62.04 -15.36 -35.46
N ARG D 815 62.63 -14.29 -34.95
CA ARG D 815 62.22 -12.94 -35.27
C ARG D 815 63.42 -12.09 -35.62
N SER D 816 63.21 -11.13 -36.52
CA SER D 816 64.24 -10.16 -36.82
C SER D 816 64.44 -9.21 -35.63
N PRO D 817 65.64 -8.66 -35.47
CA PRO D 817 65.87 -7.77 -34.32
C PRO D 817 64.93 -6.58 -34.29
N ILE D 818 64.52 -6.06 -35.44
CA ILE D 818 63.53 -5.00 -35.46
C ILE D 818 62.23 -5.51 -34.84
N GLU D 819 61.83 -6.73 -35.19
CA GLU D 819 60.66 -7.33 -34.57
C GLU D 819 60.87 -7.49 -33.07
N ASP D 820 62.10 -7.77 -32.64
CA ASP D 820 62.37 -7.86 -31.20
C ASP D 820 62.16 -6.50 -30.54
N LEU D 821 62.63 -5.43 -31.17
CA LEU D 821 62.43 -4.10 -30.62
C LEU D 821 60.94 -3.78 -30.53
N LEU D 822 60.20 -4.10 -31.58
CA LEU D 822 58.75 -3.87 -31.56
C LEU D 822 58.09 -4.67 -30.46
N PHE D 823 58.51 -5.92 -30.30
CA PHE D 823 57.97 -6.79 -29.26
C PHE D 823 58.19 -6.20 -27.87
N ASN D 824 59.42 -5.75 -27.61
CA ASN D 824 59.75 -5.29 -26.27
C ASN D 824 59.16 -3.93 -25.98
N LYS D 825 59.09 -3.05 -26.98
CA LYS D 825 58.57 -1.72 -26.76
C LYS D 825 57.12 -1.75 -26.31
N VAL D 826 56.31 -2.62 -26.91
CA VAL D 826 54.91 -2.75 -26.49
C VAL D 826 54.87 -3.44 -25.14
N THR D 827 54.12 -2.86 -24.20
CA THR D 827 54.00 -3.41 -22.87
C THR D 827 52.54 -3.59 -22.48
N LYS D 854 40.50 -10.75 -12.90
CA LYS D 854 40.68 -10.66 -14.35
C LYS D 854 39.50 -11.30 -15.07
N PHE D 855 38.84 -12.24 -14.40
CA PHE D 855 37.74 -12.99 -14.99
C PHE D 855 36.46 -12.66 -14.24
N ASN D 856 35.53 -12.00 -14.93
CA ASN D 856 34.20 -11.70 -14.39
C ASN D 856 33.14 -11.95 -15.46
N GLY D 857 33.27 -13.05 -16.16
CA GLY D 857 32.46 -13.32 -17.33
C GLY D 857 33.14 -12.98 -18.64
N LEU D 858 34.18 -12.16 -18.59
CA LEU D 858 34.96 -11.85 -19.78
C LEU D 858 36.05 -12.89 -20.00
N THR D 859 36.53 -12.93 -21.24
CA THR D 859 37.63 -13.82 -21.60
C THR D 859 38.27 -13.29 -22.87
N VAL D 860 39.49 -13.76 -23.12
CA VAL D 860 40.26 -13.37 -24.29
C VAL D 860 40.56 -14.64 -25.07
N LEU D 861 39.78 -14.89 -26.10
CA LEU D 861 40.08 -16.03 -26.95
C LEU D 861 41.40 -15.79 -27.66
N PRO D 862 42.36 -16.73 -27.59
CA PRO D 862 43.64 -16.49 -28.21
C PRO D 862 43.49 -16.31 -29.71
N PRO D 863 44.35 -15.51 -30.33
CA PRO D 863 44.27 -15.34 -31.79
C PRO D 863 44.51 -16.67 -32.50
N LEU D 864 43.87 -16.82 -33.65
CA LEU D 864 43.99 -18.07 -34.39
C LEU D 864 45.44 -18.35 -34.77
N LEU D 865 46.16 -17.32 -35.20
CA LEU D 865 47.57 -17.44 -35.55
C LEU D 865 48.41 -16.93 -34.39
N THR D 866 49.31 -17.76 -33.88
CA THR D 866 50.20 -17.32 -32.83
C THR D 866 51.23 -16.34 -33.41
N ASP D 867 51.86 -15.58 -32.53
CA ASP D 867 52.82 -14.59 -32.97
C ASP D 867 53.99 -15.25 -33.71
N GLU D 868 54.37 -16.46 -33.31
CA GLU D 868 55.47 -17.15 -33.97
C GLU D 868 55.14 -17.40 -35.45
N MET D 869 53.97 -17.98 -35.72
CA MET D 869 53.62 -18.24 -37.11
C MET D 869 53.37 -16.94 -37.88
N ILE D 870 52.92 -15.89 -37.20
CA ILE D 870 52.82 -14.59 -37.85
C ILE D 870 54.18 -14.13 -38.32
N ALA D 871 55.18 -14.23 -37.44
CA ALA D 871 56.54 -13.90 -37.81
C ALA D 871 57.04 -14.79 -38.93
N GLN D 872 56.64 -16.06 -38.94
CA GLN D 872 57.03 -16.96 -40.02
C GLN D 872 56.43 -16.50 -41.35
N TYR D 873 55.18 -16.07 -41.35
CA TYR D 873 54.57 -15.51 -42.55
C TYR D 873 55.32 -14.28 -43.02
N THR D 874 55.69 -13.41 -42.09
CA THR D 874 56.47 -12.23 -42.46
C THR D 874 57.79 -12.62 -43.07
N SER D 875 58.45 -13.62 -42.48
CA SER D 875 59.73 -14.10 -43.01
C SER D 875 59.56 -14.65 -44.42
N ALA D 876 58.49 -15.40 -44.65
CA ALA D 876 58.23 -15.94 -45.98
C ALA D 876 58.01 -14.82 -46.98
N LEU D 877 57.27 -13.78 -46.57
CA LEU D 877 57.07 -12.63 -47.45
C LEU D 877 58.40 -11.97 -47.79
N LEU D 878 59.25 -11.78 -46.77
CA LEU D 878 60.54 -11.16 -47.01
C LEU D 878 61.37 -11.98 -47.96
N ALA D 879 61.40 -13.30 -47.77
CA ALA D 879 62.20 -14.17 -48.61
C ALA D 879 61.69 -14.14 -50.05
N GLY D 880 60.37 -14.23 -50.23
CA GLY D 880 59.82 -14.17 -51.57
C GLY D 880 60.15 -12.87 -52.26
N THR D 881 60.05 -11.75 -51.54
CA THR D 881 60.38 -10.46 -52.14
C THR D 881 61.86 -10.39 -52.50
N ILE D 882 62.73 -10.81 -51.59
CA ILE D 882 64.16 -10.61 -51.78
C ILE D 882 64.69 -11.52 -52.89
N THR D 883 64.16 -12.75 -53.00
CA THR D 883 64.71 -13.73 -53.92
C THR D 883 63.76 -14.07 -55.06
N SER D 884 62.69 -13.29 -55.25
CA SER D 884 61.77 -13.56 -56.34
C SER D 884 61.21 -12.29 -56.98
N GLY D 885 61.65 -11.11 -56.55
CA GLY D 885 61.04 -9.91 -57.06
C GLY D 885 59.56 -9.88 -56.72
N TRP D 886 58.79 -9.24 -57.60
CA TRP D 886 57.34 -9.20 -57.44
C TRP D 886 56.65 -10.45 -57.97
N THR D 887 57.40 -11.36 -58.58
CA THR D 887 56.78 -12.47 -59.30
C THR D 887 55.97 -13.37 -58.39
N PHE D 888 56.51 -13.69 -57.22
CA PHE D 888 55.86 -14.67 -56.34
C PHE D 888 54.49 -14.21 -55.88
N GLY D 889 54.19 -12.92 -55.99
CA GLY D 889 52.86 -12.47 -55.63
C GLY D 889 51.78 -12.83 -56.62
N ALA D 890 52.16 -13.33 -57.80
CA ALA D 890 51.19 -13.68 -58.84
C ALA D 890 51.51 -15.03 -59.47
N GLY D 891 51.87 -16.01 -58.65
CA GLY D 891 52.17 -17.33 -59.15
C GLY D 891 53.38 -17.92 -58.47
N PRO D 892 54.14 -18.74 -59.20
CA PRO D 892 55.36 -19.31 -58.63
C PRO D 892 56.44 -18.24 -58.49
N ALA D 893 57.27 -18.41 -57.47
CA ALA D 893 58.40 -17.51 -57.29
C ALA D 893 59.45 -17.76 -58.36
N LEU D 894 60.10 -16.68 -58.79
CA LEU D 894 61.08 -16.73 -59.86
C LEU D 894 62.40 -16.20 -59.33
N GLN D 895 63.42 -17.05 -59.28
CA GLN D 895 64.72 -16.63 -58.79
C GLN D 895 65.30 -15.55 -59.68
N ILE D 896 65.82 -14.50 -59.06
CA ILE D 896 66.38 -13.34 -59.78
C ILE D 896 67.30 -12.61 -58.83
N PRO D 897 68.55 -12.32 -59.22
CA PRO D 897 69.47 -11.63 -58.32
C PRO D 897 68.92 -10.28 -57.90
N PHE D 898 69.12 -9.94 -56.63
CA PHE D 898 68.51 -8.74 -56.07
C PHE D 898 68.93 -7.45 -56.76
N PRO D 899 70.20 -7.21 -57.08
CA PRO D 899 70.51 -5.99 -57.86
C PRO D 899 69.77 -5.92 -59.18
N MET D 900 69.54 -7.06 -59.82
CA MET D 900 68.69 -7.06 -61.01
C MET D 900 67.28 -6.61 -60.66
N GLN D 901 66.77 -7.04 -59.50
CA GLN D 901 65.45 -6.59 -59.08
C GLN D 901 65.43 -5.09 -58.85
N MET D 902 66.48 -4.54 -58.24
CA MET D 902 66.56 -3.10 -58.05
C MET D 902 66.61 -2.37 -59.38
N ALA D 903 67.32 -2.93 -60.37
CA ALA D 903 67.32 -2.35 -61.69
C ALA D 903 65.92 -2.34 -62.29
N TYR D 904 65.18 -3.44 -62.12
CA TYR D 904 63.80 -3.47 -62.59
C TYR D 904 62.95 -2.44 -61.89
N ARG D 905 63.15 -2.26 -60.58
CA ARG D 905 62.39 -1.26 -59.83
C ARG D 905 62.71 0.15 -60.33
N PHE D 906 63.99 0.42 -60.59
CA PHE D 906 64.38 1.71 -61.15
C PHE D 906 63.72 1.94 -62.50
N ASN D 907 63.68 0.90 -63.33
CA ASN D 907 62.94 0.97 -64.58
C ASN D 907 61.48 1.30 -64.31
N GLY D 908 60.89 0.71 -63.29
CA GLY D 908 59.49 0.95 -62.97
C GLY D 908 59.22 2.33 -62.41
N ILE D 909 60.25 3.00 -61.87
CA ILE D 909 60.06 4.32 -61.30
C ILE D 909 60.54 5.44 -62.22
N GLY D 910 61.32 5.13 -63.24
CA GLY D 910 61.73 6.16 -64.18
C GLY D 910 63.21 6.45 -64.25
N VAL D 911 64.04 5.44 -64.03
CA VAL D 911 65.49 5.58 -64.14
C VAL D 911 66.08 4.31 -64.71
N THR D 912 67.18 4.44 -65.44
CA THR D 912 67.79 3.32 -66.15
C THR D 912 68.70 2.53 -65.22
N GLN D 913 68.88 1.24 -65.53
CA GLN D 913 69.65 0.34 -64.69
C GLN D 913 71.09 0.81 -64.53
N ASN D 914 71.59 1.61 -65.47
CA ASN D 914 72.95 2.10 -65.39
C ASN D 914 73.21 2.83 -64.08
N VAL D 915 72.35 3.78 -63.72
CA VAL D 915 72.59 4.61 -62.55
C VAL D 915 72.64 3.73 -61.30
N LEU D 916 71.80 2.71 -61.23
CA LEU D 916 71.88 1.76 -60.12
C LEU D 916 73.23 1.06 -60.12
N TYR D 917 73.61 0.49 -61.26
CA TYR D 917 74.90 -0.20 -61.34
C TYR D 917 76.05 0.79 -61.21
N GLU D 918 75.89 1.99 -61.75
CA GLU D 918 76.91 3.02 -61.58
C GLU D 918 76.99 3.51 -60.14
N ASN D 919 76.03 3.15 -59.29
CA ASN D 919 76.04 3.57 -57.90
C ASN D 919 75.69 2.43 -56.97
N GLN D 920 75.98 1.19 -57.39
CA GLN D 920 75.56 0.03 -56.62
C GLN D 920 76.12 0.06 -55.20
N LYS D 921 77.42 0.32 -55.06
CA LYS D 921 78.02 0.36 -53.73
C LYS D 921 77.45 1.50 -52.90
N LEU D 922 77.31 2.69 -53.50
CA LEU D 922 76.79 3.83 -52.75
C LEU D 922 75.35 3.61 -52.35
N ILE D 923 74.53 3.06 -53.25
CA ILE D 923 73.14 2.77 -52.91
C ILE D 923 73.07 1.74 -51.80
N ALA D 924 73.95 0.73 -51.85
CA ALA D 924 74.01 -0.26 -50.78
C ALA D 924 74.32 0.39 -49.44
N ASN D 925 75.32 1.26 -49.43
CA ASN D 925 75.70 1.92 -48.19
C ASN D 925 74.56 2.78 -47.67
N GLN D 926 73.90 3.52 -48.55
CA GLN D 926 72.78 4.35 -48.13
C GLN D 926 71.64 3.51 -47.55
N PHE D 927 71.33 2.39 -48.20
CA PHE D 927 70.27 1.52 -47.70
C PHE D 927 70.62 0.99 -46.32
N ASN D 928 71.86 0.49 -46.16
CA ASN D 928 72.26 -0.07 -44.87
C ASN D 928 72.23 0.99 -43.78
N SER D 929 72.73 2.18 -44.08
CA SER D 929 72.71 3.27 -43.11
C SER D 929 71.29 3.65 -42.75
N ALA D 930 70.39 3.69 -43.74
CA ALA D 930 69.00 4.03 -43.47
C ALA D 930 68.36 2.98 -42.57
N ILE D 931 68.67 1.70 -42.81
CA ILE D 931 68.13 0.64 -41.96
C ILE D 931 68.64 0.80 -40.53
N GLY D 932 69.93 1.08 -40.38
CA GLY D 932 70.47 1.33 -39.05
C GLY D 932 69.78 2.52 -38.39
N LYS D 933 69.51 3.57 -39.16
CA LYS D 933 68.87 4.75 -38.61
C LYS D 933 67.45 4.44 -38.15
N ILE D 934 66.70 3.66 -38.93
CA ILE D 934 65.34 3.36 -38.52
C ILE D 934 65.35 2.47 -37.29
N GLN D 935 66.29 1.53 -37.20
CA GLN D 935 66.40 0.72 -35.99
C GLN D 935 66.69 1.60 -34.78
N ASP D 936 67.63 2.53 -34.92
CA ASP D 936 67.97 3.42 -33.81
C ASP D 936 66.80 4.31 -33.43
N SER D 937 66.06 4.81 -34.42
CA SER D 937 64.90 5.65 -34.14
C SER D 937 63.83 4.88 -33.40
N LEU D 938 63.55 3.66 -33.84
CA LEU D 938 62.55 2.84 -33.15
C LEU D 938 62.99 2.53 -31.73
N SER D 939 64.28 2.21 -31.54
CA SER D 939 64.79 1.95 -30.20
C SER D 939 64.67 3.18 -29.32
N SER D 940 65.01 4.36 -29.85
CA SER D 940 65.06 5.58 -29.06
C SER D 940 63.66 6.15 -28.83
N THR D 941 62.96 6.45 -29.91
CA THR D 941 61.66 7.09 -29.80
C THR D 941 60.64 6.11 -29.22
N PRO D 942 60.01 6.43 -28.09
CA PRO D 942 58.94 5.56 -27.58
C PRO D 942 57.58 5.88 -28.15
N SER D 943 57.39 7.06 -28.72
CA SER D 943 56.12 7.48 -29.29
C SER D 943 55.97 7.15 -30.77
N ALA D 944 57.00 6.56 -31.38
CA ALA D 944 56.92 6.26 -32.81
C ALA D 944 55.81 5.28 -33.11
N LEU D 945 55.69 4.22 -32.32
CA LEU D 945 54.62 3.24 -32.46
C LEU D 945 53.40 3.64 -31.66
N GLY D 946 52.93 4.87 -31.89
CA GLY D 946 51.83 5.39 -31.11
C GLY D 946 50.51 4.69 -31.38
N LYS D 947 50.24 4.35 -32.64
CA LYS D 947 48.91 3.90 -33.03
C LYS D 947 48.54 2.57 -32.38
N LEU D 948 49.46 1.60 -32.40
CA LEU D 948 49.15 0.29 -31.85
C LEU D 948 48.92 0.37 -30.35
N GLN D 949 49.81 1.06 -29.64
CA GLN D 949 49.64 1.25 -28.21
C GLN D 949 48.35 1.98 -27.91
N ASP D 950 48.00 2.96 -28.75
CA ASP D 950 46.75 3.68 -28.58
C ASP D 950 45.56 2.76 -28.73
N VAL D 951 45.58 1.87 -29.72
CA VAL D 951 44.46 0.97 -29.94
C VAL D 951 44.29 0.03 -28.75
N VAL D 952 45.40 -0.57 -28.31
CA VAL D 952 45.29 -1.50 -27.19
C VAL D 952 44.88 -0.76 -25.92
N ASN D 953 45.34 0.48 -25.76
CA ASN D 953 44.94 1.26 -24.59
C ASN D 953 43.46 1.58 -24.63
N GLN D 954 42.93 1.95 -25.80
CA GLN D 954 41.50 2.22 -25.91
C GLN D 954 40.69 0.98 -25.58
N ASN D 955 41.10 -0.17 -26.10
CA ASN D 955 40.39 -1.40 -25.78
C ASN D 955 40.44 -1.70 -24.29
N ALA D 956 41.61 -1.53 -23.68
CA ALA D 956 41.74 -1.79 -22.25
C ALA D 956 40.90 -0.83 -21.44
N GLN D 957 40.86 0.44 -21.83
CA GLN D 957 40.04 1.41 -21.12
C GLN D 957 38.57 1.06 -21.23
N ALA D 958 38.13 0.64 -22.41
CA ALA D 958 36.73 0.21 -22.56
C ALA D 958 36.43 -0.98 -21.66
N LEU D 959 37.35 -1.96 -21.62
CA LEU D 959 37.14 -3.13 -20.77
C LEU D 959 37.05 -2.74 -19.30
N ASN D 960 37.97 -1.89 -18.85
CA ASN D 960 37.98 -1.49 -17.45
C ASN D 960 36.74 -0.68 -17.12
N THR D 961 36.28 0.16 -18.04
CA THR D 961 35.05 0.91 -17.82
C THR D 961 33.88 -0.05 -17.68
N LEU D 962 33.82 -1.06 -18.54
CA LEU D 962 32.73 -2.04 -18.46
C LEU D 962 32.76 -2.76 -17.12
N VAL D 963 33.95 -3.15 -16.67
CA VAL D 963 34.07 -3.83 -15.40
C VAL D 963 33.62 -2.92 -14.26
N LYS D 964 34.11 -1.67 -14.27
CA LYS D 964 33.78 -0.74 -13.19
C LYS D 964 32.31 -0.41 -13.16
N GLN D 965 31.63 -0.47 -14.31
CA GLN D 965 30.21 -0.17 -14.34
C GLN D 965 29.41 -1.09 -13.43
N LEU D 966 29.95 -2.28 -13.14
CA LEU D 966 29.31 -3.16 -12.17
C LEU D 966 29.20 -2.48 -10.81
N SER D 967 30.19 -1.69 -10.44
CA SER D 967 30.15 -0.98 -9.16
C SER D 967 29.06 0.06 -9.12
N SER D 968 28.60 0.55 -10.28
CA SER D 968 27.52 1.52 -10.30
C SER D 968 26.23 0.90 -9.83
N ASN D 969 25.50 1.63 -8.98
CA ASN D 969 24.21 1.16 -8.50
C ASN D 969 23.12 1.34 -9.54
N PHE D 970 23.25 2.34 -10.41
CA PHE D 970 22.17 2.72 -11.33
C PHE D 970 20.90 3.04 -10.56
N GLY D 971 21.06 3.61 -9.36
CA GLY D 971 19.95 3.89 -8.48
C GLY D 971 19.54 2.73 -7.58
N ALA D 972 20.12 1.56 -7.76
CA ALA D 972 19.81 0.43 -6.88
C ALA D 972 20.39 0.67 -5.49
N ILE D 973 19.80 -0.01 -4.50
CA ILE D 973 20.23 0.16 -3.12
C ILE D 973 21.67 -0.31 -2.92
N SER D 974 22.13 -1.27 -3.73
CA SER D 974 23.51 -1.74 -3.64
C SER D 974 23.91 -2.32 -4.99
N SER D 975 25.22 -2.44 -5.19
CA SER D 975 25.78 -2.94 -6.44
C SER D 975 26.18 -4.40 -6.37
N VAL D 976 25.83 -5.10 -5.30
CA VAL D 976 26.16 -6.52 -5.14
C VAL D 976 24.88 -7.32 -5.28
N LEU D 977 24.85 -8.21 -6.27
CA LEU D 977 23.64 -8.98 -6.57
C LEU D 977 23.21 -9.81 -5.37
N ASN D 978 24.15 -10.48 -4.73
CA ASN D 978 23.84 -11.28 -3.55
C ASN D 978 23.31 -10.40 -2.43
N ASP D 979 23.90 -9.23 -2.23
CA ASP D 979 23.46 -8.34 -1.17
C ASP D 979 22.05 -7.84 -1.43
N ILE D 980 21.66 -7.70 -2.69
CA ILE D 980 20.25 -7.42 -2.98
C ILE D 980 19.40 -8.63 -2.66
N LEU D 981 19.88 -9.83 -3.04
CA LEU D 981 19.14 -11.05 -2.73
C LEU D 981 18.97 -11.22 -1.23
N SER D 982 20.06 -11.13 -0.48
CA SER D 982 19.96 -11.13 0.97
C SER D 982 19.33 -9.83 1.44
N ARG D 983 18.79 -9.87 2.66
CA ARG D 983 18.30 -8.68 3.34
C ARG D 983 17.05 -8.12 2.67
N LEU D 984 16.65 -8.70 1.54
CA LEU D 984 15.49 -8.24 0.79
C LEU D 984 14.63 -9.43 0.40
N ASP D 985 13.33 -9.31 0.65
CA ASP D 985 12.39 -10.32 0.20
C ASP D 985 12.14 -10.19 -1.30
N PRO D 986 11.67 -11.26 -1.94
CA PRO D 986 11.49 -11.24 -3.41
C PRO D 986 10.61 -10.10 -3.91
N PRO D 987 9.52 -9.72 -3.21
CA PRO D 987 8.61 -8.72 -3.80
C PRO D 987 9.29 -7.43 -4.28
N GLU D 988 10.27 -6.91 -3.53
CA GLU D 988 11.03 -5.77 -4.00
C GLU D 988 12.41 -6.14 -4.53
N ALA D 989 12.90 -7.33 -4.18
CA ALA D 989 14.13 -7.80 -4.78
C ALA D 989 13.99 -7.91 -6.29
N GLU D 990 12.81 -8.29 -6.77
CA GLU D 990 12.59 -8.41 -8.20
C GLU D 990 12.77 -7.07 -8.90
N VAL D 991 12.15 -6.01 -8.35
CA VAL D 991 12.25 -4.71 -9.00
C VAL D 991 13.66 -4.14 -8.88
N GLN D 992 14.32 -4.36 -7.73
CA GLN D 992 15.69 -3.88 -7.59
C GLN D 992 16.61 -4.57 -8.58
N ILE D 993 16.47 -5.89 -8.72
CA ILE D 993 17.27 -6.63 -9.70
C ILE D 993 16.91 -6.20 -11.11
N ASP D 994 15.65 -5.85 -11.35
CA ASP D 994 15.26 -5.36 -12.67
C ASP D 994 15.98 -4.07 -12.99
N ARG D 995 16.02 -3.14 -12.04
CA ARG D 995 16.75 -1.89 -12.26
C ARG D 995 18.23 -2.16 -12.49
N LEU D 996 18.83 -3.03 -11.67
CA LEU D 996 20.24 -3.32 -11.82
C LEU D 996 20.54 -3.97 -13.16
N ILE D 997 19.69 -4.91 -13.58
CA ILE D 997 19.92 -5.60 -14.84
C ILE D 997 19.72 -4.66 -16.01
N THR D 998 18.75 -3.76 -15.92
CA THR D 998 18.58 -2.77 -16.99
C THR D 998 19.82 -1.91 -17.11
N GLY D 999 20.35 -1.43 -15.98
CA GLY D 999 21.54 -0.60 -16.04
C GLY D 999 22.74 -1.34 -16.59
N ARG D 1000 22.98 -2.55 -16.09
CA ARG D 1000 24.13 -3.32 -16.54
C ARG D 1000 23.99 -3.72 -18.01
N LEU D 1001 22.78 -4.08 -18.42
CA LEU D 1001 22.54 -4.44 -19.82
C LEU D 1001 22.74 -3.24 -20.73
N GLN D 1002 22.31 -2.06 -20.29
CA GLN D 1002 22.56 -0.85 -21.08
C GLN D 1002 24.05 -0.58 -21.18
N SER D 1003 24.79 -0.76 -20.08
CA SER D 1003 26.24 -0.59 -20.14
C SER D 1003 26.86 -1.59 -21.11
N LEU D 1004 26.41 -2.83 -21.06
CA LEU D 1004 26.93 -3.85 -21.98
C LEU D 1004 26.61 -3.51 -23.42
N GLN D 1005 25.40 -3.00 -23.66
CA GLN D 1005 25.03 -2.59 -25.01
C GLN D 1005 25.91 -1.46 -25.50
N THR D 1006 26.19 -0.49 -24.62
CA THR D 1006 27.11 0.57 -24.99
C THR D 1006 28.49 0.02 -25.32
N TYR D 1007 28.95 -0.93 -24.51
CA TYR D 1007 30.26 -1.51 -24.76
C TYR D 1007 30.30 -2.23 -26.10
N VAL D 1008 29.26 -3.00 -26.41
CA VAL D 1008 29.28 -3.75 -27.66
C VAL D 1008 29.14 -2.81 -28.86
N THR D 1009 28.39 -1.72 -28.70
CA THR D 1009 28.33 -0.74 -29.79
C THR D 1009 29.69 -0.10 -30.02
N GLN D 1010 30.36 0.30 -28.95
CA GLN D 1010 31.71 0.85 -29.09
C GLN D 1010 32.65 -0.16 -29.72
N GLN D 1011 32.56 -1.42 -29.29
CA GLN D 1011 33.43 -2.45 -29.82
C GLN D 1011 33.15 -2.68 -31.31
N LEU D 1012 31.88 -2.65 -31.70
CA LEU D 1012 31.55 -2.81 -33.12
C LEU D 1012 32.08 -1.64 -33.93
N ILE D 1013 31.96 -0.43 -33.42
CA ILE D 1013 32.47 0.74 -34.14
C ILE D 1013 33.99 0.62 -34.31
N ARG D 1014 34.69 0.35 -33.21
CA ARG D 1014 36.13 0.20 -33.27
C ARG D 1014 36.53 -0.96 -34.15
N ALA D 1015 35.73 -2.03 -34.17
CA ALA D 1015 36.03 -3.17 -35.01
C ALA D 1015 35.85 -2.82 -36.48
N ALA D 1016 34.84 -2.02 -36.81
CA ALA D 1016 34.70 -1.56 -38.19
C ALA D 1016 35.88 -0.71 -38.60
N GLU D 1017 36.30 0.20 -37.72
CA GLU D 1017 37.47 1.03 -38.01
C GLU D 1017 38.72 0.17 -38.19
N ILE D 1018 38.90 -0.82 -37.32
CA ILE D 1018 40.04 -1.72 -37.41
C ILE D 1018 39.97 -2.53 -38.69
N ARG D 1019 38.77 -2.96 -39.08
CA ARG D 1019 38.63 -3.69 -40.33
C ARG D 1019 39.04 -2.82 -41.51
N ALA D 1020 38.63 -1.55 -41.50
CA ALA D 1020 39.05 -0.65 -42.57
C ALA D 1020 40.57 -0.50 -42.57
N SER D 1021 41.16 -0.33 -41.39
CA SER D 1021 42.61 -0.20 -41.30
C SER D 1021 43.30 -1.46 -41.79
N ALA D 1022 42.78 -2.63 -41.43
CA ALA D 1022 43.41 -3.88 -41.80
C ALA D 1022 43.27 -4.16 -43.29
N ASN D 1023 42.12 -3.81 -43.87
CA ASN D 1023 41.95 -3.95 -45.31
C ASN D 1023 42.90 -3.02 -46.05
N LEU D 1024 43.05 -1.79 -45.55
CA LEU D 1024 44.03 -0.88 -46.12
C LEU D 1024 45.44 -1.45 -45.98
N ALA D 1025 45.74 -2.07 -44.84
CA ALA D 1025 47.04 -2.68 -44.63
C ALA D 1025 47.27 -3.82 -45.61
N ALA D 1026 46.23 -4.63 -45.85
CA ALA D 1026 46.36 -5.76 -46.75
C ALA D 1026 46.63 -5.30 -48.18
N THR D 1027 45.83 -4.34 -48.66
CA THR D 1027 46.06 -3.85 -50.01
C THR D 1027 47.38 -3.10 -50.10
N LYS D 1028 47.81 -2.46 -49.01
CA LYS D 1028 49.10 -1.78 -49.01
C LYS D 1028 50.24 -2.80 -49.10
N MET D 1029 50.13 -3.89 -48.34
CA MET D 1029 51.10 -4.95 -48.45
C MET D 1029 51.14 -5.50 -49.87
N SER D 1030 49.96 -5.68 -50.46
CA SER D 1030 49.90 -6.15 -51.83
C SER D 1030 50.59 -5.18 -52.79
N GLU D 1031 50.39 -3.88 -52.61
CA GLU D 1031 50.87 -2.89 -53.56
C GLU D 1031 52.25 -2.34 -53.22
N CYS D 1032 52.88 -2.80 -52.15
CA CYS D 1032 54.14 -2.19 -51.76
C CYS D 1032 55.23 -3.24 -51.52
N VAL D 1033 54.86 -4.49 -51.22
CA VAL D 1033 55.82 -5.58 -51.12
C VAL D 1033 55.59 -6.65 -52.17
N LEU D 1034 54.32 -6.93 -52.51
CA LEU D 1034 54.08 -7.87 -53.60
C LEU D 1034 54.40 -7.27 -54.96
N GLY D 1035 54.64 -5.97 -55.03
CA GLY D 1035 54.98 -5.32 -56.28
C GLY D 1035 55.08 -3.82 -56.12
N GLN D 1036 56.06 -3.20 -56.77
CA GLN D 1036 56.22 -1.75 -56.68
C GLN D 1036 55.04 -1.05 -57.31
N SER D 1037 54.49 -0.08 -56.59
CA SER D 1037 53.33 0.68 -57.06
C SER D 1037 53.76 2.06 -57.53
N LYS D 1038 52.92 2.64 -58.36
CA LYS D 1038 53.04 4.04 -58.77
C LYS D 1038 52.00 4.92 -58.09
N ARG D 1039 51.28 4.38 -57.12
CA ARG D 1039 50.34 5.19 -56.34
C ARG D 1039 51.12 6.12 -55.43
N VAL D 1040 51.33 7.36 -55.86
CA VAL D 1040 52.18 8.27 -55.11
C VAL D 1040 51.54 8.60 -53.77
N ASP D 1041 52.38 8.82 -52.77
CA ASP D 1041 51.96 9.10 -51.40
C ASP D 1041 51.10 7.97 -50.84
N PHE D 1042 51.30 6.75 -51.34
CA PHE D 1042 50.60 5.58 -50.81
C PHE D 1042 51.57 4.53 -50.25
N CYS D 1043 52.54 4.11 -51.04
CA CYS D 1043 53.62 3.24 -50.53
C CYS D 1043 54.77 4.09 -50.00
N GLY D 1044 54.45 4.90 -49.00
CA GLY D 1044 55.43 5.80 -48.42
C GLY D 1044 55.57 7.09 -49.20
N LYS D 1045 56.30 8.03 -48.61
CA LYS D 1045 56.43 9.35 -49.18
C LYS D 1045 57.29 9.30 -50.44
N GLY D 1046 56.80 9.91 -51.50
CA GLY D 1046 57.59 10.04 -52.71
C GLY D 1046 57.49 8.84 -53.63
N TYR D 1047 58.26 8.91 -54.72
CA TYR D 1047 58.32 7.82 -55.67
C TYR D 1047 58.74 6.53 -54.97
N HIS D 1048 57.99 5.47 -55.21
CA HIS D 1048 58.11 4.25 -54.43
C HIS D 1048 59.10 3.28 -55.06
N LEU D 1049 59.88 2.61 -54.22
CA LEU D 1049 60.75 1.54 -54.66
C LEU D 1049 60.29 0.17 -54.16
N MET D 1050 60.13 0.02 -52.85
CA MET D 1050 59.76 -1.26 -52.28
C MET D 1050 59.23 -1.05 -50.87
N SER D 1051 58.87 -2.14 -50.20
CA SER D 1051 58.44 -2.06 -48.81
C SER D 1051 58.68 -3.38 -48.13
N PHE D 1052 59.04 -3.32 -46.84
CA PHE D 1052 59.28 -4.50 -46.03
C PHE D 1052 58.24 -4.58 -44.92
N PRO D 1053 57.47 -5.66 -44.84
CA PRO D 1053 56.50 -5.78 -43.74
C PRO D 1053 57.14 -6.39 -42.50
N GLN D 1054 56.63 -5.98 -41.34
CA GLN D 1054 57.10 -6.51 -40.06
C GLN D 1054 55.90 -6.67 -39.13
N SER D 1055 55.91 -7.75 -38.36
CA SER D 1055 54.83 -8.03 -37.43
C SER D 1055 54.92 -7.15 -36.20
N ALA D 1056 53.81 -7.09 -35.47
CA ALA D 1056 53.75 -6.41 -34.18
C ALA D 1056 52.49 -6.86 -33.48
N PRO D 1057 52.44 -6.76 -32.15
CA PRO D 1057 51.22 -7.16 -31.44
C PRO D 1057 49.99 -6.44 -31.97
N HIS D 1058 49.12 -7.18 -32.63
CA HIS D 1058 47.88 -6.69 -33.22
C HIS D 1058 48.11 -5.72 -34.37
N GLY D 1059 49.35 -5.52 -34.81
CA GLY D 1059 49.62 -4.50 -35.79
C GLY D 1059 50.73 -4.90 -36.74
N VAL D 1060 50.91 -4.06 -37.75
CA VAL D 1060 51.94 -4.29 -38.76
C VAL D 1060 52.70 -2.98 -38.97
N VAL D 1061 53.96 -3.10 -39.37
CA VAL D 1061 54.81 -1.96 -39.65
C VAL D 1061 55.43 -2.16 -41.02
N PHE D 1062 55.20 -1.21 -41.91
CA PHE D 1062 55.78 -1.22 -43.24
C PHE D 1062 56.96 -0.27 -43.29
N LEU D 1063 58.13 -0.80 -43.64
CA LEU D 1063 59.30 0.02 -43.93
C LEU D 1063 59.24 0.30 -45.43
N HIS D 1064 58.68 1.45 -45.77
CA HIS D 1064 58.59 1.83 -47.17
C HIS D 1064 59.91 2.45 -47.59
N VAL D 1065 60.51 1.89 -48.63
CA VAL D 1065 61.81 2.35 -49.14
C VAL D 1065 61.53 3.04 -50.46
N THR D 1066 61.79 4.35 -50.49
CA THR D 1066 61.41 5.24 -51.57
C THR D 1066 62.58 6.14 -51.93
N TYR D 1067 62.65 6.51 -53.21
CA TYR D 1067 63.68 7.42 -53.68
C TYR D 1067 63.17 8.86 -53.70
N VAL D 1068 64.03 9.79 -53.32
CA VAL D 1068 63.71 11.23 -53.34
C VAL D 1068 64.89 11.97 -53.94
N PRO D 1069 64.69 12.85 -54.91
CA PRO D 1069 65.80 13.65 -55.43
C PRO D 1069 66.45 14.46 -54.33
N ALA D 1070 67.78 14.43 -54.29
CA ALA D 1070 68.54 15.10 -53.24
C ALA D 1070 69.01 16.49 -53.67
N GLN D 1071 69.80 16.57 -54.72
CA GLN D 1071 70.38 17.82 -55.20
C GLN D 1071 69.76 18.19 -56.53
N GLU D 1072 69.39 19.45 -56.68
CA GLU D 1072 68.74 19.95 -57.89
C GLU D 1072 69.57 21.06 -58.51
N LYS D 1073 69.66 21.04 -59.84
CA LYS D 1073 70.27 22.13 -60.58
C LYS D 1073 69.36 22.50 -61.74
N ASN D 1074 69.22 23.79 -61.99
CA ASN D 1074 68.27 24.27 -62.98
C ASN D 1074 69.00 24.71 -64.25
N PHE D 1075 68.32 24.54 -65.37
CA PHE D 1075 68.88 24.83 -66.68
C PHE D 1075 67.80 25.37 -67.59
N THR D 1076 68.24 26.04 -68.65
CA THR D 1076 67.31 26.52 -69.67
C THR D 1076 66.80 25.35 -70.50
N THR D 1077 65.53 25.41 -70.86
CA THR D 1077 64.84 24.32 -71.55
C THR D 1077 64.28 24.79 -72.87
N ALA D 1078 63.77 23.82 -73.64
CA ALA D 1078 63.11 24.07 -74.91
C ALA D 1078 62.27 22.86 -75.28
N PRO D 1079 60.99 23.04 -75.63
CA PRO D 1079 60.15 21.87 -75.92
C PRO D 1079 60.65 21.01 -77.07
N ALA D 1080 61.24 21.63 -78.09
CA ALA D 1080 61.68 20.89 -79.27
C ALA D 1080 62.98 21.48 -79.79
N ILE D 1081 63.50 20.86 -80.84
CA ILE D 1081 64.77 21.28 -81.45
C ILE D 1081 64.57 21.43 -82.94
N CYS D 1082 65.01 22.57 -83.48
CA CYS D 1082 64.94 22.84 -84.92
C CYS D 1082 66.32 22.57 -85.50
N HIS D 1083 66.49 21.40 -86.11
CA HIS D 1083 67.78 21.02 -86.67
C HIS D 1083 67.90 21.39 -88.13
N ASP D 1084 66.98 20.91 -88.96
CA ASP D 1084 66.99 21.12 -90.41
C ASP D 1084 65.68 21.72 -90.86
N GLY D 1085 65.23 22.75 -90.14
CA GLY D 1085 63.94 23.37 -90.41
C GLY D 1085 62.76 22.57 -89.91
N LYS D 1086 62.99 21.52 -89.13
CA LYS D 1086 61.93 20.64 -88.65
C LYS D 1086 62.07 20.46 -87.15
N ALA D 1087 60.94 20.33 -86.46
CA ALA D 1087 60.96 20.19 -85.02
C ALA D 1087 61.48 18.81 -84.63
N HIS D 1088 61.96 18.72 -83.39
CA HIS D 1088 62.45 17.45 -82.86
C HIS D 1088 62.06 17.33 -81.40
N PHE D 1089 61.32 16.26 -81.08
CA PHE D 1089 60.84 16.01 -79.73
C PHE D 1089 61.57 14.83 -79.13
N PRO D 1090 61.82 14.83 -77.82
CA PRO D 1090 62.60 13.76 -77.21
C PRO D 1090 61.77 12.50 -77.04
N ARG D 1091 62.36 11.38 -77.43
CA ARG D 1091 61.74 10.09 -77.14
C ARG D 1091 61.65 9.88 -75.63
N GLU D 1092 62.68 10.30 -74.91
CA GLU D 1092 62.65 10.30 -73.46
C GLU D 1092 63.63 11.34 -72.94
N GLY D 1093 63.25 12.02 -71.86
CA GLY D 1093 64.07 13.07 -71.30
C GLY D 1093 63.69 14.45 -71.79
N VAL D 1094 64.55 15.41 -71.44
CA VAL D 1094 64.31 16.82 -71.74
C VAL D 1094 65.62 17.45 -72.20
N PHE D 1095 65.48 18.61 -72.85
CA PHE D 1095 66.61 19.37 -73.38
C PHE D 1095 67.04 20.41 -72.35
N VAL D 1096 68.33 20.40 -72.01
CA VAL D 1096 68.89 21.38 -71.08
C VAL D 1096 70.17 21.94 -71.68
N SER D 1097 70.58 23.10 -71.20
CA SER D 1097 71.80 23.74 -71.66
C SER D 1097 72.67 24.10 -70.47
N ASN D 1098 73.91 23.62 -70.48
CA ASN D 1098 74.91 24.04 -69.51
C ASN D 1098 75.63 25.33 -69.93
N GLY D 1099 75.14 25.98 -70.99
CA GLY D 1099 75.81 27.13 -71.57
C GLY D 1099 76.71 26.80 -72.73
N THR D 1100 77.07 25.52 -72.91
CA THR D 1100 77.90 25.09 -74.02
C THR D 1100 77.10 24.54 -75.18
N HIS D 1101 76.13 23.68 -74.91
CA HIS D 1101 75.31 23.07 -75.95
C HIS D 1101 74.03 22.56 -75.31
N TRP D 1102 73.24 21.87 -76.12
CA TRP D 1102 72.01 21.23 -75.64
C TRP D 1102 72.28 19.76 -75.35
N PHE D 1103 71.60 19.24 -74.33
CA PHE D 1103 71.80 17.87 -73.90
C PHE D 1103 70.47 17.29 -73.44
N VAL D 1104 70.23 16.03 -73.80
CA VAL D 1104 69.01 15.32 -73.43
C VAL D 1104 69.28 14.54 -72.16
N THR D 1105 68.38 14.67 -71.18
CA THR D 1105 68.55 14.01 -69.90
C THR D 1105 67.27 13.29 -69.52
N GLN D 1106 67.36 12.49 -68.46
CA GLN D 1106 66.20 11.79 -67.93
C GLN D 1106 65.25 12.77 -67.26
N ARG D 1107 64.00 12.35 -67.12
CA ARG D 1107 62.98 13.23 -66.56
C ARG D 1107 63.07 13.36 -65.05
N ASN D 1108 63.85 12.52 -64.37
CA ASN D 1108 63.95 12.64 -62.93
C ASN D 1108 65.37 12.43 -62.41
N PHE D 1109 66.38 12.66 -63.25
CA PHE D 1109 67.76 12.61 -62.80
C PHE D 1109 68.63 13.27 -63.86
N TYR D 1110 69.69 13.94 -63.43
CA TYR D 1110 70.58 14.62 -64.36
C TYR D 1110 71.43 13.58 -65.07
N GLU D 1111 70.97 13.16 -66.25
CA GLU D 1111 71.73 12.25 -67.12
C GLU D 1111 71.77 12.87 -68.51
N PRO D 1112 72.48 13.99 -68.67
CA PRO D 1112 72.51 14.65 -69.97
C PRO D 1112 73.27 13.82 -71.00
N GLN D 1113 72.92 14.03 -72.26
CA GLN D 1113 73.62 13.36 -73.34
C GLN D 1113 73.43 14.16 -74.62
N ILE D 1114 74.30 13.89 -75.59
CA ILE D 1114 74.31 14.67 -76.82
C ILE D 1114 72.98 14.53 -77.55
N ILE D 1115 72.60 15.61 -78.24
CA ILE D 1115 71.38 15.60 -79.06
C ILE D 1115 71.62 14.66 -80.24
N THR D 1116 71.00 13.49 -80.19
CA THR D 1116 71.18 12.49 -81.22
C THR D 1116 69.81 12.04 -81.73
N THR D 1117 69.74 11.75 -83.02
CA THR D 1117 68.50 11.28 -83.61
C THR D 1117 68.00 10.00 -82.96
N ASP D 1118 68.90 9.23 -82.34
CA ASP D 1118 68.48 8.02 -81.64
C ASP D 1118 67.55 8.33 -80.48
N ASN D 1119 67.86 9.36 -79.70
CA ASN D 1119 67.07 9.70 -78.53
C ASN D 1119 65.88 10.59 -78.84
N THR D 1120 65.73 11.05 -80.07
CA THR D 1120 64.63 11.96 -80.39
C THR D 1120 63.92 11.54 -81.67
N PHE D 1121 62.95 12.35 -82.10
CA PHE D 1121 62.21 12.08 -83.32
C PHE D 1121 61.70 13.39 -83.89
N VAL D 1122 61.80 13.51 -85.21
CA VAL D 1122 61.33 14.71 -85.89
C VAL D 1122 59.82 14.64 -86.04
N SER D 1123 59.15 15.77 -85.83
CA SER D 1123 57.69 15.83 -85.95
C SER D 1123 57.32 17.22 -86.47
N GLY D 1124 57.13 17.33 -87.79
CA GLY D 1124 56.66 18.56 -88.37
C GLY D 1124 57.70 19.67 -88.38
N ASN D 1125 57.20 20.89 -88.60
CA ASN D 1125 58.03 22.08 -88.73
C ASN D 1125 58.19 22.76 -87.37
N CYS D 1126 59.10 23.74 -87.35
CA CYS D 1126 59.43 24.43 -86.11
C CYS D 1126 58.49 25.57 -85.77
N ASP D 1127 57.65 26.00 -86.72
CA ASP D 1127 56.85 27.20 -86.50
C ASP D 1127 55.72 26.95 -85.49
N VAL D 1128 55.04 25.80 -85.60
CA VAL D 1128 53.88 25.56 -84.76
C VAL D 1128 54.27 25.48 -83.29
N VAL D 1129 55.34 24.76 -82.99
CA VAL D 1129 55.80 24.60 -81.61
C VAL D 1129 56.44 25.90 -81.15
N ILE D 1130 56.04 26.37 -79.99
CA ILE D 1130 56.65 27.55 -79.38
C ILE D 1130 57.74 27.09 -78.41
N GLY D 1131 58.74 27.95 -78.21
CA GLY D 1131 59.84 27.63 -77.35
C GLY D 1131 60.90 26.76 -77.96
N ILE D 1132 60.67 26.21 -79.15
CA ILE D 1132 61.68 25.42 -79.83
C ILE D 1132 62.85 26.31 -80.21
N VAL D 1133 64.06 25.82 -80.01
CA VAL D 1133 65.26 26.58 -80.30
C VAL D 1133 66.05 25.88 -81.41
N ASN D 1134 66.79 26.66 -82.17
CA ASN D 1134 67.60 26.11 -83.24
C ASN D 1134 68.82 25.42 -82.66
N ASN D 1135 68.93 24.11 -82.90
CA ASN D 1135 70.06 23.33 -82.43
C ASN D 1135 70.30 22.19 -83.41
N THR D 1136 71.57 21.86 -83.61
CA THR D 1136 71.95 20.80 -84.53
C THR D 1136 71.74 19.45 -83.86
N VAL D 1137 71.02 18.56 -84.52
CA VAL D 1137 70.84 17.19 -84.05
C VAL D 1137 71.89 16.33 -84.73
N TYR D 1138 72.76 15.72 -83.93
CA TYR D 1138 73.81 14.87 -84.47
C TYR D 1138 73.22 13.59 -85.07
N ASP D 1139 73.80 13.17 -86.19
CA ASP D 1139 73.37 11.94 -86.85
C ASP D 1139 74.37 10.83 -86.54
N PRO D 1140 73.96 9.78 -85.84
CA PRO D 1140 74.90 8.68 -85.57
C PRO D 1140 75.36 7.94 -86.81
N LEU D 1141 74.60 8.00 -87.90
CA LEU D 1141 74.93 7.29 -89.13
C LEU D 1141 75.94 8.03 -89.99
N GLN D 1142 76.03 9.36 -89.83
CA GLN D 1142 76.90 10.15 -90.70
C GLN D 1142 78.38 9.78 -90.61
N PRO D 1143 78.99 9.62 -89.44
CA PRO D 1143 80.45 9.37 -89.40
C PRO D 1143 80.87 8.09 -90.11
N GLU D 1144 80.01 7.08 -90.15
CA GLU D 1144 80.37 5.82 -90.80
C GLU D 1144 80.43 5.96 -92.31
N LEU D 1145 79.90 7.02 -92.88
CA LEU D 1145 79.91 7.23 -94.33
C LEU D 1145 81.31 7.58 -94.81
N SER E 100 -4.26 5.54 52.98
CA SER E 100 -5.23 6.61 53.26
C SER E 100 -6.34 6.10 54.18
N THR E 101 -7.19 5.22 53.65
CA THR E 101 -8.28 4.68 54.44
C THR E 101 -7.75 3.73 55.52
N ILE E 102 -8.58 3.51 56.53
CA ILE E 102 -8.18 2.66 57.66
C ILE E 102 -7.96 1.24 57.20
N GLU E 103 -8.73 0.77 56.21
CA GLU E 103 -8.56 -0.59 55.71
C GLU E 103 -7.17 -0.79 55.09
N GLU E 104 -6.72 0.17 54.29
CA GLU E 104 -5.39 0.07 53.69
C GLU E 104 -4.29 0.10 54.75
N GLN E 105 -4.44 0.97 55.76
CA GLN E 105 -3.48 1.00 56.84
C GLN E 105 -3.45 -0.32 57.60
N ALA E 106 -4.62 -0.92 57.83
CA ALA E 106 -4.69 -2.21 58.48
C ALA E 106 -4.02 -3.29 57.65
N LYS E 107 -4.22 -3.26 56.33
CA LYS E 107 -3.57 -4.22 55.45
C LYS E 107 -2.06 -4.09 55.52
N THR E 108 -1.56 -2.85 55.47
CA THR E 108 -0.11 -2.64 55.54
C THR E 108 0.44 -3.07 56.90
N PHE E 109 -0.30 -2.80 57.98
CA PHE E 109 0.12 -3.22 59.31
C PHE E 109 0.18 -4.75 59.40
N LEU E 110 -0.82 -5.43 58.84
CA LEU E 110 -0.80 -6.88 58.82
C LEU E 110 0.36 -7.42 58.01
N ASP E 111 0.67 -6.76 56.89
CA ASP E 111 1.81 -7.18 56.08
C ASP E 111 3.12 -7.04 56.85
N LYS E 112 3.30 -5.91 57.53
CA LYS E 112 4.52 -5.72 58.33
C LYS E 112 4.58 -6.70 59.49
N PHE E 113 3.44 -6.98 60.12
CA PHE E 113 3.38 -7.97 61.17
C PHE E 113 3.79 -9.33 60.66
N ASN E 114 3.32 -9.71 59.47
CA ASN E 114 3.74 -10.97 58.87
C ASN E 114 5.24 -10.97 58.58
N HIS E 115 5.77 -9.85 58.10
CA HIS E 115 7.20 -9.76 57.81
C HIS E 115 8.03 -10.04 59.06
N GLU E 116 7.67 -9.39 60.17
CA GLU E 116 8.40 -9.61 61.42
C GLU E 116 8.14 -11.01 61.97
N ALA E 117 6.90 -11.49 61.86
CA ALA E 117 6.52 -12.77 62.43
C ALA E 117 7.21 -13.93 61.73
N GLU E 118 7.43 -13.82 60.43
CA GLU E 118 8.19 -14.85 59.72
C GLU E 118 9.51 -15.12 60.42
N ASP E 119 10.33 -14.07 60.56
CA ASP E 119 11.65 -14.23 61.19
C ASP E 119 11.53 -14.65 62.65
N LEU E 120 10.63 -14.02 63.41
CA LEU E 120 10.58 -14.29 64.84
C LEU E 120 10.10 -15.72 65.11
N PHE E 121 9.01 -16.14 64.46
CA PHE E 121 8.52 -17.50 64.60
C PHE E 121 9.51 -18.52 64.04
N TYR E 122 10.25 -18.17 62.99
CA TYR E 122 11.26 -19.10 62.49
C TYR E 122 12.37 -19.30 63.52
N GLN E 123 12.82 -18.22 64.17
CA GLN E 123 13.82 -18.36 65.21
C GLN E 123 13.29 -19.18 66.38
N SER E 124 12.05 -18.91 66.79
CA SER E 124 11.46 -19.68 67.88
C SER E 124 11.35 -21.15 67.52
N SER E 125 10.94 -21.45 66.28
CA SER E 125 10.76 -22.84 65.86
C SER E 125 12.08 -23.57 65.74
N LEU E 126 13.13 -22.88 65.25
CA LEU E 126 14.43 -23.53 65.17
C LEU E 126 15.00 -23.78 66.56
N ALA E 127 14.81 -22.84 67.49
CA ALA E 127 15.23 -23.08 68.86
C ALA E 127 14.47 -24.25 69.47
N SER E 128 13.17 -24.34 69.20
CA SER E 128 12.37 -25.45 69.71
C SER E 128 12.82 -26.78 69.11
N TRP E 129 13.16 -26.78 67.82
CA TRP E 129 13.67 -27.98 67.19
C TRP E 129 15.00 -28.40 67.79
N ASN E 130 15.89 -27.44 68.05
CA ASN E 130 17.15 -27.75 68.69
C ASN E 130 16.94 -28.34 70.09
N TYR E 131 16.00 -27.78 70.84
CA TYR E 131 15.70 -28.30 72.17
C TYR E 131 15.10 -29.71 72.09
N ASN E 132 14.20 -29.93 71.14
CA ASN E 132 13.51 -31.21 71.00
C ASN E 132 14.38 -32.28 70.35
N THR E 133 15.48 -31.90 69.72
CA THR E 133 16.48 -32.85 69.25
C THR E 133 17.64 -33.01 70.22
N ASN E 134 17.87 -32.02 71.08
CA ASN E 134 18.91 -32.09 72.10
C ASN E 134 18.39 -31.34 73.32
N ILE E 135 18.09 -32.07 74.38
CA ILE E 135 17.56 -31.47 75.61
C ILE E 135 18.74 -31.05 76.48
N THR E 136 19.08 -29.77 76.46
CA THR E 136 20.14 -29.22 77.28
C THR E 136 19.63 -27.95 77.95
N GLU E 137 20.39 -27.50 78.96
CA GLU E 137 20.01 -26.29 79.69
C GLU E 137 20.04 -25.07 78.78
N GLU E 138 21.04 -24.99 77.90
CA GLU E 138 21.10 -23.88 76.95
C GLU E 138 19.93 -23.94 75.96
N ASN E 139 19.49 -25.15 75.62
CA ASN E 139 18.31 -25.29 74.79
C ASN E 139 17.08 -24.74 75.49
N VAL E 140 16.93 -25.01 76.78
CA VAL E 140 15.84 -24.44 77.55
C VAL E 140 15.96 -22.92 77.61
N GLN E 141 17.19 -22.42 77.73
CA GLN E 141 17.39 -20.97 77.80
C GLN E 141 16.96 -20.28 76.52
N ASN E 142 17.40 -20.79 75.36
CA ASN E 142 16.98 -20.18 74.11
C ASN E 142 15.51 -20.41 73.84
N MET E 143 14.95 -21.53 74.32
CA MET E 143 13.50 -21.73 74.25
C MET E 143 12.76 -20.63 74.99
N ASN E 144 13.20 -20.34 76.22
CA ASN E 144 12.56 -19.29 77.00
C ASN E 144 12.72 -17.93 76.32
N ASN E 145 13.92 -17.64 75.81
CA ASN E 145 14.15 -16.36 75.15
C ASN E 145 13.25 -16.21 73.92
N ALA E 146 13.19 -17.25 73.08
CA ALA E 146 12.36 -17.19 71.88
C ALA E 146 10.89 -17.08 72.23
N GLY E 147 10.43 -17.82 73.24
CA GLY E 147 9.05 -17.74 73.65
C GLY E 147 8.67 -16.37 74.18
N ASP E 148 9.54 -15.79 75.01
CA ASP E 148 9.28 -14.45 75.52
C ASP E 148 9.24 -13.42 74.40
N LYS E 149 10.21 -13.50 73.47
CA LYS E 149 10.23 -12.56 72.34
C LYS E 149 8.97 -12.70 71.50
N TRP E 150 8.57 -13.94 71.20
CA TRP E 150 7.40 -14.17 70.37
C TRP E 150 6.13 -13.70 71.06
N SER E 151 6.00 -13.97 72.36
CA SER E 151 4.81 -13.53 73.09
C SER E 151 4.74 -12.00 73.17
N ALA E 152 5.87 -11.35 73.44
CA ALA E 152 5.88 -9.89 73.48
C ALA E 152 5.53 -9.30 72.11
N PHE E 153 6.08 -9.88 71.04
CA PHE E 153 5.76 -9.39 69.70
C PHE E 153 4.28 -9.57 69.39
N LEU E 154 3.72 -10.74 69.72
CA LEU E 154 2.31 -10.99 69.46
C LEU E 154 1.43 -10.02 70.24
N LYS E 155 1.76 -9.78 71.51
CA LYS E 155 0.96 -8.86 72.32
C LYS E 155 1.05 -7.44 71.78
N GLU E 156 2.25 -7.00 71.40
CA GLU E 156 2.39 -5.65 70.86
C GLU E 156 1.62 -5.50 69.56
N GLN E 157 1.69 -6.49 68.67
CA GLN E 157 0.96 -6.42 67.42
C GLN E 157 -0.55 -6.45 67.65
N SER E 158 -1.00 -7.27 68.61
CA SER E 158 -2.42 -7.29 68.95
C SER E 158 -2.89 -5.94 69.46
N THR E 159 -2.11 -5.31 70.34
CA THR E 159 -2.48 -4.00 70.86
C THR E 159 -2.50 -2.96 69.75
N LEU E 160 -1.51 -2.98 68.86
CA LEU E 160 -1.45 -2.00 67.78
C LEU E 160 -2.46 -2.27 66.67
N ALA E 161 -3.03 -3.48 66.63
CA ALA E 161 -4.06 -3.80 65.64
C ALA E 161 -5.47 -3.63 66.18
N GLN E 162 -5.66 -3.72 67.50
CA GLN E 162 -7.00 -3.57 68.07
C GLN E 162 -7.60 -2.21 67.80
N MET E 163 -6.78 -1.18 67.57
CA MET E 163 -7.30 0.13 67.23
C MET E 163 -7.88 0.20 65.83
N TYR E 164 -7.65 -0.81 64.99
CA TYR E 164 -8.25 -0.85 63.67
C TYR E 164 -9.69 -1.35 63.78
N PRO E 165 -10.69 -0.57 63.39
CA PRO E 165 -12.08 -1.05 63.44
C PRO E 165 -12.33 -2.06 62.32
N LEU E 166 -12.85 -3.22 62.70
CA LEU E 166 -13.09 -4.30 61.75
C LEU E 166 -14.42 -4.14 61.00
N GLN E 167 -15.30 -3.26 61.46
CA GLN E 167 -16.60 -3.12 60.80
C GLN E 167 -16.50 -2.37 59.48
N GLU E 168 -15.53 -1.48 59.36
CA GLU E 168 -15.35 -0.70 58.12
C GLU E 168 -14.45 -1.38 57.12
N ILE E 169 -13.96 -2.58 57.42
CA ILE E 169 -13.07 -3.31 56.52
C ILE E 169 -13.89 -4.30 55.71
N GLN E 170 -13.88 -4.13 54.39
CA GLN E 170 -14.66 -4.98 53.50
C GLN E 170 -13.90 -6.21 53.03
N ASN E 171 -12.57 -6.24 53.20
CA ASN E 171 -11.78 -7.38 52.77
C ASN E 171 -11.98 -8.53 53.75
N LEU E 172 -12.38 -9.69 53.23
CA LEU E 172 -12.65 -10.84 54.09
C LEU E 172 -11.37 -11.38 54.71
N THR E 173 -10.33 -11.60 53.89
CA THR E 173 -9.09 -12.16 54.40
C THR E 173 -8.41 -11.20 55.38
N VAL E 174 -8.42 -9.90 55.08
CA VAL E 174 -7.82 -8.92 55.97
C VAL E 174 -8.57 -8.87 57.30
N LYS E 175 -9.91 -8.92 57.25
CA LYS E 175 -10.69 -8.95 58.47
C LYS E 175 -10.41 -10.20 59.29
N LEU E 176 -10.28 -11.36 58.63
CA LEU E 176 -9.96 -12.59 59.34
C LEU E 176 -8.59 -12.50 59.99
N GLN E 177 -7.60 -11.95 59.28
CA GLN E 177 -6.26 -11.79 59.85
C GLN E 177 -6.29 -10.86 61.05
N LEU E 178 -7.03 -9.75 60.94
CA LEU E 178 -7.09 -8.80 62.04
C LEU E 178 -7.80 -9.38 63.25
N GLN E 179 -8.87 -10.16 63.04
CA GLN E 179 -9.55 -10.76 64.18
C GLN E 179 -8.73 -11.89 64.79
N ALA E 180 -7.91 -12.57 63.99
CA ALA E 180 -6.99 -13.57 64.55
C ALA E 180 -5.81 -12.94 65.25
N LEU E 181 -5.46 -11.71 64.91
CA LEU E 181 -4.34 -11.02 65.57
C LEU E 181 -4.76 -10.26 66.82
N GLN E 182 -5.95 -9.65 66.80
CA GLN E 182 -6.40 -8.78 67.87
C GLN E 182 -7.01 -9.53 69.05
N GLN E 183 -7.05 -10.85 69.01
CA GLN E 183 -7.67 -11.63 70.08
C GLN E 183 -6.82 -11.50 71.34
N ASN E 184 -7.26 -10.62 72.24
CA ASN E 184 -6.53 -10.41 73.49
C ASN E 184 -6.54 -11.66 74.36
N GLY E 185 -7.68 -12.35 74.42
CA GLY E 185 -7.75 -13.56 75.22
C GLY E 185 -7.78 -13.23 76.70
N SER E 186 -7.02 -14.00 77.48
CA SER E 186 -7.00 -13.83 78.93
C SER E 186 -6.53 -12.45 79.35
N SER E 187 -5.84 -11.73 78.47
CA SER E 187 -5.41 -10.37 78.78
C SER E 187 -6.57 -9.38 78.86
N VAL E 188 -7.77 -9.78 78.43
CA VAL E 188 -8.92 -8.90 78.57
C VAL E 188 -9.23 -8.59 80.03
N LEU E 189 -8.87 -9.49 80.94
CA LEU E 189 -9.04 -9.25 82.36
C LEU E 189 -7.91 -8.34 82.86
N SER E 190 -7.92 -8.08 84.18
CA SER E 190 -6.82 -7.33 84.77
C SER E 190 -5.57 -8.19 84.83
N GLU E 191 -4.44 -7.55 85.13
CA GLU E 191 -3.18 -8.27 85.26
C GLU E 191 -3.24 -9.29 86.38
N ASP E 192 -3.88 -8.93 87.50
CA ASP E 192 -3.98 -9.85 88.63
C ASP E 192 -4.80 -11.08 88.28
N LYS E 193 -5.96 -10.89 87.66
CA LYS E 193 -6.80 -12.03 87.28
C LYS E 193 -6.13 -12.87 86.21
N SER E 194 -5.47 -12.24 85.24
CA SER E 194 -4.77 -12.98 84.21
C SER E 194 -3.64 -13.83 84.79
N LYS E 195 -2.84 -13.24 85.69
CA LYS E 195 -1.76 -14.01 86.29
C LYS E 195 -2.28 -15.09 87.22
N ARG E 196 -3.42 -14.85 87.90
CA ARG E 196 -4.04 -15.91 88.68
C ARG E 196 -4.47 -17.07 87.80
N LEU E 197 -5.10 -16.77 86.65
CA LEU E 197 -5.50 -17.82 85.74
C LEU E 197 -4.30 -18.60 85.21
N ASN E 198 -3.22 -17.88 84.85
CA ASN E 198 -2.02 -18.55 84.38
C ASN E 198 -1.41 -19.44 85.45
N THR E 199 -1.34 -18.95 86.69
CA THR E 199 -0.79 -19.74 87.78
C THR E 199 -1.64 -20.97 88.05
N ILE E 200 -2.96 -20.82 88.00
CA ILE E 200 -3.84 -21.97 88.22
C ILE E 200 -3.67 -23.00 87.11
N LEU E 201 -3.57 -22.54 85.86
CA LEU E 201 -3.35 -23.45 84.74
C LEU E 201 -2.03 -24.20 84.90
N ASN E 202 -0.97 -23.49 85.27
CA ASN E 202 0.32 -24.13 85.47
C ASN E 202 0.25 -25.14 86.61
N THR E 203 -0.41 -24.78 87.70
CA THR E 203 -0.51 -25.68 88.85
C THR E 203 -1.29 -26.94 88.50
N MET E 204 -2.42 -26.79 87.78
CA MET E 204 -3.22 -27.96 87.45
C MET E 204 -2.51 -28.85 86.42
N SER E 205 -1.80 -28.24 85.46
CA SER E 205 -1.00 -29.02 84.54
C SER E 205 0.10 -29.78 85.26
N THR E 206 0.76 -29.12 86.22
CA THR E 206 1.80 -29.79 87.00
C THR E 206 1.23 -30.94 87.82
N ILE E 207 0.05 -30.73 88.42
CA ILE E 207 -0.56 -31.80 89.21
C ILE E 207 -0.93 -32.98 88.31
N TYR E 208 -1.48 -32.71 87.12
CA TYR E 208 -1.83 -33.79 86.21
C TYR E 208 -0.58 -34.55 85.76
N SER E 209 0.46 -33.82 85.35
CA SER E 209 1.67 -34.47 84.84
C SER E 209 2.39 -35.24 85.92
N THR E 210 2.44 -34.70 87.14
CA THR E 210 3.12 -35.32 88.26
C THR E 210 2.17 -36.12 89.16
N GLY E 211 0.94 -36.35 88.72
CA GLY E 211 0.02 -37.16 89.49
C GLY E 211 0.56 -38.55 89.75
N LYS E 212 0.97 -38.81 90.99
CA LYS E 212 1.61 -40.05 91.37
C LYS E 212 0.82 -40.69 92.50
N VAL E 213 0.48 -41.96 92.33
CA VAL E 213 -0.29 -42.69 93.34
C VAL E 213 0.60 -43.77 93.94
N CYS E 214 0.42 -44.01 95.23
CA CYS E 214 1.22 -44.98 95.97
C CYS E 214 0.30 -46.01 96.58
N ASN E 215 0.63 -47.29 96.39
CA ASN E 215 -0.17 -48.36 96.96
C ASN E 215 -0.04 -48.35 98.49
N PRO E 216 -1.10 -48.68 99.22
CA PRO E 216 -1.01 -48.73 100.68
C PRO E 216 -0.04 -49.79 101.19
N ASP E 217 0.24 -50.82 100.39
CA ASP E 217 1.19 -51.85 100.82
C ASP E 217 2.59 -51.27 100.98
N ASN E 218 3.03 -50.45 100.02
CA ASN E 218 4.34 -49.81 100.09
C ASN E 218 4.17 -48.33 99.78
N PRO E 219 4.19 -47.46 100.79
CA PRO E 219 4.05 -46.01 100.53
C PRO E 219 5.13 -45.45 99.63
N GLN E 220 6.34 -46.01 99.69
CA GLN E 220 7.41 -45.53 98.83
C GLN E 220 7.15 -45.88 97.37
N GLU E 221 6.57 -47.05 97.12
CA GLU E 221 6.32 -47.52 95.75
C GLU E 221 5.18 -46.69 95.15
N CYS E 222 5.55 -45.67 94.39
CA CYS E 222 4.57 -44.79 93.74
C CYS E 222 4.79 -44.82 92.23
N LEU E 223 3.69 -44.71 91.49
CA LEU E 223 3.71 -44.70 90.04
C LEU E 223 2.89 -43.54 89.52
N LEU E 224 3.36 -42.94 88.43
CA LEU E 224 2.62 -41.87 87.77
C LEU E 224 1.52 -42.46 86.89
N LEU E 225 0.70 -41.58 86.34
CA LEU E 225 -0.32 -42.01 85.39
C LEU E 225 0.31 -42.66 84.17
N GLU E 226 1.38 -42.07 83.64
CA GLU E 226 2.09 -42.59 82.50
C GLU E 226 3.57 -42.76 82.85
N PRO E 227 4.17 -43.92 82.57
CA PRO E 227 3.57 -45.12 81.95
C PRO E 227 3.03 -46.10 82.99
N GLY E 228 3.01 -45.73 84.27
CA GLY E 228 2.61 -46.66 85.30
C GLY E 228 1.14 -47.03 85.31
N LEU E 229 0.29 -46.06 85.63
CA LEU E 229 -1.14 -46.35 85.78
C LEU E 229 -1.78 -46.72 84.44
N ASN E 230 -1.34 -46.08 83.36
CA ASN E 230 -1.90 -46.39 82.05
C ASN E 230 -1.62 -47.84 81.66
N GLU E 231 -0.40 -48.32 81.91
CA GLU E 231 -0.10 -49.72 81.67
C GLU E 231 -0.83 -50.63 82.66
N ILE E 232 -1.01 -50.19 83.90
CA ILE E 232 -1.68 -51.00 84.91
C ILE E 232 -3.12 -51.26 84.50
N MET E 233 -3.82 -50.22 84.03
CA MET E 233 -5.22 -50.35 83.67
C MET E 233 -5.42 -50.51 82.16
N ALA E 234 -4.34 -50.74 81.40
CA ALA E 234 -4.44 -51.00 79.98
C ALA E 234 -3.95 -52.38 79.58
N ASN E 235 -2.96 -52.93 80.29
CA ASN E 235 -2.42 -54.25 79.98
C ASN E 235 -2.77 -55.27 81.05
N SER E 236 -2.51 -54.96 82.32
CA SER E 236 -2.88 -55.86 83.40
C SER E 236 -4.40 -55.97 83.51
N LEU E 237 -4.88 -57.20 83.66
CA LEU E 237 -6.31 -57.47 83.72
C LEU E 237 -6.82 -57.72 85.12
N ASP E 238 -6.01 -57.42 86.15
CA ASP E 238 -6.45 -57.60 87.52
C ASP E 238 -7.46 -56.53 87.89
N TYR E 239 -8.66 -56.94 88.29
CA TYR E 239 -9.71 -55.99 88.63
C TYR E 239 -9.32 -55.13 89.82
N ASN E 240 -8.74 -55.76 90.86
CA ASN E 240 -8.40 -55.02 92.07
C ASN E 240 -7.32 -53.98 91.79
N GLU E 241 -6.28 -54.34 91.05
CA GLU E 241 -5.20 -53.40 90.77
C GLU E 241 -5.69 -52.24 89.92
N ARG E 242 -6.49 -52.53 88.88
CA ARG E 242 -7.03 -51.46 88.04
C ARG E 242 -7.94 -50.55 88.84
N LEU E 243 -8.79 -51.12 89.71
CA LEU E 243 -9.67 -50.31 90.53
C LEU E 243 -8.89 -49.42 91.48
N TRP E 244 -7.84 -49.98 92.12
CA TRP E 244 -7.02 -49.19 93.01
C TRP E 244 -6.32 -48.06 92.27
N ALA E 245 -5.76 -48.35 91.09
CA ALA E 245 -5.08 -47.32 90.31
C ALA E 245 -6.05 -46.21 89.90
N TRP E 246 -7.23 -46.59 89.43
CA TRP E 246 -8.23 -45.61 89.00
C TRP E 246 -8.67 -44.74 90.16
N GLU E 247 -9.02 -45.36 91.29
CA GLU E 247 -9.49 -44.60 92.45
C GLU E 247 -8.40 -43.67 92.98
N SER E 248 -7.17 -44.17 93.10
CA SER E 248 -6.08 -43.34 93.60
C SER E 248 -5.78 -42.19 92.64
N TRP E 249 -5.78 -42.46 91.34
CA TRP E 249 -5.51 -41.42 90.36
C TRP E 249 -6.57 -40.32 90.40
N ARG E 250 -7.84 -40.71 90.56
CA ARG E 250 -8.89 -39.69 90.62
C ARG E 250 -9.01 -39.06 92.00
N SER E 251 -8.41 -39.67 93.03
CA SER E 251 -8.48 -39.11 94.38
C SER E 251 -7.35 -38.12 94.64
N GLU E 252 -6.10 -38.58 94.51
CA GLU E 252 -4.97 -37.71 94.84
C GLU E 252 -4.77 -36.59 93.83
N VAL E 253 -5.43 -36.67 92.67
CA VAL E 253 -5.38 -35.61 91.68
C VAL E 253 -6.70 -34.84 91.62
N GLY E 254 -7.83 -35.54 91.63
CA GLY E 254 -9.12 -34.86 91.54
C GLY E 254 -9.41 -33.95 92.72
N LYS E 255 -9.10 -34.42 93.93
CA LYS E 255 -9.34 -33.59 95.12
C LYS E 255 -8.50 -32.32 95.08
N GLN E 256 -7.24 -32.42 94.66
CA GLN E 256 -6.40 -31.24 94.55
C GLN E 256 -6.90 -30.32 93.44
N LEU E 257 -7.31 -30.88 92.30
CA LEU E 257 -7.67 -30.07 91.14
C LEU E 257 -9.04 -29.41 91.26
N ARG E 258 -9.95 -29.98 92.04
CA ARG E 258 -11.34 -29.48 92.04
C ARG E 258 -11.44 -28.01 92.40
N PRO E 259 -10.82 -27.50 93.47
CA PRO E 259 -10.87 -26.05 93.68
C PRO E 259 -10.11 -25.27 92.63
N LEU E 260 -8.92 -25.77 92.24
CA LEU E 260 -8.17 -25.11 91.18
C LEU E 260 -8.93 -25.13 89.87
N TYR E 261 -9.55 -26.26 89.53
CA TYR E 261 -10.32 -26.33 88.29
C TYR E 261 -11.53 -25.41 88.35
N GLU E 262 -12.19 -25.32 89.51
CA GLU E 262 -13.33 -24.42 89.65
C GLU E 262 -12.91 -22.97 89.45
N GLU E 263 -11.79 -22.58 90.06
CA GLU E 263 -11.31 -21.20 89.90
C GLU E 263 -10.88 -20.93 88.47
N TYR E 264 -10.23 -21.90 87.83
CA TYR E 264 -9.87 -21.75 86.42
C TYR E 264 -11.12 -21.60 85.56
N VAL E 265 -12.16 -22.37 85.86
CA VAL E 265 -13.40 -22.28 85.09
C VAL E 265 -14.03 -20.91 85.25
N VAL E 266 -14.09 -20.40 86.48
CA VAL E 266 -14.75 -19.12 86.69
C VAL E 266 -13.93 -17.99 86.05
N LEU E 267 -12.60 -18.08 86.11
CA LEU E 267 -11.77 -17.08 85.44
C LEU E 267 -11.95 -17.13 83.93
N LYS E 268 -12.02 -18.33 83.36
CA LYS E 268 -12.27 -18.46 81.93
C LYS E 268 -13.64 -17.90 81.55
N ASN E 269 -14.65 -18.16 82.38
CA ASN E 269 -15.98 -17.63 82.11
C ASN E 269 -15.98 -16.10 82.15
N GLU E 270 -15.30 -15.51 83.14
CA GLU E 270 -15.30 -14.05 83.24
C GLU E 270 -14.50 -13.41 82.11
N MET E 271 -13.42 -14.04 81.68
CA MET E 271 -12.68 -13.49 80.54
C MET E 271 -13.44 -13.64 79.23
N ALA E 272 -14.16 -14.76 79.05
CA ALA E 272 -15.00 -14.90 77.86
C ALA E 272 -16.14 -13.90 77.87
N ARG E 273 -16.72 -13.63 79.03
CA ARG E 273 -17.72 -12.59 79.14
C ARG E 273 -17.14 -11.22 78.81
N ALA E 274 -15.92 -10.96 79.27
CA ALA E 274 -15.22 -9.74 78.87
C ALA E 274 -14.80 -9.78 77.41
N ASN E 275 -14.81 -10.96 76.77
CA ASN E 275 -14.50 -11.11 75.36
C ASN E 275 -15.75 -11.28 74.50
N HIS E 276 -16.90 -10.87 75.02
CA HIS E 276 -18.18 -10.95 74.29
C HIS E 276 -18.54 -12.40 73.96
N TYR E 277 -18.33 -13.29 74.92
CA TYR E 277 -18.76 -14.68 74.83
C TYR E 277 -19.56 -15.03 76.07
N GLU E 278 -20.63 -15.80 75.88
CA GLU E 278 -21.48 -16.18 77.01
C GLU E 278 -20.71 -17.02 78.03
N ASP E 279 -19.78 -17.85 77.56
CA ASP E 279 -18.94 -18.64 78.43
C ASP E 279 -17.68 -19.03 77.66
N TYR E 280 -16.69 -19.53 78.39
CA TYR E 280 -15.46 -19.97 77.76
C TYR E 280 -15.70 -21.15 76.80
N GLY E 281 -16.75 -21.93 77.03
CA GLY E 281 -17.15 -22.91 76.04
C GLY E 281 -17.52 -22.26 74.72
N ASP E 282 -18.27 -21.15 74.78
CA ASP E 282 -18.54 -20.38 73.57
C ASP E 282 -17.27 -19.78 73.00
N TYR E 283 -16.34 -19.39 73.87
CA TYR E 283 -15.07 -18.85 73.41
C TYR E 283 -14.31 -19.88 72.57
N TRP E 284 -14.32 -21.15 73.01
CA TRP E 284 -13.67 -22.20 72.25
C TRP E 284 -14.47 -22.60 71.01
N ARG E 285 -15.80 -22.56 71.09
CA ARG E 285 -16.62 -22.84 69.91
C ARG E 285 -16.47 -21.76 68.85
N GLY E 286 -16.03 -20.56 69.23
CA GLY E 286 -15.79 -19.51 68.26
C GLY E 286 -14.73 -19.83 67.23
N ASP E 287 -13.91 -20.87 67.46
CA ASP E 287 -12.92 -21.27 66.48
C ASP E 287 -13.58 -21.71 65.19
N TYR E 288 -14.68 -22.47 65.28
CA TYR E 288 -15.42 -22.92 64.12
C TYR E 288 -16.36 -21.85 63.56
N GLU E 289 -16.48 -20.70 64.23
CA GLU E 289 -17.42 -19.68 63.81
C GLU E 289 -16.99 -19.07 62.48
N VAL E 290 -17.94 -18.96 61.56
CA VAL E 290 -17.72 -18.33 60.26
C VAL E 290 -18.75 -17.23 60.09
N ASN E 291 -18.30 -16.03 59.75
CA ASN E 291 -19.18 -14.88 59.59
C ASN E 291 -18.82 -14.15 58.30
N GLY E 292 -19.82 -13.48 57.72
CA GLY E 292 -19.61 -12.65 56.56
C GLY E 292 -19.56 -13.38 55.23
N VAL E 293 -19.82 -14.69 55.21
CA VAL E 293 -19.76 -15.48 53.99
C VAL E 293 -21.17 -16.00 53.71
N ASP E 294 -21.71 -15.64 52.54
CA ASP E 294 -23.05 -16.08 52.18
C ASP E 294 -23.07 -17.58 51.91
N GLY E 295 -23.99 -18.28 52.56
CA GLY E 295 -24.13 -19.71 52.38
C GLY E 295 -23.09 -20.56 53.09
N TYR E 296 -22.20 -19.94 53.88
CA TYR E 296 -21.17 -20.71 54.57
C TYR E 296 -20.95 -20.24 56.00
N ASP E 297 -21.78 -19.33 56.52
CA ASP E 297 -21.63 -18.87 57.89
C ASP E 297 -21.92 -20.01 58.86
N TYR E 298 -21.12 -20.08 59.92
CA TYR E 298 -21.27 -21.10 60.94
C TYR E 298 -21.33 -20.44 62.31
N SER E 299 -22.26 -20.89 63.14
CA SER E 299 -22.45 -20.33 64.48
C SER E 299 -21.92 -21.30 65.53
N ARG E 300 -21.63 -20.74 66.70
CA ARG E 300 -21.04 -21.54 67.78
C ARG E 300 -22.03 -22.58 68.31
N GLY E 301 -23.31 -22.21 68.42
CA GLY E 301 -24.31 -23.19 68.82
C GLY E 301 -24.57 -24.24 67.76
N GLN E 302 -24.30 -23.91 66.49
CA GLN E 302 -24.41 -24.90 65.43
C GLN E 302 -23.43 -26.04 65.65
N LEU E 303 -22.26 -25.75 66.23
CA LEU E 303 -21.32 -26.81 66.57
C LEU E 303 -21.93 -27.80 67.55
N ILE E 304 -22.57 -27.28 68.61
CA ILE E 304 -23.23 -28.14 69.58
C ILE E 304 -24.33 -28.95 68.92
N GLU E 305 -25.14 -28.29 68.08
CA GLU E 305 -26.24 -28.98 67.42
C GLU E 305 -25.73 -30.11 66.54
N ASP E 306 -24.69 -29.83 65.74
CA ASP E 306 -24.14 -30.84 64.85
C ASP E 306 -23.52 -32.00 65.62
N VAL E 307 -22.77 -31.70 66.69
CA VAL E 307 -22.16 -32.76 67.47
C VAL E 307 -23.23 -33.65 68.11
N GLU E 308 -24.27 -33.03 68.67
CA GLU E 308 -25.36 -33.80 69.27
C GLU E 308 -26.08 -34.66 68.23
N HIS E 309 -26.35 -34.09 67.05
CA HIS E 309 -27.04 -34.85 66.01
C HIS E 309 -26.19 -36.02 65.53
N THR E 310 -24.88 -35.80 65.35
CA THR E 310 -24.00 -36.88 64.93
C THR E 310 -23.91 -37.97 65.99
N PHE E 311 -23.83 -37.58 67.27
CA PHE E 311 -23.82 -38.58 68.32
C PHE E 311 -25.12 -39.37 68.36
N GLU E 312 -26.25 -38.70 68.15
CA GLU E 312 -27.53 -39.40 68.10
C GLU E 312 -27.57 -40.38 66.93
N GLU E 313 -27.01 -39.99 65.79
CA GLU E 313 -26.93 -40.93 64.66
C GLU E 313 -26.06 -42.14 65.00
N ILE E 314 -24.94 -41.90 65.69
CA ILE E 314 -24.05 -43.00 66.05
C ILE E 314 -24.62 -43.86 67.18
N LYS E 315 -25.61 -43.34 67.91
CA LYS E 315 -26.14 -44.02 69.09
C LYS E 315 -26.49 -45.49 68.88
N PRO E 316 -27.19 -45.90 67.81
CA PRO E 316 -27.41 -47.35 67.64
C PRO E 316 -26.12 -48.14 67.47
N LEU E 317 -25.19 -47.65 66.66
CA LEU E 317 -23.93 -48.35 66.45
C LEU E 317 -23.13 -48.44 67.76
N TYR E 318 -23.05 -47.34 68.50
CA TYR E 318 -22.31 -47.36 69.76
C TYR E 318 -23.00 -48.25 70.78
N GLU E 319 -24.33 -48.26 70.80
CA GLU E 319 -25.04 -49.15 71.72
C GLU E 319 -24.75 -50.61 71.41
N HIS E 320 -24.75 -50.97 70.12
CA HIS E 320 -24.43 -52.35 69.75
C HIS E 320 -22.98 -52.70 70.09
N LEU E 321 -22.05 -51.77 69.84
CA LEU E 321 -20.66 -52.03 70.17
C LEU E 321 -20.46 -52.18 71.68
N HIS E 322 -21.12 -51.32 72.47
CA HIS E 322 -21.04 -51.41 73.92
C HIS E 322 -21.63 -52.72 74.41
N ALA E 323 -22.76 -53.14 73.82
CA ALA E 323 -23.35 -54.42 74.20
C ALA E 323 -22.40 -55.58 73.91
N TYR E 324 -21.77 -55.56 72.73
CA TYR E 324 -20.83 -56.62 72.39
C TYR E 324 -19.63 -56.63 73.31
N VAL E 325 -19.08 -55.45 73.62
CA VAL E 325 -17.93 -55.37 74.51
C VAL E 325 -18.30 -55.87 75.90
N ARG E 326 -19.47 -55.47 76.40
CA ARG E 326 -19.93 -55.91 77.71
C ARG E 326 -20.12 -57.42 77.75
N ALA E 327 -20.69 -58.00 76.68
CA ALA E 327 -20.83 -59.44 76.60
C ALA E 327 -19.47 -60.13 76.61
N LYS E 328 -18.50 -59.57 75.85
CA LYS E 328 -17.15 -60.12 75.86
C LYS E 328 -16.50 -59.97 77.23
N LEU E 329 -16.70 -58.82 77.88
CA LEU E 329 -16.15 -58.59 79.21
C LEU E 329 -16.90 -59.40 80.26
N ALA E 332 -14.53 -61.44 80.51
CA ALA E 332 -13.34 -60.94 81.18
C ALA E 332 -13.64 -60.70 82.66
N TYR E 333 -14.62 -59.85 82.94
CA TYR E 333 -15.03 -59.52 84.30
C TYR E 333 -16.54 -59.64 84.43
N PRO E 334 -17.08 -60.87 84.31
CA PRO E 334 -18.53 -61.03 84.40
C PRO E 334 -19.10 -60.66 85.76
N SER E 335 -18.35 -60.91 86.84
CA SER E 335 -18.86 -60.63 88.18
C SER E 335 -19.03 -59.13 88.41
N TYR E 336 -18.06 -58.33 87.95
CA TYR E 336 -18.08 -56.89 88.18
C TYR E 336 -18.79 -56.12 87.08
N ILE E 337 -19.29 -56.80 86.05
CA ILE E 337 -19.97 -56.16 84.92
C ILE E 337 -21.31 -56.84 84.74
N SER E 338 -22.39 -56.15 85.07
CA SER E 338 -23.72 -56.69 84.83
C SER E 338 -23.99 -56.72 83.33
N PRO E 339 -24.63 -57.79 82.82
CA PRO E 339 -24.94 -57.83 81.38
C PRO E 339 -25.89 -56.74 80.93
N ILE E 340 -26.66 -56.16 81.85
CA ILE E 340 -27.57 -55.07 81.52
C ILE E 340 -26.97 -53.75 81.98
N GLY E 341 -26.12 -53.81 83.00
CA GLY E 341 -25.54 -52.61 83.56
C GLY E 341 -24.46 -52.02 82.68
N CYS E 342 -23.95 -50.87 83.14
CA CYS E 342 -22.93 -50.15 82.39
C CYS E 342 -21.56 -50.82 82.58
N LEU E 343 -20.53 -50.17 82.05
CA LEU E 343 -19.18 -50.71 82.17
C LEU E 343 -18.37 -49.93 83.19
N PRO E 344 -17.53 -50.60 83.98
CA PRO E 344 -16.66 -49.89 84.91
C PRO E 344 -15.70 -48.98 84.19
N ALA E 345 -15.41 -47.83 84.82
CA ALA E 345 -14.54 -46.85 84.20
C ALA E 345 -13.12 -47.37 84.04
N HIS E 346 -12.60 -48.07 85.05
CA HIS E 346 -11.24 -48.59 85.00
C HIS E 346 -11.11 -49.82 84.12
N LEU E 347 -12.20 -50.53 83.83
CA LEU E 347 -12.15 -51.75 83.03
C LEU E 347 -12.34 -51.48 81.54
N LEU E 348 -11.97 -50.28 81.08
CA LEU E 348 -12.10 -49.91 79.68
C LEU E 348 -10.75 -49.68 79.02
N GLY E 349 -9.66 -50.10 79.64
CA GLY E 349 -8.33 -49.91 79.09
C GLY E 349 -7.64 -48.63 79.49
N ASP E 350 -8.33 -47.74 80.21
CA ASP E 350 -7.74 -46.49 80.65
C ASP E 350 -8.56 -45.97 81.82
N MET E 351 -8.04 -44.91 82.46
CA MET E 351 -8.74 -44.33 83.61
C MET E 351 -10.08 -43.73 83.21
N TRP E 352 -10.12 -43.03 82.08
CA TRP E 352 -11.32 -42.33 81.66
C TRP E 352 -12.18 -43.14 80.70
N GLY E 353 -11.75 -44.34 80.34
CA GLY E 353 -12.49 -45.14 79.37
C GLY E 353 -12.53 -44.53 77.98
N ARG E 354 -11.53 -43.71 77.64
CA ARG E 354 -11.53 -43.02 76.36
C ARG E 354 -11.36 -44.01 75.21
N PHE E 355 -10.36 -44.87 75.28
CA PHE E 355 -10.07 -45.83 74.23
C PHE E 355 -10.30 -47.24 74.73
N TRP E 356 -11.07 -48.01 73.98
CA TRP E 356 -11.36 -49.40 74.32
C TRP E 356 -10.53 -50.38 73.52
N THR E 357 -9.50 -49.88 72.81
CA THR E 357 -8.62 -50.77 72.05
C THR E 357 -7.85 -51.71 72.97
N ASN E 358 -7.56 -51.27 74.19
CA ASN E 358 -6.92 -52.15 75.16
C ASN E 358 -7.82 -53.32 75.56
N LEU E 359 -9.12 -53.20 75.36
CA LEU E 359 -10.06 -54.29 75.56
C LEU E 359 -10.20 -55.16 74.32
N TYR E 360 -9.48 -54.84 73.24
CA TYR E 360 -9.61 -55.62 72.01
C TYR E 360 -9.25 -57.08 72.23
N SER E 361 -8.16 -57.33 72.97
CA SER E 361 -7.82 -58.71 73.31
C SER E 361 -8.94 -59.38 74.08
N LEU E 362 -9.66 -58.64 74.91
CA LEU E 362 -10.82 -59.15 75.61
C LEU E 362 -12.10 -59.08 74.78
N THR E 363 -12.09 -58.33 73.67
CA THR E 363 -13.28 -58.18 72.84
C THR E 363 -13.00 -58.51 71.37
N VAL E 364 -12.00 -59.33 71.10
CA VAL E 364 -11.69 -59.70 69.71
C VAL E 364 -12.82 -60.54 69.14
N PRO E 365 -13.30 -60.24 67.93
CA PRO E 365 -14.38 -61.06 67.34
C PRO E 365 -13.95 -62.50 67.09
N PHE E 366 -12.78 -62.67 66.49
CA PHE E 366 -12.24 -63.99 66.17
C PHE E 366 -10.75 -63.99 66.55
N GLY E 367 -10.43 -64.65 67.66
CA GLY E 367 -9.06 -64.65 68.14
C GLY E 367 -8.11 -65.47 67.31
N GLN E 368 -8.61 -66.43 66.55
CA GLN E 368 -7.74 -67.28 65.72
C GLN E 368 -7.31 -66.59 64.44
N LYS E 369 -7.97 -65.51 64.05
CA LYS E 369 -7.61 -64.80 62.82
C LYS E 369 -6.40 -63.91 63.07
N PRO E 370 -5.30 -64.08 62.36
CA PRO E 370 -4.14 -63.20 62.55
C PRO E 370 -4.43 -61.78 62.11
N ASN E 371 -3.79 -60.83 62.78
CA ASN E 371 -3.93 -59.42 62.46
C ASN E 371 -2.96 -59.02 61.35
N ILE E 372 -3.39 -58.07 60.53
CA ILE E 372 -2.55 -57.61 59.42
C ILE E 372 -1.40 -56.80 59.98
N ASP E 373 -0.18 -57.30 59.82
CA ASP E 373 1.01 -56.60 60.28
C ASP E 373 2.15 -56.95 59.32
N VAL E 374 2.65 -55.94 58.61
CA VAL E 374 3.75 -56.13 57.68
C VAL E 374 5.09 -55.77 58.32
N THR E 375 5.15 -55.70 59.65
CA THR E 375 6.40 -55.38 60.33
C THR E 375 7.45 -56.47 60.08
N ASP E 376 7.04 -57.73 60.11
CA ASP E 376 7.98 -58.83 59.87
C ASP E 376 8.58 -58.74 58.47
N ALA E 377 7.74 -58.47 57.47
CA ALA E 377 8.25 -58.32 56.10
C ALA E 377 9.13 -57.08 55.98
N MET E 378 8.78 -56.01 56.68
CA MET E 378 9.61 -54.81 56.66
C MET E 378 11.00 -55.10 57.23
N VAL E 379 11.07 -55.89 58.30
CA VAL E 379 12.36 -56.35 58.81
C VAL E 379 13.06 -57.22 57.78
N ASP E 380 12.31 -58.10 57.12
CA ASP E 380 12.88 -58.92 56.06
C ASP E 380 13.36 -58.07 54.90
N GLN E 381 12.60 -57.02 54.55
CA GLN E 381 12.99 -56.09 53.50
C GLN E 381 13.94 -55.02 53.99
N ALA E 382 14.32 -55.05 55.28
CA ALA E 382 15.30 -54.12 55.84
C ALA E 382 14.87 -52.67 55.70
N TRP E 383 13.56 -52.43 55.86
CA TRP E 383 13.06 -51.05 55.86
C TRP E 383 13.40 -50.37 57.17
N ASP E 384 13.82 -49.11 57.07
CA ASP E 384 14.08 -48.29 58.26
C ASP E 384 13.30 -46.98 58.17
N ALA E 385 13.62 -46.04 59.05
CA ALA E 385 12.90 -44.77 59.05
C ALA E 385 13.03 -44.06 57.71
N GLN E 386 14.25 -44.01 57.16
CA GLN E 386 14.45 -43.35 55.87
C GLN E 386 13.70 -44.09 54.76
N ARG E 387 13.73 -45.42 54.78
CA ARG E 387 13.00 -46.19 53.76
C ARG E 387 11.50 -45.99 53.89
N ILE E 388 10.98 -45.97 55.11
CA ILE E 388 9.55 -45.74 55.32
C ILE E 388 9.16 -44.35 54.82
N PHE E 389 9.98 -43.35 55.13
CA PHE E 389 9.69 -41.99 54.68
C PHE E 389 9.76 -41.90 53.15
N LYS E 390 10.73 -42.58 52.53
CA LYS E 390 10.82 -42.57 51.08
C LYS E 390 9.62 -43.24 50.43
N GLU E 391 9.18 -44.37 50.98
CA GLU E 391 8.00 -45.04 50.44
C GLU E 391 6.76 -44.19 50.62
N ALA E 392 6.64 -43.51 51.76
CA ALA E 392 5.51 -42.61 51.96
C ALA E 392 5.54 -41.46 50.97
N GLU E 393 6.72 -40.88 50.72
CA GLU E 393 6.82 -39.82 49.73
C GLU E 393 6.46 -40.32 48.34
N LYS E 394 6.88 -41.55 48.00
CA LYS E 394 6.49 -42.14 46.72
C LYS E 394 4.98 -42.30 46.64
N PHE E 395 4.35 -42.73 47.73
CA PHE E 395 2.89 -42.85 47.76
C PHE E 395 2.23 -41.49 47.57
N PHE E 396 2.75 -40.46 48.25
CA PHE E 396 2.17 -39.12 48.12
C PHE E 396 2.32 -38.59 46.70
N VAL E 397 3.46 -38.87 46.06
CA VAL E 397 3.62 -38.47 44.67
C VAL E 397 2.67 -39.26 43.77
N SER E 398 2.41 -40.52 44.11
CA SER E 398 1.53 -41.35 43.31
C SER E 398 0.11 -40.77 43.27
N VAL E 399 -0.38 -40.29 44.41
CA VAL E 399 -1.70 -39.68 44.44
C VAL E 399 -1.74 -38.32 43.76
N GLY E 400 -0.58 -37.76 43.42
CA GLY E 400 -0.51 -36.51 42.69
C GLY E 400 0.13 -35.36 43.44
N LEU E 401 0.40 -35.52 44.73
CA LEU E 401 1.02 -34.45 45.49
C LEU E 401 2.47 -34.25 45.06
N PRO E 402 3.00 -33.03 45.13
CA PRO E 402 4.35 -32.77 44.66
C PRO E 402 5.40 -33.46 45.50
N ASN E 403 6.57 -33.68 44.89
CA ASN E 403 7.67 -34.33 45.58
C ASN E 403 8.13 -33.49 46.76
N MET E 404 8.55 -34.16 47.82
CA MET E 404 8.88 -33.52 49.09
C MET E 404 10.33 -33.05 49.09
N THR E 405 10.61 -32.03 49.91
CA THR E 405 11.88 -31.34 49.86
C THR E 405 13.02 -32.20 50.42
N GLN E 406 14.24 -31.84 50.02
CA GLN E 406 15.44 -32.50 50.50
C GLN E 406 16.00 -31.88 51.77
N GLY E 407 15.77 -30.57 51.97
CA GLY E 407 16.14 -29.96 53.24
C GLY E 407 15.47 -30.63 54.42
N PHE E 408 14.28 -31.20 54.19
CA PHE E 408 13.66 -32.06 55.19
C PHE E 408 14.59 -33.20 55.57
N TRP E 409 15.10 -33.93 54.57
CA TRP E 409 15.98 -35.05 54.86
C TRP E 409 17.25 -34.58 55.55
N GLU E 410 17.79 -33.44 55.13
CA GLU E 410 19.03 -32.97 55.71
C GLU E 410 18.85 -32.35 57.09
N ASN E 411 17.61 -32.06 57.50
CA ASN E 411 17.37 -31.40 58.77
C ASN E 411 16.47 -32.18 59.72
N SER E 412 15.49 -32.92 59.20
CA SER E 412 14.54 -33.60 60.08
C SER E 412 15.21 -34.79 60.77
N MET E 413 14.76 -35.07 62.00
CA MET E 413 15.22 -36.22 62.76
C MET E 413 14.20 -37.33 62.64
N LEU E 414 14.63 -38.49 62.13
CA LEU E 414 13.73 -39.61 61.92
C LEU E 414 13.95 -40.76 62.89
N THR E 415 15.19 -41.01 63.30
CA THR E 415 15.52 -42.07 64.24
C THR E 415 15.91 -41.46 65.58
N ASP E 416 16.21 -42.33 66.54
CA ASP E 416 16.70 -41.89 67.83
C ASP E 416 18.14 -41.40 67.69
N PRO E 417 18.44 -40.15 68.04
CA PRO E 417 19.80 -39.60 67.87
C PRO E 417 20.79 -40.09 68.94
N GLY E 418 20.91 -41.41 69.07
CA GLY E 418 21.80 -41.97 70.06
C GLY E 418 21.33 -41.69 71.47
N ASN E 419 22.29 -41.65 72.39
CA ASN E 419 22.00 -41.38 73.80
C ASN E 419 22.79 -40.22 74.37
N VAL E 420 23.76 -39.67 73.62
CA VAL E 420 24.51 -38.52 74.12
C VAL E 420 23.59 -37.32 74.27
N GLN E 421 22.72 -37.09 73.29
CA GLN E 421 21.71 -36.05 73.36
C GLN E 421 20.32 -36.66 73.46
N LYS E 422 19.46 -36.02 74.23
CA LYS E 422 18.10 -36.49 74.43
C LYS E 422 17.16 -35.72 73.50
N ALA E 423 16.30 -36.45 72.81
CA ALA E 423 15.37 -35.87 71.86
C ALA E 423 13.96 -36.33 72.17
N VAL E 424 12.99 -35.48 71.84
CA VAL E 424 11.59 -35.79 72.07
C VAL E 424 11.15 -36.83 71.04
N CYS E 425 10.62 -37.96 71.52
CA CYS E 425 10.16 -39.03 70.65
C CYS E 425 8.70 -38.90 70.27
N HIS E 426 8.02 -37.85 70.73
CA HIS E 426 6.62 -37.67 70.37
C HIS E 426 6.50 -37.39 68.88
N PRO E 427 5.55 -38.01 68.20
CA PRO E 427 5.37 -37.77 66.76
C PRO E 427 4.96 -36.33 66.48
N THR E 428 5.82 -35.55 65.82
CA THR E 428 5.49 -34.17 65.52
C THR E 428 5.85 -33.84 64.08
N ALA E 429 5.04 -32.98 63.47
CA ALA E 429 5.31 -32.42 62.15
C ALA E 429 5.57 -30.94 62.32
N TRP E 430 6.84 -30.54 62.21
CA TRP E 430 7.27 -29.19 62.50
C TRP E 430 7.14 -28.33 61.25
N ASP E 431 6.22 -27.37 61.29
CA ASP E 431 6.13 -26.33 60.26
C ASP E 431 6.80 -25.08 60.84
N LEU E 432 8.13 -25.05 60.71
CA LEU E 432 8.93 -24.02 61.34
C LEU E 432 8.75 -22.64 60.71
N GLY E 433 8.07 -22.56 59.57
CA GLY E 433 7.86 -21.29 58.90
C GLY E 433 8.94 -20.96 57.90
N LYS E 434 8.63 -20.00 57.03
CA LYS E 434 9.53 -19.56 55.96
C LYS E 434 9.96 -20.73 55.09
N GLY E 435 9.04 -21.67 54.86
CA GLY E 435 9.29 -22.81 54.02
C GLY E 435 9.98 -23.98 54.70
N ASP E 436 10.14 -23.95 56.02
CA ASP E 436 10.85 -25.00 56.74
C ASP E 436 9.86 -26.05 57.21
N PHE E 437 9.99 -27.28 56.69
CA PHE E 437 9.13 -28.39 57.06
C PHE E 437 9.99 -29.57 57.48
N ARG E 438 9.74 -30.09 58.68
CA ARG E 438 10.48 -31.21 59.22
C ARG E 438 9.52 -32.15 59.93
N ILE E 439 10.01 -33.34 60.26
CA ILE E 439 9.24 -34.31 61.04
C ILE E 439 10.14 -34.85 62.14
N LEU E 440 9.69 -34.74 63.38
CA LEU E 440 10.42 -35.27 64.53
C LEU E 440 9.75 -36.56 64.99
N MET E 441 10.49 -37.66 64.90
CA MET E 441 10.01 -38.98 65.25
C MET E 441 11.18 -39.81 65.77
N CYS E 442 10.87 -40.75 66.66
CA CYS E 442 11.78 -41.85 66.98
C CYS E 442 11.20 -43.07 66.28
N THR E 443 11.49 -43.18 64.99
CA THR E 443 10.85 -44.18 64.14
C THR E 443 11.58 -45.52 64.24
N LYS E 444 10.85 -46.57 64.59
CA LYS E 444 11.34 -47.94 64.58
C LYS E 444 10.71 -48.68 63.39
N VAL E 445 11.12 -49.93 63.23
CA VAL E 445 10.64 -50.75 62.10
C VAL E 445 9.37 -51.44 62.59
N THR E 446 8.26 -50.72 62.50
CA THR E 446 6.95 -51.24 62.87
C THR E 446 5.90 -50.67 61.92
N MET E 447 4.78 -51.40 61.81
CA MET E 447 3.66 -50.88 61.02
C MET E 447 3.03 -49.66 61.68
N ASP E 448 3.02 -49.63 63.02
CA ASP E 448 2.50 -48.46 63.72
C ASP E 448 3.34 -47.22 63.41
N ASP E 449 4.66 -47.36 63.42
CA ASP E 449 5.51 -46.23 63.04
C ASP E 449 5.36 -45.90 61.57
N PHE E 450 5.10 -46.90 60.72
CA PHE E 450 4.79 -46.64 59.31
C PHE E 450 3.60 -45.71 59.19
N LEU E 451 2.49 -46.06 59.85
CA LEU E 451 1.29 -45.24 59.78
C LEU E 451 1.49 -43.87 60.41
N THR E 452 2.21 -43.82 61.55
CA THR E 452 2.45 -42.54 62.20
C THR E 452 3.30 -41.61 61.35
N ALA E 453 4.33 -42.17 60.70
CA ALA E 453 5.16 -41.37 59.81
C ALA E 453 4.35 -40.86 58.62
N HIS E 454 3.48 -41.71 58.06
CA HIS E 454 2.63 -41.26 56.97
C HIS E 454 1.67 -40.17 57.43
N HIS E 455 1.17 -40.28 58.67
CA HIS E 455 0.32 -39.24 59.24
C HIS E 455 1.08 -37.91 59.37
N GLU E 456 2.32 -37.97 59.86
CA GLU E 456 3.11 -36.75 60.00
C GLU E 456 3.47 -36.16 58.64
N MET E 457 3.71 -37.01 57.64
CA MET E 457 3.98 -36.53 56.30
C MET E 457 2.74 -35.91 55.64
N GLY E 458 1.56 -36.45 55.92
CA GLY E 458 0.34 -35.77 55.50
C GLY E 458 0.18 -34.42 56.17
N HIS E 459 0.52 -34.35 57.45
CA HIS E 459 0.55 -33.07 58.15
C HIS E 459 1.48 -32.09 57.45
N ILE E 460 2.67 -32.54 57.09
CA ILE E 460 3.66 -31.67 56.47
C ILE E 460 3.21 -31.23 55.08
N GLN E 461 2.58 -32.14 54.33
CA GLN E 461 2.04 -31.78 53.03
C GLN E 461 0.95 -30.72 53.16
N TYR E 462 0.08 -30.88 54.15
CA TYR E 462 -0.94 -29.85 54.39
C TYR E 462 -0.29 -28.52 54.78
N ASP E 463 0.73 -28.56 55.63
CA ASP E 463 1.40 -27.34 56.07
C ASP E 463 2.05 -26.62 54.89
N MET E 464 2.72 -27.37 54.02
CA MET E 464 3.37 -26.75 52.86
C MET E 464 2.34 -26.32 51.82
N ALA E 465 1.16 -26.93 51.84
CA ALA E 465 0.12 -26.55 50.88
C ALA E 465 -0.33 -25.11 51.10
N TYR E 466 -0.57 -24.73 52.35
CA TYR E 466 -0.95 -23.36 52.67
C TYR E 466 0.24 -22.51 53.08
N ALA E 467 1.45 -22.90 52.71
CA ALA E 467 2.62 -22.10 53.01
C ALA E 467 2.61 -20.78 52.26
N ALA E 468 2.03 -20.76 51.06
CA ALA E 468 1.95 -19.53 50.28
C ALA E 468 1.02 -18.50 50.93
N GLN E 469 0.17 -18.92 51.86
CA GLN E 469 -0.69 -18.00 52.57
C GLN E 469 0.14 -17.09 53.49
N PRO E 470 -0.41 -15.94 53.88
CA PRO E 470 0.29 -15.10 54.86
C PRO E 470 0.42 -15.82 56.20
N PHE E 471 1.20 -15.22 57.09
CA PHE E 471 1.56 -15.88 58.35
C PHE E 471 0.33 -16.23 59.17
N LEU E 472 -0.66 -15.32 59.20
CA LEU E 472 -1.88 -15.61 59.94
C LEU E 472 -2.66 -16.76 59.31
N LEU E 473 -2.57 -16.94 58.00
CA LEU E 473 -3.31 -17.97 57.30
C LEU E 473 -2.49 -19.23 57.05
N ARG E 474 -1.27 -19.31 57.58
CA ARG E 474 -0.44 -20.51 57.46
C ARG E 474 -0.79 -21.51 58.57
N ASN E 475 -2.04 -21.98 58.53
CA ASN E 475 -2.53 -22.93 59.52
C ASN E 475 -3.74 -23.65 58.93
N GLY E 476 -4.15 -24.72 59.59
CA GLY E 476 -5.30 -25.46 59.15
C GLY E 476 -6.59 -24.68 59.31
N ALA E 477 -7.65 -25.19 58.66
CA ALA E 477 -8.95 -24.53 58.72
C ALA E 477 -9.46 -24.45 60.15
N ASN E 478 -9.32 -25.54 60.90
CA ASN E 478 -9.67 -25.55 62.32
C ASN E 478 -8.76 -26.56 63.02
N GLU E 479 -9.09 -26.88 64.26
CA GLU E 479 -8.29 -27.81 65.05
C GLU E 479 -8.42 -29.24 64.55
N GLY E 480 -9.40 -29.53 63.71
CA GLY E 480 -9.62 -30.88 63.22
C GLY E 480 -9.37 -31.14 61.75
N PHE E 481 -8.78 -30.19 61.02
CA PHE E 481 -8.57 -30.37 59.59
C PHE E 481 -7.25 -31.06 59.27
N HIS E 482 -6.15 -30.58 59.85
CA HIS E 482 -4.85 -31.20 59.59
C HIS E 482 -4.82 -32.64 60.08
N GLU E 483 -5.35 -32.89 61.28
CA GLU E 483 -5.39 -34.23 61.81
C GLU E 483 -6.24 -35.15 60.94
N ALA E 484 -7.29 -34.61 60.32
CA ALA E 484 -8.08 -35.41 59.40
C ALA E 484 -7.25 -35.86 58.19
N VAL E 485 -6.44 -34.95 57.65
CA VAL E 485 -5.59 -35.30 56.51
C VAL E 485 -4.56 -36.35 56.93
N GLY E 486 -3.94 -36.16 58.10
CA GLY E 486 -2.99 -37.15 58.58
C GLY E 486 -3.62 -38.51 58.77
N GLU E 487 -4.82 -38.54 59.36
CA GLU E 487 -5.49 -39.81 59.60
C GLU E 487 -5.89 -40.50 58.31
N ILE E 488 -6.39 -39.75 57.33
CA ILE E 488 -6.79 -40.39 56.08
C ILE E 488 -5.57 -40.89 55.32
N MET E 489 -4.45 -40.15 55.39
CA MET E 489 -3.23 -40.65 54.76
C MET E 489 -2.73 -41.91 55.45
N SER E 490 -2.78 -41.96 56.78
CA SER E 490 -2.37 -43.16 57.50
C SER E 490 -3.28 -44.35 57.16
N LEU E 491 -4.59 -44.10 57.08
CA LEU E 491 -5.53 -45.18 56.74
C LEU E 491 -5.30 -45.69 55.33
N SER E 492 -5.04 -44.79 54.38
CA SER E 492 -4.71 -45.21 53.03
C SER E 492 -3.41 -46.02 53.02
N ALA E 493 -2.45 -45.63 53.85
CA ALA E 493 -1.23 -46.41 54.00
C ALA E 493 -1.47 -47.73 54.73
N ALA E 494 -2.56 -47.84 55.49
CA ALA E 494 -2.87 -49.03 56.25
C ALA E 494 -3.70 -50.05 55.47
N THR E 495 -4.14 -49.70 54.26
CA THR E 495 -4.96 -50.62 53.49
C THR E 495 -4.12 -51.82 53.03
N PRO E 496 -4.70 -53.02 53.01
CA PRO E 496 -3.95 -54.18 52.52
C PRO E 496 -3.51 -54.05 51.08
N LYS E 497 -4.27 -53.32 50.25
CA LYS E 497 -3.88 -53.13 48.86
C LYS E 497 -2.57 -52.37 48.76
N HIS E 498 -2.41 -51.31 49.55
CA HIS E 498 -1.16 -50.55 49.54
C HIS E 498 0.02 -51.41 50.00
N LEU E 499 -0.19 -52.20 51.06
CA LEU E 499 0.88 -53.05 51.56
C LEU E 499 1.28 -54.11 50.54
N LYS E 500 0.30 -54.69 49.85
CA LYS E 500 0.61 -55.69 48.83
C LYS E 500 1.30 -55.06 47.63
N SER E 501 0.90 -53.83 47.26
CA SER E 501 1.49 -53.18 46.09
C SER E 501 2.97 -52.90 46.29
N ILE E 502 3.36 -52.44 47.49
CA ILE E 502 4.76 -52.15 47.77
C ILE E 502 5.54 -53.36 48.25
N GLY E 503 4.91 -54.53 48.32
CA GLY E 503 5.57 -55.75 48.73
C GLY E 503 5.59 -56.02 50.21
N LEU E 504 5.11 -55.09 51.04
CA LEU E 504 5.09 -55.32 52.48
C LEU E 504 4.17 -56.48 52.84
N LEU E 505 3.02 -56.57 52.19
CA LEU E 505 2.10 -57.67 52.39
C LEU E 505 2.25 -58.65 51.23
N SER E 506 2.52 -59.91 51.56
CA SER E 506 2.76 -60.90 50.52
C SER E 506 1.49 -61.14 49.71
N PRO E 507 1.62 -61.40 48.40
CA PRO E 507 0.42 -61.58 47.57
C PRO E 507 -0.45 -62.75 48.01
N ASP E 508 0.14 -63.81 48.57
CA ASP E 508 -0.63 -64.96 48.99
C ASP E 508 -1.57 -64.67 50.16
N PHE E 509 -1.39 -63.55 50.84
CA PHE E 509 -2.28 -63.20 51.95
C PHE E 509 -3.70 -63.00 51.44
N GLN E 510 -4.66 -63.58 52.13
CA GLN E 510 -6.06 -63.54 51.75
C GLN E 510 -6.84 -62.65 52.71
N GLU E 511 -7.89 -62.03 52.18
CA GLU E 511 -8.77 -61.15 52.94
C GLU E 511 -10.14 -61.81 53.05
N ASP E 512 -10.47 -62.28 54.25
CA ASP E 512 -11.73 -62.95 54.50
C ASP E 512 -12.65 -62.06 55.33
N ASN E 513 -13.89 -62.51 55.49
CA ASN E 513 -14.87 -61.74 56.25
C ASN E 513 -14.48 -61.61 57.71
N GLU E 514 -13.92 -62.67 58.30
CA GLU E 514 -13.54 -62.61 59.71
C GLU E 514 -12.43 -61.60 59.95
N THR E 515 -11.43 -61.57 59.06
CA THR E 515 -10.36 -60.60 59.19
C THR E 515 -10.88 -59.18 59.01
N GLU E 516 -11.78 -58.98 58.05
CA GLU E 516 -12.38 -57.67 57.86
C GLU E 516 -13.17 -57.23 59.09
N ILE E 517 -13.91 -58.16 59.69
CA ILE E 517 -14.66 -57.85 60.91
C ILE E 517 -13.73 -57.49 62.05
N ASN E 518 -12.62 -58.23 62.20
CA ASN E 518 -11.64 -57.90 63.23
C ASN E 518 -11.06 -56.51 63.02
N PHE E 519 -10.70 -56.20 61.76
CA PHE E 519 -10.15 -54.88 61.46
C PHE E 519 -11.16 -53.78 61.74
N LEU E 520 -12.42 -53.99 61.33
CA LEU E 520 -13.45 -53.00 61.56
C LEU E 520 -13.70 -52.79 63.05
N LEU E 521 -13.74 -53.87 63.83
CA LEU E 521 -13.97 -53.76 65.26
C LEU E 521 -12.81 -53.06 65.96
N LYS E 522 -11.58 -53.36 65.56
CA LYS E 522 -10.44 -52.66 66.14
C LYS E 522 -10.46 -51.18 65.79
N GLN E 523 -10.79 -50.85 64.55
CA GLN E 523 -10.92 -49.45 64.16
C GLN E 523 -12.04 -48.78 64.94
N ALA E 524 -13.13 -49.49 65.20
CA ALA E 524 -14.21 -48.94 65.99
C ALA E 524 -13.76 -48.64 67.41
N LEU E 525 -13.14 -49.63 68.07
CA LEU E 525 -12.64 -49.40 69.43
C LEU E 525 -11.64 -48.26 69.47
N THR E 526 -10.87 -48.06 68.40
CA THR E 526 -9.90 -46.97 68.37
C THR E 526 -10.57 -45.62 68.16
N ILE E 527 -11.57 -45.53 67.28
CA ILE E 527 -12.10 -44.26 66.83
C ILE E 527 -13.44 -43.94 67.49
N VAL E 528 -14.44 -44.80 67.27
CA VAL E 528 -15.78 -44.54 67.79
C VAL E 528 -15.89 -44.89 69.28
N GLY E 529 -14.87 -45.50 69.86
CA GLY E 529 -14.88 -45.75 71.30
C GLY E 529 -14.84 -44.46 72.09
N THR E 530 -14.06 -43.49 71.64
CA THR E 530 -13.94 -42.22 72.34
C THR E 530 -14.98 -41.19 71.91
N LEU E 531 -15.71 -41.44 70.83
CA LEU E 531 -16.69 -40.45 70.36
C LEU E 531 -17.78 -40.17 71.39
N PRO E 532 -18.42 -41.17 72.01
CA PRO E 532 -19.33 -40.85 73.13
C PRO E 532 -18.62 -40.19 74.30
N PHE E 533 -17.40 -40.64 74.62
CA PHE E 533 -16.64 -40.02 75.69
C PHE E 533 -16.30 -38.57 75.34
N THR E 534 -15.87 -38.32 74.10
CA THR E 534 -15.59 -36.95 73.69
C THR E 534 -16.85 -36.09 73.76
N TYR E 535 -17.97 -36.62 73.29
CA TYR E 535 -19.22 -35.85 73.31
C TYR E 535 -19.62 -35.50 74.74
N MET E 536 -19.61 -36.48 75.63
CA MET E 536 -20.02 -36.22 77.01
C MET E 536 -19.06 -35.28 77.74
N LEU E 537 -17.75 -35.45 77.53
CA LEU E 537 -16.80 -34.54 78.18
C LEU E 537 -16.94 -33.13 77.65
N GLU E 538 -17.13 -32.97 76.34
CA GLU E 538 -17.29 -31.63 75.78
C GLU E 538 -18.59 -30.99 76.25
N LYS E 539 -19.67 -31.79 76.36
CA LYS E 539 -20.92 -31.26 76.87
C LYS E 539 -20.78 -30.85 78.33
N TRP E 540 -20.08 -31.66 79.12
CA TRP E 540 -19.81 -31.30 80.52
C TRP E 540 -19.03 -30.01 80.61
N ARG E 541 -18.00 -29.85 79.77
CA ARG E 541 -17.21 -28.63 79.78
C ARG E 541 -18.05 -27.42 79.37
N TRP E 542 -18.91 -27.59 78.36
CA TRP E 542 -19.79 -26.52 77.94
C TRP E 542 -20.73 -26.10 79.05
N MET E 543 -21.34 -27.07 79.72
CA MET E 543 -22.28 -26.74 80.80
C MET E 543 -21.55 -26.17 82.02
N VAL E 544 -20.33 -26.63 82.28
CA VAL E 544 -19.55 -26.11 83.40
C VAL E 544 -19.17 -24.66 83.14
N PHE E 545 -18.72 -24.34 81.93
CA PHE E 545 -18.37 -22.97 81.60
C PHE E 545 -19.61 -22.08 81.59
N LYS E 546 -20.72 -22.57 81.02
CA LYS E 546 -21.94 -21.78 81.01
C LYS E 546 -22.61 -21.75 82.39
N GLY E 547 -22.32 -22.73 83.23
CA GLY E 547 -22.77 -22.72 84.61
C GLY E 547 -24.07 -23.45 84.90
N GLU E 548 -24.56 -24.27 83.96
CA GLU E 548 -25.79 -25.02 84.23
C GLU E 548 -25.61 -26.02 85.37
N ILE E 549 -24.48 -26.72 85.41
CA ILE E 549 -24.22 -27.73 86.42
C ILE E 549 -23.73 -27.02 87.69
N PRO E 550 -24.43 -27.13 88.81
CA PRO E 550 -23.92 -26.57 90.06
C PRO E 550 -22.68 -27.31 90.52
N LYS E 551 -21.84 -26.60 91.27
CA LYS E 551 -20.60 -27.19 91.77
C LYS E 551 -20.87 -28.44 92.60
N ASP E 552 -21.79 -28.33 93.57
CA ASP E 552 -22.12 -29.44 94.46
C ASP E 552 -22.82 -30.57 93.71
N GLN E 553 -22.96 -30.43 92.39
CA GLN E 553 -23.52 -31.48 91.56
C GLN E 553 -22.61 -31.87 90.41
N TRP E 554 -21.46 -31.20 90.23
CA TRP E 554 -20.61 -31.42 89.07
C TRP E 554 -20.35 -32.91 88.83
N MET E 555 -19.67 -33.56 89.77
CA MET E 555 -19.41 -34.99 89.64
C MET E 555 -20.72 -35.77 89.56
N LYS E 556 -21.70 -35.38 90.37
CA LYS E 556 -23.00 -36.05 90.33
C LYS E 556 -23.60 -36.00 88.93
N LYS E 557 -23.35 -34.91 88.19
CA LYS E 557 -23.81 -34.87 86.81
C LYS E 557 -22.99 -35.82 85.93
N TRP E 558 -21.66 -35.78 86.09
CA TRP E 558 -20.77 -36.54 85.22
C TRP E 558 -21.15 -38.01 85.20
N TRP E 559 -21.09 -38.67 86.36
CA TRP E 559 -21.40 -40.09 86.43
C TRP E 559 -22.82 -40.40 86.00
N GLU E 560 -23.71 -39.40 85.99
CA GLU E 560 -25.01 -39.60 85.37
C GLU E 560 -24.87 -39.90 83.89
N MET E 561 -24.33 -38.95 83.13
CA MET E 561 -24.25 -39.13 81.68
C MET E 561 -23.24 -40.21 81.31
N LYS E 562 -22.24 -40.43 82.15
CA LYS E 562 -21.36 -41.58 81.97
C LYS E 562 -22.18 -42.87 81.88
N ARG E 563 -23.19 -43.00 82.73
CA ARG E 563 -24.07 -44.16 82.65
C ARG E 563 -25.03 -44.07 81.47
N GLU E 564 -25.35 -42.87 81.00
CA GLU E 564 -26.34 -42.66 79.94
C GLU E 564 -25.68 -42.43 78.58
N ILE E 565 -24.83 -41.41 78.47
CA ILE E 565 -24.23 -41.09 77.18
C ILE E 565 -23.25 -42.18 76.76
N VAL E 566 -22.39 -42.61 77.68
CA VAL E 566 -21.34 -43.57 77.36
C VAL E 566 -21.66 -44.98 77.82
N GLY E 567 -22.63 -45.16 78.71
CA GLY E 567 -22.85 -46.46 79.30
C GLY E 567 -21.68 -46.92 80.14
N VAL E 568 -21.06 -45.99 80.87
CA VAL E 568 -19.89 -46.28 81.70
C VAL E 568 -20.22 -45.89 83.14
N VAL E 569 -20.02 -46.81 84.07
CA VAL E 569 -20.36 -46.60 85.46
C VAL E 569 -19.08 -46.60 86.29
N GLU E 570 -18.98 -45.66 87.21
CA GLU E 570 -17.82 -45.61 88.09
C GLU E 570 -17.80 -46.83 89.01
N PRO E 571 -16.68 -47.53 89.13
CA PRO E 571 -16.64 -48.68 90.05
C PRO E 571 -16.91 -48.32 91.50
N VAL E 572 -16.47 -47.13 91.94
CA VAL E 572 -16.76 -46.66 93.29
C VAL E 572 -17.28 -45.23 93.19
N PRO E 573 -18.18 -44.80 94.07
CA PRO E 573 -18.74 -43.46 93.96
C PRO E 573 -17.71 -42.37 94.22
N HIS E 574 -17.89 -41.24 93.54
CA HIS E 574 -17.04 -40.07 93.71
C HIS E 574 -17.92 -38.87 94.04
N ASP E 575 -17.56 -38.15 95.09
CA ASP E 575 -18.28 -36.96 95.47
C ASP E 575 -17.71 -35.75 94.74
N GLU E 576 -18.20 -34.56 95.09
CA GLU E 576 -17.82 -33.35 94.39
C GLU E 576 -16.37 -32.93 94.66
N THR E 577 -15.76 -33.47 95.71
CA THR E 577 -14.35 -33.20 95.93
C THR E 577 -13.50 -33.75 94.79
N TYR E 578 -13.93 -34.85 94.18
CA TYR E 578 -13.25 -35.37 93.01
C TYR E 578 -13.38 -34.42 91.83
N CYS E 579 -12.32 -34.37 91.01
CA CYS E 579 -12.31 -33.64 89.75
C CYS E 579 -11.88 -34.57 88.63
N ASP E 580 -12.57 -35.70 88.54
CA ASP E 580 -12.24 -36.73 87.55
C ASP E 580 -12.14 -36.21 86.12
N PRO E 581 -13.02 -35.33 85.62
CA PRO E 581 -12.78 -34.77 84.28
C PRO E 581 -11.42 -34.11 84.15
N ALA E 582 -10.98 -33.38 85.17
CA ALA E 582 -9.66 -32.75 85.14
C ALA E 582 -8.53 -33.76 85.23
N SER E 583 -8.82 -35.02 85.52
CA SER E 583 -7.79 -36.05 85.50
C SER E 583 -7.27 -36.30 84.09
N LEU E 584 -7.96 -35.80 83.07
CA LEU E 584 -7.52 -35.93 81.69
C LEU E 584 -6.59 -34.78 81.31
N PHE E 585 -5.80 -35.00 80.26
CA PHE E 585 -4.80 -34.02 79.84
C PHE E 585 -5.45 -32.72 79.39
N HIS E 586 -6.49 -32.81 78.55
CA HIS E 586 -7.04 -31.61 77.93
C HIS E 586 -7.78 -30.74 78.94
N VAL E 587 -8.51 -31.37 79.88
CA VAL E 587 -9.24 -30.59 80.87
C VAL E 587 -8.28 -29.90 81.83
N SER E 588 -7.18 -30.56 82.19
CA SER E 588 -6.19 -29.99 83.11
C SER E 588 -5.17 -29.11 82.40
N ASN E 589 -5.19 -29.05 81.07
CA ASN E 589 -4.24 -28.23 80.33
C ASN E 589 -4.92 -27.21 79.44
N ASP E 590 -6.22 -27.00 79.59
CA ASP E 590 -6.99 -26.01 78.82
C ASP E 590 -6.87 -26.28 77.32
N TYR E 591 -7.39 -27.45 76.91
CA TYR E 591 -7.43 -27.85 75.51
C TYR E 591 -8.83 -28.27 75.15
N SER E 592 -9.33 -27.77 74.02
CA SER E 592 -10.64 -28.18 73.53
C SER E 592 -10.63 -29.67 73.22
N PHE E 593 -11.63 -30.40 73.71
CA PHE E 593 -11.72 -31.84 73.51
C PHE E 593 -12.60 -32.22 72.33
N ILE E 594 -13.47 -31.32 71.87
CA ILE E 594 -14.28 -31.58 70.68
C ILE E 594 -13.45 -31.65 69.42
N ARG E 595 -12.17 -31.25 69.49
CA ARG E 595 -11.32 -31.32 68.30
C ARG E 595 -11.18 -32.74 67.78
N TYR E 596 -11.18 -33.73 68.67
CA TYR E 596 -11.05 -35.12 68.23
C TYR E 596 -12.31 -35.59 67.51
N TYR E 597 -13.48 -35.25 68.04
CA TYR E 597 -14.72 -35.61 67.35
C TYR E 597 -14.81 -34.90 66.00
N THR E 598 -14.45 -33.63 65.95
CA THR E 598 -14.51 -32.89 64.70
C THR E 598 -13.52 -33.45 63.68
N ARG E 599 -12.30 -33.80 64.11
CA ARG E 599 -11.33 -34.36 63.19
C ARG E 599 -11.73 -35.75 62.74
N THR E 600 -12.39 -36.52 63.60
CA THR E 600 -12.92 -37.83 63.17
C THR E 600 -13.97 -37.65 62.08
N LEU E 601 -14.90 -36.72 62.27
CA LEU E 601 -15.91 -36.46 61.26
C LEU E 601 -15.27 -35.97 59.97
N TYR E 602 -14.31 -35.04 60.08
CA TYR E 602 -13.62 -34.52 58.91
C TYR E 602 -12.89 -35.62 58.16
N GLN E 603 -12.18 -36.50 58.88
CA GLN E 603 -11.40 -37.54 58.21
C GLN E 603 -12.30 -38.57 57.57
N PHE E 604 -13.42 -38.92 58.21
CA PHE E 604 -14.36 -39.84 57.58
C PHE E 604 -14.94 -39.23 56.30
N GLN E 605 -15.34 -37.95 56.36
CA GLN E 605 -15.88 -37.30 55.19
C GLN E 605 -14.86 -37.23 54.07
N PHE E 606 -13.62 -36.84 54.41
CA PHE E 606 -12.58 -36.71 53.40
C PHE E 606 -12.23 -38.06 52.79
N GLN E 607 -12.16 -39.11 53.61
CA GLN E 607 -11.88 -40.44 53.09
C GLN E 607 -12.98 -40.90 52.14
N GLU E 608 -14.24 -40.70 52.53
CA GLU E 608 -15.33 -41.10 51.64
C GLU E 608 -15.29 -40.31 50.33
N ALA E 609 -15.03 -39.01 50.41
CA ALA E 609 -14.96 -38.20 49.20
C ALA E 609 -13.81 -38.63 48.30
N LEU E 610 -12.65 -38.95 48.89
CA LEU E 610 -11.53 -39.43 48.09
C LEU E 610 -11.83 -40.76 47.43
N CYS E 611 -12.47 -41.68 48.17
CA CYS E 611 -12.81 -42.98 47.60
C CYS E 611 -13.81 -42.82 46.45
N GLN E 612 -14.77 -41.91 46.61
CA GLN E 612 -15.68 -41.59 45.51
C GLN E 612 -14.92 -41.01 44.32
N ALA E 613 -13.98 -40.10 44.59
CA ALA E 613 -13.18 -39.52 43.51
C ALA E 613 -12.20 -40.53 42.93
N ALA E 614 -11.64 -41.40 43.77
CA ALA E 614 -10.75 -42.45 43.29
C ALA E 614 -11.51 -43.63 42.69
N LYS E 615 -12.84 -43.61 42.74
CA LYS E 615 -13.67 -44.68 42.18
C LYS E 615 -13.33 -46.03 42.78
N HIS E 616 -13.23 -46.08 44.10
CA HIS E 616 -12.92 -47.33 44.79
C HIS E 616 -14.05 -48.33 44.60
N GLU E 617 -13.67 -49.60 44.43
CA GLU E 617 -14.62 -50.70 44.28
C GLU E 617 -14.51 -51.63 45.48
N GLY E 618 -15.64 -51.86 46.15
CA GLY E 618 -15.67 -52.74 47.29
C GLY E 618 -15.94 -52.01 48.59
N PRO E 619 -15.59 -52.63 49.71
CA PRO E 619 -15.84 -52.01 51.02
C PRO E 619 -15.02 -50.74 51.20
N LEU E 620 -15.57 -49.83 52.03
CA LEU E 620 -14.90 -48.55 52.26
C LEU E 620 -13.58 -48.74 52.99
N HIS E 621 -13.51 -49.72 53.90
CA HIS E 621 -12.27 -49.95 54.64
C HIS E 621 -11.16 -50.54 53.77
N LYS E 622 -11.49 -51.01 52.58
CA LYS E 622 -10.50 -51.50 51.62
C LYS E 622 -10.14 -50.47 50.58
N CYS E 623 -10.57 -49.23 50.75
CA CYS E 623 -10.35 -48.18 49.76
C CYS E 623 -8.92 -47.65 49.87
N ASP E 624 -8.17 -47.74 48.78
CA ASP E 624 -6.82 -47.23 48.70
C ASP E 624 -6.76 -46.13 47.64
N ILE E 625 -6.19 -44.98 48.01
CA ILE E 625 -6.07 -43.85 47.10
C ILE E 625 -4.76 -43.85 46.34
N SER E 626 -4.02 -44.96 46.36
CA SER E 626 -2.77 -45.04 45.64
C SER E 626 -3.01 -44.99 44.13
N ASN E 627 -2.12 -44.30 43.42
CA ASN E 627 -2.21 -44.16 41.97
C ASN E 627 -3.53 -43.52 41.55
N SER E 628 -3.99 -42.55 42.34
CA SER E 628 -5.22 -41.81 42.06
C SER E 628 -4.88 -40.32 42.04
N THR E 629 -4.55 -39.82 40.86
CA THR E 629 -4.18 -38.41 40.73
C THR E 629 -5.37 -37.50 40.96
N GLU E 630 -6.56 -37.93 40.56
CA GLU E 630 -7.75 -37.11 40.74
C GLU E 630 -8.03 -36.87 42.22
N ALA E 631 -7.91 -37.91 43.05
CA ALA E 631 -8.12 -37.74 44.48
C ALA E 631 -7.10 -36.79 45.09
N GLY E 632 -5.84 -36.92 44.68
CA GLY E 632 -4.81 -36.02 45.19
C GLY E 632 -5.05 -34.58 44.79
N GLN E 633 -5.46 -34.35 43.54
CA GLN E 633 -5.78 -33.00 43.10
C GLN E 633 -6.97 -32.44 43.87
N LYS E 634 -8.01 -33.25 44.09
CA LYS E 634 -9.16 -32.80 44.84
C LYS E 634 -8.78 -32.45 46.27
N LEU E 635 -7.91 -33.25 46.89
CA LEU E 635 -7.42 -32.94 48.22
C LEU E 635 -6.61 -31.65 48.23
N PHE E 636 -5.74 -31.47 47.23
CA PHE E 636 -4.93 -30.26 47.15
C PHE E 636 -5.80 -29.03 46.96
N ASN E 637 -6.97 -29.18 46.33
CA ASN E 637 -7.85 -28.04 46.11
C ASN E 637 -8.25 -27.38 47.43
N MET E 638 -8.22 -28.13 48.54
CA MET E 638 -8.50 -27.56 49.86
C MET E 638 -7.27 -27.49 50.75
N LEU E 639 -6.25 -28.32 50.50
CA LEU E 639 -5.04 -28.25 51.33
C LEU E 639 -4.37 -26.89 51.22
N ARG E 640 -4.28 -26.35 50.00
CA ARG E 640 -3.62 -25.06 49.81
C ARG E 640 -4.37 -23.93 50.50
N LEU E 641 -5.70 -24.04 50.61
CA LEU E 641 -6.48 -22.98 51.25
C LEU E 641 -6.10 -22.84 52.71
N GLY E 642 -5.95 -23.95 53.43
CA GLY E 642 -5.67 -23.91 54.85
C GLY E 642 -6.79 -23.25 55.62
N LYS E 643 -6.52 -22.07 56.18
CA LYS E 643 -7.54 -21.27 56.86
C LYS E 643 -7.83 -19.97 56.12
N SER E 644 -7.35 -19.82 54.89
CA SER E 644 -7.66 -18.63 54.10
C SER E 644 -9.12 -18.56 53.69
N GLU E 645 -9.83 -19.68 53.76
CA GLU E 645 -11.24 -19.77 53.43
C GLU E 645 -11.97 -20.49 54.56
N PRO E 646 -13.27 -20.25 54.71
CA PRO E 646 -14.03 -20.94 55.76
C PRO E 646 -13.97 -22.45 55.59
N TRP E 647 -13.90 -23.15 56.73
CA TRP E 647 -13.80 -24.61 56.69
C TRP E 647 -15.07 -25.24 56.11
N THR E 648 -16.21 -24.56 56.23
CA THR E 648 -17.43 -25.06 55.60
C THR E 648 -17.29 -25.10 54.08
N LEU E 649 -16.66 -24.07 53.51
CA LEU E 649 -16.43 -24.06 52.06
C LEU E 649 -15.55 -25.22 51.63
N ALA E 650 -14.47 -25.48 52.39
CA ALA E 650 -13.60 -26.60 52.06
C ALA E 650 -14.33 -27.93 52.20
N LEU E 651 -15.15 -28.08 53.24
CA LEU E 651 -15.91 -29.31 53.42
C LEU E 651 -16.89 -29.53 52.26
N GLU E 652 -17.54 -28.45 51.81
CA GLU E 652 -18.42 -28.56 50.66
C GLU E 652 -17.64 -28.92 49.41
N ASN E 653 -16.46 -28.33 49.21
CA ASN E 653 -15.66 -28.63 48.04
C ASN E 653 -15.20 -30.08 48.04
N VAL E 654 -14.96 -30.65 49.22
CA VAL E 654 -14.47 -32.03 49.30
C VAL E 654 -15.61 -33.03 49.17
N VAL E 655 -16.59 -32.96 50.08
CA VAL E 655 -17.61 -34.00 50.19
C VAL E 655 -18.96 -33.57 49.64
N GLY E 656 -19.13 -32.32 49.23
CA GLY E 656 -20.41 -31.84 48.76
C GLY E 656 -21.35 -31.40 49.85
N ALA E 657 -20.96 -31.49 51.12
CA ALA E 657 -21.78 -31.07 52.25
C ALA E 657 -21.04 -29.97 53.00
N LYS E 658 -21.77 -28.91 53.35
CA LYS E 658 -21.19 -27.78 54.05
C LYS E 658 -21.14 -27.97 55.56
N ASN E 659 -21.68 -29.07 56.08
CA ASN E 659 -21.78 -29.28 57.52
C ASN E 659 -21.39 -30.72 57.86
N MET E 660 -21.26 -30.97 59.16
CA MET E 660 -20.85 -32.28 59.64
C MET E 660 -21.93 -33.33 59.43
N ASN E 661 -21.50 -34.56 59.21
CA ASN E 661 -22.38 -35.71 59.14
C ASN E 661 -21.54 -36.98 59.26
N VAL E 662 -22.12 -37.99 59.91
CA VAL E 662 -21.42 -39.26 60.13
C VAL E 662 -21.84 -40.32 59.12
N ARG E 663 -22.42 -39.91 58.00
CA ARG E 663 -22.73 -40.87 56.94
C ARG E 663 -21.48 -41.61 56.44
N PRO E 664 -20.33 -40.98 56.23
CA PRO E 664 -19.13 -41.77 55.90
C PRO E 664 -18.78 -42.79 56.96
N LEU E 665 -18.95 -42.45 58.24
CA LEU E 665 -18.70 -43.41 59.31
C LEU E 665 -19.67 -44.59 59.21
N LEU E 666 -20.95 -44.30 58.92
CA LEU E 666 -21.93 -45.37 58.75
C LEU E 666 -21.55 -46.27 57.58
N ASN E 667 -21.12 -45.68 56.47
CA ASN E 667 -20.69 -46.49 55.33
C ASN E 667 -19.47 -47.34 55.68
N TYR E 668 -18.54 -46.77 56.44
CA TYR E 668 -17.33 -47.50 56.82
C TYR E 668 -17.67 -48.69 57.73
N PHE E 669 -18.57 -48.49 58.69
CA PHE E 669 -18.85 -49.49 59.71
C PHE E 669 -20.12 -50.29 59.43
N GLU E 670 -20.73 -50.14 58.25
CA GLU E 670 -21.93 -50.91 57.93
C GLU E 670 -21.73 -52.41 58.03
N PRO E 671 -20.69 -53.01 57.45
CA PRO E 671 -20.47 -54.44 57.72
C PRO E 671 -20.27 -54.73 59.21
N LEU E 672 -19.53 -53.85 59.90
CA LEU E 672 -19.33 -54.04 61.33
C LEU E 672 -20.62 -53.79 62.10
N PHE E 673 -21.43 -52.83 61.66
CA PHE E 673 -22.72 -52.59 62.32
C PHE E 673 -23.61 -53.81 62.19
N THR E 674 -23.68 -54.40 60.99
CA THR E 674 -24.47 -55.60 60.80
C THR E 674 -23.94 -56.75 61.64
N TRP E 675 -22.61 -56.91 61.70
CA TRP E 675 -22.03 -57.98 62.50
C TRP E 675 -22.35 -57.79 63.98
N LEU E 676 -22.24 -56.57 64.48
CA LEU E 676 -22.55 -56.30 65.89
C LEU E 676 -24.03 -56.54 66.18
N LYS E 677 -24.90 -56.13 65.27
CA LYS E 677 -26.34 -56.37 65.46
C LYS E 677 -26.64 -57.86 65.48
N ASP E 678 -25.98 -58.63 64.61
CA ASP E 678 -26.18 -60.08 64.62
C ASP E 678 -25.66 -60.69 65.91
N GLN E 679 -24.51 -60.23 66.40
CA GLN E 679 -23.94 -60.79 67.62
C GLN E 679 -24.76 -60.43 68.85
N ASN E 680 -25.34 -59.23 68.88
CA ASN E 680 -26.08 -58.76 70.05
C ASN E 680 -27.53 -59.23 70.07
N LYS E 681 -27.86 -60.29 69.33
CA LYS E 681 -29.23 -60.82 69.38
C LYS E 681 -29.53 -61.43 70.75
N ASN E 682 -28.52 -61.95 71.44
CA ASN E 682 -28.67 -62.51 72.78
C ASN E 682 -28.14 -61.61 73.87
N SER E 683 -27.34 -60.60 73.54
CA SER E 683 -26.79 -59.68 74.51
C SER E 683 -27.63 -58.41 74.55
N PHE E 684 -27.96 -57.95 75.75
CA PHE E 684 -28.76 -56.74 75.90
C PHE E 684 -28.04 -55.55 75.29
N VAL E 685 -28.74 -54.81 74.43
CA VAL E 685 -28.18 -53.66 73.74
C VAL E 685 -28.50 -52.42 74.54
N GLY E 686 -27.47 -51.63 74.87
CA GLY E 686 -27.62 -50.43 75.66
C GLY E 686 -26.87 -50.55 76.97
N TRP E 687 -27.48 -50.02 78.03
CA TRP E 687 -26.87 -49.99 79.34
C TRP E 687 -27.94 -49.69 80.38
N SER E 688 -27.61 -49.97 81.64
CA SER E 688 -28.48 -49.69 82.77
C SER E 688 -27.80 -48.67 83.68
N THR E 689 -28.41 -47.50 83.83
CA THR E 689 -27.80 -46.45 84.64
C THR E 689 -27.90 -46.74 86.13
N ASP E 690 -28.97 -47.41 86.57
CA ASP E 690 -29.16 -47.66 87.99
C ASP E 690 -28.05 -48.56 88.55
N TRP E 691 -27.67 -49.60 87.80
CA TRP E 691 -26.69 -50.55 88.30
C TRP E 691 -25.30 -49.91 88.39
N SER E 692 -24.58 -50.25 89.44
CA SER E 692 -23.21 -49.81 89.64
C SER E 692 -22.42 -50.92 90.33
N PRO E 693 -21.12 -51.01 90.06
CA PRO E 693 -20.30 -52.03 90.75
C PRO E 693 -20.29 -51.88 92.25
N TYR E 694 -20.36 -50.65 92.77
CA TYR E 694 -20.33 -50.42 94.20
C TYR E 694 -21.67 -50.67 94.89
N ALA E 695 -22.74 -50.91 94.12
CA ALA E 695 -24.05 -51.23 94.67
C ALA E 695 -24.38 -52.68 94.32
N ASP E 696 -24.69 -53.47 95.35
CA ASP E 696 -25.02 -54.88 95.15
C ASP E 696 -26.52 -55.11 95.24
N ALA F 27 14.62 -55.44 -14.52
CA ALA F 27 14.94 -55.49 -15.94
C ALA F 27 14.95 -54.09 -16.55
N TYR F 28 15.84 -53.88 -17.51
CA TYR F 28 15.95 -52.60 -18.20
C TYR F 28 16.15 -52.85 -19.69
N THR F 29 15.78 -51.86 -20.49
CA THR F 29 15.92 -51.98 -21.93
C THR F 29 16.11 -50.59 -22.54
N ASN F 30 16.66 -50.58 -23.75
CA ASN F 30 16.88 -49.32 -24.46
C ASN F 30 15.56 -48.69 -24.85
N SER F 31 15.48 -47.37 -24.70
CA SER F 31 14.29 -46.62 -25.07
C SER F 31 14.29 -46.19 -26.53
N PHE F 32 15.43 -46.24 -27.20
CA PHE F 32 15.56 -45.83 -28.61
C PHE F 32 15.09 -44.39 -28.74
N THR F 33 14.16 -44.07 -29.63
CA THR F 33 13.69 -42.70 -29.82
C THR F 33 12.18 -42.66 -29.90
N ARG F 34 11.51 -43.44 -29.06
CA ARG F 34 10.06 -43.43 -29.01
C ARG F 34 9.60 -42.38 -28.00
N GLY F 35 8.30 -42.37 -27.70
CA GLY F 35 7.76 -41.43 -26.75
C GLY F 35 7.87 -39.98 -27.21
N VAL F 36 7.53 -39.73 -28.46
CA VAL F 36 7.55 -38.39 -29.03
C VAL F 36 6.11 -37.97 -29.29
N TYR F 37 5.65 -36.95 -28.57
CA TYR F 37 4.27 -36.50 -28.65
C TYR F 37 4.22 -35.04 -29.09
N TYR F 38 3.11 -34.66 -29.71
CA TYR F 38 2.91 -33.28 -30.09
C TYR F 38 2.84 -32.43 -28.83
N PRO F 39 3.67 -31.40 -28.70
CA PRO F 39 3.65 -30.60 -27.47
C PRO F 39 2.34 -29.88 -27.25
N ASP F 40 1.56 -29.66 -28.29
CA ASP F 40 0.28 -28.96 -28.22
C ASP F 40 -0.46 -29.23 -29.52
N LYS F 41 -1.56 -28.51 -29.73
CA LYS F 41 -2.38 -28.67 -30.92
C LYS F 41 -2.01 -27.71 -32.03
N VAL F 42 -1.00 -26.85 -31.83
CA VAL F 42 -0.64 -25.86 -32.84
C VAL F 42 -0.10 -26.56 -34.07
N PHE F 43 -0.59 -26.16 -35.24
CA PHE F 43 -0.12 -26.70 -36.49
C PHE F 43 1.10 -25.94 -36.98
N ARG F 44 2.03 -26.65 -37.61
CA ARG F 44 3.18 -26.06 -38.25
C ARG F 44 3.40 -26.76 -39.58
N SER F 45 4.19 -26.14 -40.46
CA SER F 45 4.36 -26.62 -41.82
C SER F 45 5.84 -26.59 -42.22
N SER F 46 6.47 -27.77 -42.24
CA SER F 46 7.83 -27.92 -42.76
C SER F 46 8.80 -26.97 -42.08
N VAL F 47 8.71 -26.87 -40.75
CA VAL F 47 9.57 -26.00 -39.98
C VAL F 47 10.24 -26.81 -38.88
N LEU F 48 11.32 -26.25 -38.35
CA LEU F 48 12.00 -26.81 -37.20
C LEU F 48 11.62 -25.98 -35.99
N HIS F 49 11.09 -26.63 -34.95
CA HIS F 49 10.63 -25.92 -33.78
C HIS F 49 11.27 -26.50 -32.53
N SER F 50 11.79 -25.63 -31.66
CA SER F 50 12.40 -26.04 -30.41
C SER F 50 11.43 -25.81 -29.27
N THR F 51 11.24 -26.82 -28.44
CA THR F 51 10.32 -26.71 -27.32
C THR F 51 10.90 -27.38 -26.09
N GLN F 52 10.72 -26.75 -24.94
CA GLN F 52 11.22 -27.24 -23.67
C GLN F 52 10.05 -27.79 -22.87
N ASP F 53 9.96 -29.11 -22.75
CA ASP F 53 8.84 -29.76 -22.10
C ASP F 53 9.29 -31.09 -21.51
N LEU F 54 8.33 -31.86 -21.01
CA LEU F 54 8.60 -33.20 -20.54
C LEU F 54 8.70 -34.15 -21.73
N PHE F 55 9.70 -35.02 -21.71
CA PHE F 55 9.92 -35.94 -22.82
C PHE F 55 10.53 -37.23 -22.30
N LEU F 56 10.39 -38.28 -23.08
CA LEU F 56 11.12 -39.50 -22.83
C LEU F 56 12.54 -39.35 -23.33
N PRO F 57 13.54 -39.38 -22.46
CA PRO F 57 14.93 -39.23 -22.92
C PRO F 57 15.32 -40.36 -23.85
N PHE F 58 16.06 -40.02 -24.90
CA PHE F 58 16.49 -41.01 -25.86
C PHE F 58 17.48 -41.98 -25.23
N PHE F 59 17.39 -43.25 -25.63
CA PHE F 59 18.32 -44.28 -25.20
C PHE F 59 18.39 -44.39 -23.68
N SER F 60 17.24 -44.27 -23.04
CA SER F 60 17.16 -44.38 -21.59
C SER F 60 16.80 -45.79 -21.18
N ASN F 61 17.31 -46.21 -20.02
CA ASN F 61 17.05 -47.55 -19.51
C ASN F 61 15.63 -47.64 -18.99
N VAL F 62 14.67 -47.87 -19.87
CA VAL F 62 13.28 -47.96 -19.47
C VAL F 62 13.01 -49.33 -18.86
N THR F 63 12.07 -49.37 -17.92
CA THR F 63 11.82 -50.58 -17.15
C THR F 63 10.90 -51.53 -17.93
N TRP F 64 11.21 -52.82 -17.83
CA TRP F 64 10.48 -53.87 -18.54
C TRP F 64 9.71 -54.69 -17.53
N PHE F 65 8.47 -55.05 -17.87
CA PHE F 65 7.63 -55.83 -16.99
C PHE F 65 6.96 -56.96 -17.76
N HIS F 66 6.60 -58.00 -17.02
CA HIS F 66 5.89 -59.15 -17.55
C HIS F 66 4.78 -59.53 -16.59
N ALA F 67 3.78 -60.25 -17.10
CA ALA F 67 2.64 -60.69 -16.31
C ALA F 67 2.48 -62.20 -16.44
N ILE F 68 3.59 -62.92 -16.30
CA ILE F 68 3.61 -64.37 -16.43
C ILE F 68 4.07 -64.97 -15.12
N HIS F 69 3.31 -65.95 -14.62
CA HIS F 69 3.65 -66.68 -13.41
C HIS F 69 3.85 -65.76 -12.21
N ASP F 80 1.72 -59.79 -11.58
CA ASP F 80 2.91 -58.94 -11.54
C ASP F 80 2.60 -57.53 -12.02
N ASN F 81 1.88 -56.78 -11.18
CA ASN F 81 1.47 -55.40 -11.49
C ASN F 81 1.91 -54.49 -10.34
N PRO F 82 3.20 -54.19 -10.25
CA PRO F 82 3.69 -53.36 -9.15
C PRO F 82 3.22 -51.92 -9.30
N VAL F 83 3.24 -51.21 -8.17
CA VAL F 83 2.92 -49.79 -8.15
C VAL F 83 4.17 -49.00 -8.47
N LEU F 84 4.08 -48.13 -9.47
CA LEU F 84 5.22 -47.30 -9.83
C LEU F 84 4.93 -45.84 -9.55
N PRO F 85 5.95 -45.06 -9.17
CA PRO F 85 5.73 -43.62 -8.97
C PRO F 85 5.36 -42.94 -10.28
N PHE F 86 4.61 -41.85 -10.18
CA PHE F 86 4.25 -41.10 -11.37
C PHE F 86 5.37 -40.14 -11.78
N ASN F 87 5.93 -39.43 -10.81
CA ASN F 87 7.02 -38.47 -11.04
C ASN F 87 6.54 -37.42 -12.04
N ASP F 88 7.43 -36.95 -12.92
CA ASP F 88 7.08 -35.96 -13.92
C ASP F 88 6.59 -36.69 -15.17
N GLY F 89 5.30 -37.03 -15.16
CA GLY F 89 4.70 -37.71 -16.29
C GLY F 89 5.15 -39.14 -16.43
N VAL F 90 4.37 -39.96 -17.14
CA VAL F 90 4.68 -41.37 -17.32
C VAL F 90 4.43 -41.74 -18.77
N TYR F 91 5.40 -42.43 -19.38
CA TYR F 91 5.24 -43.00 -20.71
C TYR F 91 5.08 -44.51 -20.59
N PHE F 92 4.03 -45.03 -21.21
CA PHE F 92 3.72 -46.45 -21.15
C PHE F 92 3.73 -47.03 -22.55
N ALA F 93 4.24 -48.25 -22.68
CA ALA F 93 4.22 -48.97 -23.95
C ALA F 93 3.64 -50.34 -23.70
N SER F 94 2.47 -50.61 -24.27
CA SER F 94 1.82 -51.91 -24.16
C SER F 94 2.07 -52.66 -25.47
N THR F 95 2.85 -53.72 -25.39
CA THR F 95 3.00 -54.66 -26.49
C THR F 95 1.88 -55.69 -26.35
N GLU F 96 0.85 -55.56 -27.18
CA GLU F 96 -0.34 -56.38 -27.04
C GLU F 96 -0.73 -57.02 -28.36
N LYS F 97 -1.33 -58.20 -28.25
CA LYS F 97 -1.98 -58.87 -29.37
C LYS F 97 -3.35 -59.42 -29.00
N SER F 98 -3.75 -59.38 -27.73
CA SER F 98 -5.06 -59.87 -27.31
C SER F 98 -5.73 -58.97 -26.28
N ASN F 99 -5.16 -57.80 -25.98
CA ASN F 99 -5.76 -56.82 -25.06
C ASN F 99 -6.00 -57.43 -23.68
N ILE F 100 -4.89 -57.78 -23.02
CA ILE F 100 -4.97 -58.39 -21.70
C ILE F 100 -4.96 -57.34 -20.60
N ILE F 101 -4.00 -56.42 -20.64
CA ILE F 101 -3.88 -55.37 -19.62
C ILE F 101 -4.75 -54.20 -20.06
N ARG F 102 -5.67 -53.78 -19.17
CA ARG F 102 -6.69 -52.82 -19.57
C ARG F 102 -7.00 -51.76 -18.53
N GLY F 103 -6.25 -51.65 -17.43
CA GLY F 103 -6.63 -50.77 -16.35
C GLY F 103 -5.47 -49.93 -15.86
N TRP F 104 -5.82 -48.77 -15.32
CA TRP F 104 -4.86 -47.82 -14.78
C TRP F 104 -5.41 -47.23 -13.49
N ILE F 105 -4.56 -47.18 -12.46
CA ILE F 105 -4.89 -46.58 -11.18
C ILE F 105 -3.89 -45.48 -10.89
N PHE F 106 -4.38 -44.33 -10.45
CA PHE F 106 -3.54 -43.18 -10.21
C PHE F 106 -3.91 -42.52 -8.89
N GLY F 107 -2.95 -41.82 -8.30
CA GLY F 107 -3.23 -41.07 -7.10
C GLY F 107 -2.15 -41.16 -6.04
N THR F 108 -2.55 -41.02 -4.77
CA THR F 108 -1.62 -41.10 -3.64
C THR F 108 -1.99 -42.21 -2.67
N THR F 109 -3.26 -42.28 -2.25
CA THR F 109 -3.67 -43.26 -1.25
C THR F 109 -4.08 -44.58 -1.86
N LEU F 110 -4.96 -44.55 -2.86
CA LEU F 110 -5.41 -45.74 -3.58
C LEU F 110 -6.11 -46.74 -2.66
N ASP F 111 -6.69 -46.24 -1.56
CA ASP F 111 -7.48 -47.07 -0.65
C ASP F 111 -8.73 -46.33 -0.20
N SER F 112 -9.38 -45.63 -1.12
CA SER F 112 -10.60 -44.86 -0.88
C SER F 112 -10.39 -43.70 0.08
N LYS F 113 -9.14 -43.37 0.42
CA LYS F 113 -8.88 -42.24 1.30
C LYS F 113 -8.74 -40.93 0.54
N THR F 114 -8.61 -40.99 -0.78
CA THR F 114 -8.55 -39.78 -1.59
C THR F 114 -9.05 -40.12 -2.99
N GLN F 115 -9.37 -39.09 -3.77
CA GLN F 115 -9.84 -39.30 -5.12
C GLN F 115 -8.74 -39.94 -5.96
N SER F 116 -8.90 -41.23 -6.25
CA SER F 116 -7.91 -41.99 -7.00
C SER F 116 -8.44 -42.20 -8.41
N LEU F 117 -7.65 -41.81 -9.40
CA LEU F 117 -8.07 -41.93 -10.78
C LEU F 117 -8.12 -43.39 -11.21
N LEU F 118 -9.19 -43.77 -11.91
CA LEU F 118 -9.40 -45.13 -12.36
C LEU F 118 -9.74 -45.09 -13.84
N ILE F 119 -8.99 -45.85 -14.64
CA ILE F 119 -9.19 -45.97 -16.07
C ILE F 119 -9.37 -47.45 -16.39
N VAL F 120 -10.38 -47.77 -17.19
CA VAL F 120 -10.60 -49.15 -17.59
C VAL F 120 -11.09 -49.16 -19.03
N ASN F 121 -10.36 -49.86 -19.91
CA ASN F 121 -10.72 -49.98 -21.31
C ASN F 121 -11.18 -51.42 -21.55
N ASN F 122 -12.49 -51.62 -21.58
CA ASN F 122 -13.06 -52.95 -21.76
C ASN F 122 -13.76 -53.02 -23.12
N ALA F 123 -13.29 -53.93 -23.98
CA ALA F 123 -13.87 -54.15 -25.29
C ALA F 123 -13.91 -52.86 -26.10
N THR F 124 -15.04 -52.17 -26.07
CA THR F 124 -15.22 -50.93 -26.83
C THR F 124 -15.33 -49.69 -25.96
N ASN F 125 -15.66 -49.85 -24.68
CA ASN F 125 -15.89 -48.71 -23.80
C ASN F 125 -14.64 -48.40 -22.98
N VAL F 126 -14.48 -47.12 -22.65
CA VAL F 126 -13.40 -46.65 -21.80
C VAL F 126 -14.05 -45.86 -20.67
N VAL F 127 -13.89 -46.31 -19.43
CA VAL F 127 -14.52 -45.73 -18.26
C VAL F 127 -13.46 -45.08 -17.41
N ILE F 128 -13.69 -43.83 -17.02
CA ILE F 128 -12.77 -43.04 -16.21
C ILE F 128 -13.54 -42.51 -15.01
N LYS F 129 -13.00 -42.71 -13.82
CA LYS F 129 -13.62 -42.25 -12.60
C LYS F 129 -12.56 -41.71 -11.65
N VAL F 130 -13.01 -40.99 -10.63
CA VAL F 130 -12.11 -40.43 -9.63
C VAL F 130 -12.64 -40.73 -8.24
N CYS F 131 -13.57 -41.69 -8.16
CA CYS F 131 -14.19 -42.02 -6.88
C CYS F 131 -13.16 -42.60 -5.91
N GLU F 132 -13.49 -42.50 -4.62
CA GLU F 132 -12.68 -43.14 -3.58
C GLU F 132 -13.09 -44.61 -3.49
N PHE F 133 -12.60 -45.38 -4.45
CA PHE F 133 -12.83 -46.82 -4.45
C PHE F 133 -11.94 -47.49 -3.43
N GLN F 134 -12.47 -48.51 -2.77
CA GLN F 134 -11.67 -49.31 -1.84
C GLN F 134 -10.96 -50.38 -2.66
N PHE F 135 -9.81 -50.00 -3.22
CA PHE F 135 -9.03 -50.93 -4.02
C PHE F 135 -8.43 -52.02 -3.13
N CYS F 136 -8.42 -53.24 -3.65
CA CYS F 136 -7.93 -54.38 -2.90
C CYS F 136 -6.40 -54.33 -2.79
N ASN F 137 -5.84 -55.36 -2.16
CA ASN F 137 -4.38 -55.49 -2.13
C ASN F 137 -3.83 -55.66 -3.53
N ASP F 138 -4.48 -56.49 -4.35
CA ASP F 138 -4.13 -56.69 -5.75
C ASP F 138 -5.40 -56.57 -6.59
N PRO F 139 -5.90 -55.35 -6.78
CA PRO F 139 -7.15 -55.17 -7.52
C PRO F 139 -7.00 -55.57 -8.97
N PHE F 140 -8.09 -56.09 -9.53
CA PHE F 140 -8.17 -56.48 -10.93
C PHE F 140 -9.65 -56.69 -11.25
N LEU F 141 -9.93 -57.21 -12.44
CA LEU F 141 -11.29 -57.54 -12.87
C LEU F 141 -11.32 -58.97 -13.39
N GLY F 142 -12.38 -59.69 -13.02
CA GLY F 142 -12.58 -61.03 -13.51
C GLY F 142 -13.32 -61.05 -14.83
N VAL F 143 -13.02 -62.07 -15.64
CA VAL F 143 -13.65 -62.22 -16.94
C VAL F 143 -15.06 -62.80 -16.79
N ASN F 165 -15.26 -40.38 -3.02
CA ASN F 165 -16.28 -39.47 -3.53
C ASN F 165 -16.04 -39.15 -5.00
N CYS F 166 -17.02 -39.51 -5.84
CA CYS F 166 -16.93 -39.30 -7.27
C CYS F 166 -17.12 -37.82 -7.57
N THR F 167 -16.07 -37.17 -8.08
CA THR F 167 -16.19 -35.80 -8.56
C THR F 167 -16.16 -35.71 -10.08
N PHE F 168 -15.89 -36.82 -10.77
CA PHE F 168 -15.91 -36.85 -12.23
C PHE F 168 -15.97 -38.29 -12.70
N GLU F 169 -16.82 -38.54 -13.71
CA GLU F 169 -16.90 -39.83 -14.36
C GLU F 169 -17.15 -39.61 -15.85
N TYR F 170 -16.68 -40.56 -16.66
CA TYR F 170 -16.85 -40.49 -18.10
C TYR F 170 -16.77 -41.88 -18.69
N VAL F 171 -17.47 -42.07 -19.80
CA VAL F 171 -17.41 -43.32 -20.57
C VAL F 171 -17.26 -42.97 -22.03
N SER F 172 -16.35 -43.65 -22.72
CA SER F 172 -16.17 -43.45 -24.16
C SER F 172 -17.23 -44.21 -24.95
N PHE F 186 3.54 -60.01 -29.88
CA PHE F 186 2.49 -59.00 -29.94
C PHE F 186 2.56 -58.22 -31.25
N LYS F 187 1.47 -58.24 -32.00
CA LYS F 187 1.42 -57.56 -33.28
C LYS F 187 1.03 -56.09 -33.18
N ASN F 188 0.65 -55.62 -32.00
CA ASN F 188 0.24 -54.23 -31.82
C ASN F 188 1.06 -53.60 -30.69
N LEU F 189 1.38 -52.33 -30.86
CA LEU F 189 2.01 -51.52 -29.82
C LEU F 189 1.15 -50.29 -29.57
N ARG F 190 0.76 -50.09 -28.31
CA ARG F 190 0.00 -48.91 -27.92
C ARG F 190 0.86 -48.10 -26.97
N GLU F 191 1.27 -46.92 -27.42
CA GLU F 191 2.13 -46.03 -26.65
C GLU F 191 1.28 -44.89 -26.10
N PHE F 192 1.30 -44.72 -24.79
CA PHE F 192 0.54 -43.69 -24.11
C PHE F 192 1.47 -42.80 -23.31
N VAL F 193 1.06 -41.56 -23.12
CA VAL F 193 1.76 -40.63 -22.25
C VAL F 193 0.74 -39.93 -21.37
N PHE F 194 0.99 -39.94 -20.06
CA PHE F 194 0.10 -39.36 -19.07
C PHE F 194 0.86 -38.26 -18.33
N LYS F 195 0.24 -37.09 -18.20
CA LYS F 195 0.89 -36.03 -17.46
C LYS F 195 -0.14 -35.15 -16.77
N ASN F 196 0.27 -34.57 -15.65
CA ASN F 196 -0.58 -33.65 -14.88
C ASN F 196 0.06 -32.27 -14.91
N ILE F 197 -0.60 -31.33 -15.59
CA ILE F 197 -0.10 -29.96 -15.68
C ILE F 197 -1.27 -29.01 -15.48
N ASP F 198 -1.11 -28.08 -14.53
CA ASP F 198 -2.14 -27.07 -14.23
C ASP F 198 -3.47 -27.72 -13.86
N GLY F 199 -3.39 -28.82 -13.11
CA GLY F 199 -4.58 -29.52 -12.67
C GLY F 199 -5.30 -30.22 -13.80
N TYR F 200 -4.71 -30.16 -14.99
CA TYR F 200 -5.24 -30.81 -16.17
C TYR F 200 -4.44 -32.06 -16.45
N PHE F 201 -5.10 -33.21 -16.47
CA PHE F 201 -4.48 -34.48 -16.77
C PHE F 201 -4.66 -34.77 -18.24
N LYS F 202 -3.55 -34.96 -18.94
CA LYS F 202 -3.54 -35.17 -20.38
C LYS F 202 -3.03 -36.56 -20.69
N ILE F 203 -3.76 -37.25 -21.56
CA ILE F 203 -3.42 -38.60 -22.03
C ILE F 203 -3.33 -38.55 -23.54
N TYR F 204 -2.15 -38.91 -24.06
CA TYR F 204 -1.92 -38.99 -25.50
C TYR F 204 -1.66 -40.44 -25.86
N SER F 205 -2.42 -40.96 -26.83
CA SER F 205 -2.36 -42.37 -27.17
C SER F 205 -2.04 -42.54 -28.65
N LYS F 206 -1.36 -43.64 -28.96
CA LYS F 206 -1.01 -43.96 -30.35
C LYS F 206 -0.93 -45.46 -30.51
N HIS F 207 -1.65 -45.99 -31.49
CA HIS F 207 -1.66 -47.43 -31.78
C HIS F 207 -0.93 -47.66 -33.09
N THR F 208 -0.05 -48.65 -33.10
CA THR F 208 0.71 -48.97 -34.31
C THR F 208 0.81 -50.48 -34.48
N PRO F 209 0.89 -50.95 -35.72
CA PRO F 209 1.19 -52.37 -35.94
C PRO F 209 2.69 -52.62 -35.86
N ILE F 210 3.04 -53.70 -35.17
CA ILE F 210 4.44 -54.06 -34.95
C ILE F 210 4.63 -55.53 -35.27
N ASN F 211 5.85 -55.89 -35.66
CA ASN F 211 6.25 -57.28 -35.86
C ASN F 211 7.54 -57.51 -35.10
N LEU F 212 7.39 -57.78 -33.79
CA LEU F 212 8.50 -58.05 -32.89
C LEU F 212 7.92 -58.47 -31.55
N VAL F 213 8.56 -59.42 -30.90
CA VAL F 213 8.12 -59.89 -29.59
C VAL F 213 9.17 -59.69 -28.51
N ARG F 214 10.38 -59.23 -28.87
CA ARG F 214 11.45 -59.13 -27.87
C ARG F 214 11.36 -57.83 -27.08
N ASP F 215 11.47 -56.70 -27.75
CA ASP F 215 11.54 -55.41 -27.07
C ASP F 215 10.87 -54.35 -27.92
N LEU F 216 11.03 -53.10 -27.52
CA LEU F 216 10.47 -51.99 -28.27
C LEU F 216 11.15 -51.87 -29.62
N PRO F 217 10.41 -51.61 -30.69
CA PRO F 217 11.02 -51.47 -32.02
C PRO F 217 11.85 -50.20 -32.11
N GLN F 218 12.69 -50.16 -33.12
CA GLN F 218 13.53 -49.00 -33.40
C GLN F 218 12.98 -48.27 -34.62
N GLY F 219 12.77 -46.98 -34.48
CA GLY F 219 12.20 -46.17 -35.54
C GLY F 219 11.68 -44.86 -34.97
N PHE F 220 10.76 -44.24 -35.70
CA PHE F 220 10.17 -43.00 -35.25
C PHE F 220 8.68 -42.99 -35.55
N SER F 221 7.89 -42.47 -34.61
CA SER F 221 6.46 -42.32 -34.79
C SER F 221 5.97 -41.25 -33.84
N ALA F 222 5.01 -40.45 -34.30
CA ALA F 222 4.50 -39.37 -33.48
C ALA F 222 3.51 -39.91 -32.45
N LEU F 223 3.08 -39.02 -31.56
CA LEU F 223 2.06 -39.32 -30.58
C LEU F 223 1.11 -38.15 -30.50
N GLU F 224 -0.15 -38.38 -30.86
CA GLU F 224 -1.24 -37.43 -30.95
C GLU F 224 -2.00 -37.34 -29.62
N PRO F 225 -2.59 -36.19 -29.33
CA PRO F 225 -3.32 -36.05 -28.07
C PRO F 225 -4.71 -36.65 -28.15
N LEU F 226 -5.16 -37.20 -27.02
CA LEU F 226 -6.47 -37.81 -26.95
C LEU F 226 -7.40 -37.15 -25.94
N VAL F 227 -6.97 -37.02 -24.67
CA VAL F 227 -7.89 -36.60 -23.62
C VAL F 227 -7.20 -35.58 -22.72
N ASP F 228 -7.95 -34.57 -22.29
CA ASP F 228 -7.56 -33.69 -21.20
C ASP F 228 -8.74 -33.54 -20.25
N LEU F 229 -8.47 -33.66 -18.96
CA LEU F 229 -9.51 -33.58 -17.93
C LEU F 229 -9.01 -32.74 -16.77
N PRO F 230 -9.72 -31.68 -16.37
CA PRO F 230 -9.26 -30.84 -15.26
C PRO F 230 -9.62 -31.41 -13.89
N ILE F 231 -9.11 -32.61 -13.60
CA ILE F 231 -9.43 -33.26 -12.33
C ILE F 231 -8.75 -32.54 -11.18
N GLY F 232 -7.51 -32.09 -11.37
CA GLY F 232 -6.76 -31.43 -10.31
C GLY F 232 -6.48 -32.34 -9.14
N ILE F 233 -6.02 -33.56 -9.41
CA ILE F 233 -5.83 -34.59 -8.41
C ILE F 233 -4.34 -34.78 -8.18
N ASN F 234 -3.92 -34.76 -6.92
CA ASN F 234 -2.55 -35.15 -6.56
C ASN F 234 -2.32 -36.60 -6.95
N ILE F 235 -1.48 -36.83 -7.95
CA ILE F 235 -1.17 -38.17 -8.44
C ILE F 235 0.34 -38.32 -8.40
N THR F 236 0.84 -39.04 -7.41
CA THR F 236 2.26 -39.33 -7.29
C THR F 236 2.59 -40.78 -7.60
N ARG F 237 1.59 -41.66 -7.63
CA ARG F 237 1.80 -43.07 -7.89
C ARG F 237 0.73 -43.56 -8.85
N PHE F 238 1.01 -44.69 -9.48
CA PHE F 238 0.09 -45.29 -10.42
C PHE F 238 0.38 -46.79 -10.48
N GLN F 239 -0.49 -47.51 -11.18
CA GLN F 239 -0.38 -48.95 -11.31
C GLN F 239 -1.20 -49.39 -12.51
N THR F 240 -0.82 -50.54 -13.08
CA THR F 240 -1.54 -51.09 -14.21
C THR F 240 -2.32 -52.33 -13.81
N LEU F 241 -3.35 -52.63 -14.58
CA LEU F 241 -4.30 -53.69 -14.25
C LEU F 241 -4.59 -54.52 -15.50
N LEU F 242 -4.71 -55.82 -15.29
CA LEU F 242 -5.00 -56.76 -16.36
C LEU F 242 -6.30 -57.49 -16.05
N ALA F 243 -6.97 -57.98 -17.10
CA ALA F 243 -8.21 -58.73 -16.93
C ALA F 243 -7.88 -60.20 -16.70
N LEU F 244 -7.73 -60.55 -15.44
CA LEU F 244 -7.40 -61.93 -15.08
C LEU F 244 -8.57 -62.85 -15.40
N HIS F 245 -8.25 -64.01 -15.96
CA HIS F 245 -9.26 -65.01 -16.30
C HIS F 245 -9.77 -65.70 -15.03
N ALA F 263 1.77 -61.10 -20.32
CA ALA F 263 2.12 -60.14 -21.37
C ALA F 263 3.11 -59.10 -20.84
N ALA F 264 4.06 -58.74 -21.69
CA ALA F 264 5.09 -57.78 -21.29
C ALA F 264 4.69 -56.37 -21.68
N TYR F 265 5.26 -55.39 -20.96
CA TYR F 265 5.07 -53.98 -21.28
C TYR F 265 6.28 -53.21 -20.77
N TYR F 266 6.28 -51.91 -21.06
CA TYR F 266 7.45 -51.07 -20.79
C TYR F 266 7.02 -49.74 -20.19
N VAL F 267 7.85 -49.23 -19.28
CA VAL F 267 7.56 -48.01 -18.54
C VAL F 267 8.75 -47.08 -18.61
N GLY F 268 8.49 -45.79 -18.84
CA GLY F 268 9.53 -44.79 -18.82
C GLY F 268 9.01 -43.50 -18.20
N TYR F 269 9.94 -42.62 -17.89
CA TYR F 269 9.63 -41.37 -17.22
C TYR F 269 10.07 -40.19 -18.06
N LEU F 270 9.32 -39.10 -17.99
CA LEU F 270 9.59 -37.91 -18.78
C LEU F 270 10.37 -36.91 -17.97
N GLN F 271 11.40 -36.47 -18.48
CA GLN F 271 12.19 -35.43 -17.85
C GLN F 271 11.96 -34.11 -18.55
N PRO F 272 12.10 -33.00 -17.83
CA PRO F 272 11.94 -31.66 -18.43
C PRO F 272 13.17 -31.23 -19.23
N ARG F 273 13.19 -31.63 -20.50
CA ARG F 273 14.29 -31.32 -21.40
C ARG F 273 13.76 -30.61 -22.65
N THR F 274 14.68 -30.16 -23.49
CA THR F 274 14.35 -29.44 -24.70
C THR F 274 14.55 -30.33 -25.91
N PHE F 275 13.66 -30.24 -26.87
CA PHE F 275 13.70 -31.05 -28.07
C PHE F 275 13.44 -30.20 -29.30
N LEU F 276 14.11 -30.54 -30.39
CA LEU F 276 13.88 -29.91 -31.68
C LEU F 276 13.09 -30.87 -32.55
N LEU F 277 11.94 -30.42 -33.05
CA LEU F 277 11.03 -31.24 -33.83
C LEU F 277 11.01 -30.74 -35.27
N LYS F 278 10.96 -31.68 -36.21
CA LYS F 278 10.93 -31.37 -37.64
C LYS F 278 9.54 -31.68 -38.17
N TYR F 279 8.72 -30.65 -38.34
CA TYR F 279 7.43 -30.83 -38.96
C TYR F 279 7.60 -31.04 -40.46
N ASN F 280 6.50 -31.35 -41.13
CA ASN F 280 6.53 -31.59 -42.57
C ASN F 280 5.51 -30.70 -43.28
N GLU F 281 5.31 -30.97 -44.57
CA GLU F 281 4.33 -30.21 -45.34
C GLU F 281 2.94 -30.33 -44.74
N ASN F 282 2.49 -31.56 -44.50
CA ASN F 282 1.13 -31.77 -43.99
C ASN F 282 1.02 -31.49 -42.50
N GLY F 283 2.13 -31.51 -41.78
CA GLY F 283 2.11 -31.23 -40.35
C GLY F 283 2.15 -32.52 -39.55
N THR F 284 3.34 -32.89 -39.10
CA THR F 284 3.53 -34.08 -38.26
C THR F 284 4.98 -34.10 -37.83
N ILE F 285 5.25 -34.82 -36.75
CA ILE F 285 6.60 -34.89 -36.18
C ILE F 285 7.32 -36.01 -36.91
N THR F 286 7.96 -35.67 -38.03
CA THR F 286 8.74 -36.65 -38.76
C THR F 286 9.92 -37.15 -37.95
N ASP F 287 10.59 -36.25 -37.23
CA ASP F 287 11.76 -36.62 -36.45
C ASP F 287 11.98 -35.57 -35.37
N ALA F 288 12.76 -35.96 -34.37
CA ALA F 288 13.05 -35.10 -33.23
C ALA F 288 14.46 -35.38 -32.73
N VAL F 289 15.04 -34.36 -32.09
CA VAL F 289 16.41 -34.43 -31.59
C VAL F 289 16.45 -33.86 -30.18
N ASP F 290 17.11 -34.58 -29.28
CA ASP F 290 17.32 -34.09 -27.92
C ASP F 290 18.32 -32.95 -27.93
N CYS F 291 18.10 -31.99 -27.02
CA CYS F 291 19.05 -30.89 -26.84
C CYS F 291 20.15 -31.22 -25.83
N ALA F 292 20.01 -32.30 -25.06
CA ALA F 292 20.94 -32.64 -24.01
C ALA F 292 21.26 -34.12 -24.01
N LEU F 293 21.50 -34.69 -25.18
CA LEU F 293 21.90 -36.09 -25.29
C LEU F 293 23.41 -36.25 -25.47
N ASP F 294 23.96 -35.60 -26.49
CA ASP F 294 25.39 -35.67 -26.79
C ASP F 294 25.78 -34.39 -27.50
N PRO F 295 27.07 -34.06 -27.55
CA PRO F 295 27.47 -32.78 -28.15
C PRO F 295 26.94 -32.58 -29.57
N LEU F 296 26.88 -33.64 -30.38
CA LEU F 296 26.29 -33.51 -31.70
C LEU F 296 24.83 -33.07 -31.60
N SER F 297 24.08 -33.68 -30.70
CA SER F 297 22.69 -33.28 -30.50
C SER F 297 22.61 -31.85 -29.97
N GLU F 298 23.54 -31.47 -29.09
CA GLU F 298 23.54 -30.10 -28.58
C GLU F 298 23.74 -29.10 -29.72
N THR F 299 24.66 -29.40 -30.63
CA THR F 299 24.86 -28.54 -31.79
C THR F 299 23.60 -28.49 -32.66
N LYS F 300 23.00 -29.65 -32.91
CA LYS F 300 21.79 -29.67 -33.73
C LYS F 300 20.70 -28.80 -33.11
N CYS F 301 20.52 -28.90 -31.80
CA CYS F 301 19.50 -28.12 -31.12
C CYS F 301 19.83 -26.64 -31.14
N THR F 302 21.10 -26.28 -30.97
CA THR F 302 21.46 -24.87 -30.96
C THR F 302 21.36 -24.23 -32.34
N LEU F 303 21.60 -25.00 -33.39
CA LEU F 303 21.60 -24.44 -34.74
C LEU F 303 20.27 -24.61 -35.47
N LYS F 304 19.25 -25.14 -34.81
CA LYS F 304 17.90 -25.23 -35.36
C LYS F 304 17.85 -26.06 -36.63
N SER F 305 18.80 -26.97 -36.82
CA SER F 305 18.82 -27.81 -38.02
C SER F 305 19.20 -29.23 -37.64
N PHE F 306 18.63 -30.18 -38.39
CA PHE F 306 19.03 -31.57 -38.22
C PHE F 306 20.35 -31.86 -38.91
N THR F 307 20.79 -30.99 -39.81
CA THR F 307 22.07 -31.12 -40.48
C THR F 307 22.95 -29.93 -40.10
N VAL F 308 24.17 -30.22 -39.69
CA VAL F 308 25.11 -29.19 -39.26
C VAL F 308 26.34 -29.27 -40.15
N GLU F 309 26.75 -28.12 -40.69
CA GLU F 309 27.91 -28.07 -41.56
C GLU F 309 29.18 -28.37 -40.77
N LYS F 310 30.18 -28.87 -41.49
CA LYS F 310 31.48 -29.14 -40.91
C LYS F 310 32.10 -27.87 -40.34
N GLY F 311 32.24 -27.80 -39.02
CA GLY F 311 32.78 -26.60 -38.41
C GLY F 311 32.78 -26.71 -36.91
N ILE F 312 33.09 -25.60 -36.26
CA ILE F 312 33.13 -25.48 -34.82
C ILE F 312 32.04 -24.50 -34.39
N TYR F 313 31.28 -24.87 -33.36
CA TYR F 313 30.16 -24.07 -32.90
C TYR F 313 30.16 -24.03 -31.39
N GLN F 314 29.60 -22.96 -30.84
CA GLN F 314 29.54 -22.75 -29.40
C GLN F 314 28.15 -23.10 -28.90
N THR F 315 28.08 -23.88 -27.83
CA THR F 315 26.82 -24.39 -27.31
C THR F 315 26.49 -23.84 -25.93
N SER F 316 27.39 -23.98 -24.97
CA SER F 316 27.06 -23.64 -23.59
C SER F 316 28.32 -23.13 -22.91
N ASN F 317 28.27 -23.05 -21.57
CA ASN F 317 29.36 -22.50 -20.78
C ASN F 317 29.68 -23.45 -19.64
N PHE F 318 30.90 -23.98 -19.63
CA PHE F 318 31.37 -24.75 -18.50
C PHE F 318 31.53 -23.81 -17.31
N ARG F 319 30.91 -24.19 -16.19
CA ARG F 319 30.82 -23.32 -15.01
C ARG F 319 31.06 -24.18 -13.78
N VAL F 320 32.30 -24.16 -13.26
CA VAL F 320 32.61 -24.93 -12.07
C VAL F 320 31.84 -24.38 -10.89
N GLN F 321 31.22 -25.25 -10.16
CA GLN F 321 30.42 -24.80 -9.04
C GLN F 321 31.21 -24.91 -7.74
N PRO F 322 30.91 -24.07 -6.75
CA PRO F 322 31.61 -24.17 -5.46
C PRO F 322 31.30 -25.48 -4.78
N THR F 323 32.36 -26.17 -4.35
CA THR F 323 32.19 -27.47 -3.70
C THR F 323 31.54 -27.31 -2.33
N GLU F 324 32.05 -26.40 -1.52
CA GLU F 324 31.46 -26.09 -0.22
C GLU F 324 31.71 -24.63 0.08
N SER F 325 31.53 -24.25 1.35
CA SER F 325 31.74 -22.88 1.78
C SER F 325 32.58 -22.84 3.05
N ILE F 326 33.34 -21.76 3.19
CA ILE F 326 34.15 -21.52 4.37
C ILE F 326 33.93 -20.09 4.83
N VAL F 327 33.76 -19.91 6.14
CA VAL F 327 33.47 -18.60 6.72
C VAL F 327 34.54 -18.30 7.77
N ARG F 328 35.79 -18.66 7.45
CA ARG F 328 36.91 -18.49 8.37
C ARG F 328 36.94 -17.09 8.96
N PHE F 329 37.13 -17.03 10.27
CA PHE F 329 37.11 -15.80 11.06
C PHE F 329 38.31 -15.79 11.99
N PRO F 330 38.70 -14.61 12.50
CA PRO F 330 39.83 -14.57 13.44
C PRO F 330 39.47 -15.13 14.80
N ASN F 331 40.40 -15.08 15.74
CA ASN F 331 40.15 -15.62 17.07
C ASN F 331 39.20 -14.72 17.85
N ILE F 332 38.52 -15.32 18.82
CA ILE F 332 37.51 -14.63 19.62
C ILE F 332 37.98 -14.60 21.07
N THR F 333 39.29 -14.46 21.27
CA THR F 333 39.88 -14.60 22.60
C THR F 333 39.31 -13.57 23.58
N ASN F 334 38.98 -12.38 23.11
CA ASN F 334 38.53 -11.32 24.01
C ASN F 334 37.09 -11.54 24.45
N LEU F 335 36.83 -12.69 25.09
CA LEU F 335 35.49 -13.02 25.53
C LEU F 335 35.02 -12.06 26.61
N CYS F 336 33.74 -11.71 26.56
CA CYS F 336 33.16 -10.89 27.61
C CYS F 336 33.17 -11.66 28.94
N PRO F 337 33.49 -11.00 30.04
CA PRO F 337 33.58 -11.68 31.34
C PRO F 337 32.20 -11.98 31.95
N PHE F 338 31.43 -12.83 31.27
CA PHE F 338 30.17 -13.27 31.82
C PHE F 338 30.35 -14.29 32.95
N GLY F 339 31.49 -14.98 32.97
CA GLY F 339 31.72 -15.98 34.00
C GLY F 339 31.71 -15.40 35.39
N GLU F 340 32.42 -14.27 35.59
CA GLU F 340 32.49 -13.67 36.92
C GLU F 340 31.12 -13.20 37.39
N VAL F 341 30.31 -12.64 36.49
CA VAL F 341 28.97 -12.23 36.89
C VAL F 341 28.11 -13.44 37.24
N PHE F 342 28.12 -14.47 36.39
CA PHE F 342 27.31 -15.65 36.63
C PHE F 342 27.90 -16.55 37.71
N ASN F 343 29.22 -16.59 37.86
CA ASN F 343 29.87 -17.30 38.95
C ASN F 343 30.31 -16.36 40.06
N ALA F 344 29.54 -15.30 40.30
CA ALA F 344 29.84 -14.37 41.39
C ALA F 344 29.64 -15.04 42.74
N THR F 345 30.53 -14.72 43.68
CA THR F 345 30.41 -15.28 45.03
C THR F 345 29.13 -14.79 45.70
N ARG F 346 28.81 -13.51 45.53
CA ARG F 346 27.61 -12.91 46.10
C ARG F 346 26.77 -12.31 45.00
N PHE F 347 25.46 -12.22 45.25
CA PHE F 347 24.52 -11.60 44.33
C PHE F 347 23.88 -10.39 45.00
N ALA F 348 23.31 -9.52 44.16
CA ALA F 348 22.71 -8.29 44.66
C ALA F 348 21.28 -8.54 45.14
N SER F 349 20.79 -7.62 45.96
CA SER F 349 19.38 -7.61 46.30
C SER F 349 18.57 -7.11 45.12
N VAL F 350 17.28 -7.48 45.10
CA VAL F 350 16.46 -7.14 43.94
C VAL F 350 16.21 -5.64 43.88
N TYR F 351 16.00 -4.99 45.03
CA TYR F 351 15.86 -3.54 45.03
C TYR F 351 17.18 -2.84 44.74
N ALA F 352 18.30 -3.51 45.01
CA ALA F 352 19.63 -2.98 44.75
C ALA F 352 20.36 -3.82 43.70
N TRP F 353 19.65 -4.16 42.63
CA TRP F 353 20.21 -5.02 41.60
C TRP F 353 21.48 -4.42 41.01
N ASN F 354 22.50 -5.25 40.84
CA ASN F 354 23.79 -4.77 40.35
C ASN F 354 23.80 -4.75 38.83
N ARG F 355 24.11 -3.59 38.26
CA ARG F 355 24.19 -3.42 36.81
C ARG F 355 25.64 -3.41 36.38
N LYS F 356 25.97 -4.27 35.43
CA LYS F 356 27.30 -4.31 34.82
C LYS F 356 27.16 -4.00 33.34
N ARG F 357 27.96 -3.05 32.87
CA ARG F 357 27.98 -2.67 31.47
C ARG F 357 29.08 -3.45 30.77
N ILE F 358 28.72 -4.13 29.68
CA ILE F 358 29.63 -5.01 28.95
C ILE F 358 29.69 -4.52 27.51
N SER F 359 30.90 -4.29 27.02
CA SER F 359 31.11 -3.79 25.67
C SER F 359 32.53 -4.13 25.24
N ASN F 360 32.78 -3.96 23.94
CA ASN F 360 34.11 -4.14 23.35
C ASN F 360 34.66 -5.54 23.60
N CYS F 361 33.78 -6.55 23.48
CA CYS F 361 34.20 -7.93 23.67
C CYS F 361 33.21 -8.83 22.93
N VAL F 362 33.68 -10.03 22.61
CA VAL F 362 32.80 -11.03 22.01
C VAL F 362 31.97 -11.68 23.11
N ALA F 363 30.67 -11.72 22.92
CA ALA F 363 29.73 -12.29 23.87
C ALA F 363 29.24 -13.62 23.34
N ASP F 364 29.49 -14.69 24.09
CA ASP F 364 29.10 -16.04 23.70
C ASP F 364 27.92 -16.46 24.56
N TYR F 365 26.72 -16.21 24.07
CA TYR F 365 25.51 -16.64 24.75
C TYR F 365 25.22 -18.11 24.52
N SER F 366 25.92 -18.76 23.59
CA SER F 366 25.66 -20.16 23.29
C SER F 366 25.97 -21.05 24.49
N VAL F 367 27.10 -20.80 25.15
CA VAL F 367 27.48 -21.63 26.29
C VAL F 367 26.46 -21.49 27.43
N LEU F 368 26.04 -20.26 27.70
CA LEU F 368 25.09 -20.03 28.78
C LEU F 368 23.73 -20.63 28.45
N TYR F 369 23.26 -20.43 27.21
CA TYR F 369 22.00 -21.00 26.78
C TYR F 369 22.04 -22.52 26.78
N ASN F 370 23.23 -23.08 26.59
CA ASN F 370 23.43 -24.53 26.59
C ASN F 370 24.09 -25.05 27.86
N SER F 371 24.33 -24.17 28.84
CA SER F 371 24.89 -24.64 30.11
C SER F 371 23.94 -25.55 30.84
N ALA F 372 22.62 -25.36 30.64
CA ALA F 372 21.58 -26.22 31.20
C ALA F 372 21.66 -26.29 32.72
N SER F 373 22.00 -25.18 33.37
CA SER F 373 22.05 -25.08 34.82
C SER F 373 21.20 -23.92 35.32
N PHE F 374 20.13 -23.59 34.60
CA PHE F 374 19.32 -22.42 34.90
C PHE F 374 17.84 -22.79 34.90
N SER F 375 17.09 -22.17 35.81
CA SER F 375 15.66 -22.44 35.90
C SER F 375 14.90 -21.79 34.75
N THR F 376 15.22 -20.54 34.42
CA THR F 376 14.47 -19.78 33.44
C THR F 376 15.42 -19.19 32.41
N PHE F 377 15.01 -19.26 31.15
CA PHE F 377 15.77 -18.64 30.06
C PHE F 377 14.74 -18.10 29.06
N LYS F 378 14.47 -16.80 29.14
CA LYS F 378 13.46 -16.16 28.29
C LYS F 378 14.12 -15.01 27.54
N CYS F 379 14.43 -15.22 26.27
CA CYS F 379 14.95 -14.16 25.41
C CYS F 379 13.77 -13.51 24.69
N TYR F 380 13.58 -12.22 24.93
CA TYR F 380 12.41 -11.50 24.43
C TYR F 380 12.77 -10.77 23.15
N GLY F 381 12.08 -11.10 22.07
CA GLY F 381 12.27 -10.45 20.79
C GLY F 381 13.38 -11.01 19.93
N VAL F 382 14.08 -12.04 20.38
CA VAL F 382 15.20 -12.59 19.62
C VAL F 382 15.48 -14.00 20.11
N SER F 383 15.76 -14.89 19.16
CA SER F 383 16.04 -16.28 19.50
C SER F 383 17.42 -16.40 20.14
N PRO F 384 17.58 -17.28 21.14
CA PRO F 384 18.90 -17.42 21.79
C PRO F 384 20.02 -17.80 20.84
N THR F 385 19.75 -18.70 19.89
CA THR F 385 20.78 -19.08 18.93
C THR F 385 21.07 -17.93 17.97
N LYS F 386 20.03 -17.21 17.55
CA LYS F 386 20.22 -16.09 16.63
C LYS F 386 21.00 -14.95 17.25
N LEU F 387 20.70 -14.59 18.50
CA LEU F 387 21.45 -13.51 19.15
C LEU F 387 22.90 -13.91 19.41
N ASN F 388 23.20 -15.21 19.42
CA ASN F 388 24.59 -15.64 19.55
C ASN F 388 25.40 -15.12 18.37
N ASP F 389 24.85 -15.16 17.17
CA ASP F 389 25.47 -14.57 15.99
C ASP F 389 24.88 -13.18 15.72
N LEU F 390 24.98 -12.31 16.74
CA LEU F 390 24.41 -10.98 16.65
C LEU F 390 25.25 -10.02 17.48
N CYS F 391 25.36 -8.79 16.99
CA CYS F 391 26.15 -7.75 17.64
C CYS F 391 25.26 -6.76 18.38
N PHE F 392 25.85 -6.10 19.37
CA PHE F 392 25.19 -5.03 20.10
C PHE F 392 26.23 -4.02 20.54
N THR F 393 25.77 -2.80 20.79
CA THR F 393 26.67 -1.77 21.31
C THR F 393 26.97 -1.99 22.79
N ASN F 394 25.95 -2.33 23.57
CA ASN F 394 26.15 -2.52 25.00
C ASN F 394 25.31 -3.69 25.49
N VAL F 395 25.74 -4.29 26.59
CA VAL F 395 24.93 -5.27 27.30
C VAL F 395 24.89 -4.87 28.76
N TYR F 396 23.68 -4.70 29.29
CA TYR F 396 23.48 -4.38 30.70
C TYR F 396 23.06 -5.66 31.40
N ALA F 397 23.91 -6.14 32.32
CA ALA F 397 23.62 -7.32 33.12
C ALA F 397 23.14 -6.84 34.48
N ASP F 398 21.84 -7.00 34.73
CA ASP F 398 21.23 -6.64 36.01
C ASP F 398 21.06 -7.93 36.80
N SER F 399 21.88 -8.10 37.84
CA SER F 399 21.91 -9.31 38.64
C SER F 399 21.26 -9.05 40.00
N PHE F 400 20.40 -9.97 40.42
CA PHE F 400 19.75 -9.89 41.72
C PHE F 400 19.21 -11.26 42.09
N VAL F 401 18.57 -11.37 43.25
CA VAL F 401 18.01 -12.61 43.74
C VAL F 401 16.56 -12.37 44.16
N ILE F 402 15.67 -13.25 43.70
CA ILE F 402 14.25 -13.16 44.01
C ILE F 402 13.73 -14.55 44.36
N ARG F 403 12.46 -14.60 44.78
CA ARG F 403 11.80 -15.86 45.02
C ARG F 403 11.41 -16.51 43.68
N GLY F 404 10.89 -17.74 43.78
CA GLY F 404 10.44 -18.42 42.57
C GLY F 404 9.25 -17.75 41.93
N ASP F 405 8.26 -17.37 42.74
CA ASP F 405 7.07 -16.71 42.19
C ASP F 405 7.38 -15.32 41.65
N GLU F 406 8.49 -14.71 42.07
CA GLU F 406 8.87 -13.40 41.57
C GLU F 406 9.60 -13.46 40.25
N VAL F 407 10.08 -14.64 39.85
CA VAL F 407 10.83 -14.77 38.59
C VAL F 407 9.94 -14.39 37.41
N ARG F 408 8.69 -14.86 37.41
CA ARG F 408 7.77 -14.48 36.35
C ARG F 408 7.48 -12.98 36.35
N GLN F 409 7.66 -12.31 37.48
CA GLN F 409 7.46 -10.87 37.53
C GLN F 409 8.53 -10.10 36.74
N ILE F 410 9.65 -10.74 36.44
CA ILE F 410 10.72 -10.09 35.67
C ILE F 410 10.44 -10.39 34.20
N ALA F 411 9.59 -9.56 33.61
CA ALA F 411 9.24 -9.67 32.20
C ALA F 411 8.58 -8.36 31.78
N PRO F 412 8.66 -8.00 30.50
CA PRO F 412 8.00 -6.76 30.05
C PRO F 412 6.50 -6.81 30.30
N GLY F 413 5.95 -5.67 30.73
CA GLY F 413 4.53 -5.57 30.97
C GLY F 413 4.01 -6.34 32.17
N GLN F 414 4.87 -6.63 33.14
CA GLN F 414 4.49 -7.39 34.32
C GLN F 414 4.27 -6.47 35.52
N THR F 415 3.47 -6.97 36.46
CA THR F 415 3.15 -6.26 37.68
C THR F 415 3.69 -7.03 38.89
N GLY F 416 3.34 -6.56 40.07
CA GLY F 416 3.81 -7.15 41.31
C GLY F 416 4.82 -6.25 42.02
N LYS F 417 5.07 -6.60 43.28
CA LYS F 417 5.96 -5.79 44.11
C LYS F 417 7.37 -5.74 43.51
N ILE F 418 7.88 -6.89 43.07
CA ILE F 418 9.20 -6.92 42.45
C ILE F 418 9.20 -6.14 41.15
N ALA F 419 8.16 -6.32 40.33
CA ALA F 419 8.13 -5.67 39.03
C ALA F 419 7.85 -4.18 39.11
N ASP F 420 7.33 -3.69 40.23
CA ASP F 420 6.95 -2.28 40.36
C ASP F 420 7.88 -1.47 41.26
N TYR F 421 8.22 -1.98 42.44
CA TYR F 421 9.03 -1.22 43.39
C TYR F 421 10.50 -1.62 43.38
N ASN F 422 10.81 -2.86 43.03
CA ASN F 422 12.18 -3.36 43.07
C ASN F 422 12.91 -3.12 41.76
N TYR F 423 12.29 -3.51 40.64
CA TYR F 423 12.87 -3.27 39.32
C TYR F 423 11.78 -3.43 38.27
N LYS F 424 11.83 -2.61 37.23
CA LYS F 424 10.88 -2.65 36.14
C LYS F 424 11.59 -2.89 34.83
N LEU F 425 11.00 -3.75 34.00
CA LEU F 425 11.46 -4.03 32.64
C LEU F 425 10.63 -3.26 31.63
N PRO F 426 11.26 -2.66 30.62
CA PRO F 426 10.51 -1.96 29.58
C PRO F 426 9.70 -2.94 28.75
N ASP F 427 8.59 -2.43 28.20
CA ASP F 427 7.76 -3.26 27.32
C ASP F 427 8.54 -3.70 26.08
N ASP F 428 9.34 -2.80 25.52
CA ASP F 428 10.17 -3.12 24.35
C ASP F 428 11.52 -3.66 24.83
N PHE F 429 11.46 -4.79 25.52
CA PHE F 429 12.65 -5.43 26.07
C PHE F 429 13.20 -6.42 25.04
N THR F 430 14.40 -6.12 24.54
CA THR F 430 15.02 -6.94 23.50
C THR F 430 16.01 -7.96 24.06
N GLY F 431 16.44 -7.81 25.32
CA GLY F 431 17.42 -8.69 25.91
C GLY F 431 16.84 -10.03 26.31
N CYS F 432 17.45 -10.63 27.33
CA CYS F 432 17.03 -11.92 27.83
C CYS F 432 16.93 -11.86 29.35
N VAL F 433 16.27 -12.86 29.92
CA VAL F 433 16.19 -13.06 31.36
C VAL F 433 16.66 -14.46 31.66
N ILE F 434 17.70 -14.57 32.49
CA ILE F 434 18.27 -15.85 32.88
C ILE F 434 18.12 -16.00 34.38
N ALA F 435 17.79 -17.20 34.83
CA ALA F 435 17.52 -17.44 36.24
C ALA F 435 17.93 -18.85 36.60
N TRP F 436 18.65 -18.98 37.72
CA TRP F 436 19.06 -20.28 38.21
C TRP F 436 18.97 -20.32 39.72
N ASN F 437 18.68 -21.50 40.25
CA ASN F 437 18.56 -21.66 41.69
C ASN F 437 19.90 -21.42 42.37
N SER F 438 19.84 -20.79 43.54
CA SER F 438 21.00 -20.57 44.39
C SER F 438 20.70 -21.00 45.82
N ASN F 439 19.93 -22.09 45.95
CA ASN F 439 19.58 -22.58 47.29
C ASN F 439 20.81 -23.00 48.06
N ASN F 440 21.74 -23.70 47.39
CA ASN F 440 23.00 -24.03 48.01
C ASN F 440 23.93 -22.83 48.12
N LEU F 441 23.61 -21.73 47.47
CA LEU F 441 24.46 -20.54 47.41
C LEU F 441 23.91 -19.37 48.21
N ASP F 442 22.62 -19.07 48.04
CA ASP F 442 22.01 -17.90 48.67
C ASP F 442 20.94 -18.28 49.68
N SER F 443 21.06 -19.46 50.28
CA SER F 443 20.20 -19.86 51.38
C SER F 443 21.00 -20.67 52.38
N LYS F 444 20.56 -20.64 53.64
CA LYS F 444 21.24 -21.35 54.70
C LYS F 444 20.23 -21.72 55.77
N VAL F 445 20.60 -22.70 56.60
CA VAL F 445 19.78 -23.05 57.74
C VAL F 445 19.81 -21.89 58.73
N GLY F 446 18.62 -21.46 59.17
CA GLY F 446 18.48 -20.29 60.00
C GLY F 446 18.01 -19.05 59.27
N GLY F 447 18.05 -19.06 57.94
CA GLY F 447 17.56 -17.93 57.17
C GLY F 447 18.64 -17.08 56.55
N ASN F 448 18.62 -16.96 55.23
CA ASN F 448 19.57 -16.11 54.50
C ASN F 448 18.95 -14.73 54.37
N TYR F 449 19.23 -13.87 55.34
CA TYR F 449 18.56 -12.58 55.48
C TYR F 449 19.32 -11.41 54.87
N ASN F 450 20.48 -11.66 54.25
CA ASN F 450 21.25 -10.54 53.69
C ASN F 450 20.49 -9.86 52.55
N TYR F 451 19.78 -10.64 51.74
CA TYR F 451 19.00 -10.07 50.65
C TYR F 451 17.76 -9.36 51.19
N LEU F 452 17.43 -8.22 50.58
CA LEU F 452 16.24 -7.46 50.90
C LEU F 452 15.47 -7.18 49.62
N TYR F 453 14.16 -7.06 49.75
CA TYR F 453 13.29 -6.74 48.61
C TYR F 453 12.40 -5.57 48.96
N ARG F 454 12.30 -4.61 48.05
CA ARG F 454 11.43 -3.47 48.26
C ARG F 454 9.98 -3.91 48.11
N LEU F 455 9.16 -3.59 49.11
CA LEU F 455 7.76 -3.97 49.10
C LEU F 455 6.80 -2.79 49.13
N PHE F 456 7.28 -1.61 49.52
CA PHE F 456 6.44 -0.42 49.56
C PHE F 456 7.19 0.75 48.92
N ARG F 457 6.47 1.51 48.10
CA ARG F 457 7.05 2.68 47.45
C ARG F 457 5.92 3.61 47.04
N LYS F 458 6.22 4.90 47.00
CA LYS F 458 5.22 5.90 46.64
C LYS F 458 4.70 5.72 45.22
N SER F 459 5.48 5.12 44.34
CA SER F 459 5.07 4.89 42.96
C SER F 459 5.79 3.65 42.45
N ASN F 460 5.62 3.36 41.16
CA ASN F 460 6.30 2.24 40.53
C ASN F 460 7.70 2.65 40.14
N LEU F 461 8.42 1.78 39.44
CA LEU F 461 9.76 2.05 38.97
C LEU F 461 9.78 2.20 37.45
N LYS F 462 10.65 3.09 36.97
CA LYS F 462 10.90 3.20 35.56
C LYS F 462 11.73 2.00 35.09
N PRO F 463 11.68 1.68 33.80
CA PRO F 463 12.57 0.64 33.29
C PRO F 463 14.03 0.99 33.54
N PHE F 464 14.81 -0.03 33.92
CA PHE F 464 16.23 0.12 34.24
C PHE F 464 16.46 1.12 35.36
N GLU F 465 15.53 1.22 36.30
CA GLU F 465 15.65 2.10 37.45
C GLU F 465 15.86 1.28 38.71
N ARG F 466 16.82 1.70 39.54
CA ARG F 466 17.13 1.04 40.80
C ARG F 466 16.75 1.97 41.95
N ASP F 467 15.97 1.46 42.89
CA ASP F 467 15.54 2.23 44.05
C ASP F 467 16.28 1.73 45.28
N ILE F 468 17.03 2.63 45.92
CA ILE F 468 17.75 2.33 47.14
C ILE F 468 17.19 3.11 48.33
N SER F 469 16.23 3.99 48.10
CA SER F 469 15.67 4.80 49.17
C SER F 469 15.03 3.92 50.24
N THR F 470 15.38 4.17 51.50
CA THR F 470 14.84 3.43 52.63
C THR F 470 13.85 4.24 53.43
N GLU F 471 13.20 5.23 52.81
CA GLU F 471 12.22 6.05 53.49
C GLU F 471 11.06 5.20 53.99
N ILE F 472 10.70 5.39 55.26
CA ILE F 472 9.60 4.65 55.85
C ILE F 472 8.32 5.00 55.10
N TYR F 473 7.75 4.01 54.41
CA TYR F 473 6.55 4.25 53.62
C TYR F 473 5.38 4.58 54.52
N GLN F 474 4.63 5.63 54.17
CA GLN F 474 3.49 6.09 54.95
C GLN F 474 2.21 5.58 54.28
N ALA F 475 1.68 4.47 54.80
CA ALA F 475 0.47 3.90 54.24
C ALA F 475 -0.73 4.82 54.46
N GLY F 476 -0.81 5.45 55.64
CA GLY F 476 -1.92 6.31 55.95
C GLY F 476 -1.54 7.78 56.04
N SER F 477 -1.99 8.44 57.10
CA SER F 477 -1.73 9.87 57.28
C SER F 477 -0.78 10.16 58.43
N THR F 478 -0.38 9.16 59.20
CA THR F 478 0.53 9.39 60.32
C THR F 478 1.95 9.58 59.80
N PRO F 479 2.60 10.71 60.09
CA PRO F 479 4.00 10.88 59.68
C PRO F 479 4.90 9.82 60.33
N CYS F 480 5.84 9.30 59.54
CA CYS F 480 6.73 8.27 60.05
C CYS F 480 7.84 8.86 60.92
N ASN F 481 8.35 10.03 60.54
CA ASN F 481 9.41 10.71 61.28
C ASN F 481 10.65 9.82 61.43
N GLY F 482 10.90 9.01 60.40
CA GLY F 482 12.07 8.15 60.38
C GLY F 482 11.95 6.86 61.14
N VAL F 483 10.80 6.60 61.79
CA VAL F 483 10.60 5.40 62.58
C VAL F 483 9.29 4.73 62.14
N GLU F 484 9.20 3.44 62.44
CA GLU F 484 8.01 2.66 62.11
C GLU F 484 6.98 2.78 63.23
N GLY F 485 5.73 2.97 62.84
CA GLY F 485 4.64 3.04 63.78
C GLY F 485 3.36 2.66 63.08
N PHE F 486 2.27 3.31 63.48
CA PHE F 486 1.00 3.12 62.79
C PHE F 486 1.08 3.75 61.41
N ASN F 487 0.69 2.96 60.39
CA ASN F 487 0.68 3.41 59.00
C ASN F 487 2.07 3.87 58.54
N CYS F 488 3.11 3.23 59.08
CA CYS F 488 4.49 3.57 58.74
C CYS F 488 5.35 2.33 58.86
N TYR F 489 5.90 1.87 57.74
CA TYR F 489 6.63 0.61 57.70
C TYR F 489 7.78 0.72 56.71
N PHE F 490 8.81 -0.11 56.92
CA PHE F 490 10.02 -0.04 56.13
C PHE F 490 9.72 -0.50 54.69
N PRO F 491 10.24 0.21 53.68
CA PRO F 491 10.00 -0.20 52.29
C PRO F 491 10.62 -1.53 51.92
N LEU F 492 11.66 -1.95 52.64
CA LEU F 492 12.39 -3.18 52.33
C LEU F 492 12.08 -4.24 53.39
N GLN F 493 11.89 -5.46 52.94
CA GLN F 493 11.74 -6.62 53.82
C GLN F 493 12.84 -7.61 53.51
N SER F 494 13.40 -8.21 54.57
CA SER F 494 14.51 -9.14 54.40
C SER F 494 14.03 -10.43 53.75
N TYR F 495 14.79 -10.90 52.76
CA TYR F 495 14.45 -12.15 52.09
C TYR F 495 14.65 -13.32 53.05
N GLY F 496 13.71 -14.28 53.01
CA GLY F 496 13.84 -15.49 53.79
C GLY F 496 14.22 -16.67 52.92
N PHE F 497 15.47 -17.12 53.01
CA PHE F 497 15.97 -18.18 52.15
C PHE F 497 16.62 -19.26 53.00
N GLN F 498 16.08 -20.46 52.92
CA GLN F 498 16.58 -21.63 53.61
C GLN F 498 16.58 -22.80 52.64
N PRO F 499 17.43 -23.80 52.88
CA PRO F 499 17.45 -24.98 51.98
C PRO F 499 16.19 -25.81 52.03
N THR F 500 15.25 -25.51 52.92
CA THR F 500 14.00 -26.24 53.01
C THR F 500 12.85 -25.57 52.28
N ASN F 501 13.02 -24.33 51.81
CA ASN F 501 11.91 -23.56 51.28
C ASN F 501 11.33 -24.22 50.03
N GLY F 502 10.08 -23.84 49.73
CA GLY F 502 9.43 -24.35 48.54
C GLY F 502 10.03 -23.78 47.27
N VAL F 503 9.61 -24.37 46.15
CA VAL F 503 10.17 -24.01 44.84
C VAL F 503 9.98 -22.52 44.57
N GLY F 504 8.82 -21.99 44.92
CA GLY F 504 8.56 -20.57 44.74
C GLY F 504 9.19 -19.66 45.77
N TYR F 505 9.88 -20.23 46.76
CA TYR F 505 10.47 -19.46 47.85
C TYR F 505 11.98 -19.60 47.92
N GLN F 506 12.58 -20.47 47.11
CA GLN F 506 14.03 -20.62 47.14
C GLN F 506 14.72 -19.40 46.55
N PRO F 507 15.97 -19.15 46.94
CA PRO F 507 16.72 -18.02 46.35
C PRO F 507 17.09 -18.32 44.90
N TYR F 508 16.54 -17.52 43.99
CA TYR F 508 16.82 -17.66 42.57
C TYR F 508 17.60 -16.45 42.10
N ARG F 509 18.79 -16.68 41.53
CA ARG F 509 19.61 -15.63 40.96
C ARG F 509 19.15 -15.37 39.53
N VAL F 510 18.77 -14.12 39.27
CA VAL F 510 18.25 -13.70 37.98
C VAL F 510 19.13 -12.58 37.45
N VAL F 511 19.57 -12.72 36.21
CA VAL F 511 20.30 -11.68 35.48
C VAL F 511 19.51 -11.32 34.25
N VAL F 512 19.28 -10.02 34.08
CA VAL F 512 18.62 -9.47 32.90
C VAL F 512 19.70 -8.92 31.98
N LEU F 513 19.72 -9.37 30.74
CA LEU F 513 20.71 -8.96 29.75
C LEU F 513 20.00 -8.05 28.76
N SER F 514 20.10 -6.75 28.99
CA SER F 514 19.48 -5.75 28.12
C SER F 514 20.46 -5.35 27.03
N PHE F 515 20.03 -5.44 25.79
CA PHE F 515 20.91 -5.22 24.64
C PHE F 515 20.68 -3.83 24.08
N GLU F 516 21.76 -3.07 23.92
CA GLU F 516 21.69 -1.68 23.47
C GLU F 516 22.37 -1.57 22.12
N LEU F 517 21.66 -0.95 21.18
CA LEU F 517 22.08 -0.75 19.79
C LEU F 517 21.99 0.72 19.42
N LEU F 518 22.59 1.56 20.25
CA LEU F 518 22.44 3.01 20.14
C LEU F 518 23.20 3.51 18.91
N HIS F 519 23.27 4.84 18.77
CA HIS F 519 23.87 5.46 17.59
C HIS F 519 25.33 5.05 17.42
N ALA F 520 26.02 4.76 18.52
CA ALA F 520 27.39 4.27 18.42
C ALA F 520 27.41 2.91 17.74
N PRO F 521 28.48 2.57 17.05
CA PRO F 521 28.56 1.25 16.40
C PRO F 521 28.62 0.13 17.42
N ALA F 522 28.14 -1.04 17.01
CA ALA F 522 28.04 -2.18 17.91
C ALA F 522 29.41 -2.61 18.42
N THR F 523 29.47 -2.95 19.70
CA THR F 523 30.70 -3.39 20.35
C THR F 523 30.63 -4.84 20.81
N VAL F 524 29.63 -5.19 21.60
CA VAL F 524 29.48 -6.55 22.11
C VAL F 524 28.78 -7.37 21.02
N CYS F 525 29.53 -8.28 20.41
CA CYS F 525 28.98 -9.17 19.39
C CYS F 525 29.21 -10.62 19.81
N GLY F 526 28.87 -11.53 18.90
CA GLY F 526 28.97 -12.95 19.17
C GLY F 526 30.30 -13.54 18.77
N PRO F 527 30.43 -14.86 18.91
CA PRO F 527 31.69 -15.52 18.58
C PRO F 527 32.09 -15.40 17.11
N LYS F 528 31.14 -15.14 16.23
CA LYS F 528 31.39 -15.18 14.79
C LYS F 528 32.06 -16.49 14.40
N LYS F 529 31.30 -17.58 14.59
CA LYS F 529 31.82 -18.93 14.47
C LYS F 529 32.62 -19.12 13.20
N SER F 530 33.91 -19.39 13.37
CA SER F 530 34.81 -19.59 12.25
C SER F 530 34.71 -21.02 11.71
N THR F 531 35.25 -21.21 10.51
CA THR F 531 35.27 -22.52 9.87
C THR F 531 36.65 -22.76 9.28
N ASN F 532 37.13 -23.99 9.42
CA ASN F 532 38.40 -24.36 8.81
C ASN F 532 38.35 -24.14 7.32
N LEU F 533 39.38 -23.50 6.78
CA LEU F 533 39.44 -23.14 5.37
C LEU F 533 40.15 -24.22 4.58
N VAL F 534 39.92 -24.21 3.27
CA VAL F 534 40.55 -25.15 2.35
C VAL F 534 41.31 -24.35 1.30
N LYS F 535 41.91 -25.06 0.35
CA LYS F 535 42.67 -24.40 -0.71
C LYS F 535 42.72 -25.34 -1.91
N ASN F 536 43.07 -24.76 -3.06
CA ASN F 536 43.12 -25.49 -4.33
C ASN F 536 41.78 -26.16 -4.64
N LYS F 537 40.70 -25.46 -4.32
CA LYS F 537 39.36 -26.00 -4.53
C LYS F 537 38.38 -24.87 -4.72
N CYS F 538 37.42 -25.06 -5.63
CA CYS F 538 36.38 -24.08 -5.86
C CYS F 538 35.45 -24.04 -4.65
N VAL F 539 35.60 -23.01 -3.83
CA VAL F 539 34.87 -22.91 -2.56
C VAL F 539 34.33 -21.49 -2.41
N ASN F 540 33.09 -21.39 -1.93
CA ASN F 540 32.50 -20.11 -1.58
C ASN F 540 33.10 -19.66 -0.25
N PHE F 541 33.95 -18.64 -0.29
CA PHE F 541 34.68 -18.22 0.89
C PHE F 541 34.16 -16.88 1.42
N ASN F 542 34.29 -16.70 2.73
CA ASN F 542 33.91 -15.46 3.37
C ASN F 542 34.93 -15.14 4.45
N PHE F 543 35.51 -13.95 4.39
CA PHE F 543 36.50 -13.50 5.35
C PHE F 543 36.06 -12.13 5.87
N ASN F 544 35.39 -12.14 7.02
CA ASN F 544 34.94 -10.90 7.66
C ASN F 544 34.04 -10.08 6.74
N GLY F 545 33.21 -10.77 5.96
CA GLY F 545 32.24 -10.12 5.09
C GLY F 545 32.63 -10.00 3.64
N LEU F 546 33.81 -10.48 3.25
CA LEU F 546 34.19 -10.41 1.84
C LEU F 546 33.28 -11.27 0.97
N THR F 547 32.94 -12.48 1.45
CA THR F 547 31.94 -13.33 0.81
C THR F 547 32.26 -13.58 -0.66
N GLY F 548 33.54 -13.85 -0.95
CA GLY F 548 33.95 -14.13 -2.31
C GLY F 548 33.66 -15.56 -2.71
N THR F 549 33.99 -15.87 -3.96
CA THR F 549 33.78 -17.21 -4.49
C THR F 549 34.92 -17.54 -5.45
N GLY F 550 35.54 -18.69 -5.26
CA GLY F 550 36.60 -19.11 -6.14
C GLY F 550 37.53 -20.16 -5.54
N VAL F 551 38.81 -20.03 -5.83
CA VAL F 551 39.84 -20.96 -5.36
C VAL F 551 40.90 -20.17 -4.62
N LEU F 552 41.28 -20.64 -3.44
CA LEU F 552 42.30 -19.99 -2.63
C LEU F 552 43.61 -20.76 -2.76
N THR F 553 44.70 -20.04 -2.97
CA THR F 553 46.01 -20.64 -3.12
C THR F 553 47.02 -19.90 -2.25
N GLU F 554 48.13 -20.57 -1.96
CA GLU F 554 49.20 -19.93 -1.21
C GLU F 554 49.73 -18.72 -1.98
N SER F 555 49.87 -17.59 -1.28
CA SER F 555 50.30 -16.37 -1.92
C SER F 555 51.82 -16.20 -1.80
N ASN F 556 52.32 -15.16 -2.48
CA ASN F 556 53.73 -14.83 -2.43
C ASN F 556 53.91 -13.37 -2.03
N LYS F 557 52.96 -12.52 -2.42
CA LYS F 557 53.03 -11.11 -2.07
C LYS F 557 52.88 -10.93 -0.56
N LYS F 558 53.53 -9.89 -0.05
CA LYS F 558 53.55 -9.61 1.38
C LYS F 558 52.68 -8.40 1.67
N PHE F 559 51.71 -8.57 2.57
CA PHE F 559 50.87 -7.46 2.99
C PHE F 559 51.58 -6.62 4.04
N LEU F 560 50.95 -5.50 4.37
CA LEU F 560 51.37 -4.73 5.53
C LEU F 560 50.71 -5.29 6.78
N PRO F 561 51.32 -5.08 7.95
CA PRO F 561 50.72 -5.63 9.19
C PRO F 561 49.32 -5.15 9.45
N PHE F 562 48.99 -3.93 9.06
CA PHE F 562 47.64 -3.41 9.24
C PHE F 562 46.70 -3.77 8.10
N GLN F 563 47.21 -4.39 7.04
CA GLN F 563 46.40 -4.69 5.88
C GLN F 563 45.62 -5.98 6.06
N GLN F 564 44.47 -6.05 5.40
CA GLN F 564 43.56 -7.19 5.49
C GLN F 564 43.44 -7.95 4.18
N PHE F 565 43.15 -7.26 3.08
CA PHE F 565 42.96 -7.93 1.81
C PHE F 565 43.49 -7.04 0.69
N GLY F 566 43.79 -7.68 -0.44
CA GLY F 566 44.34 -6.99 -1.58
C GLY F 566 43.26 -6.57 -2.57
N ARG F 567 43.73 -6.04 -3.69
CA ARG F 567 42.84 -5.61 -4.77
C ARG F 567 43.64 -5.58 -6.05
N ASP F 568 42.93 -5.59 -7.18
CA ASP F 568 43.56 -5.53 -8.48
C ASP F 568 43.42 -4.13 -9.06
N ILE F 569 44.12 -3.90 -10.18
CA ILE F 569 44.03 -2.61 -10.86
C ILE F 569 42.59 -2.32 -11.24
N ALA F 570 41.87 -3.33 -11.70
CA ALA F 570 40.45 -3.21 -12.03
C ALA F 570 39.56 -3.18 -10.81
N ASP F 571 40.12 -3.05 -9.61
CA ASP F 571 39.37 -2.94 -8.37
C ASP F 571 38.48 -4.18 -8.16
N THR F 572 39.17 -5.32 -8.01
CA THR F 572 38.51 -6.57 -7.64
C THR F 572 39.39 -7.32 -6.65
N THR F 573 38.74 -8.03 -5.73
CA THR F 573 39.47 -8.74 -4.69
C THR F 573 40.32 -9.84 -5.28
N ASP F 574 41.59 -9.89 -4.88
CA ASP F 574 42.52 -10.87 -5.43
C ASP F 574 43.26 -11.62 -4.33
N ALA F 575 43.52 -10.97 -3.21
CA ALA F 575 44.32 -11.56 -2.15
C ALA F 575 43.66 -11.28 -0.80
N VAL F 576 43.73 -12.24 0.10
CA VAL F 576 43.14 -12.12 1.42
C VAL F 576 44.13 -12.62 2.46
N ARG F 577 44.38 -11.80 3.48
CA ARG F 577 45.12 -12.27 4.64
C ARG F 577 44.17 -13.04 5.55
N ASP F 578 44.57 -14.23 5.96
CA ASP F 578 43.69 -15.04 6.79
C ASP F 578 43.54 -14.41 8.16
N PRO F 579 42.31 -14.13 8.60
CA PRO F 579 42.13 -13.53 9.93
C PRO F 579 42.57 -14.44 11.07
N GLN F 580 42.43 -15.75 10.90
CA GLN F 580 42.85 -16.67 11.97
C GLN F 580 44.35 -16.67 12.15
N THR F 581 45.09 -16.82 11.06
CA THR F 581 46.55 -16.80 11.06
C THR F 581 47.03 -15.84 9.99
N LEU F 582 47.99 -15.00 10.35
CA LEU F 582 48.40 -13.89 9.47
C LEU F 582 49.26 -14.43 8.35
N GLU F 583 48.62 -14.75 7.23
CA GLU F 583 49.31 -15.01 5.99
C GLU F 583 48.37 -14.69 4.83
N ILE F 584 48.97 -14.37 3.70
CA ILE F 584 48.23 -13.95 2.52
C ILE F 584 47.93 -15.17 1.66
N LEU F 585 46.75 -15.19 1.05
CA LEU F 585 46.36 -16.22 0.10
C LEU F 585 45.80 -15.54 -1.14
N ASP F 586 46.26 -15.98 -2.30
CA ASP F 586 45.74 -15.47 -3.56
C ASP F 586 44.39 -16.09 -3.88
N ILE F 587 43.57 -15.34 -4.60
CA ILE F 587 42.23 -15.77 -4.98
C ILE F 587 42.17 -15.83 -6.50
N THR F 588 41.76 -16.97 -7.03
CA THR F 588 41.47 -17.09 -8.44
C THR F 588 39.98 -17.27 -8.62
N PRO F 589 39.36 -16.61 -9.59
CA PRO F 589 37.93 -16.81 -9.82
C PRO F 589 37.65 -18.25 -10.23
N CYS F 590 36.44 -18.70 -9.91
CA CYS F 590 36.06 -20.08 -10.21
C CYS F 590 36.26 -20.39 -11.68
N SER F 591 36.84 -21.54 -11.97
CA SER F 591 37.14 -21.92 -13.34
C SER F 591 35.87 -21.98 -14.17
N PHE F 592 35.94 -21.45 -15.39
CA PHE F 592 34.79 -21.45 -16.28
C PHE F 592 35.30 -21.15 -17.69
N GLY F 593 34.42 -21.35 -18.66
CA GLY F 593 34.78 -21.05 -20.03
C GLY F 593 33.66 -21.44 -20.97
N GLY F 594 33.92 -21.25 -22.26
CA GLY F 594 32.98 -21.68 -23.26
C GLY F 594 33.09 -23.15 -23.57
N VAL F 595 32.01 -23.70 -24.14
CA VAL F 595 31.95 -25.10 -24.52
C VAL F 595 31.64 -25.12 -26.02
N SER F 596 32.65 -25.39 -26.83
CA SER F 596 32.48 -25.48 -28.27
C SER F 596 32.54 -26.94 -28.69
N VAL F 597 31.95 -27.23 -29.84
CA VAL F 597 31.94 -28.57 -30.41
C VAL F 597 32.55 -28.50 -31.80
N ILE F 598 33.50 -29.38 -32.07
CA ILE F 598 34.14 -29.49 -33.37
C ILE F 598 33.70 -30.80 -33.99
N THR F 599 33.20 -30.72 -35.23
CA THR F 599 32.69 -31.90 -35.90
C THR F 599 32.85 -31.75 -37.40
N PRO F 600 33.12 -32.82 -38.12
CA PRO F 600 33.04 -32.76 -39.58
C PRO F 600 31.59 -32.63 -40.02
N GLY F 601 31.34 -32.70 -41.32
CA GLY F 601 29.98 -32.60 -41.80
C GLY F 601 29.11 -33.71 -41.23
N THR F 602 27.87 -33.34 -40.85
CA THR F 602 26.94 -34.34 -40.37
C THR F 602 26.71 -35.42 -41.42
N ASN F 603 26.66 -35.02 -42.70
CA ASN F 603 26.64 -36.01 -43.77
C ASN F 603 27.91 -36.85 -43.78
N THR F 604 29.04 -36.24 -43.40
CA THR F 604 30.30 -36.97 -43.42
C THR F 604 30.37 -37.99 -42.30
N SER F 605 29.99 -37.60 -41.09
CA SER F 605 30.08 -38.50 -39.94
C SER F 605 29.23 -37.94 -38.81
N ASN F 606 29.30 -38.62 -37.67
CA ASN F 606 28.65 -38.18 -36.45
C ASN F 606 29.57 -38.14 -35.24
N GLN F 607 30.75 -38.75 -35.32
CA GLN F 607 31.73 -38.63 -34.25
C GLN F 607 32.18 -37.19 -34.12
N VAL F 608 32.24 -36.69 -32.89
CA VAL F 608 32.47 -35.28 -32.63
C VAL F 608 33.62 -35.14 -31.64
N ALA F 609 33.90 -33.90 -31.26
CA ALA F 609 34.86 -33.62 -30.21
C ALA F 609 34.46 -32.32 -29.52
N VAL F 610 34.90 -32.18 -28.27
CA VAL F 610 34.48 -31.06 -27.43
C VAL F 610 35.70 -30.23 -27.05
N LEU F 611 35.50 -28.92 -26.97
CA LEU F 611 36.54 -27.99 -26.56
C LEU F 611 36.03 -27.16 -25.40
N TYR F 612 36.77 -27.16 -24.30
CA TYR F 612 36.48 -26.34 -23.14
C TYR F 612 37.50 -25.21 -23.09
N GLN F 613 37.02 -23.97 -23.12
CA GLN F 613 37.89 -22.82 -23.30
C GLN F 613 38.62 -22.48 -22.02
N ASP F 614 39.95 -22.35 -22.12
CA ASP F 614 40.78 -21.78 -21.06
C ASP F 614 40.59 -22.52 -19.74
N VAL F 615 40.55 -23.85 -19.81
CA VAL F 615 40.41 -24.69 -18.63
C VAL F 615 41.38 -25.86 -18.74
N ASN F 616 42.10 -26.13 -17.67
CA ASN F 616 43.00 -27.27 -17.65
C ASN F 616 42.21 -28.57 -17.71
N CYS F 617 42.79 -29.57 -18.37
CA CYS F 617 42.10 -30.83 -18.59
C CYS F 617 41.85 -31.60 -17.29
N THR F 618 42.56 -31.27 -16.22
CA THR F 618 42.44 -32.04 -14.99
C THR F 618 41.03 -31.96 -14.41
N GLU F 619 40.43 -30.78 -14.41
CA GLU F 619 39.15 -30.54 -13.77
C GLU F 619 37.99 -30.52 -14.76
N VAL F 620 38.23 -30.89 -16.01
CA VAL F 620 37.17 -30.82 -17.02
C VAL F 620 35.96 -31.70 -16.67
N PRO F 621 36.13 -32.99 -16.32
CA PRO F 621 34.94 -33.82 -16.05
C PRO F 621 34.10 -33.30 -14.91
N VAL F 622 34.65 -32.48 -14.02
CA VAL F 622 33.95 -31.84 -12.91
C VAL F 622 33.00 -32.81 -12.19
N TYR F 636 33.55 -35.75 -19.97
CA TYR F 636 32.81 -36.28 -21.12
C TYR F 636 32.66 -37.79 -21.00
N SER F 637 31.72 -38.34 -21.76
CA SER F 637 31.46 -39.79 -21.71
C SER F 637 32.69 -40.58 -22.14
N THR F 638 33.41 -40.10 -23.15
CA THR F 638 34.60 -40.76 -23.68
C THR F 638 35.80 -39.88 -23.37
N GLY F 639 36.50 -40.22 -22.28
CA GLY F 639 37.68 -39.47 -21.88
C GLY F 639 38.97 -40.19 -22.19
N SER F 640 38.94 -41.05 -23.22
CA SER F 640 40.12 -41.87 -23.54
C SER F 640 41.29 -41.01 -23.97
N ASN F 641 41.07 -40.13 -24.95
CA ASN F 641 42.11 -39.23 -25.44
C ASN F 641 41.75 -37.81 -25.04
N VAL F 642 42.63 -37.19 -24.27
CA VAL F 642 42.40 -35.84 -23.75
C VAL F 642 43.66 -35.03 -24.03
N PHE F 643 43.50 -33.93 -24.76
CA PHE F 643 44.62 -33.10 -25.15
C PHE F 643 44.50 -31.72 -24.50
N GLN F 644 45.65 -31.12 -24.19
CA GLN F 644 45.70 -29.82 -23.56
C GLN F 644 46.37 -28.82 -24.48
N THR F 645 45.70 -27.71 -24.75
CA THR F 645 46.23 -26.65 -25.61
C THR F 645 46.04 -25.31 -24.91
N ARG F 646 46.71 -24.30 -25.44
CA ARG F 646 46.58 -22.96 -24.87
C ARG F 646 45.14 -22.48 -24.91
N ALA F 647 44.35 -22.94 -25.89
CA ALA F 647 42.94 -22.59 -25.93
C ALA F 647 42.17 -23.21 -24.78
N GLY F 648 42.57 -24.36 -24.30
CA GLY F 648 41.89 -25.01 -23.20
C GLY F 648 42.11 -26.52 -23.26
N CYS F 649 41.01 -27.26 -23.15
CA CYS F 649 41.06 -28.72 -23.14
C CYS F 649 40.24 -29.26 -24.30
N LEU F 650 40.76 -30.30 -24.94
CA LEU F 650 40.10 -30.94 -26.06
C LEU F 650 39.83 -32.40 -25.71
N ILE F 651 38.60 -32.85 -25.93
CA ILE F 651 38.18 -34.21 -25.66
C ILE F 651 37.66 -34.81 -26.96
N GLY F 652 38.10 -36.03 -27.26
CA GLY F 652 37.69 -36.68 -28.49
C GLY F 652 38.58 -36.41 -29.67
N ALA F 653 39.84 -36.03 -29.45
CA ALA F 653 40.79 -35.80 -30.53
C ALA F 653 42.16 -36.25 -30.06
N GLU F 654 42.94 -36.81 -30.98
CA GLU F 654 44.28 -37.27 -30.70
C GLU F 654 45.29 -36.38 -31.41
N HIS F 655 46.29 -35.92 -30.66
CA HIS F 655 47.31 -35.07 -31.25
C HIS F 655 48.11 -35.83 -32.30
N VAL F 656 48.58 -35.10 -33.31
CA VAL F 656 49.38 -35.66 -34.38
C VAL F 656 50.64 -34.82 -34.54
N ASN F 657 51.80 -35.47 -34.62
CA ASN F 657 53.02 -34.76 -34.95
C ASN F 657 52.93 -34.14 -36.33
N ASN F 658 52.42 -34.89 -37.29
CA ASN F 658 52.30 -34.40 -38.66
C ASN F 658 51.36 -33.20 -38.70
N SER F 659 51.70 -32.23 -39.54
CA SER F 659 50.95 -31.00 -39.66
C SER F 659 50.33 -30.89 -41.04
N TYR F 660 49.18 -30.24 -41.11
CA TYR F 660 48.44 -30.07 -42.36
C TYR F 660 47.87 -28.67 -42.42
N GLU F 661 47.28 -28.32 -43.55
CA GLU F 661 46.56 -27.07 -43.65
C GLU F 661 45.35 -27.10 -42.72
N CYS F 662 45.00 -25.92 -42.20
CA CYS F 662 43.91 -25.83 -41.25
C CYS F 662 42.59 -26.24 -41.89
N ASP F 663 41.80 -27.01 -41.16
CA ASP F 663 40.47 -27.40 -41.59
C ASP F 663 39.40 -26.85 -40.68
N ILE F 664 39.50 -27.10 -39.38
CA ILE F 664 38.59 -26.50 -38.40
C ILE F 664 39.46 -25.72 -37.41
N PRO F 665 39.44 -24.40 -37.46
CA PRO F 665 40.33 -23.63 -36.57
C PRO F 665 39.92 -23.74 -35.12
N ILE F 666 40.73 -24.45 -34.33
CA ILE F 666 40.47 -24.58 -32.90
C ILE F 666 41.01 -23.35 -32.20
N GLY F 667 42.27 -23.05 -32.43
CA GLY F 667 42.88 -21.87 -31.85
C GLY F 667 44.32 -22.13 -31.47
N ALA F 668 45.04 -21.04 -31.21
CA ALA F 668 46.44 -21.10 -30.78
C ALA F 668 47.27 -21.92 -31.75
N GLY F 669 47.00 -21.75 -33.04
CA GLY F 669 47.74 -22.47 -34.05
C GLY F 669 47.44 -23.95 -34.11
N ILE F 670 46.26 -24.36 -33.66
CA ILE F 670 45.87 -25.76 -33.70
C ILE F 670 44.52 -25.87 -34.39
N CYS F 671 44.43 -26.80 -35.34
CA CYS F 671 43.20 -27.03 -36.10
C CYS F 671 42.88 -28.51 -36.11
N ALA F 672 41.60 -28.83 -36.27
CA ALA F 672 41.10 -30.19 -36.22
C ALA F 672 40.62 -30.65 -37.59
N SER F 673 40.56 -31.96 -37.75
CA SER F 673 40.04 -32.56 -38.97
C SER F 673 39.57 -33.97 -38.65
N TYR F 674 38.84 -34.55 -39.60
CA TYR F 674 38.34 -35.91 -39.48
C TYR F 674 39.07 -36.76 -40.52
N GLN F 675 40.00 -37.59 -40.06
CA GLN F 675 40.91 -38.28 -40.96
C GLN F 675 41.11 -39.71 -40.47
N THR F 676 42.12 -40.38 -41.01
CA THR F 676 42.42 -41.75 -40.63
C THR F 676 42.99 -41.81 -39.22
N SER F 689 38.37 -46.58 -39.42
CA SER F 689 39.67 -46.15 -38.92
C SER F 689 39.79 -44.63 -38.98
N GLN F 690 38.66 -43.95 -38.99
CA GLN F 690 38.60 -42.51 -39.10
C GLN F 690 38.10 -41.91 -37.80
N SER F 691 38.75 -40.83 -37.35
CA SER F 691 38.37 -40.14 -36.13
C SER F 691 38.85 -38.70 -36.23
N ILE F 692 38.72 -37.97 -35.14
CA ILE F 692 39.05 -36.55 -35.08
C ILE F 692 40.49 -36.40 -34.61
N ILE F 693 41.28 -35.67 -35.37
CA ILE F 693 42.67 -35.39 -35.03
C ILE F 693 42.89 -33.89 -35.01
N ALA F 694 43.50 -33.41 -33.94
CA ALA F 694 43.90 -32.01 -33.82
C ALA F 694 45.41 -31.93 -33.99
N TYR F 695 45.86 -30.85 -34.64
CA TYR F 695 47.27 -30.77 -35.00
C TYR F 695 47.69 -29.32 -35.11
N THR F 696 48.99 -29.11 -34.95
CA THR F 696 49.57 -27.80 -35.13
C THR F 696 49.46 -27.35 -36.57
N MET F 697 49.30 -26.03 -36.75
CA MET F 697 49.10 -25.47 -38.08
C MET F 697 50.28 -25.77 -38.98
N SER F 698 49.98 -26.09 -40.24
CA SER F 698 50.99 -26.15 -41.29
C SER F 698 50.68 -25.04 -42.29
N LEU F 699 51.55 -24.04 -42.35
CA LEU F 699 51.30 -22.89 -43.21
C LEU F 699 51.30 -23.28 -44.68
N GLY F 700 51.80 -24.45 -45.02
CA GLY F 700 51.85 -24.93 -46.38
C GLY F 700 53.20 -25.53 -46.67
N ALA F 701 53.44 -25.81 -47.94
CA ALA F 701 54.70 -26.38 -48.37
C ALA F 701 55.82 -25.36 -48.19
N GLU F 702 56.82 -25.70 -47.38
CA GLU F 702 57.97 -24.81 -47.22
C GLU F 702 58.81 -24.88 -48.48
N ASN F 703 58.54 -23.98 -49.43
CA ASN F 703 59.18 -24.00 -50.74
C ASN F 703 60.31 -22.98 -50.75
N SER F 704 61.54 -23.46 -50.84
CA SER F 704 62.71 -22.60 -50.98
C SER F 704 62.95 -22.31 -52.45
N VAL F 705 63.52 -21.14 -52.72
CA VAL F 705 63.89 -20.73 -54.07
C VAL F 705 65.40 -20.66 -54.13
N ALA F 706 65.99 -21.30 -55.14
CA ALA F 706 67.44 -21.32 -55.28
C ALA F 706 67.95 -19.98 -55.78
N TYR F 707 68.15 -19.04 -54.86
CA TYR F 707 68.69 -17.75 -55.21
C TYR F 707 70.12 -17.89 -55.71
N SER F 708 70.48 -17.10 -56.71
CA SER F 708 71.85 -17.07 -57.21
C SER F 708 72.15 -15.67 -57.71
N ASN F 709 73.40 -15.45 -58.09
CA ASN F 709 73.82 -14.20 -58.70
C ASN F 709 73.67 -14.19 -60.20
N ASN F 710 73.27 -15.32 -60.79
CA ASN F 710 73.09 -15.39 -62.24
C ASN F 710 71.87 -16.23 -62.64
N SER F 711 70.93 -16.45 -61.74
CA SER F 711 69.78 -17.30 -62.00
C SER F 711 68.58 -16.44 -62.37
N ILE F 712 68.02 -16.66 -63.55
CA ILE F 712 66.76 -16.04 -63.94
C ILE F 712 65.77 -17.14 -64.28
N ALA F 713 64.63 -17.13 -63.63
CA ALA F 713 63.55 -18.07 -63.92
C ALA F 713 62.60 -17.36 -64.89
N ILE F 714 62.73 -17.65 -66.17
CA ILE F 714 61.86 -17.09 -67.19
C ILE F 714 60.71 -18.07 -67.42
N PRO F 715 59.46 -17.60 -67.41
CA PRO F 715 58.36 -18.48 -67.79
C PRO F 715 58.42 -18.83 -69.28
N THR F 716 58.25 -20.12 -69.56
CA THR F 716 58.13 -20.61 -70.93
C THR F 716 56.70 -20.96 -71.29
N ASN F 717 55.84 -21.14 -70.31
CA ASN F 717 54.42 -21.41 -70.54
C ASN F 717 53.62 -20.75 -69.43
N PHE F 718 52.40 -20.35 -69.76
CA PHE F 718 51.59 -19.57 -68.85
C PHE F 718 50.17 -20.10 -68.84
N THR F 719 49.32 -19.45 -68.07
CA THR F 719 47.90 -19.78 -68.00
C THR F 719 47.09 -18.51 -67.89
N ILE F 720 45.89 -18.54 -68.46
CA ILE F 720 44.85 -17.57 -68.15
C ILE F 720 43.81 -18.28 -67.30
N SER F 721 43.54 -17.74 -66.11
CA SER F 721 42.62 -18.37 -65.19
C SER F 721 41.55 -17.38 -64.77
N VAL F 722 40.32 -17.88 -64.63
CA VAL F 722 39.22 -17.07 -64.13
C VAL F 722 39.02 -17.42 -62.66
N THR F 723 38.94 -16.40 -61.83
CA THR F 723 38.70 -16.57 -60.40
C THR F 723 37.50 -15.72 -60.00
N THR F 724 36.66 -16.28 -59.14
CA THR F 724 35.46 -15.57 -58.72
C THR F 724 35.75 -14.69 -57.52
N GLU F 725 35.15 -13.50 -57.54
CA GLU F 725 35.18 -12.61 -56.39
C GLU F 725 33.76 -12.08 -56.17
N ILE F 726 33.18 -12.38 -55.02
CA ILE F 726 31.77 -12.10 -54.76
C ILE F 726 31.68 -11.01 -53.71
N LEU F 727 30.98 -9.93 -54.04
CA LEU F 727 30.89 -8.80 -53.13
C LEU F 727 29.43 -8.42 -52.92
N PRO F 728 29.01 -8.18 -51.68
CA PRO F 728 27.67 -7.65 -51.45
C PRO F 728 27.54 -6.27 -52.07
N VAL F 729 26.33 -5.94 -52.49
CA VAL F 729 26.07 -4.63 -53.08
C VAL F 729 25.08 -3.86 -52.22
N SER F 730 24.18 -4.58 -51.57
CA SER F 730 23.11 -3.96 -50.81
C SER F 730 22.44 -5.04 -49.96
N MET F 731 21.37 -4.67 -49.29
CA MET F 731 20.52 -5.59 -48.56
C MET F 731 19.07 -5.29 -48.91
N THR F 732 18.15 -5.96 -48.22
CA THR F 732 16.73 -5.67 -48.41
C THR F 732 16.40 -4.31 -47.81
N LYS F 733 15.71 -3.48 -48.58
CA LYS F 733 15.37 -2.13 -48.14
C LYS F 733 14.28 -2.22 -47.09
N THR F 734 14.67 -2.64 -45.89
CA THR F 734 13.72 -2.80 -44.81
C THR F 734 13.21 -1.44 -44.35
N SER F 735 11.97 -1.43 -43.85
CA SER F 735 11.37 -0.23 -43.31
C SER F 735 10.33 -0.67 -42.28
N VAL F 736 10.29 0.03 -41.16
CA VAL F 736 9.40 -0.33 -40.05
C VAL F 736 8.71 0.93 -39.54
N ASP F 737 7.43 0.81 -39.25
CA ASP F 737 6.74 1.85 -38.50
C ASP F 737 6.97 1.63 -37.02
N CYS F 738 7.61 2.59 -36.37
CA CYS F 738 7.81 2.49 -34.93
C CYS F 738 6.47 2.42 -34.21
N THR F 739 5.48 3.17 -34.69
CA THR F 739 4.16 3.13 -34.09
C THR F 739 3.57 1.72 -34.17
N MET F 740 3.35 1.22 -35.39
CA MET F 740 2.71 -0.08 -35.55
C MET F 740 3.52 -1.19 -34.92
N TYR F 741 4.85 -1.08 -34.90
CA TYR F 741 5.66 -2.09 -34.22
C TYR F 741 5.42 -2.05 -32.72
N ILE F 742 5.74 -0.91 -32.10
CA ILE F 742 5.59 -0.78 -30.66
C ILE F 742 4.14 -0.90 -30.24
N CYS F 743 3.25 -0.25 -30.99
CA CYS F 743 1.84 -0.19 -30.63
C CYS F 743 1.01 -0.86 -31.70
N GLY F 744 0.08 -1.71 -31.28
CA GLY F 744 -0.87 -2.29 -32.21
C GLY F 744 -2.01 -1.35 -32.47
N ASP F 745 -3.24 -1.86 -32.38
CA ASP F 745 -4.41 -1.00 -32.56
C ASP F 745 -4.63 -0.06 -31.38
N SER F 746 -4.04 -0.35 -30.22
CA SER F 746 -4.33 0.43 -29.02
C SER F 746 -3.81 1.85 -29.17
N THR F 747 -4.67 2.82 -28.86
CA THR F 747 -4.26 4.22 -28.94
C THR F 747 -3.53 4.68 -27.69
N GLU F 748 -3.76 4.02 -26.56
CA GLU F 748 -3.07 4.39 -25.32
C GLU F 748 -1.57 4.23 -25.47
N CYS F 749 -1.14 3.14 -26.09
CA CYS F 749 0.28 2.96 -26.40
C CYS F 749 0.78 4.08 -27.29
N SER F 750 -0.03 4.49 -28.28
CA SER F 750 0.36 5.59 -29.14
C SER F 750 0.57 6.87 -28.36
N ASN F 751 -0.33 7.17 -27.42
CA ASN F 751 -0.19 8.37 -26.61
C ASN F 751 1.04 8.30 -25.73
N LEU F 752 1.28 7.14 -25.10
CA LEU F 752 2.46 7.01 -24.24
C LEU F 752 3.74 7.14 -25.04
N LEU F 753 3.76 6.60 -26.26
CA LEU F 753 4.90 6.81 -27.14
C LEU F 753 5.06 8.28 -27.48
N LEU F 754 3.96 8.96 -27.74
CA LEU F 754 4.00 10.38 -28.03
C LEU F 754 4.57 11.16 -26.85
N GLN F 755 4.36 10.67 -25.63
CA GLN F 755 5.00 11.28 -24.47
C GLN F 755 6.51 11.27 -24.61
N TYR F 756 7.08 10.23 -25.23
CA TYR F 756 8.49 10.21 -25.51
C TYR F 756 8.82 11.17 -26.65
N GLY F 757 10.10 11.25 -26.99
CA GLY F 757 10.55 12.16 -28.01
C GLY F 757 10.16 11.79 -29.42
N SER F 758 10.90 12.29 -30.39
CA SER F 758 10.65 12.00 -31.80
C SER F 758 11.39 10.77 -32.27
N PHE F 759 11.65 9.82 -31.37
CA PHE F 759 12.41 8.62 -31.72
C PHE F 759 11.81 7.92 -32.92
N CYS F 760 10.48 7.92 -33.03
CA CYS F 760 9.86 7.32 -34.21
C CYS F 760 10.31 8.04 -35.48
N THR F 761 10.29 9.37 -35.46
CA THR F 761 10.72 10.14 -36.62
C THR F 761 12.18 9.88 -36.93
N GLN F 762 13.03 9.86 -35.89
CA GLN F 762 14.46 9.65 -36.11
C GLN F 762 14.73 8.28 -36.72
N LEU F 763 14.06 7.24 -36.20
CA LEU F 763 14.28 5.90 -36.72
C LEU F 763 13.77 5.78 -38.15
N ASN F 764 12.61 6.35 -38.43
CA ASN F 764 12.10 6.31 -39.81
C ASN F 764 13.05 7.02 -40.75
N ARG F 765 13.57 8.18 -40.34
CA ARG F 765 14.50 8.92 -41.18
C ARG F 765 15.78 8.12 -41.41
N ALA F 766 16.30 7.49 -40.35
CA ALA F 766 17.51 6.70 -40.50
C ALA F 766 17.30 5.52 -41.43
N LEU F 767 16.17 4.83 -41.29
CA LEU F 767 15.91 3.68 -42.15
C LEU F 767 15.73 4.11 -43.61
N THR F 768 15.02 5.22 -43.83
CA THR F 768 14.88 5.74 -45.18
C THR F 768 16.23 6.13 -45.76
N GLY F 769 17.09 6.73 -44.94
CA GLY F 769 18.44 7.02 -45.39
C GLY F 769 19.20 5.78 -45.76
N ILE F 770 19.01 4.70 -45.00
CA ILE F 770 19.63 3.43 -45.34
C ILE F 770 19.15 2.94 -46.70
N ALA F 771 17.83 3.02 -46.91
CA ALA F 771 17.26 2.56 -48.17
C ALA F 771 17.80 3.36 -49.35
N VAL F 772 17.84 4.69 -49.20
CA VAL F 772 18.33 5.54 -50.27
C VAL F 772 19.81 5.30 -50.51
N GLU F 773 20.57 5.07 -49.44
CA GLU F 773 21.98 4.76 -49.60
C GLU F 773 22.16 3.46 -50.38
N GLN F 774 21.33 2.45 -50.09
CA GLN F 774 21.38 1.20 -50.85
C GLN F 774 21.06 1.44 -52.32
N ASP F 775 20.03 2.24 -52.58
CA ASP F 775 19.70 2.62 -53.94
C ASP F 775 20.92 3.23 -54.63
N LYS F 776 21.58 4.18 -53.96
CA LYS F 776 22.73 4.83 -54.54
C LYS F 776 23.87 3.85 -54.75
N ASN F 777 24.05 2.91 -53.82
CA ASN F 777 25.07 1.87 -54.00
C ASN F 777 24.84 1.12 -55.29
N THR F 778 23.62 0.62 -55.49
CA THR F 778 23.33 -0.13 -56.71
C THR F 778 23.54 0.74 -57.94
N GLN F 779 23.07 1.99 -57.89
CA GLN F 779 23.13 2.84 -59.06
C GLN F 779 24.56 3.17 -59.44
N GLU F 780 25.41 3.49 -58.46
CA GLU F 780 26.80 3.83 -58.73
C GLU F 780 27.68 2.62 -58.92
N VAL F 781 27.20 1.42 -58.61
CA VAL F 781 27.97 0.22 -58.91
C VAL F 781 27.58 -0.39 -60.26
N PHE F 782 26.41 -0.05 -60.78
CA PHE F 782 26.04 -0.63 -62.06
C PHE F 782 25.80 0.39 -63.16
N ALA F 783 25.17 1.52 -62.85
CA ALA F 783 24.89 2.51 -63.88
C ALA F 783 26.12 3.39 -64.11
N GLN F 784 27.26 2.75 -64.39
CA GLN F 784 28.46 3.51 -64.70
C GLN F 784 28.37 4.16 -66.07
N VAL F 785 27.72 3.52 -67.02
CA VAL F 785 27.66 3.97 -68.41
C VAL F 785 26.23 4.37 -68.74
N LYS F 786 26.07 5.58 -69.28
CA LYS F 786 24.76 6.09 -69.67
C LYS F 786 24.20 5.38 -70.88
N GLN F 787 25.04 4.69 -71.66
CA GLN F 787 24.64 4.07 -72.91
C GLN F 787 24.38 2.59 -72.69
N ILE F 788 23.24 2.11 -73.19
CA ILE F 788 22.92 0.70 -73.18
C ILE F 788 23.37 0.10 -74.50
N TYR F 789 24.14 -0.97 -74.43
CA TYR F 789 24.72 -1.59 -75.60
C TYR F 789 24.09 -2.96 -75.83
N LYS F 790 24.05 -3.36 -77.09
CA LYS F 790 23.58 -4.69 -77.46
C LYS F 790 24.70 -5.41 -78.20
N THR F 791 24.98 -6.63 -77.79
CA THR F 791 25.93 -7.46 -78.53
C THR F 791 25.36 -7.75 -79.90
N PRO F 792 26.15 -7.60 -80.97
CA PRO F 792 25.63 -7.88 -82.30
C PRO F 792 25.20 -9.33 -82.41
N PRO F 793 24.19 -9.61 -83.24
CA PRO F 793 23.63 -10.98 -83.28
C PRO F 793 24.65 -12.04 -83.62
N ILE F 794 25.59 -11.74 -84.51
CA ILE F 794 26.65 -12.69 -84.82
C ILE F 794 27.68 -12.63 -83.69
N LYS F 795 27.88 -13.76 -83.02
CA LYS F 795 28.81 -13.83 -81.90
C LYS F 795 30.21 -14.23 -82.37
N ASP F 796 30.70 -13.52 -83.37
CA ASP F 796 32.07 -13.73 -83.84
C ASP F 796 33.02 -13.07 -82.84
N PHE F 797 33.91 -13.86 -82.24
CA PHE F 797 34.88 -13.32 -81.31
C PHE F 797 36.23 -14.01 -81.46
N GLY F 798 36.55 -14.48 -82.65
CA GLY F 798 37.84 -15.13 -82.86
C GLY F 798 38.03 -16.35 -82.01
N GLY F 799 36.99 -17.14 -81.81
CA GLY F 799 37.07 -18.37 -81.05
C GLY F 799 36.77 -18.24 -79.57
N PHE F 800 36.82 -17.03 -79.02
CA PHE F 800 36.50 -16.82 -77.61
C PHE F 800 34.99 -16.93 -77.43
N ASN F 801 34.55 -17.95 -76.72
CA ASN F 801 33.12 -18.15 -76.53
C ASN F 801 32.64 -17.33 -75.34
N PHE F 802 31.40 -16.85 -75.44
CA PHE F 802 30.81 -16.06 -74.37
C PHE F 802 29.34 -16.41 -74.15
N SER F 803 28.82 -17.42 -74.85
CA SER F 803 27.42 -17.79 -74.68
C SER F 803 27.08 -18.08 -73.23
N GLN F 804 28.07 -18.57 -72.48
CA GLN F 804 27.89 -18.81 -71.06
C GLN F 804 27.85 -17.53 -70.24
N ILE F 805 28.30 -16.41 -70.80
CA ILE F 805 28.34 -15.16 -70.06
C ILE F 805 27.38 -14.10 -70.61
N LEU F 806 26.99 -14.20 -71.86
CA LEU F 806 26.03 -13.18 -72.27
C LEU F 806 24.60 -13.73 -72.16
N PRO F 807 23.63 -12.87 -71.92
CA PRO F 807 22.25 -13.34 -71.79
C PRO F 807 21.77 -14.02 -73.06
N ASP F 808 20.98 -15.07 -72.88
CA ASP F 808 20.43 -15.84 -73.98
C ASP F 808 18.96 -15.51 -74.18
N PRO F 809 18.52 -15.32 -75.43
CA PRO F 809 17.10 -15.05 -75.68
C PRO F 809 16.19 -16.19 -75.27
N SER F 810 16.71 -17.42 -75.20
CA SER F 810 15.85 -18.57 -74.88
C SER F 810 15.22 -18.43 -73.50
N LYS F 811 16.01 -18.04 -72.50
CA LYS F 811 15.47 -17.85 -71.17
C LYS F 811 14.51 -16.66 -71.17
N PRO F 812 13.31 -16.80 -70.61
CA PRO F 812 12.38 -15.66 -70.59
C PRO F 812 12.96 -14.42 -69.93
N SER F 813 13.71 -14.60 -68.85
CA SER F 813 14.48 -13.50 -68.26
C SER F 813 15.81 -13.43 -68.97
N LYS F 814 16.12 -12.27 -69.55
CA LYS F 814 17.31 -12.14 -70.36
C LYS F 814 18.57 -12.13 -69.48
N ARG F 815 18.88 -13.27 -68.89
CA ARG F 815 20.01 -13.41 -68.00
C ARG F 815 20.95 -14.50 -68.53
N SER F 816 22.24 -14.32 -68.26
CA SER F 816 23.22 -15.32 -68.65
C SER F 816 23.02 -16.59 -67.84
N PRO F 817 23.43 -17.75 -68.37
CA PRO F 817 23.31 -18.99 -67.59
C PRO F 817 24.04 -18.93 -66.27
N ILE F 818 25.17 -18.24 -66.20
CA ILE F 818 25.82 -18.01 -64.91
C ILE F 818 24.90 -17.24 -63.99
N GLU F 819 24.25 -16.20 -64.52
CA GLU F 819 23.26 -15.47 -63.75
C GLU F 819 22.12 -16.38 -63.34
N ASP F 820 21.74 -17.33 -64.20
CA ASP F 820 20.71 -18.28 -63.82
C ASP F 820 21.14 -19.13 -62.63
N LEU F 821 22.37 -19.63 -62.66
CA LEU F 821 22.88 -20.42 -61.54
C LEU F 821 22.91 -19.59 -60.27
N LEU F 822 23.38 -18.35 -60.36
CA LEU F 822 23.43 -17.49 -59.19
C LEU F 822 22.04 -17.22 -58.64
N PHE F 823 21.09 -16.96 -59.53
CA PHE F 823 19.72 -16.70 -59.10
C PHE F 823 19.12 -17.91 -58.42
N ASN F 824 19.37 -19.11 -58.96
CA ASN F 824 18.77 -20.31 -58.41
C ASN F 824 19.40 -20.71 -57.09
N LYS F 825 20.72 -20.57 -56.97
CA LYS F 825 21.41 -21.00 -55.76
C LYS F 825 20.92 -20.24 -54.54
N VAL F 826 20.68 -18.94 -54.69
CA VAL F 826 20.17 -18.14 -53.58
C VAL F 826 18.71 -18.48 -53.35
N THR F 827 18.35 -18.68 -52.08
CA THR F 827 16.98 -19.02 -51.72
C THR F 827 16.28 -17.83 -51.07
N LYS F 854 3.96 -12.58 -41.73
CA LYS F 854 5.05 -11.90 -42.42
C LYS F 854 5.06 -10.41 -42.11
N PHE F 855 3.89 -9.87 -41.81
CA PHE F 855 3.72 -8.44 -41.57
C PHE F 855 3.13 -8.23 -40.18
N ASN F 856 3.86 -7.51 -39.33
CA ASN F 856 3.37 -7.08 -38.03
C ASN F 856 3.80 -5.65 -37.75
N GLY F 857 3.78 -4.81 -38.78
CA GLY F 857 4.23 -3.44 -38.70
C GLY F 857 5.40 -3.12 -39.61
N LEU F 858 6.25 -4.09 -39.90
CA LEU F 858 7.38 -3.87 -40.80
C LEU F 858 6.91 -3.88 -42.25
N THR F 859 7.81 -3.50 -43.14
CA THR F 859 7.55 -3.58 -44.57
C THR F 859 8.87 -3.62 -45.30
N VAL F 860 8.81 -4.03 -46.57
CA VAL F 860 9.98 -4.10 -47.43
C VAL F 860 9.74 -3.24 -48.65
N LEU F 861 10.58 -2.24 -48.83
CA LEU F 861 10.44 -1.43 -50.04
C LEU F 861 11.22 -2.09 -51.17
N PRO F 862 10.58 -2.38 -52.29
CA PRO F 862 11.29 -3.04 -53.39
C PRO F 862 12.40 -2.15 -53.90
N PRO F 863 13.49 -2.74 -54.39
CA PRO F 863 14.59 -1.92 -54.92
C PRO F 863 14.13 -1.14 -56.13
N LEU F 864 14.75 0.03 -56.32
CA LEU F 864 14.39 0.87 -57.46
C LEU F 864 14.62 0.13 -58.78
N LEU F 865 15.79 -0.47 -58.93
CA LEU F 865 16.14 -1.19 -60.15
C LEU F 865 15.77 -2.65 -59.96
N THR F 866 14.86 -3.15 -60.79
CA THR F 866 14.50 -4.54 -60.74
C THR F 866 15.68 -5.42 -61.14
N ASP F 867 15.57 -6.70 -60.82
CA ASP F 867 16.62 -7.64 -61.19
C ASP F 867 16.80 -7.68 -62.71
N GLU F 868 15.70 -7.56 -63.45
CA GLU F 868 15.77 -7.59 -64.91
C GLU F 868 16.60 -6.43 -65.44
N MET F 869 16.30 -5.21 -65.01
CA MET F 869 17.03 -4.06 -65.52
C MET F 869 18.47 -4.03 -65.00
N ILE F 870 18.69 -4.54 -63.79
CA ILE F 870 20.06 -4.68 -63.30
C ILE F 870 20.84 -5.62 -64.21
N ALA F 871 20.24 -6.75 -64.56
CA ALA F 871 20.87 -7.67 -65.50
C ALA F 871 21.11 -7.01 -66.84
N GLN F 872 20.17 -6.16 -67.27
CA GLN F 872 20.36 -5.45 -68.52
C GLN F 872 21.55 -4.50 -68.46
N TYR F 873 21.71 -3.82 -67.32
CA TYR F 873 22.88 -2.96 -67.14
C TYR F 873 24.15 -3.79 -67.21
N THR F 874 24.16 -4.94 -66.55
CA THR F 874 25.33 -5.81 -66.61
C THR F 874 25.62 -6.24 -68.03
N SER F 875 24.58 -6.61 -68.77
CA SER F 875 24.74 -6.99 -70.17
C SER F 875 25.32 -5.86 -70.99
N ALA F 876 24.84 -4.63 -70.75
CA ALA F 876 25.38 -3.48 -71.46
C ALA F 876 26.85 -3.29 -71.13
N LEU F 877 27.22 -3.46 -69.86
CA LEU F 877 28.62 -3.38 -69.48
C LEU F 877 29.45 -4.42 -70.24
N LEU F 878 28.96 -5.65 -70.27
CA LEU F 878 29.68 -6.71 -70.95
C LEU F 878 29.83 -6.39 -72.43
N ALA F 879 28.77 -5.93 -73.07
CA ALA F 879 28.81 -5.64 -74.49
C ALA F 879 29.78 -4.51 -74.78
N GLY F 880 29.70 -3.42 -74.00
CA GLY F 880 30.65 -2.33 -74.20
C GLY F 880 32.08 -2.79 -74.05
N THR F 881 32.36 -3.55 -72.99
CA THR F 881 33.69 -4.09 -72.80
C THR F 881 34.14 -4.88 -74.02
N ILE F 882 33.41 -5.94 -74.35
CA ILE F 882 33.85 -6.87 -75.39
C ILE F 882 34.01 -6.16 -76.72
N THR F 883 33.03 -5.34 -77.10
CA THR F 883 33.00 -4.78 -78.43
C THR F 883 33.69 -3.42 -78.54
N SER F 884 34.24 -2.88 -77.45
CA SER F 884 34.89 -1.59 -77.57
C SER F 884 36.16 -1.42 -76.74
N GLY F 885 36.65 -2.46 -76.06
CA GLY F 885 37.80 -2.18 -75.22
C GLY F 885 37.40 -1.33 -74.03
N TRP F 886 38.37 -0.60 -73.49
CA TRP F 886 38.16 0.16 -72.27
C TRP F 886 37.63 1.56 -72.50
N THR F 887 37.61 2.04 -73.75
CA THR F 887 37.30 3.44 -73.99
C THR F 887 35.87 3.80 -73.59
N PHE F 888 34.94 2.85 -73.68
CA PHE F 888 33.54 3.17 -73.45
C PHE F 888 33.29 3.67 -72.03
N GLY F 889 34.21 3.39 -71.10
CA GLY F 889 34.12 3.99 -69.79
C GLY F 889 34.62 5.41 -69.71
N ALA F 890 35.22 5.92 -70.79
CA ALA F 890 35.86 7.23 -70.81
C ALA F 890 35.28 8.08 -71.93
N GLY F 891 33.95 8.09 -72.05
CA GLY F 891 33.29 8.89 -73.05
C GLY F 891 32.52 8.05 -74.05
N PRO F 892 32.94 8.10 -75.31
CA PRO F 892 32.27 7.30 -76.35
C PRO F 892 32.94 5.95 -76.55
N ALA F 893 32.11 4.93 -76.78
CA ALA F 893 32.63 3.61 -77.12
C ALA F 893 33.27 3.64 -78.49
N LEU F 894 34.39 2.95 -78.61
CA LEU F 894 35.13 2.83 -79.87
C LEU F 894 35.28 1.35 -80.21
N GLN F 895 34.70 0.93 -81.33
CA GLN F 895 34.78 -0.48 -81.70
C GLN F 895 36.22 -0.87 -82.00
N ILE F 896 36.56 -2.11 -81.66
CA ILE F 896 37.91 -2.64 -81.83
C ILE F 896 37.81 -4.16 -81.79
N PRO F 897 38.40 -4.88 -82.74
CA PRO F 897 38.31 -6.35 -82.71
C PRO F 897 38.84 -6.90 -81.40
N PHE F 898 38.13 -7.91 -80.88
CA PHE F 898 38.44 -8.42 -79.55
C PHE F 898 39.85 -9.01 -79.45
N PRO F 899 40.35 -9.80 -80.40
CA PRO F 899 41.76 -10.18 -80.34
C PRO F 899 42.69 -8.97 -80.33
N MET F 900 42.35 -7.92 -81.05
CA MET F 900 43.14 -6.69 -80.98
C MET F 900 43.10 -6.10 -79.57
N GLN F 901 41.94 -6.13 -78.93
CA GLN F 901 41.85 -5.64 -77.56
C GLN F 901 42.69 -6.48 -76.62
N MET F 902 42.66 -7.80 -76.80
CA MET F 902 43.49 -8.68 -75.97
C MET F 902 44.96 -8.41 -76.21
N ALA F 903 45.34 -8.08 -77.44
CA ALA F 903 46.72 -7.70 -77.71
C ALA F 903 47.08 -6.42 -76.98
N TYR F 904 46.16 -5.45 -76.95
CA TYR F 904 46.38 -4.25 -76.16
C TYR F 904 46.56 -4.58 -74.69
N ARG F 905 45.74 -5.50 -74.17
CA ARG F 905 45.84 -5.90 -72.78
C ARG F 905 47.20 -6.55 -72.50
N PHE F 906 47.65 -7.42 -73.40
CA PHE F 906 48.95 -8.05 -73.24
C PHE F 906 50.06 -7.01 -73.24
N ASN F 907 49.97 -6.03 -74.15
CA ASN F 907 50.90 -4.91 -74.12
C ASN F 907 50.85 -4.21 -72.77
N GLY F 908 49.67 -4.06 -72.21
CA GLY F 908 49.54 -3.42 -70.91
C GLY F 908 50.22 -4.19 -69.81
N ILE F 909 50.09 -5.52 -69.82
CA ILE F 909 50.67 -6.31 -68.74
C ILE F 909 52.16 -6.50 -68.93
N GLY F 910 52.65 -6.43 -70.17
CA GLY F 910 54.08 -6.53 -70.40
C GLY F 910 54.52 -7.58 -71.38
N VAL F 911 53.62 -8.04 -72.25
CA VAL F 911 53.94 -9.02 -73.26
C VAL F 911 53.48 -8.51 -74.62
N THR F 912 54.29 -8.76 -75.65
CA THR F 912 54.02 -8.22 -76.97
C THR F 912 52.87 -8.95 -77.65
N GLN F 913 52.31 -8.30 -78.67
CA GLN F 913 51.17 -8.87 -79.40
C GLN F 913 51.55 -10.13 -80.16
N ASN F 914 52.85 -10.40 -80.31
CA ASN F 914 53.28 -11.60 -81.02
C ASN F 914 52.73 -12.86 -80.38
N VAL F 915 52.80 -12.97 -79.06
CA VAL F 915 52.39 -14.20 -78.40
C VAL F 915 50.91 -14.46 -78.62
N LEU F 916 50.09 -13.40 -78.51
CA LEU F 916 48.65 -13.58 -78.73
C LEU F 916 48.35 -13.93 -80.18
N TYR F 917 48.96 -13.21 -81.12
CA TYR F 917 48.67 -13.50 -82.51
C TYR F 917 49.26 -14.83 -82.96
N GLU F 918 50.16 -15.42 -82.16
CA GLU F 918 50.65 -16.76 -82.40
C GLU F 918 49.84 -17.83 -81.69
N ASN F 919 49.15 -17.49 -80.61
CA ASN F 919 48.44 -18.50 -79.84
C ASN F 919 46.97 -18.13 -79.63
N GLN F 920 46.37 -17.41 -80.57
CA GLN F 920 44.98 -16.97 -80.41
C GLN F 920 44.04 -18.14 -80.16
N LYS F 921 44.13 -19.18 -80.99
CA LYS F 921 43.21 -20.30 -80.84
C LYS F 921 43.39 -21.00 -79.50
N LEU F 922 44.64 -21.24 -79.10
CA LEU F 922 44.89 -21.93 -77.84
C LEU F 922 44.43 -21.09 -76.65
N ILE F 923 44.69 -19.79 -76.70
CA ILE F 923 44.28 -18.91 -75.61
C ILE F 923 42.76 -18.84 -75.52
N ALA F 924 42.08 -18.78 -76.67
CA ALA F 924 40.63 -18.79 -76.67
C ALA F 924 40.10 -20.09 -76.10
N ASN F 925 40.73 -21.22 -76.45
CA ASN F 925 40.32 -22.49 -75.89
C ASN F 925 40.51 -22.51 -74.38
N GLN F 926 41.63 -21.97 -73.90
CA GLN F 926 41.87 -21.90 -72.46
C GLN F 926 40.82 -21.04 -71.78
N PHE F 927 40.48 -19.91 -72.39
CA PHE F 927 39.47 -19.03 -71.81
C PHE F 927 38.12 -19.75 -71.73
N ASN F 928 37.73 -20.42 -72.82
CA ASN F 928 36.45 -21.13 -72.83
C ASN F 928 36.44 -22.25 -71.81
N SER F 929 37.55 -22.99 -71.70
CA SER F 929 37.63 -24.05 -70.70
C SER F 929 37.54 -23.49 -69.29
N ALA F 930 38.18 -22.35 -69.05
CA ALA F 930 38.10 -21.71 -67.74
C ALA F 930 36.68 -21.28 -67.44
N ILE F 931 35.97 -20.75 -68.44
CA ILE F 931 34.59 -20.36 -68.24
C ILE F 931 33.73 -21.56 -67.91
N GLY F 932 33.92 -22.66 -68.65
CA GLY F 932 33.19 -23.88 -68.32
C GLY F 932 33.49 -24.37 -66.92
N LYS F 933 34.76 -24.29 -66.52
CA LYS F 933 35.17 -24.75 -65.20
C LYS F 933 34.54 -23.90 -64.11
N ILE F 934 34.50 -22.58 -64.30
CA ILE F 934 33.90 -21.73 -63.28
C ILE F 934 32.40 -21.95 -63.22
N GLN F 935 31.76 -22.18 -64.37
CA GLN F 935 30.34 -22.51 -64.37
C GLN F 935 30.09 -23.79 -63.58
N ASP F 936 30.90 -24.81 -63.83
CA ASP F 936 30.72 -26.07 -63.12
C ASP F 936 31.01 -25.92 -61.62
N SER F 937 32.00 -25.11 -61.26
CA SER F 937 32.30 -24.88 -59.85
C SER F 937 31.13 -24.20 -59.16
N LEU F 938 30.54 -23.20 -59.81
CA LEU F 938 29.36 -22.55 -59.25
C LEU F 938 28.21 -23.53 -59.12
N SER F 939 28.02 -24.37 -60.13
CA SER F 939 26.95 -25.37 -60.09
C SER F 939 27.14 -26.35 -58.95
N SER F 940 28.38 -26.79 -58.72
CA SER F 940 28.68 -27.84 -57.76
C SER F 940 28.78 -27.30 -56.34
N THR F 941 29.63 -26.32 -56.12
CA THR F 941 29.87 -25.82 -54.77
C THR F 941 28.66 -25.05 -54.28
N PRO F 942 28.03 -25.45 -53.18
CA PRO F 942 26.89 -24.68 -52.65
C PRO F 942 27.35 -23.55 -51.76
N SER F 943 28.55 -23.66 -51.21
CA SER F 943 29.10 -22.64 -50.33
C SER F 943 29.81 -21.52 -51.10
N ALA F 944 29.91 -21.63 -52.42
CA ALA F 944 30.60 -20.62 -53.21
C ALA F 944 29.99 -19.24 -52.98
N LEU F 945 28.67 -19.17 -52.93
CA LEU F 945 27.98 -17.92 -52.60
C LEU F 945 27.84 -17.77 -51.09
N GLY F 946 28.96 -17.94 -50.38
CA GLY F 946 28.91 -17.83 -48.93
C GLY F 946 28.58 -16.44 -48.46
N LYS F 947 29.19 -15.42 -49.08
CA LYS F 947 29.08 -14.05 -48.61
C LYS F 947 27.64 -13.56 -48.63
N LEU F 948 27.09 -13.42 -49.84
CA LEU F 948 25.79 -12.77 -50.01
C LEU F 948 24.74 -13.45 -49.15
N GLN F 949 24.64 -14.78 -49.25
CA GLN F 949 23.68 -15.53 -48.46
C GLN F 949 23.81 -15.17 -46.99
N ASP F 950 25.04 -15.24 -46.47
CA ASP F 950 25.27 -14.88 -45.07
C ASP F 950 24.68 -13.52 -44.76
N VAL F 951 25.01 -12.53 -45.60
CA VAL F 951 24.47 -11.19 -45.43
C VAL F 951 22.96 -11.27 -45.25
N VAL F 952 22.27 -11.85 -46.22
CA VAL F 952 20.82 -11.95 -46.15
C VAL F 952 20.42 -12.63 -44.86
N ASN F 953 21.06 -13.77 -44.57
CA ASN F 953 20.72 -14.52 -43.37
C ASN F 953 20.77 -13.62 -42.15
N GLN F 954 21.85 -12.84 -42.01
CA GLN F 954 21.95 -11.91 -40.89
C GLN F 954 20.68 -11.09 -40.77
N ASN F 955 20.37 -10.32 -41.81
CA ASN F 955 19.17 -9.50 -41.78
C ASN F 955 17.97 -10.36 -41.41
N ALA F 956 17.83 -11.50 -42.09
CA ALA F 956 16.73 -12.41 -41.78
C ALA F 956 16.64 -12.65 -40.29
N GLN F 957 17.69 -13.22 -39.70
CA GLN F 957 17.62 -13.53 -38.28
C GLN F 957 17.47 -12.25 -37.47
N ALA F 958 18.15 -11.18 -37.88
CA ALA F 958 17.98 -9.90 -37.23
C ALA F 958 16.50 -9.53 -37.20
N LEU F 959 15.85 -9.58 -38.36
CA LEU F 959 14.41 -9.32 -38.40
C LEU F 959 13.68 -10.25 -37.46
N ASN F 960 13.97 -11.56 -37.55
CA ASN F 960 13.33 -12.50 -36.65
C ASN F 960 13.60 -12.13 -35.20
N THR F 961 14.84 -11.75 -34.90
CA THR F 961 15.17 -11.31 -33.56
C THR F 961 14.22 -10.21 -33.11
N LEU F 962 14.05 -9.20 -33.95
CA LEU F 962 13.12 -8.11 -33.63
C LEU F 962 11.74 -8.67 -33.34
N VAL F 963 11.25 -9.54 -34.21
CA VAL F 963 9.94 -10.13 -34.01
C VAL F 963 9.88 -10.88 -32.70
N LYS F 964 10.95 -11.63 -32.38
CA LYS F 964 10.96 -12.36 -31.12
C LYS F 964 10.83 -11.43 -29.93
N GLN F 965 11.39 -10.23 -30.04
CA GLN F 965 11.31 -9.27 -28.95
C GLN F 965 9.87 -8.87 -28.64
N LEU F 966 8.94 -9.14 -29.56
CA LEU F 966 7.53 -8.91 -29.27
C LEU F 966 7.08 -9.74 -28.08
N SER F 967 7.49 -11.00 -28.01
CA SER F 967 7.05 -11.86 -26.93
C SER F 967 7.74 -11.55 -25.61
N SER F 968 8.81 -10.75 -25.63
CA SER F 968 9.51 -10.41 -24.41
C SER F 968 8.67 -9.50 -23.55
N ASN F 969 8.66 -9.76 -22.23
CA ASN F 969 7.94 -8.89 -21.31
C ASN F 969 8.79 -7.74 -20.81
N PHE F 970 10.11 -7.89 -20.82
CA PHE F 970 11.02 -6.88 -20.26
C PHE F 970 10.65 -6.58 -18.81
N GLY F 971 10.24 -7.61 -18.08
CA GLY F 971 9.77 -7.45 -16.72
C GLY F 971 8.32 -7.08 -16.58
N ALA F 972 7.60 -6.90 -17.68
CA ALA F 972 6.18 -6.59 -17.59
C ALA F 972 5.38 -7.85 -17.27
N ILE F 973 4.14 -7.66 -16.86
CA ILE F 973 3.28 -8.78 -16.52
C ILE F 973 3.02 -9.65 -17.74
N SER F 974 2.80 -9.04 -18.90
CA SER F 974 2.59 -9.80 -20.12
C SER F 974 3.07 -8.97 -21.30
N SER F 975 3.33 -9.65 -22.41
CA SER F 975 3.82 -9.03 -23.63
C SER F 975 2.72 -8.90 -24.67
N VAL F 976 1.49 -8.68 -24.22
CA VAL F 976 0.35 -8.43 -25.09
C VAL F 976 -0.31 -7.14 -24.64
N LEU F 977 -0.34 -6.15 -25.53
CA LEU F 977 -0.77 -4.80 -25.15
C LEU F 977 -2.21 -4.79 -24.67
N ASN F 978 -3.11 -5.45 -25.39
CA ASN F 978 -4.51 -5.47 -24.96
C ASN F 978 -4.67 -6.28 -23.68
N ASP F 979 -3.92 -7.37 -23.54
CA ASP F 979 -3.97 -8.14 -22.30
C ASP F 979 -3.52 -7.29 -21.12
N ILE F 980 -2.61 -6.34 -21.34
CA ILE F 980 -2.29 -5.37 -20.30
C ILE F 980 -3.46 -4.42 -20.09
N LEU F 981 -4.05 -3.94 -21.18
CA LEU F 981 -5.20 -3.06 -21.09
C LEU F 981 -6.36 -3.75 -20.37
N SER F 982 -6.68 -4.97 -20.78
CA SER F 982 -7.64 -5.77 -20.03
C SER F 982 -7.01 -6.26 -18.74
N ARG F 983 -7.87 -6.70 -17.82
CA ARG F 983 -7.44 -7.36 -16.59
C ARG F 983 -6.70 -6.40 -15.66
N LEU F 984 -6.46 -5.18 -16.13
CA LEU F 984 -5.71 -4.18 -15.38
C LEU F 984 -6.36 -2.81 -15.54
N ASP F 985 -6.48 -2.09 -14.44
CA ASP F 985 -6.99 -0.73 -14.49
C ASP F 985 -5.93 0.22 -15.03
N PRO F 986 -6.34 1.36 -15.58
CA PRO F 986 -5.39 2.29 -16.19
C PRO F 986 -4.26 2.72 -15.27
N PRO F 987 -4.50 2.96 -13.96
CA PRO F 987 -3.41 3.47 -13.12
C PRO F 987 -2.12 2.67 -13.15
N GLU F 988 -2.19 1.34 -13.20
CA GLU F 988 -0.99 0.54 -13.35
C GLU F 988 -0.83 -0.06 -14.74
N ALA F 989 -1.92 -0.14 -15.51
CA ALA F 989 -1.78 -0.52 -16.91
C ALA F 989 -0.89 0.46 -17.64
N GLU F 990 -0.96 1.75 -17.28
CA GLU F 990 -0.12 2.75 -17.92
C GLU F 990 1.35 2.49 -17.65
N VAL F 991 1.71 2.14 -16.42
CA VAL F 991 3.13 1.92 -16.11
C VAL F 991 3.61 0.61 -16.73
N GLN F 992 2.75 -0.41 -16.76
CA GLN F 992 3.12 -1.65 -17.44
C GLN F 992 3.34 -1.41 -18.92
N ILE F 993 2.46 -0.65 -19.55
CA ILE F 993 2.63 -0.32 -20.97
C ILE F 993 3.87 0.54 -21.16
N ASP F 994 4.18 1.41 -20.20
CA ASP F 994 5.39 2.21 -20.29
C ASP F 994 6.62 1.31 -20.28
N ARG F 995 6.66 0.33 -19.38
CA ARG F 995 7.78 -0.60 -19.34
C ARG F 995 7.88 -1.39 -20.65
N LEU F 996 6.74 -1.86 -21.16
CA LEU F 996 6.75 -2.62 -22.40
C LEU F 996 7.23 -1.76 -23.56
N ILE F 997 6.79 -0.50 -23.60
CA ILE F 997 7.24 0.42 -24.65
C ILE F 997 8.73 0.66 -24.53
N THR F 998 9.22 0.82 -23.31
CA THR F 998 10.66 0.99 -23.11
C THR F 998 11.42 -0.20 -23.67
N GLY F 999 10.95 -1.41 -23.36
CA GLY F 999 11.62 -2.60 -23.87
C GLY F 999 11.58 -2.69 -25.38
N ARG F 1000 10.41 -2.46 -25.97
CA ARG F 1000 10.29 -2.53 -27.42
C ARG F 1000 11.16 -1.48 -28.09
N LEU F 1001 11.17 -0.26 -27.57
CA LEU F 1001 11.98 0.80 -28.16
C LEU F 1001 13.45 0.50 -28.00
N GLN F 1002 13.86 -0.09 -26.87
CA GLN F 1002 15.24 -0.50 -26.70
C GLN F 1002 15.63 -1.52 -27.75
N SER F 1003 14.78 -2.53 -27.96
CA SER F 1003 15.06 -3.54 -28.97
C SER F 1003 15.13 -2.92 -30.37
N LEU F 1004 14.20 -2.02 -30.66
CA LEU F 1004 14.19 -1.38 -31.98
C LEU F 1004 15.43 -0.52 -32.17
N GLN F 1005 15.86 0.18 -31.12
CA GLN F 1005 17.07 0.98 -31.20
C GLN F 1005 18.29 0.10 -31.44
N THR F 1006 18.35 -1.03 -30.76
CA THR F 1006 19.43 -1.98 -31.02
C THR F 1006 19.39 -2.44 -32.47
N TYR F 1007 18.19 -2.73 -32.98
CA TYR F 1007 18.05 -3.19 -34.35
C TYR F 1007 18.54 -2.12 -35.33
N VAL F 1008 18.13 -0.87 -35.12
CA VAL F 1008 18.52 0.17 -36.06
C VAL F 1008 20.00 0.46 -35.96
N THR F 1009 20.58 0.34 -34.76
CA THR F 1009 22.02 0.53 -34.63
C THR F 1009 22.78 -0.54 -35.40
N GLN F 1010 22.41 -1.80 -35.20
CA GLN F 1010 23.05 -2.88 -35.95
C GLN F 1010 22.82 -2.73 -37.44
N GLN F 1011 21.64 -2.27 -37.83
CA GLN F 1011 21.36 -2.03 -39.24
C GLN F 1011 22.26 -0.95 -39.79
N LEU F 1012 22.49 0.11 -39.02
CA LEU F 1012 23.40 1.17 -39.44
C LEU F 1012 24.82 0.64 -39.60
N ILE F 1013 25.26 -0.20 -38.66
CA ILE F 1013 26.61 -0.76 -38.75
C ILE F 1013 26.73 -1.61 -40.01
N ARG F 1014 25.77 -2.51 -40.22
CA ARG F 1014 25.80 -3.37 -41.39
C ARG F 1014 25.68 -2.56 -42.67
N ALA F 1015 24.91 -1.47 -42.63
CA ALA F 1015 24.79 -0.61 -43.80
C ALA F 1015 26.09 0.10 -44.10
N ALA F 1016 26.83 0.51 -43.05
CA ALA F 1016 28.14 1.10 -43.27
C ALA F 1016 29.09 0.09 -43.89
N GLU F 1017 29.06 -1.15 -43.39
CA GLU F 1017 29.88 -2.20 -43.99
C GLU F 1017 29.51 -2.42 -45.44
N ILE F 1018 28.21 -2.47 -45.73
CA ILE F 1018 27.74 -2.67 -47.10
C ILE F 1018 28.14 -1.49 -47.96
N ARG F 1019 28.10 -0.28 -47.41
CA ARG F 1019 28.51 0.91 -48.16
C ARG F 1019 29.98 0.83 -48.53
N ALA F 1020 30.82 0.45 -47.57
CA ALA F 1020 32.24 0.33 -47.86
C ALA F 1020 32.49 -0.74 -48.91
N SER F 1021 31.86 -1.89 -48.76
CA SER F 1021 32.01 -2.96 -49.75
C SER F 1021 31.44 -2.55 -51.10
N ALA F 1022 30.40 -1.73 -51.11
CA ALA F 1022 29.80 -1.29 -52.37
C ALA F 1022 30.69 -0.29 -53.08
N ASN F 1023 31.32 0.60 -52.33
CA ASN F 1023 32.32 1.48 -52.92
C ASN F 1023 33.48 0.66 -53.48
N LEU F 1024 33.90 -0.36 -52.74
CA LEU F 1024 34.94 -1.25 -53.23
C LEU F 1024 34.51 -1.93 -54.51
N ALA F 1025 33.26 -2.39 -54.57
CA ALA F 1025 32.74 -3.03 -55.77
C ALA F 1025 32.68 -2.05 -56.93
N ALA F 1026 32.25 -0.82 -56.66
CA ALA F 1026 32.12 0.18 -57.71
C ALA F 1026 33.48 0.51 -58.31
N THR F 1027 34.47 0.73 -57.46
CA THR F 1027 35.81 1.00 -57.99
C THR F 1027 36.40 -0.25 -58.63
N LYS F 1028 36.05 -1.44 -58.13
CA LYS F 1028 36.52 -2.67 -58.76
C LYS F 1028 35.96 -2.79 -60.16
N MET F 1029 34.69 -2.43 -60.36
CA MET F 1029 34.10 -2.40 -61.68
C MET F 1029 34.80 -1.37 -62.55
N SER F 1030 34.92 -0.13 -62.05
CA SER F 1030 35.44 0.96 -62.84
C SER F 1030 36.93 0.79 -63.12
N GLU F 1031 37.59 -0.13 -62.43
CA GLU F 1031 39.03 -0.29 -62.56
C GLU F 1031 39.44 -1.67 -63.06
N CYS F 1032 38.51 -2.61 -63.18
CA CYS F 1032 38.84 -3.97 -63.60
C CYS F 1032 38.11 -4.42 -64.85
N VAL F 1033 36.94 -3.87 -65.15
CA VAL F 1033 36.25 -4.15 -66.39
C VAL F 1033 36.16 -2.91 -67.28
N LEU F 1034 36.03 -1.73 -66.68
CA LEU F 1034 36.07 -0.48 -67.43
C LEU F 1034 37.47 -0.19 -67.97
N GLY F 1035 38.47 -0.94 -67.54
CA GLY F 1035 39.83 -0.77 -68.01
C GLY F 1035 40.76 -1.74 -67.33
N GLN F 1036 41.68 -2.34 -68.09
CA GLN F 1036 42.63 -3.26 -67.50
C GLN F 1036 43.48 -2.55 -66.45
N SER F 1037 43.61 -3.18 -65.28
CA SER F 1037 44.34 -2.60 -64.18
C SER F 1037 45.77 -3.10 -64.16
N LYS F 1038 46.63 -2.37 -63.46
CA LYS F 1038 48.01 -2.79 -63.24
C LYS F 1038 48.36 -2.89 -61.77
N ARG F 1039 47.54 -2.35 -60.87
CA ARG F 1039 47.73 -2.61 -59.46
C ARG F 1039 47.54 -4.10 -59.20
N VAL F 1040 48.39 -4.68 -58.37
CA VAL F 1040 48.41 -6.12 -58.21
C VAL F 1040 47.39 -6.53 -57.14
N ASP F 1041 47.04 -7.82 -57.14
CA ASP F 1041 46.23 -8.42 -56.08
C ASP F 1041 44.93 -7.67 -55.84
N PHE F 1042 44.44 -6.96 -56.87
CA PHE F 1042 43.21 -6.21 -56.74
C PHE F 1042 42.11 -6.77 -57.64
N CYS F 1043 42.36 -6.88 -58.94
CA CYS F 1043 41.41 -7.54 -59.84
C CYS F 1043 41.72 -9.03 -59.96
N GLY F 1044 41.80 -9.70 -58.83
CA GLY F 1044 42.04 -11.13 -58.80
C GLY F 1044 43.50 -11.47 -58.63
N LYS F 1045 43.73 -12.68 -58.12
CA LYS F 1045 45.10 -13.16 -57.93
C LYS F 1045 45.79 -13.34 -59.27
N GLY F 1046 46.94 -12.69 -59.42
CA GLY F 1046 47.68 -12.75 -60.67
C GLY F 1046 47.64 -11.44 -61.43
N TYR F 1047 48.31 -11.44 -62.58
CA TYR F 1047 48.34 -10.23 -63.40
C TYR F 1047 47.00 -10.07 -64.11
N HIS F 1048 46.46 -8.87 -64.06
CA HIS F 1048 45.07 -8.67 -64.48
C HIS F 1048 44.96 -8.53 -65.98
N LEU F 1049 43.87 -9.07 -66.55
CA LEU F 1049 43.57 -8.89 -67.96
C LEU F 1049 42.28 -8.12 -68.17
N MET F 1050 41.15 -8.62 -67.66
CA MET F 1050 39.87 -7.94 -67.79
C MET F 1050 38.98 -8.43 -66.65
N SER F 1051 37.68 -8.14 -66.76
CA SER F 1051 36.74 -8.58 -65.75
C SER F 1051 35.35 -8.69 -66.38
N PHE F 1052 34.47 -9.44 -65.71
CA PHE F 1052 33.13 -9.70 -66.21
C PHE F 1052 32.15 -9.62 -65.04
N PRO F 1053 31.51 -8.48 -64.85
CA PRO F 1053 30.51 -8.36 -63.79
C PRO F 1053 29.30 -9.24 -64.07
N GLN F 1054 28.69 -9.73 -62.99
CA GLN F 1054 27.47 -10.49 -63.06
C GLN F 1054 26.59 -10.12 -61.88
N SER F 1055 25.32 -9.85 -62.15
CA SER F 1055 24.40 -9.46 -61.11
C SER F 1055 24.04 -10.64 -60.22
N ALA F 1056 23.52 -10.33 -59.05
CA ALA F 1056 23.03 -11.33 -58.11
C ALA F 1056 22.16 -10.61 -57.09
N PRO F 1057 21.27 -11.33 -56.41
CA PRO F 1057 20.44 -10.67 -55.40
C PRO F 1057 21.27 -9.92 -54.38
N HIS F 1058 21.18 -8.60 -54.41
CA HIS F 1058 21.89 -7.72 -53.49
C HIS F 1058 23.40 -7.86 -53.60
N GLY F 1059 23.89 -8.43 -54.70
CA GLY F 1059 25.31 -8.70 -54.77
C GLY F 1059 25.81 -8.75 -56.19
N VAL F 1060 27.13 -8.80 -56.31
CA VAL F 1060 27.78 -8.85 -57.61
C VAL F 1060 28.88 -9.89 -57.58
N VAL F 1061 29.18 -10.46 -58.76
CA VAL F 1061 30.20 -11.48 -58.92
C VAL F 1061 31.13 -11.04 -60.03
N PHE F 1062 32.43 -11.13 -59.78
CA PHE F 1062 33.44 -10.77 -60.74
C PHE F 1062 34.20 -12.01 -61.19
N LEU F 1063 34.28 -12.21 -62.51
CA LEU F 1063 35.06 -13.29 -63.09
C LEU F 1063 36.41 -12.71 -63.50
N HIS F 1064 37.26 -12.49 -62.51
CA HIS F 1064 38.55 -11.90 -62.78
C HIS F 1064 39.38 -12.82 -63.67
N VAL F 1065 39.84 -12.28 -64.79
CA VAL F 1065 40.70 -13.01 -65.71
C VAL F 1065 42.13 -12.60 -65.43
N THR F 1066 42.95 -13.55 -65.01
CA THR F 1066 44.31 -13.26 -64.60
C THR F 1066 45.27 -14.15 -65.37
N TYR F 1067 46.29 -13.53 -65.94
CA TYR F 1067 47.45 -14.26 -66.43
C TYR F 1067 48.34 -14.63 -65.26
N VAL F 1068 48.83 -15.87 -65.28
CA VAL F 1068 49.76 -16.37 -64.28
C VAL F 1068 50.78 -17.26 -64.97
N PRO F 1069 52.08 -17.02 -64.79
CA PRO F 1069 53.07 -17.94 -65.36
C PRO F 1069 52.88 -19.34 -64.83
N ALA F 1070 53.02 -20.33 -65.71
CA ALA F 1070 52.76 -21.72 -65.37
C ALA F 1070 54.04 -22.55 -65.34
N GLN F 1071 54.78 -22.59 -66.44
CA GLN F 1071 56.03 -23.34 -66.52
C GLN F 1071 57.19 -22.36 -66.57
N GLU F 1072 58.27 -22.70 -65.87
CA GLU F 1072 59.42 -21.82 -65.79
C GLU F 1072 60.70 -22.61 -66.02
N LYS F 1073 61.69 -21.93 -66.59
CA LYS F 1073 63.02 -22.51 -66.74
C LYS F 1073 64.05 -21.45 -66.38
N ASN F 1074 65.14 -21.90 -65.76
CA ASN F 1074 66.16 -20.99 -65.28
C ASN F 1074 67.34 -20.94 -66.23
N PHE F 1075 67.96 -19.78 -66.30
CA PHE F 1075 69.07 -19.53 -67.20
C PHE F 1075 70.02 -18.53 -66.55
N THR F 1076 71.07 -18.19 -67.29
CA THR F 1076 72.12 -17.31 -66.81
C THR F 1076 71.80 -15.86 -67.14
N THR F 1077 72.08 -14.98 -66.18
CA THR F 1077 71.77 -13.56 -66.31
C THR F 1077 73.00 -12.78 -66.76
N ALA F 1078 72.75 -11.61 -67.32
CA ALA F 1078 73.80 -10.69 -67.71
C ALA F 1078 73.35 -9.26 -67.47
N PRO F 1079 73.90 -8.58 -66.47
CA PRO F 1079 73.49 -7.18 -66.23
C PRO F 1079 73.77 -6.27 -67.42
N ALA F 1080 74.80 -6.55 -68.20
CA ALA F 1080 75.09 -5.78 -69.40
C ALA F 1080 75.84 -6.65 -70.39
N ILE F 1081 76.19 -6.07 -71.53
CA ILE F 1081 76.87 -6.78 -72.61
C ILE F 1081 78.04 -5.92 -73.08
N CYS F 1082 79.20 -6.55 -73.24
CA CYS F 1082 80.41 -5.88 -73.70
C CYS F 1082 80.77 -6.45 -75.07
N HIS F 1083 80.39 -5.74 -76.13
CA HIS F 1083 80.68 -6.15 -77.50
C HIS F 1083 81.90 -5.44 -78.07
N ASP F 1084 81.88 -4.11 -78.10
CA ASP F 1084 82.97 -3.31 -78.62
C ASP F 1084 83.58 -2.47 -77.51
N GLY F 1085 83.74 -3.08 -76.33
CA GLY F 1085 84.29 -2.38 -75.18
C GLY F 1085 83.33 -1.49 -74.44
N LYS F 1086 82.06 -1.44 -74.85
CA LYS F 1086 81.06 -0.59 -74.23
C LYS F 1086 79.92 -1.44 -73.68
N ALA F 1087 79.39 -1.02 -72.54
CA ALA F 1087 78.29 -1.74 -71.92
C ALA F 1087 77.00 -1.53 -72.71
N HIS F 1088 76.13 -2.54 -72.66
CA HIS F 1088 74.82 -2.47 -73.32
C HIS F 1088 73.75 -2.94 -72.35
N PHE F 1089 72.58 -2.34 -72.44
CA PHE F 1089 71.46 -2.63 -71.57
C PHE F 1089 70.21 -2.85 -72.39
N PRO F 1090 69.27 -3.65 -71.88
CA PRO F 1090 68.04 -3.90 -72.63
C PRO F 1090 66.95 -2.88 -72.33
N ARG F 1091 66.32 -2.34 -73.37
CA ARG F 1091 65.13 -1.52 -73.15
C ARG F 1091 64.03 -2.33 -72.49
N GLU F 1092 63.95 -3.61 -72.80
CA GLU F 1092 62.97 -4.50 -72.19
C GLU F 1092 63.55 -5.91 -72.18
N GLY F 1093 63.01 -6.76 -71.32
CA GLY F 1093 63.49 -8.11 -71.21
C GLY F 1093 64.80 -8.17 -70.45
N VAL F 1094 65.44 -9.34 -70.53
CA VAL F 1094 66.72 -9.56 -69.87
C VAL F 1094 67.56 -10.50 -70.73
N PHE F 1095 68.86 -10.51 -70.48
CA PHE F 1095 69.78 -11.35 -71.22
C PHE F 1095 69.86 -12.74 -70.59
N VAL F 1096 69.70 -13.78 -71.41
CA VAL F 1096 69.76 -15.16 -70.96
C VAL F 1096 70.64 -15.93 -71.93
N SER F 1097 71.16 -17.06 -71.47
CA SER F 1097 71.94 -17.95 -72.32
C SER F 1097 71.60 -19.38 -71.97
N ASN F 1098 71.23 -20.17 -72.98
CA ASN F 1098 70.93 -21.57 -72.72
C ASN F 1098 72.18 -22.26 -72.19
N GLY F 1099 73.20 -22.42 -73.03
CA GLY F 1099 74.52 -22.70 -72.51
C GLY F 1099 75.59 -21.75 -72.99
N THR F 1100 75.44 -21.27 -74.22
CA THR F 1100 76.44 -20.40 -74.83
C THR F 1100 75.84 -19.16 -75.49
N HIS F 1101 74.69 -19.28 -76.12
CA HIS F 1101 74.15 -18.22 -76.96
C HIS F 1101 73.30 -17.28 -76.11
N TRP F 1102 73.67 -16.00 -76.10
CA TRP F 1102 72.95 -15.00 -75.33
C TRP F 1102 71.85 -14.37 -76.18
N PHE F 1103 70.63 -14.39 -75.67
CA PHE F 1103 69.50 -13.71 -76.29
C PHE F 1103 68.83 -12.82 -75.26
N VAL F 1104 68.32 -11.70 -75.73
CA VAL F 1104 67.44 -10.85 -74.93
C VAL F 1104 66.03 -11.40 -75.06
N THR F 1105 65.34 -11.57 -73.94
CA THR F 1105 64.02 -12.16 -73.93
C THR F 1105 63.06 -11.25 -73.18
N GLN F 1106 61.77 -11.37 -73.51
CA GLN F 1106 60.74 -10.65 -72.79
C GLN F 1106 60.72 -11.09 -71.34
N ARG F 1107 60.42 -10.14 -70.45
CA ARG F 1107 60.62 -10.37 -69.02
C ARG F 1107 59.68 -11.43 -68.46
N ASN F 1108 58.42 -11.47 -68.93
CA ASN F 1108 57.41 -12.33 -68.34
C ASN F 1108 57.23 -13.64 -69.09
N PHE F 1109 57.81 -13.79 -70.27
CA PHE F 1109 57.69 -15.02 -71.03
C PHE F 1109 58.92 -15.19 -71.90
N TYR F 1110 59.32 -16.44 -72.11
CA TYR F 1110 60.55 -16.69 -72.86
C TYR F 1110 60.37 -16.32 -74.33
N GLU F 1111 60.85 -15.13 -74.69
CA GLU F 1111 60.83 -14.65 -76.07
C GLU F 1111 62.23 -14.20 -76.44
N PRO F 1112 63.17 -15.13 -76.57
CA PRO F 1112 64.56 -14.76 -76.81
C PRO F 1112 64.80 -14.30 -78.23
N GLN F 1113 65.78 -13.42 -78.39
CA GLN F 1113 66.24 -13.00 -79.71
C GLN F 1113 67.69 -12.54 -79.61
N ILE F 1114 68.40 -12.71 -80.71
CA ILE F 1114 69.83 -12.40 -80.74
C ILE F 1114 70.07 -10.94 -80.36
N ILE F 1115 71.14 -10.70 -79.62
CA ILE F 1115 71.48 -9.34 -79.21
C ILE F 1115 71.85 -8.54 -80.46
N THR F 1116 71.10 -7.48 -80.72
CA THR F 1116 71.34 -6.60 -81.84
C THR F 1116 71.24 -5.16 -81.35
N THR F 1117 71.93 -4.26 -82.03
CA THR F 1117 72.00 -2.88 -81.58
C THR F 1117 70.62 -2.23 -81.49
N ASP F 1118 69.64 -2.75 -82.22
CA ASP F 1118 68.29 -2.19 -82.13
C ASP F 1118 67.57 -2.65 -80.86
N ASN F 1119 67.71 -3.92 -80.48
CA ASN F 1119 66.94 -4.41 -79.33
C ASN F 1119 67.50 -3.88 -78.03
N THR F 1120 68.80 -3.62 -77.97
CA THR F 1120 69.43 -3.06 -76.78
C THR F 1120 69.96 -1.66 -77.08
N PHE F 1121 70.53 -1.04 -76.05
CA PHE F 1121 71.13 0.28 -76.21
C PHE F 1121 72.46 0.32 -75.48
N VAL F 1122 73.47 0.88 -76.13
CA VAL F 1122 74.77 1.06 -75.50
C VAL F 1122 74.69 2.20 -74.50
N SER F 1123 75.25 1.97 -73.31
CA SER F 1123 75.19 2.97 -72.25
C SER F 1123 76.41 2.77 -71.36
N GLY F 1124 77.29 3.77 -71.32
CA GLY F 1124 78.46 3.69 -70.49
C GLY F 1124 79.49 2.67 -71.00
N ASN F 1125 80.41 2.32 -70.12
CA ASN F 1125 81.48 1.40 -70.43
C ASN F 1125 81.36 0.14 -69.57
N CYS F 1126 82.04 -0.92 -70.01
CA CYS F 1126 81.95 -2.21 -69.33
C CYS F 1126 82.65 -2.20 -67.98
N ASP F 1127 83.54 -1.26 -67.73
CA ASP F 1127 84.36 -1.31 -66.51
C ASP F 1127 83.51 -1.13 -65.26
N VAL F 1128 82.61 -0.15 -65.25
CA VAL F 1128 81.83 0.14 -64.05
C VAL F 1128 80.82 -0.96 -63.78
N VAL F 1129 80.20 -1.49 -64.84
CA VAL F 1129 79.15 -2.48 -64.69
C VAL F 1129 79.70 -3.75 -64.06
N ILE F 1130 78.91 -4.37 -63.20
CA ILE F 1130 79.29 -5.60 -62.50
C ILE F 1130 78.53 -6.76 -63.12
N GLY F 1131 79.25 -7.84 -63.44
CA GLY F 1131 78.66 -9.03 -64.00
C GLY F 1131 78.43 -8.98 -65.49
N ILE F 1132 78.75 -7.87 -66.15
CA ILE F 1132 78.61 -7.77 -67.60
C ILE F 1132 79.52 -8.80 -68.26
N VAL F 1133 78.99 -9.49 -69.26
CA VAL F 1133 79.75 -10.51 -69.97
C VAL F 1133 80.06 -10.00 -71.37
N ASN F 1134 81.15 -10.53 -71.93
CA ASN F 1134 81.56 -10.16 -73.28
C ASN F 1134 80.76 -10.95 -74.30
N ASN F 1135 80.02 -10.25 -75.14
CA ASN F 1135 79.18 -10.90 -76.14
C ASN F 1135 79.01 -9.97 -77.33
N THR F 1136 79.03 -10.54 -78.52
CA THR F 1136 78.89 -9.74 -79.73
C THR F 1136 77.48 -9.18 -79.84
N VAL F 1137 77.38 -8.03 -80.51
CA VAL F 1137 76.10 -7.40 -80.83
C VAL F 1137 76.07 -7.20 -82.34
N TYR F 1138 75.11 -7.84 -83.00
CA TYR F 1138 75.03 -7.79 -84.46
C TYR F 1138 74.63 -6.39 -84.93
N ASP F 1139 75.16 -5.99 -86.09
CA ASP F 1139 74.82 -4.72 -86.69
C ASP F 1139 73.84 -4.94 -87.81
N PRO F 1140 72.60 -4.46 -87.71
CA PRO F 1140 71.62 -4.71 -88.79
C PRO F 1140 72.03 -4.17 -90.14
N LEU F 1141 72.70 -3.01 -90.17
CA LEU F 1141 73.09 -2.38 -91.42
C LEU F 1141 74.44 -2.84 -91.92
N GLN F 1142 75.14 -3.70 -91.17
CA GLN F 1142 76.45 -4.17 -91.60
C GLN F 1142 76.40 -4.92 -92.93
N PRO F 1143 75.50 -5.88 -93.18
CA PRO F 1143 75.48 -6.53 -94.49
C PRO F 1143 75.13 -5.59 -95.63
N GLU F 1144 74.52 -4.44 -95.34
CA GLU F 1144 74.12 -3.51 -96.39
C GLU F 1144 75.30 -2.65 -96.82
C1 NAG G . -22.37 -27.07 -35.76
C2 NAG G . -21.62 -28.20 -35.09
C3 NAG G . -21.85 -29.50 -35.85
C4 NAG G . -23.04 -29.41 -36.81
C5 NAG G . -24.19 -28.49 -36.34
C6 NAG G . -25.15 -29.18 -35.41
C7 NAG G . -19.48 -28.08 -33.89
C8 NAG G . -20.22 -28.62 -32.70
N2 NAG G . -20.20 -27.90 -35.01
O3 NAG G . -22.07 -30.54 -34.91
O4 NAG G . -22.61 -29.02 -38.11
O5 NAG G . -23.74 -27.30 -35.66
O6 NAG G . -25.61 -28.30 -34.40
O7 NAG G . -18.28 -27.83 -33.84
C1 NAG G . -23.40 -29.74 -39.06
C2 NAG G . -23.57 -28.88 -40.31
C3 NAG G . -24.36 -29.64 -41.38
C4 NAG G . -23.72 -30.99 -41.65
C5 NAG G . -23.55 -31.76 -40.34
C6 NAG G . -22.81 -33.07 -40.52
C7 NAG G . -23.68 -26.43 -40.29
C8 NAG G . -24.48 -25.23 -39.88
N2 NAG G . -24.21 -27.62 -39.99
O3 NAG G . -24.40 -28.87 -42.57
O4 NAG G . -24.54 -31.74 -42.53
O5 NAG G . -22.78 -30.98 -39.41
O6 NAG G . -21.98 -33.35 -39.41
O7 NAG G . -22.60 -26.33 -40.86
C1 NAG H . 38.45 19.76 -82.64
C2 NAG H . 38.94 20.51 -83.87
C3 NAG H . 39.11 21.99 -83.56
C4 NAG H . 37.84 22.56 -82.96
C5 NAG H . 37.42 21.73 -81.75
C6 NAG H . 36.11 22.17 -81.14
C7 NAG H . 40.21 18.89 -85.20
C8 NAG H . 41.56 18.44 -85.63
N2 NAG H . 40.18 19.95 -84.38
O3 NAG H . 39.46 22.69 -84.75
O4 NAG H . 38.02 23.92 -82.58
O5 NAG H . 37.27 20.36 -82.14
O6 NAG H . 35.82 21.43 -79.96
O7 NAG H . 39.18 18.33 -85.59
C1 NAG H . 37.37 24.74 -83.56
C2 NAG H . 36.74 25.95 -82.86
C3 NAG H . 36.09 26.87 -83.89
C4 NAG H . 37.11 27.25 -84.97
C5 NAG H . 37.74 26.00 -85.57
C6 NAG H . 38.84 26.31 -86.55
C7 NAG H . 35.84 25.85 -80.58
C8 NAG H . 34.75 25.33 -79.70
N2 NAG H . 35.77 25.52 -81.88
O3 NAG H . 35.61 28.04 -83.23
O4 NAG H . 36.45 28.00 -85.99
O5 NAG H . 38.32 25.20 -84.54
O6 NAG H . 40.11 25.93 -86.03
O7 NAG H . 36.75 26.54 -80.14
C1 NAG I . 42.66 35.65 -66.96
C2 NAG I . 42.70 36.85 -67.92
C3 NAG I . 41.45 37.69 -67.79
C4 NAG I . 40.22 36.79 -67.88
C5 NAG I . 40.18 35.87 -66.67
C6 NAG I . 39.73 34.46 -67.01
C7 NAG I . 45.11 37.29 -68.03
C8 NAG I . 46.21 38.25 -67.72
N2 NAG I . 43.88 37.66 -67.68
O3 NAG I . 41.42 38.65 -68.84
O4 NAG I . 39.02 37.56 -67.97
O5 NAG I . 41.48 35.76 -66.07
O6 NAG I . 38.71 34.47 -67.99
O7 NAG I . 45.33 36.21 -68.60
C1 NAG I . 38.75 38.43 -66.84
C2 NAG I . 37.94 39.63 -67.35
C3 NAG I . 37.51 40.55 -66.19
C4 NAG I . 36.83 39.73 -65.10
C5 NAG I . 37.72 38.57 -64.68
C6 NAG I . 37.08 37.68 -63.65
C7 NAG I . 39.76 41.09 -68.36
C8 NAG I . 40.51 41.14 -67.05
N2 NAG I . 38.61 40.38 -68.41
O3 NAG I . 36.62 41.54 -66.69
O4 NAG I . 36.55 40.55 -63.97
O5 NAG I . 38.02 37.75 -65.81
O6 NAG I . 35.92 38.28 -63.09
O7 NAG I . 40.19 41.67 -69.35
C1 NAG J . 59.14 -4.02 -0.21
C2 NAG J . 59.85 -3.88 -1.55
C3 NAG J . 61.16 -3.10 -1.38
C4 NAG J . 61.65 -3.10 0.06
C5 NAG J . 60.56 -2.63 1.05
C6 NAG J . 60.68 -1.17 1.40
C7 NAG J . 60.42 -5.34 -3.44
C8 NAG J . 60.64 -6.75 -3.89
N2 NAG J . 60.09 -5.18 -2.15
O3 NAG J . 60.97 -1.77 -1.83
O4 NAG J . 62.10 -4.39 0.45
O5 NAG J . 59.25 -2.83 0.50
O6 NAG J . 61.39 -0.45 0.41
O7 NAG J . 60.53 -4.39 -4.21
C1 NAG J . 63.07 -4.91 -0.48
C2 NAG J . 64.32 -5.31 0.28
C3 NAG J . 64.04 -6.48 1.20
C4 NAG J . 63.52 -7.68 0.40
C5 NAG J . 62.36 -7.31 -0.51
C6 NAG J . 61.03 -7.20 0.20
C7 NAG J . 66.70 -5.62 -0.26
C8 NAG J . 67.69 -5.97 -1.33
N2 NAG J . 65.41 -5.62 -0.63
O3 NAG J . 63.10 -6.11 2.20
O4 NAG J . 64.58 -8.22 -0.38
O5 NAG J . 62.57 -6.07 -1.23
O6 NAG J . 59.94 -7.16 -0.72
O7 NAG J . 67.06 -5.34 0.88
C1 NAG K . 4.01 50.55 -12.39
C2 NAG K . 4.10 50.97 -13.85
C3 NAG K . 5.41 51.69 -14.12
C4 NAG K . 5.57 52.86 -13.15
C5 NAG K . 5.45 52.35 -11.72
C6 NAG K . 5.51 53.45 -10.69
C7 NAG K . 3.20 49.82 -15.83
C8 NAG K . 2.45 51.08 -16.11
N2 NAG K . 3.96 49.82 -14.73
O3 NAG K . 5.43 52.14 -15.47
O4 NAG K . 6.85 53.48 -13.31
O5 NAG K . 4.18 51.70 -11.55
O6 NAG K . 6.72 54.19 -10.80
O7 NAG K . 3.10 48.83 -16.55
C1 NAG K . 6.73 54.56 -14.26
C2 NAG K . 7.10 55.89 -13.59
C3 NAG K . 7.09 57.02 -14.62
C4 NAG K . 7.96 56.67 -15.83
C5 NAG K . 7.54 55.31 -16.39
C6 NAG K . 8.43 54.85 -17.51
C7 NAG K . 4.90 56.37 -12.59
C8 NAG K . 4.17 56.68 -11.31
N2 NAG K . 6.21 56.19 -12.48
O3 NAG K . 7.57 58.22 -14.01
O4 NAG K . 7.80 57.66 -16.84
O5 NAG K . 7.61 54.32 -15.37
O6 NAG K . 9.03 53.59 -17.21
O7 NAG K . 4.30 56.27 -13.66
C1 NAG L . 75.40 12.13 -54.15
C2 NAG L . 76.88 12.22 -54.53
C3 NAG L . 77.70 11.21 -53.74
C4 NAG L . 77.44 11.40 -52.25
C5 NAG L . 75.96 11.30 -51.97
C6 NAG L . 75.60 11.57 -50.52
C7 NAG L . 77.32 13.02 -56.82
C8 NAG L . 77.42 14.39 -56.22
N2 NAG L . 77.06 12.02 -55.95
O3 NAG L . 79.08 11.39 -54.03
O4 NAG L . 78.15 10.40 -51.50
O5 NAG L . 75.26 12.28 -52.74
O6 NAG L . 74.20 11.69 -50.35
O7 NAG L . 77.46 12.82 -58.02
C1 NAG L . 79.26 11.07 -50.86
C2 NAG L . 79.77 10.21 -49.71
C3 NAG L . 80.99 10.85 -49.07
C4 NAG L . 82.05 11.16 -50.12
C5 NAG L . 81.45 11.99 -51.25
C6 NAG L . 82.40 12.23 -52.39
C7 NAG L . 78.35 8.77 -48.32
C8 NAG L . 77.26 8.73 -47.30
N2 NAG L . 78.72 9.99 -48.72
O3 NAG L . 81.53 9.97 -48.09
O4 NAG L . 83.13 11.88 -49.54
O5 NAG L . 80.31 11.29 -51.80
O6 NAG L . 81.77 12.03 -53.65
O7 NAG L . 78.86 7.75 -48.77
C1 NAG M . 74.95 -6.23 -41.24
C2 NAG M . 76.26 -6.99 -41.47
C3 NAG M . 76.68 -7.71 -40.18
C4 NAG M . 76.70 -6.75 -39.01
C5 NAG M . 75.36 -6.02 -38.90
C6 NAG M . 75.32 -4.98 -37.82
C7 NAG M . 76.98 -8.00 -43.58
C8 NAG M . 78.11 -7.03 -43.57
N2 NAG M . 76.12 -7.94 -42.56
O3 NAG M . 77.96 -8.29 -40.37
O4 NAG M . 76.95 -7.46 -37.80
O5 NAG M . 75.09 -5.35 -40.13
O6 NAG M . 74.78 -5.50 -36.61
O7 NAG M . 76.84 -8.82 -44.49
C1 NAG M . 78.16 -6.93 -37.21
C2 NAG M . 78.44 -7.70 -35.92
C3 NAG M . 79.73 -7.20 -35.28
C4 NAG M . 80.88 -7.23 -36.29
C5 NAG M . 80.48 -6.48 -37.57
C6 NAG M . 81.52 -6.58 -38.65
C7 NAG M . 76.85 -6.48 -34.47
C8 NAG M . 75.70 -6.63 -33.51
N2 NAG M . 77.33 -7.62 -34.98
O3 NAG M . 80.06 -8.01 -34.16
O4 NAG M . 82.03 -6.61 -35.74
O5 NAG M . 79.27 -7.04 -38.10
O6 NAG M . 81.01 -6.11 -39.90
O7 NAG M . 77.32 -5.39 -34.74
C1 NAG N . -15.72 -36.49 -0.30
C2 NAG N . -14.24 -36.87 -0.20
C3 NAG N . -13.41 -35.66 0.23
C4 NAG N . -13.73 -34.43 -0.62
C5 NAG N . -15.24 -34.24 -0.82
C6 NAG N . -15.56 -33.19 -1.86
C7 NAG N . -14.22 -38.22 1.95
C8 NAG N . -14.84 -37.09 2.72
N2 NAG N . -13.98 -38.04 0.63
O3 NAG N . -12.03 -35.97 0.12
O4 NAG N . -13.26 -33.27 0.08
O5 NAG N . -15.87 -35.46 -1.25
O6 NAG N . -14.65 -33.25 -2.95
O7 NAG N . -13.95 -39.28 2.51
C1 NAG N . -12.08 -32.70 -0.51
C2 NAG N . -11.92 -31.30 0.08
C3 NAG N . -10.67 -30.64 -0.45
C4 NAG N . -9.45 -31.54 -0.21
C5 NAG N . -9.71 -32.92 -0.79
C6 NAG N . -8.60 -33.90 -0.48
C7 NAG N . -14.13 -30.36 0.63
C8 NAG N . -15.24 -29.47 0.17
N2 NAG N . -13.09 -30.49 -0.21
O3 NAG N . -10.48 -29.38 0.20
O4 NAG N . -8.30 -30.97 -0.82
O5 NAG N . -10.91 -33.47 -0.24
O6 NAG N . -8.20 -34.62 -1.65
O7 NAG N . -14.16 -30.95 1.71
C1 NAG O . 44.10 -18.42 17.29
C2 NAG O . 45.48 -17.81 17.04
C3 NAG O . 46.38 -18.83 16.37
C4 NAG O . 46.44 -20.11 17.19
C5 NAG O . 45.03 -20.64 17.44
C6 NAG O . 45.01 -21.83 18.36
C7 NAG O . 46.26 -15.61 16.29
C8 NAG O . 46.00 -14.43 15.41
N2 NAG O . 45.37 -16.60 16.25
O3 NAG O . 47.69 -18.28 16.23
O4 NAG O . 47.19 -21.10 16.49
O5 NAG O . 44.24 -19.62 18.08
O6 NAG O . 45.99 -21.72 19.38
O7 NAG O . 47.25 -15.67 17.03
C1 NAG O . 48.43 -21.30 17.21
C2 NAG O . 49.39 -22.05 16.29
C3 NAG O . 50.75 -22.23 16.97
C4 NAG O . 51.28 -20.88 17.43
C5 NAG O . 50.24 -20.17 18.30
C6 NAG O . 50.65 -18.77 18.69
C7 NAG O . 49.12 -23.96 14.77
C8 NAG O . 48.46 -25.29 14.55
N2 NAG O . 48.84 -23.36 15.92
O3 NAG O . 51.66 -22.84 16.07
O4 NAG O . 52.48 -21.06 18.18
O5 NAG O . 49.01 -20.04 17.57
O6 NAG O . 49.67 -17.83 18.31
O7 NAG O . 49.89 -23.47 13.95
C1 NAG P . 31.31 -21.49 36.78
C2 NAG P . 31.21 -21.39 35.27
C3 NAG P . 30.82 -22.74 34.69
C4 NAG P . 31.76 -23.83 35.17
C5 NAG P . 31.88 -23.81 36.69
C6 NAG P . 32.92 -24.77 37.22
C7 NAG P . 30.41 -19.61 33.79
C8 NAG P . 29.32 -18.62 33.52
N2 NAG P . 30.25 -20.37 34.87
O3 NAG P . 30.84 -22.67 33.26
O4 NAG P . 31.27 -25.11 34.78
O5 NAG P . 32.25 -22.50 37.14
O6 NAG P . 34.01 -24.88 36.32
O7 NAG P . 31.38 -19.71 33.06
C1 NAG P . 32.06 -25.62 33.70
C2 NAG P . 32.10 -27.14 33.81
C3 NAG P . 32.90 -27.74 32.66
C4 NAG P . 32.34 -27.25 31.33
C5 NAG P . 32.28 -25.72 31.30
C6 NAG P . 31.61 -25.17 30.06
C7 NAG P . 31.92 -28.12 36.06
C8 NAG P . 32.65 -28.48 37.31
N2 NAG P . 32.65 -27.55 35.09
O3 NAG P . 32.83 -29.16 32.72
O4 NAG P . 33.17 -27.70 30.26
O5 NAG P . 31.52 -25.25 32.43
O6 NAG P . 30.20 -25.07 30.24
O7 NAG P . 30.72 -28.33 35.92
C1 NAG Q . 51.55 -24.87 -72.50
C2 NAG Q . 52.17 -25.80 -73.54
C3 NAG Q . 51.11 -26.27 -74.54
C4 NAG Q . 49.94 -26.89 -73.79
C5 NAG Q . 49.42 -25.92 -72.74
C6 NAG Q . 48.33 -26.52 -71.87
C7 NAG Q . 53.18 -24.04 -74.95
C8 NAG Q . 54.46 -23.55 -75.58
N2 NAG Q . 53.29 -25.16 -74.23
O3 NAG Q . 51.69 -27.21 -75.42
O4 NAG Q . 48.89 -27.22 -74.70
O5 NAG Q . 50.48 -25.55 -71.84
O6 NAG Q . 48.18 -25.80 -70.65
O7 NAG Q . 52.12 -23.44 -75.10
C1 NAG Q . 48.91 -28.65 -74.92
C2 NAG Q . 47.48 -29.12 -75.17
C3 NAG Q . 47.46 -30.61 -75.46
C4 NAG Q . 48.41 -30.93 -76.61
C5 NAG Q . 49.81 -30.38 -76.31
C6 NAG Q . 50.77 -30.56 -77.46
C7 NAG Q . 45.72 -27.84 -74.02
C8 NAG Q . 44.94 -27.68 -72.75
N2 NAG Q . 46.63 -28.83 -74.01
O3 NAG Q . 46.15 -31.02 -75.79
O4 NAG Q . 48.49 -32.35 -76.80
O5 NAG Q . 49.72 -28.97 -76.06
O6 NAG Q . 51.78 -31.50 -77.15
O7 NAG Q . 45.54 -27.13 -74.99
C1 NAG R . 29.69 -21.33 -77.62
C2 NAG R . 29.56 -22.14 -78.91
C3 NAG R . 28.33 -23.01 -78.86
C4 NAG R . 28.49 -24.07 -77.79
C5 NAG R . 28.96 -23.44 -76.47
C6 NAG R . 30.34 -23.88 -76.05
C7 NAG R . 30.60 -20.61 -80.53
C8 NAG R . 30.38 -19.75 -81.74
N2 NAG R . 29.53 -21.26 -80.07
O3 NAG R . 28.13 -23.62 -80.12
O4 NAG R . 27.25 -24.73 -77.57
O5 NAG R . 28.96 -22.01 -76.53
O6 NAG R . 30.89 -22.98 -75.09
O7 NAG R . 31.69 -20.70 -80.00
C1 NAG R . 27.45 -25.95 -76.85
C2 NAG R . 26.33 -26.05 -75.80
C3 NAG R . 26.44 -27.38 -75.04
C4 NAG R . 26.49 -28.55 -76.02
C5 NAG R . 27.59 -28.34 -77.05
C6 NAG R . 27.60 -29.40 -78.12
C7 NAG R . 25.75 -23.78 -75.13
C8 NAG R . 25.89 -22.72 -74.07
N2 NAG R . 26.37 -24.93 -74.89
O3 NAG R . 25.33 -27.51 -74.17
O4 NAG R . 26.73 -29.76 -75.31
O5 NAG R . 27.40 -27.08 -77.72
O6 NAG R . 26.32 -29.54 -78.72
O7 NAG R . 25.11 -23.58 -76.16
C1 NAG S . -19.56 22.48 -48.46
C2 NAG S . -20.45 21.57 -49.33
C3 NAG S . -19.97 20.13 -49.27
C4 NAG S . -18.50 20.08 -49.63
C5 NAG S . -17.68 20.81 -48.58
C6 NAG S . -16.59 21.69 -49.16
C7 NAG S . -22.34 21.38 -47.75
C8 NAG S . -23.82 21.56 -47.58
N2 NAG S . -21.85 21.67 -48.96
O3 NAG S . -20.72 19.34 -50.17
O4 NAG S . -18.05 18.72 -49.68
O5 NAG S . -18.53 21.66 -47.77
O6 NAG S . -15.30 21.25 -48.76
O7 NAG S . -21.62 21.00 -46.82
C1 NAG T . -22.40 50.97 -22.12
C2 NAG T . -21.95 52.41 -21.89
C3 NAG T . -21.30 52.54 -20.51
C4 NAG T . -22.24 52.02 -19.44
C5 NAG T . -22.67 50.59 -19.76
C6 NAG T . -23.69 50.04 -18.79
C7 NAG T . -21.37 53.66 -23.93
C8 NAG T . -22.79 54.14 -23.93
N2 NAG T . -21.03 52.84 -22.92
O3 NAG T . -20.99 53.91 -20.27
O4 NAG T . -21.58 52.02 -18.17
O5 NAG T . -23.27 50.55 -21.06
O6 NAG T . -23.72 50.80 -17.59
O7 NAG T . -20.56 54.01 -24.78
C1 NAG U . -26.09 31.73 -8.14
C2 NAG U . -26.19 30.33 -8.72
C3 NAG U . -24.82 29.69 -8.77
C4 NAG U . -24.19 29.64 -7.39
C5 NAG U . -24.24 30.98 -6.65
C6 NAG U . -23.13 31.94 -7.05
C7 NAG U . -27.66 28.40 -8.39
C8 NAG U . -28.59 27.68 -7.45
N2 NAG U . -27.11 29.53 -7.93
O3 NAG U . -23.98 30.41 -9.66
O4 NAG U . -24.84 28.65 -6.59
O5 NAG U . -25.50 31.68 -6.82
O6 NAG U . -22.09 31.27 -7.74
O7 NAG U . -27.44 27.98 -9.53
C1 NAG V . 9.06 44.91 -39.22
C2 NAG V . 7.83 44.75 -40.13
C3 NAG V . 7.77 45.87 -41.17
C4 NAG V . 7.91 47.24 -40.51
C5 NAG V . 9.19 47.28 -39.68
C6 NAG V . 9.37 48.57 -38.94
C7 NAG V . 8.72 43.03 -41.65
C8 NAG V . 8.50 41.66 -42.21
N2 NAG V . 7.80 43.45 -40.77
O3 NAG V . 6.55 45.80 -41.88
O4 NAG V . 7.99 48.25 -41.51
O5 NAG V . 9.12 46.24 -38.69
O6 NAG V . 10.54 49.26 -39.39
O7 NAG V . 9.68 43.72 -41.97
C1 NAG W . -4.84 -6.64 -53.49
C2 NAG W . -4.64 -8.04 -54.08
C3 NAG W . -5.71 -8.99 -53.54
C4 NAG W . -5.73 -8.97 -52.02
C5 NAG W . -5.87 -7.53 -51.52
C6 NAG W . -5.76 -7.42 -50.02
C7 NAG W . -5.66 -7.60 -56.29
C8 NAG W . -5.44 -7.67 -57.77
N2 NAG W . -4.64 -8.02 -55.54
O3 NAG W . -5.42 -10.32 -54.01
O4 NAG W . -6.81 -9.74 -51.53
O5 NAG W . -4.82 -6.71 -52.06
O6 NAG W . -6.58 -6.38 -49.50
O7 NAG W . -6.72 -7.20 -55.81
C1 NAG X . 0.80 0.70 -73.50
C2 NAG X . -0.25 1.76 -73.16
C3 NAG X . -1.54 1.49 -73.94
C4 NAG X . -1.25 1.37 -75.43
C5 NAG X . -0.14 0.35 -75.68
C6 NAG X . 0.30 0.29 -77.12
C7 NAG X . -0.51 2.92 -71.02
C8 NAG X . -0.21 4.18 -71.77
N2 NAG X . -0.51 1.79 -71.73
O3 NAG X . -2.46 2.54 -73.70
O4 NAG X . -2.42 0.96 -76.12
O5 NAG X . 1.03 0.70 -74.91
O6 NAG X . 0.41 -1.06 -77.56
O7 NAG X . -0.73 2.93 -69.81
C1 NAG Y . 35.99 -11.90 -89.51
C2 NAG Y . 36.11 -10.98 -90.74
C3 NAG Y . 36.62 -11.76 -91.95
C4 NAG Y . 37.64 -12.79 -91.51
C5 NAG Y . 36.93 -13.87 -90.69
C6 NAG Y . 37.84 -14.56 -89.70
C7 NAG Y . 34.67 -9.36 -91.92
C8 NAG Y . 33.27 -8.85 -92.09
N2 NAG Y . 34.83 -10.36 -91.04
O3 NAG Y . 37.22 -10.86 -92.88
O4 NAG Y . 38.24 -13.40 -92.66
O5 NAG Y . 35.84 -13.30 -89.95
O6 NAG Y . 38.99 -13.77 -89.43
O7 NAG Y . 35.62 -8.88 -92.53
C1 NAG Z . 31.68 3.63 -88.95
C2 NAG Z . 31.47 2.80 -90.21
C3 NAG Z . 30.11 3.11 -90.82
C4 NAG Z . 29.00 2.93 -89.79
C5 NAG Z . 29.32 3.76 -88.56
C6 NAG Z . 28.32 3.55 -87.43
C7 NAG Z . 33.50 2.18 -91.45
C8 NAG Z . 34.51 2.61 -92.48
N2 NAG Z . 32.53 3.06 -91.18
O3 NAG Z . 29.89 2.24 -91.94
O4 NAG Z . 27.76 3.33 -90.33
O5 NAG Z . 30.59 3.40 -88.03
O6 NAG Z . 27.14 2.90 -87.91
O7 NAG Z . 33.55 1.08 -90.91
C1 NAG AA . 44.18 8.09 -97.16
C2 NAG AA . 44.50 7.58 -98.56
C3 NAG AA . 43.83 8.44 -99.63
C4 NAG AA . 43.46 9.84 -99.12
C5 NAG AA . 42.71 9.82 -97.78
C6 NAG AA . 41.23 10.06 -97.94
C7 NAG AA . 46.79 8.51 -98.69
C8 NAG AA . 48.23 8.19 -98.97
N2 NAG AA . 45.94 7.49 -98.79
O3 NAG AA . 42.65 7.77 -100.09
O4 NAG AA . 44.62 10.65 -99.01
O5 NAG AA . 42.86 8.56 -97.13
O6 NAG AA . 40.56 8.89 -98.38
O7 NAG AA . 46.44 9.64 -98.38
C1 NAG BA . 50.50 -11.88 -99.35
C2 NAG BA . 49.30 -12.42 -100.12
C3 NAG BA . 49.37 -13.95 -100.21
C4 NAG BA . 50.71 -14.39 -100.77
C5 NAG BA . 51.86 -13.76 -99.97
C6 NAG BA . 53.21 -14.06 -100.55
C7 NAG BA . 47.64 -12.28 -98.28
C8 NAG BA . 46.32 -11.74 -97.87
N2 NAG BA . 48.04 -11.99 -99.53
O3 NAG BA . 48.32 -14.42 -101.04
O4 NAG BA . 50.83 -15.80 -100.71
O5 NAG BA . 51.71 -12.32 -99.95
O6 NAG BA . 53.80 -12.88 -101.10
O7 NAG BA . 48.33 -12.96 -97.52
C1 NAG CA . -40.33 -29.11 -23.38
C2 NAG CA . -39.70 -27.80 -23.84
C3 NAG CA . -40.63 -27.07 -24.80
C4 NAG CA . -41.03 -27.99 -25.95
C5 NAG CA . -41.61 -29.29 -25.41
C6 NAG CA . -41.93 -30.30 -26.49
C7 NAG CA . -38.23 -27.05 -22.02
C8 NAG CA . -38.07 -26.10 -20.87
N2 NAG CA . -39.37 -26.96 -22.70
O3 NAG CA . -39.97 -25.91 -25.31
O4 NAG CA . -42.01 -27.34 -26.76
O5 NAG CA . -40.67 -29.91 -24.52
O6 NAG CA . -43.34 -30.43 -26.67
O7 NAG CA . -37.36 -27.88 -22.30
C1 NAG DA . 49.90 31.28 4.60
C2 NAG DA . 49.52 31.60 3.15
C3 NAG DA . 50.48 32.64 2.57
C4 NAG DA . 50.55 33.86 3.48
C5 NAG DA . 50.87 33.45 4.91
C6 NAG DA . 50.80 34.61 5.89
C7 NAG DA . 48.42 29.68 2.11
C8 NAG DA . 48.59 28.47 1.25
N2 NAG DA . 49.53 30.40 2.34
O3 NAG DA . 50.05 33.02 1.28
O4 NAG DA . 51.54 34.76 3.01
O5 NAG DA . 49.91 32.48 5.37
O6 NAG DA . 50.09 34.26 7.06
O7 NAG DA . 47.33 29.98 2.59
C1 NAG EA . 50.32 0.80 32.69
C2 NAG EA . 50.98 2.16 32.89
C3 NAG EA . 50.13 3.02 33.83
C4 NAG EA . 49.35 2.17 34.84
C5 NAG EA . 48.50 1.11 34.14
C6 NAG EA . 47.03 1.46 34.09
C7 NAG EA . 53.41 2.20 32.62
C8 NAG EA . 54.73 2.02 33.30
N2 NAG EA . 52.33 2.03 33.40
O3 NAG EA . 49.22 3.79 33.06
O4 NAG EA . 50.25 1.54 35.75
O5 NAG EA . 48.93 0.92 32.79
O6 NAG EA . 46.73 2.56 34.94
O7 NAG EA . 53.32 2.49 31.43
C1 NAG FA . 25.19 14.45 17.11
C2 NAG FA . 24.07 13.63 17.77
C3 NAG FA . 22.90 13.47 16.81
C4 NAG FA . 22.43 14.83 16.30
C5 NAG FA . 23.61 15.59 15.71
C6 NAG FA . 23.25 17.00 15.28
C7 NAG FA . 25.26 12.14 19.33
C8 NAG FA . 25.69 10.74 19.61
N2 NAG FA . 24.57 12.34 18.19
O3 NAG FA . 21.83 12.80 17.48
O4 NAG FA . 21.43 14.66 15.30
O5 NAG FA . 24.67 15.71 16.67
O6 NAG FA . 24.34 17.89 15.48
O7 NAG FA . 25.52 13.07 20.09
C1 NAG GA . -8.03 53.32 6.66
C2 NAG GA . -7.37 52.54 7.81
C3 NAG GA . -6.07 53.22 8.25
C4 NAG GA . -5.15 53.45 7.05
C5 NAG GA . -5.90 54.23 5.98
C6 NAG GA . -5.09 54.44 4.73
C7 NAG GA . -9.27 51.52 8.96
C8 NAG GA . -10.10 51.51 10.22
N2 NAG GA . -8.26 52.40 8.94
O3 NAG GA . -5.40 52.39 9.20
O4 NAG GA . -4.00 54.18 7.45
O5 NAG GA . -7.08 53.52 5.59
O6 NAG GA . -3.70 54.62 5.02
O7 NAG GA . -9.51 50.79 8.02
C1 NAG HA . 35.11 40.60 -24.36
C2 NAG HA . 34.61 40.89 -25.77
C3 NAG HA . 35.13 42.25 -26.24
C4 NAG HA . 34.77 43.33 -25.23
C5 NAG HA . 35.23 42.94 -23.84
C6 NAG HA . 34.79 43.91 -22.77
C7 NAG HA . 34.16 38.94 -27.20
C8 NAG HA . 34.74 37.94 -28.14
N2 NAG HA . 35.01 39.85 -26.70
O3 NAG HA . 34.58 42.56 -27.51
O4 NAG HA . 35.37 44.56 -25.60
O5 NAG HA . 34.71 41.65 -23.48
O6 NAG HA . 33.62 43.42 -22.10
O7 NAG HA . 32.96 38.95 -26.89
C1 NAG IA . 53.50 41.77 -32.24
C2 NAG IA . 54.31 42.56 -31.21
C3 NAG IA . 53.42 43.60 -30.54
C4 NAG IA . 52.75 44.48 -31.59
C5 NAG IA . 52.02 43.63 -32.61
C6 NAG IA . 51.45 44.43 -33.75
C7 NAG IA . 56.11 41.13 -30.35
C8 NAG IA . 56.56 40.24 -29.23
N2 NAG IA . 54.90 41.67 -30.22
O3 NAG IA . 54.21 44.39 -29.66
O4 NAG IA . 51.82 45.37 -30.96
O5 NAG IA . 52.92 42.67 -33.19
O6 NAG IA . 52.43 44.65 -34.76
O7 NAG IA . 56.82 41.36 -31.33
C1 NAG JA . 58.80 34.14 -72.41
C2 NAG JA . 59.80 33.74 -73.49
C3 NAG JA . 59.20 32.68 -74.43
C4 NAG JA . 57.86 33.15 -74.99
C5 NAG JA . 57.01 33.77 -73.89
C6 NAG JA . 55.59 33.23 -73.86
C7 NAG JA . 61.41 34.97 -74.88
C8 NAG JA . 61.70 36.24 -75.61
N2 NAG JA . 60.23 34.90 -74.25
O3 NAG JA . 59.04 31.46 -73.73
O4 NAG JA . 58.06 34.11 -76.01
O5 NAG JA . 57.58 33.46 -72.62
O6 NAG JA . 54.96 33.51 -72.62
O7 NAG JA . 62.21 34.02 -74.88
C1 NAG KA . 68.22 28.37 -60.19
C2 NAG KA . 68.57 29.56 -61.07
C3 NAG KA . 69.12 30.71 -60.23
C4 NAG KA . 68.15 31.04 -59.10
C5 NAG KA . 67.85 29.79 -58.28
C6 NAG KA . 66.83 30.01 -57.20
C7 NAG KA . 69.21 29.07 -63.40
C8 NAG KA . 70.32 28.69 -64.31
N2 NAG KA . 69.53 29.19 -62.10
O3 NAG KA . 69.30 31.86 -61.06
O4 NAG KA . 68.71 32.03 -58.24
O5 NAG KA . 67.33 28.77 -59.14
O6 NAG KA . 66.34 28.78 -56.69
O7 NAG KA . 68.07 29.28 -63.80
C1 NAG LA . 66.26 28.72 -87.20
C2 NAG LA . 65.71 30.10 -86.83
C3 NAG LA . 64.72 30.58 -87.89
C4 NAG LA . 65.36 30.53 -89.27
C5 NAG LA . 65.91 29.14 -89.55
C6 NAG LA . 66.66 29.04 -90.86
C7 NAG LA . 65.12 31.09 -84.67
C8 NAG LA . 64.41 30.89 -83.36
N2 NAG LA . 65.08 30.07 -85.53
O3 NAG LA . 64.32 31.91 -87.59
O4 NAG LA . 64.40 30.86 -90.26
O5 NAG LA . 66.84 28.77 -88.52
O6 NAG LA . 68.06 29.01 -90.66
O7 NAG LA . 65.71 32.14 -84.94
C1 NAG MA . -17.38 -51.72 -19.86
C2 NAG MA . -18.56 -52.07 -20.76
C3 NAG MA . -19.73 -51.11 -20.51
C4 NAG MA . -20.09 -51.10 -19.02
C5 NAG MA . -18.84 -50.80 -18.19
C6 NAG MA . -19.10 -50.88 -16.70
C7 NAG MA . -18.04 -53.10 -22.93
C8 NAG MA . -18.30 -54.42 -22.27
N2 NAG MA . -18.18 -52.01 -22.16
O3 NAG MA . -20.86 -51.53 -21.27
O4 NAG MA . -21.08 -50.12 -18.77
O5 NAG MA . -17.81 -51.74 -18.49
O6 NAG MA . -19.45 -49.61 -16.16
O7 NAG MA . -17.70 -53.02 -24.11
C1 NAG NA . -1.21 -31.84 -3.26
C2 NAG NA . -2.05 -30.63 -3.66
C3 NAG NA . -1.35 -29.33 -3.28
C4 NAG NA . -0.98 -29.36 -1.80
C5 NAG NA . -0.19 -30.62 -1.47
C6 NAG NA . 0.11 -30.77 0.01
C7 NAG NA . -3.44 -31.22 -5.61
C8 NAG NA . -3.57 -31.14 -7.10
N2 NAG NA . -2.35 -30.64 -5.09
O3 NAG NA . -2.20 -28.23 -3.55
O4 NAG NA . -0.20 -28.21 -1.48
O5 NAG NA . -0.93 -31.78 -1.86
O6 NAG NA . 1.35 -31.42 0.23
O7 NAG NA . -4.28 -31.78 -4.91
C1 NAG OA . 0.91 -35.21 -47.45
C2 NAG OA . 1.56 -36.57 -47.64
C3 NAG OA . 1.61 -36.93 -49.12
C4 NAG OA . 0.23 -36.82 -49.75
C5 NAG OA . -0.36 -35.44 -49.47
C6 NAG OA . -1.78 -35.29 -49.97
C7 NAG OA . 3.12 -36.89 -45.78
C8 NAG OA . 4.56 -36.89 -45.35
N2 NAG OA . 2.89 -36.61 -47.06
O3 NAG OA . 2.11 -38.27 -49.27
O4 NAG OA . 0.31 -37.03 -51.15
O5 NAG OA . -0.39 -35.20 -48.06
O6 NAG OA . -1.86 -35.48 -51.37
O7 NAG OA . 2.21 -37.13 -44.98
C1 NAG PA . 47.45 -26.13 -16.00
C2 NAG PA . 48.07 -25.36 -14.83
C3 NAG PA . 48.30 -26.29 -13.65
C4 NAG PA . 49.19 -27.46 -14.04
C5 NAG PA . 48.69 -28.17 -15.31
C6 NAG PA . 47.53 -29.11 -15.06
C7 NAG PA . 49.34 -23.55 -15.89
C8 NAG PA . 50.70 -23.02 -16.22
N2 NAG PA . 49.30 -24.71 -15.22
O3 NAG PA . 47.05 -26.75 -13.14
O4 NAG PA . 50.52 -27.02 -14.26
O5 NAG PA . 48.30 -27.26 -16.34
O6 NAG PA . 46.94 -29.54 -16.29
O7 NAG PA . 48.32 -22.95 -16.21
C1 NAG QA . 55.01 -37.46 -31.63
C2 NAG QA . 55.89 -36.92 -30.49
C3 NAG QA . 55.97 -37.95 -29.36
C4 NAG QA . 54.58 -38.37 -28.93
C5 NAG QA . 53.75 -38.82 -30.13
C6 NAG QA . 52.32 -39.15 -29.79
C7 NAG QA . 57.56 -35.36 -31.39
C8 NAG QA . 58.98 -35.20 -31.85
N2 NAG QA . 57.22 -36.59 -30.98
O3 NAG QA . 56.67 -37.39 -28.26
O4 NAG QA . 54.65 -39.44 -27.99
O5 NAG QA . 53.72 -37.78 -31.13
O6 NAG QA . 51.75 -40.04 -30.75
O7 NAG QA . 56.76 -34.43 -31.39
C1 NAG RA . 77.93 -13.36 -57.07
C2 NAG RA . 78.65 -14.52 -57.74
C3 NAG RA . 80.00 -14.06 -58.29
C4 NAG RA . 79.81 -12.87 -59.20
C5 NAG RA . 79.02 -11.76 -58.49
C6 NAG RA . 78.70 -10.60 -59.39
C7 NAG RA . 79.51 -15.59 -55.67
C8 NAG RA . 79.56 -16.86 -54.88
N2 NAG RA . 78.82 -15.65 -56.82
O3 NAG RA . 80.61 -15.14 -59.00
O4 NAG RA . 81.09 -12.34 -59.59
O5 NAG RA . 77.78 -12.28 -58.01
O6 NAG RA . 78.66 -10.97 -60.76
O7 NAG RA . 80.07 -14.56 -55.30
C1 NAG SA . 67.61 -24.70 -62.38
C2 NAG SA . 69.00 -24.83 -61.76
C3 NAG SA . 69.02 -25.93 -60.73
C4 NAG SA . 68.06 -25.58 -59.60
C5 NAG SA . 66.65 -25.39 -60.16
C6 NAG SA . 66.04 -24.06 -59.79
C7 NAG SA . 70.46 -24.11 -63.59
C8 NAG SA . 71.51 -24.53 -64.60
N2 NAG SA . 70.00 -25.07 -62.79
O3 NAG SA . 70.34 -26.09 -60.22
O4 NAG SA . 68.05 -26.61 -58.62
O5 NAG SA . 66.63 -25.49 -61.59
O6 NAG SA . 64.63 -24.07 -59.93
O7 NAG SA . 70.07 -22.95 -63.53
C1 NAG TA . 71.33 -22.10 -77.63
C2 NAG TA . 72.09 -23.37 -78.02
C3 NAG TA . 72.78 -23.19 -79.36
C4 NAG TA . 71.78 -22.74 -80.41
C5 NAG TA . 71.03 -21.50 -79.95
C6 NAG TA . 69.94 -21.08 -80.90
C7 NAG TA . 72.87 -24.73 -76.12
C8 NAG TA . 71.59 -25.49 -76.26
N2 NAG TA . 73.06 -23.73 -76.99
O3 NAG TA . 73.39 -24.40 -79.76
O4 NAG TA . 72.46 -22.45 -81.63
O5 NAG TA . 70.41 -21.76 -78.68
O6 NAG TA . 70.05 -21.74 -82.15
O7 NAG TA . 73.70 -25.00 -75.26
#